data_2KU7
#
_entry.id   2KU7
#
_entity_poly.entity_id   1
_entity_poly.type   'polypeptide(L)'
_entity_poly.pdbx_seq_one_letter_code
;SMMQCGKCDRWVHSKCENLSDEMYEILSNLPESVAYTCVNCTERHVDGGSGGSGGSGGSATTKRVLYVGGLAEEVDDKVL
HAAFIPFGDITDIQIPLDYETEKHRGFAFVEFELAEDAAAAIDNMNESELFGRTIRVNLA
;
_entity_poly.pdbx_strand_id   A
#
# COMPACT_ATOMS: atom_id res chain seq x y z
N SER A 1 -18.27 29.07 -26.36
CA SER A 1 -16.90 29.57 -26.08
C SER A 1 -15.88 28.44 -26.12
N MET A 2 -16.24 27.29 -25.54
CA MET A 2 -15.36 26.12 -25.50
C MET A 2 -15.77 25.10 -26.56
N MET A 3 -14.77 24.54 -27.25
CA MET A 3 -15.01 23.54 -28.29
C MET A 3 -14.73 22.14 -27.77
N GLN A 4 -15.56 21.18 -28.20
CA GLN A 4 -15.43 19.78 -27.77
C GLN A 4 -15.14 18.87 -28.96
N CYS A 5 -14.48 17.75 -28.69
CA CYS A 5 -14.12 16.77 -29.73
C CYS A 5 -14.69 15.40 -29.40
N GLY A 6 -15.12 14.67 -30.44
CA GLY A 6 -15.69 13.35 -30.26
C GLY A 6 -14.65 12.24 -30.33
N LYS A 7 -14.04 12.08 -31.51
CA LYS A 7 -13.02 11.04 -31.72
C LYS A 7 -11.62 11.60 -31.50
N CYS A 8 -10.80 10.83 -30.77
CA CYS A 8 -9.42 11.24 -30.47
C CYS A 8 -8.45 10.10 -30.79
N ASP A 9 -7.49 10.39 -31.68
CA ASP A 9 -6.47 9.41 -32.11
C ASP A 9 -5.45 9.10 -31.00
N ARG A 10 -5.07 10.14 -30.25
CA ARG A 10 -4.09 9.99 -29.16
C ARG A 10 -4.64 10.55 -27.85
N TRP A 11 -4.12 10.03 -26.73
CA TRP A 11 -4.53 10.47 -25.39
C TRP A 11 -3.57 11.52 -24.83
N VAL A 12 -4.13 12.58 -24.27
CA VAL A 12 -3.33 13.68 -23.69
C VAL A 12 -2.94 13.41 -22.24
N HIS A 13 -3.87 12.85 -21.46
CA HIS A 13 -3.65 12.53 -20.04
C HIS A 13 -2.57 11.46 -19.83
N SER A 14 -2.61 10.40 -20.66
CA SER A 14 -1.64 9.29 -20.59
C SER A 14 -0.22 9.74 -20.97
N LYS A 15 -0.13 10.61 -21.98
CA LYS A 15 1.16 11.14 -22.47
C LYS A 15 1.81 12.09 -21.45
N CYS A 16 0.99 12.94 -20.81
CA CYS A 16 1.46 13.91 -19.82
C CYS A 16 1.78 13.28 -18.47
N GLU A 17 0.92 12.36 -18.00
CA GLU A 17 1.11 11.69 -16.72
C GLU A 17 1.30 10.19 -16.90
N ASN A 18 2.21 9.62 -16.11
CA ASN A 18 2.51 8.18 -16.15
C ASN A 18 2.71 7.61 -14.74
N LEU A 19 2.51 6.29 -14.62
CA LEU A 19 2.67 5.60 -13.33
C LEU A 19 3.93 4.74 -13.36
N SER A 20 4.57 4.60 -12.19
CA SER A 20 5.80 3.81 -12.04
C SER A 20 5.54 2.32 -12.23
N ASP A 21 6.55 1.60 -12.74
CA ASP A 21 6.47 0.16 -13.00
C ASP A 21 6.27 -0.67 -11.71
N GLU A 22 6.88 -0.22 -10.61
CA GLU A 22 6.78 -0.91 -9.31
C GLU A 22 5.34 -0.88 -8.77
N MET A 23 4.70 0.31 -8.79
CA MET A 23 3.33 0.47 -8.29
C MET A 23 2.30 -0.21 -9.21
N TYR A 24 2.55 -0.13 -10.52
CA TYR A 24 1.66 -0.72 -11.53
C TYR A 24 1.64 -2.26 -11.47
N GLU A 25 2.83 -2.87 -11.28
CA GLU A 25 2.96 -4.33 -11.22
C GLU A 25 2.35 -4.93 -9.93
N ILE A 26 2.56 -4.25 -8.79
CA ILE A 26 2.04 -4.72 -7.50
C ILE A 26 0.51 -4.59 -7.41
N LEU A 27 -0.02 -3.41 -7.79
CA LEU A 27 -1.46 -3.13 -7.75
C LEU A 27 -2.28 -3.92 -8.78
N SER A 28 -1.77 -4.05 -10.00
CA SER A 28 -2.47 -4.77 -11.08
C SER A 28 -2.37 -6.30 -10.96
N ASN A 29 -1.20 -6.80 -10.55
CA ASN A 29 -0.96 -8.26 -10.45
C ASN A 29 -1.25 -8.85 -9.06
N LEU A 30 -1.86 -8.07 -8.15
CA LEU A 30 -2.17 -8.59 -6.80
C LEU A 30 -3.33 -9.60 -6.81
N PRO A 31 -3.31 -10.66 -5.92
CA PRO A 31 -4.38 -11.66 -5.85
C PRO A 31 -5.65 -11.10 -5.21
N GLU A 32 -6.80 -11.31 -5.89
CA GLU A 32 -8.11 -10.80 -5.45
C GLU A 32 -8.45 -11.17 -4.00
N SER A 33 -8.00 -12.33 -3.55
CA SER A 33 -8.25 -12.80 -2.18
C SER A 33 -7.23 -12.23 -1.19
N VAL A 34 -5.95 -12.16 -1.61
CA VAL A 34 -4.86 -11.66 -0.74
C VAL A 34 -4.99 -10.16 -0.48
N ALA A 35 -5.57 -9.44 -1.45
CA ALA A 35 -5.78 -7.99 -1.34
C ALA A 35 -6.72 -7.63 -0.19
N TYR A 36 -7.66 -8.55 0.14
CA TYR A 36 -8.61 -8.34 1.24
C TYR A 36 -9.10 -9.67 1.80
N THR A 37 -8.96 -9.83 3.12
CA THR A 37 -9.38 -11.06 3.80
C THR A 37 -10.39 -10.74 4.90
N CYS A 38 -11.45 -11.55 4.97
CA CYS A 38 -12.51 -11.38 5.97
C CYS A 38 -12.32 -12.33 7.15
N VAL A 39 -11.90 -13.57 6.85
CA VAL A 39 -11.68 -14.60 7.88
C VAL A 39 -10.20 -14.94 7.97
N ASN A 40 -9.71 -15.12 9.20
CA ASN A 40 -8.31 -15.45 9.46
C ASN A 40 -8.14 -16.97 9.60
N CYS A 41 -7.12 -17.51 8.93
CA CYS A 41 -6.83 -18.95 8.96
C CYS A 41 -5.53 -19.22 9.71
N THR A 42 -5.53 -20.28 10.52
CA THR A 42 -4.36 -20.69 11.31
C THR A 42 -3.32 -21.44 10.47
N GLU A 43 -3.73 -21.91 9.29
CA GLU A 43 -2.84 -22.65 8.37
C GLU A 43 -1.75 -21.75 7.77
N ARG A 44 -2.11 -20.49 7.48
CA ARG A 44 -1.17 -19.51 6.90
C ARG A 44 -0.09 -19.09 7.90
N HIS A 45 -0.48 -18.91 9.16
CA HIS A 45 0.45 -18.51 10.23
C HIS A 45 0.25 -19.39 11.47
N VAL A 46 1.35 -19.97 11.97
CA VAL A 46 1.30 -20.84 13.14
C VAL A 46 2.40 -20.43 14.15
N ASP A 47 2.05 -20.51 15.45
CA ASP A 47 2.99 -20.18 16.52
C ASP A 47 3.83 -21.38 16.93
N GLY A 48 5.13 -21.15 17.13
CA GLY A 48 6.04 -22.21 17.51
C GLY A 48 7.11 -21.73 18.49
N GLY A 49 8.38 -21.92 18.09
CA GLY A 49 9.50 -21.51 18.92
C GLY A 49 9.93 -20.07 18.67
N SER A 50 11.02 -19.66 19.34
CA SER A 50 11.57 -18.29 19.22
C SER A 50 12.21 -18.05 17.85
N GLY A 51 12.68 -19.12 17.20
CA GLY A 51 13.32 -19.03 15.90
C GLY A 51 12.34 -19.13 14.75
N GLY A 52 12.86 -19.09 13.52
CA GLY A 52 12.03 -19.18 12.33
C GLY A 52 12.72 -18.61 11.10
N SER A 53 12.74 -17.28 11.00
CA SER A 53 13.37 -16.57 9.87
C SER A 53 14.88 -16.81 9.78
N GLY A 54 15.53 -16.93 10.96
CA GLY A 54 16.97 -17.16 11.02
C GLY A 54 17.77 -15.88 11.09
N GLY A 55 19.10 -16.01 10.93
CA GLY A 55 20.00 -14.86 10.98
C GLY A 55 19.83 -13.89 9.80
N SER A 56 19.60 -14.46 8.60
CA SER A 56 19.43 -13.65 7.40
C SER A 56 18.09 -13.96 6.72
N GLY A 57 17.55 -12.96 6.00
CA GLY A 57 16.29 -13.13 5.30
C GLY A 57 15.09 -12.78 6.17
N GLY A 58 13.89 -13.14 5.67
CA GLY A 58 12.65 -12.89 6.41
C GLY A 58 11.95 -11.63 5.93
N SER A 59 12.67 -10.50 5.97
CA SER A 59 12.13 -9.20 5.55
C SER A 59 12.99 -8.60 4.44
N ALA A 60 12.33 -7.87 3.53
CA ALA A 60 13.00 -7.23 2.41
C ALA A 60 13.12 -5.72 2.63
N THR A 61 14.24 -5.14 2.20
CA THR A 61 14.49 -3.71 2.34
C THR A 61 14.61 -3.01 0.97
N THR A 62 14.48 -3.80 -0.10
CA THR A 62 14.56 -3.28 -1.48
C THR A 62 13.28 -2.56 -1.92
N LYS A 63 12.16 -2.91 -1.28
CA LYS A 63 10.86 -2.31 -1.59
C LYS A 63 10.54 -1.16 -0.64
N ARG A 64 10.07 -0.05 -1.20
CA ARG A 64 9.73 1.14 -0.41
C ARG A 64 8.20 1.32 -0.31
N VAL A 65 7.45 0.37 -0.89
CA VAL A 65 5.98 0.41 -0.87
C VAL A 65 5.46 -0.60 0.14
N LEU A 66 4.47 -0.18 0.95
CA LEU A 66 3.89 -1.03 1.98
C LEU A 66 2.37 -1.16 1.82
N TYR A 67 1.83 -2.28 2.31
CA TYR A 67 0.39 -2.54 2.26
C TYR A 67 -0.25 -2.09 3.56
N VAL A 68 -1.38 -1.39 3.44
CA VAL A 68 -2.14 -0.95 4.60
C VAL A 68 -3.62 -1.24 4.40
N GLY A 69 -4.15 -2.13 5.25
CA GLY A 69 -5.55 -2.52 5.16
C GLY A 69 -6.24 -2.51 6.50
N GLY A 70 -7.53 -2.17 6.48
CA GLY A 70 -8.32 -2.11 7.70
C GLY A 70 -8.69 -0.68 8.06
N LEU A 71 -8.70 0.20 7.07
CA LEU A 71 -9.05 1.61 7.26
C LEU A 71 -10.54 1.84 7.00
N ALA A 72 -11.04 2.99 7.44
CA ALA A 72 -12.45 3.36 7.26
C ALA A 72 -12.69 3.92 5.85
N GLU A 73 -13.92 3.75 5.36
CA GLU A 73 -14.30 4.23 4.03
C GLU A 73 -14.21 5.77 3.93
N GLU A 74 -14.42 6.44 5.06
CA GLU A 74 -14.38 7.90 5.14
C GLU A 74 -12.95 8.46 5.24
N VAL A 75 -11.93 7.59 5.05
CA VAL A 75 -10.52 8.04 5.12
C VAL A 75 -10.02 8.48 3.74
N ASP A 76 -9.30 9.61 3.72
CA ASP A 76 -8.75 10.16 2.47
C ASP A 76 -7.24 9.96 2.42
N ASP A 77 -6.63 10.33 1.28
CA ASP A 77 -5.16 10.20 1.08
C ASP A 77 -4.39 11.06 2.09
N LYS A 78 -5.02 12.14 2.55
CA LYS A 78 -4.43 13.07 3.53
C LYS A 78 -4.32 12.39 4.89
N VAL A 79 -5.35 11.60 5.22
CA VAL A 79 -5.45 10.84 6.46
C VAL A 79 -4.35 9.76 6.54
N LEU A 80 -4.19 9.00 5.44
CA LEU A 80 -3.19 7.93 5.37
C LEU A 80 -1.76 8.50 5.37
N HIS A 81 -1.58 9.63 4.69
CA HIS A 81 -0.28 10.32 4.58
C HIS A 81 0.15 10.91 5.94
N ALA A 82 -0.76 11.63 6.59
CA ALA A 82 -0.51 12.28 7.88
C ALA A 82 -0.39 11.29 9.04
N ALA A 83 -0.93 10.06 8.86
CA ALA A 83 -0.91 9.03 9.89
C ALA A 83 0.40 8.26 9.88
N PHE A 84 0.95 8.10 8.68
CA PHE A 84 2.19 7.37 8.48
C PHE A 84 3.39 8.31 8.23
N ILE A 85 3.13 9.64 8.29
CA ILE A 85 4.18 10.65 8.09
C ILE A 85 5.22 10.71 9.26
N PRO A 86 4.84 10.43 10.56
CA PRO A 86 5.82 10.48 11.68
C PRO A 86 7.00 9.51 11.53
N PHE A 87 6.80 8.44 10.73
CA PHE A 87 7.85 7.43 10.51
C PHE A 87 8.89 7.88 9.48
N GLY A 88 8.44 8.69 8.51
CA GLY A 88 9.34 9.18 7.46
C GLY A 88 8.61 9.95 6.38
N ASP A 89 9.32 10.22 5.28
CA ASP A 89 8.75 10.96 4.14
C ASP A 89 7.96 10.04 3.22
N ILE A 90 6.77 10.48 2.82
CA ILE A 90 5.89 9.70 1.95
C ILE A 90 5.75 10.41 0.60
N THR A 91 5.74 9.61 -0.47
CA THR A 91 5.62 10.13 -1.83
C THR A 91 4.16 10.23 -2.29
N ASP A 92 3.47 9.08 -2.42
CA ASP A 92 2.08 9.05 -2.87
C ASP A 92 1.27 7.94 -2.20
N ILE A 93 -0.05 8.16 -2.11
CA ILE A 93 -0.99 7.19 -1.54
C ILE A 93 -1.97 6.77 -2.62
N GLN A 94 -2.13 5.46 -2.82
CA GLN A 94 -3.06 4.95 -3.84
C GLN A 94 -4.21 4.16 -3.22
N ILE A 95 -5.42 4.47 -3.71
CA ILE A 95 -6.65 3.84 -3.23
C ILE A 95 -7.44 3.26 -4.44
N PRO A 96 -7.42 1.90 -4.67
CA PRO A 96 -8.15 1.27 -5.79
C PRO A 96 -9.65 1.58 -5.75
N LEU A 97 -10.05 2.60 -6.52
CA LEU A 97 -11.44 3.04 -6.58
C LEU A 97 -12.04 2.74 -7.97
N ASP A 98 -13.26 2.16 -7.97
CA ASP A 98 -13.96 1.84 -9.21
C ASP A 98 -14.73 3.05 -9.73
N TYR A 99 -14.74 3.23 -11.06
CA TYR A 99 -15.44 4.35 -11.71
C TYR A 99 -16.97 4.28 -11.51
N GLU A 100 -17.49 3.04 -11.48
CA GLU A 100 -18.92 2.78 -11.33
C GLU A 100 -19.44 3.04 -9.90
N THR A 101 -18.74 2.50 -8.89
CA THR A 101 -19.15 2.65 -7.49
C THR A 101 -18.48 3.83 -6.79
N GLU A 102 -17.26 4.19 -7.23
CA GLU A 102 -16.48 5.31 -6.63
C GLU A 102 -16.39 5.20 -5.09
N LYS A 103 -16.42 3.95 -4.60
CA LYS A 103 -16.39 3.68 -3.16
C LYS A 103 -15.08 3.00 -2.74
N HIS A 104 -14.70 3.20 -1.48
CA HIS A 104 -13.47 2.61 -0.92
C HIS A 104 -13.84 1.39 -0.08
N ARG A 105 -12.98 0.36 -0.13
CA ARG A 105 -13.21 -0.89 0.60
C ARG A 105 -12.44 -0.97 1.93
N GLY A 106 -11.70 0.08 2.29
CA GLY A 106 -10.95 0.07 3.56
C GLY A 106 -9.52 -0.45 3.45
N PHE A 107 -8.93 -0.41 2.24
CA PHE A 107 -7.54 -0.85 2.06
C PHE A 107 -6.84 -0.02 0.97
N ALA A 108 -5.53 0.20 1.17
CA ALA A 108 -4.68 0.98 0.24
C ALA A 108 -3.20 0.64 0.44
N PHE A 109 -2.34 1.17 -0.44
CA PHE A 109 -0.89 0.97 -0.33
C PHE A 109 -0.21 2.32 -0.12
N VAL A 110 0.93 2.30 0.57
CA VAL A 110 1.68 3.52 0.85
C VAL A 110 3.08 3.46 0.25
N GLU A 111 3.49 4.58 -0.37
CA GLU A 111 4.81 4.70 -1.00
C GLU A 111 5.72 5.58 -0.15
N PHE A 112 6.85 5.02 0.29
CA PHE A 112 7.82 5.75 1.11
C PHE A 112 9.05 6.12 0.29
N GLU A 113 9.47 7.39 0.41
CA GLU A 113 10.65 7.90 -0.30
C GLU A 113 11.94 7.22 0.21
N LEU A 114 11.96 6.91 1.51
CA LEU A 114 13.09 6.23 2.13
C LEU A 114 12.75 4.80 2.49
N ALA A 115 13.67 3.89 2.18
CA ALA A 115 13.50 2.46 2.46
C ALA A 115 13.64 2.12 3.95
N GLU A 116 14.41 2.94 4.69
CA GLU A 116 14.64 2.73 6.13
C GLU A 116 13.37 3.01 6.96
N ASP A 117 12.65 4.08 6.59
CA ASP A 117 11.40 4.47 7.27
C ASP A 117 10.30 3.43 6.97
N ALA A 118 10.38 2.84 5.77
CA ALA A 118 9.42 1.83 5.31
C ALA A 118 9.46 0.58 6.22
N ALA A 119 10.69 0.12 6.52
CA ALA A 119 10.90 -1.03 7.40
C ALA A 119 10.51 -0.68 8.84
N ALA A 120 10.64 0.62 9.16
CA ALA A 120 10.30 1.15 10.49
C ALA A 120 8.78 1.17 10.70
N ALA A 121 8.04 1.54 9.64
CA ALA A 121 6.58 1.60 9.67
C ALA A 121 5.96 0.21 9.88
N ILE A 122 6.58 -0.81 9.23
CA ILE A 122 6.10 -2.20 9.32
C ILE A 122 6.38 -2.82 10.72
N ASP A 123 7.50 -2.43 11.34
CA ASP A 123 7.87 -2.96 12.66
C ASP A 123 7.16 -2.24 13.83
N ASN A 124 6.61 -1.05 13.56
CA ASN A 124 5.94 -0.25 14.60
C ASN A 124 4.42 -0.37 14.58
N MET A 125 3.79 -0.34 13.40
CA MET A 125 2.32 -0.39 13.32
C MET A 125 1.83 -1.48 12.35
N ASN A 126 2.42 -2.69 12.43
CA ASN A 126 2.03 -3.82 11.57
C ASN A 126 0.58 -4.25 11.86
N GLU A 127 0.19 -4.21 13.13
CA GLU A 127 -1.16 -4.56 13.58
C GLU A 127 -1.60 -3.63 14.71
N SER A 128 -1.99 -2.42 14.31
CA SER A 128 -2.42 -1.38 15.25
C SER A 128 -3.82 -0.86 14.89
N GLU A 129 -4.46 -0.18 15.87
CA GLU A 129 -5.79 0.38 15.67
C GLU A 129 -5.70 1.83 15.18
N LEU A 130 -6.25 2.06 13.99
CA LEU A 130 -6.27 3.38 13.36
C LEU A 130 -7.69 3.72 12.93
N PHE A 131 -8.16 4.93 13.29
CA PHE A 131 -9.52 5.43 12.97
C PHE A 131 -10.63 4.57 13.63
N GLY A 132 -10.24 3.74 14.60
CA GLY A 132 -11.18 2.87 15.30
C GLY A 132 -11.23 1.46 14.74
N ARG A 133 -10.35 1.16 13.78
CA ARG A 133 -10.28 -0.16 13.14
C ARG A 133 -8.86 -0.72 13.18
N THR A 134 -8.74 -2.04 13.09
CA THR A 134 -7.43 -2.72 13.10
C THR A 134 -6.83 -2.69 11.69
N ILE A 135 -5.54 -2.35 11.59
CA ILE A 135 -4.85 -2.27 10.31
C ILE A 135 -3.66 -3.22 10.23
N ARG A 136 -3.31 -3.60 8.99
CA ARG A 136 -2.17 -4.51 8.74
C ARG A 136 -1.23 -3.86 7.75
N VAL A 137 0.08 -3.91 8.03
CA VAL A 137 1.07 -3.34 7.11
C VAL A 137 2.19 -4.33 6.83
N ASN A 138 2.54 -4.45 5.55
CA ASN A 138 3.61 -5.35 5.08
C ASN A 138 4.24 -4.81 3.79
N LEU A 139 5.35 -5.44 3.35
CA LEU A 139 6.05 -5.02 2.13
C LEU A 139 5.23 -5.37 0.88
N ALA A 140 5.07 -4.38 -0.01
CA ALA A 140 4.31 -4.54 -1.24
C ALA A 140 5.23 -4.83 -2.42
N SER A 1 32.13 25.44 -26.43
CA SER A 1 31.62 25.30 -25.05
C SER A 1 31.46 23.82 -24.66
N MET A 2 30.98 23.01 -25.61
CA MET A 2 30.79 21.57 -25.39
C MET A 2 31.95 20.76 -25.95
N MET A 3 32.59 19.98 -25.08
CA MET A 3 33.73 19.14 -25.47
C MET A 3 33.28 17.74 -25.91
N GLN A 4 32.30 17.19 -25.19
CA GLN A 4 31.77 15.85 -25.48
C GLN A 4 30.26 15.90 -25.69
N CYS A 5 29.74 14.94 -26.47
CA CYS A 5 28.31 14.85 -26.77
C CYS A 5 27.78 13.47 -26.43
N GLY A 6 26.66 13.42 -25.70
CA GLY A 6 26.07 12.15 -25.32
C GLY A 6 24.55 12.18 -25.38
N LYS A 7 23.91 12.19 -24.21
CA LYS A 7 22.44 12.22 -24.10
C LYS A 7 21.93 13.65 -23.97
N CYS A 8 20.72 13.88 -24.49
CA CYS A 8 20.08 15.19 -24.44
C CYS A 8 18.71 15.09 -23.79
N ASP A 9 18.45 15.99 -22.83
CA ASP A 9 17.17 16.03 -22.11
C ASP A 9 16.13 16.87 -22.84
N ARG A 10 14.92 16.32 -22.96
CA ARG A 10 13.81 16.99 -23.63
C ARG A 10 12.60 17.06 -22.72
N TRP A 11 11.76 18.09 -22.91
CA TRP A 11 10.55 18.28 -22.10
C TRP A 11 9.32 17.67 -22.77
N VAL A 12 8.81 16.60 -22.17
CA VAL A 12 7.63 15.89 -22.67
C VAL A 12 6.62 15.70 -21.53
N HIS A 13 5.32 15.76 -21.88
CA HIS A 13 4.22 15.60 -20.91
C HIS A 13 4.30 14.28 -20.14
N SER A 14 4.69 13.21 -20.85
CA SER A 14 4.81 11.86 -20.25
C SER A 14 5.89 11.80 -19.16
N LYS A 15 7.00 12.52 -19.39
CA LYS A 15 8.14 12.57 -18.46
C LYS A 15 7.77 13.21 -17.11
N CYS A 16 6.79 14.14 -17.13
CA CYS A 16 6.34 14.85 -15.92
C CYS A 16 5.82 13.90 -14.85
N GLU A 17 5.11 12.84 -15.26
CA GLU A 17 4.55 11.85 -14.34
C GLU A 17 5.32 10.53 -14.47
N ASN A 18 5.87 10.06 -13.35
CA ASN A 18 6.62 8.80 -13.32
C ASN A 18 6.19 7.93 -12.15
N LEU A 19 5.80 6.69 -12.45
CA LEU A 19 5.36 5.74 -11.43
C LEU A 19 6.39 4.63 -11.28
N SER A 20 6.64 4.20 -10.04
CA SER A 20 7.62 3.14 -9.73
C SER A 20 7.22 1.81 -10.37
N ASP A 21 8.24 0.96 -10.64
CA ASP A 21 8.03 -0.36 -11.26
C ASP A 21 7.16 -1.28 -10.40
N GLU A 22 7.34 -1.23 -9.08
CA GLU A 22 6.57 -2.06 -8.13
C GLU A 22 5.10 -1.64 -8.04
N MET A 23 4.86 -0.32 -7.99
CA MET A 23 3.50 0.23 -7.88
C MET A 23 2.64 -0.07 -9.11
N TYR A 24 3.26 -0.02 -10.29
CA TYR A 24 2.57 -0.27 -11.56
C TYR A 24 2.16 -1.75 -11.71
N GLU A 25 3.08 -2.67 -11.41
CA GLU A 25 2.83 -4.12 -11.52
C GLU A 25 1.89 -4.66 -10.44
N ILE A 26 2.08 -4.24 -9.19
CA ILE A 26 1.25 -4.70 -8.06
C ILE A 26 -0.20 -4.22 -8.18
N LEU A 27 -0.38 -2.92 -8.49
CA LEU A 27 -1.72 -2.33 -8.63
C LEU A 27 -2.46 -2.84 -9.87
N SER A 28 -1.74 -3.00 -10.98
CA SER A 28 -2.32 -3.51 -12.24
C SER A 28 -2.56 -5.02 -12.16
N ASN A 29 -1.65 -5.72 -11.48
CA ASN A 29 -1.74 -7.17 -11.30
C ASN A 29 -1.93 -7.48 -9.81
N LEU A 30 -3.18 -7.56 -9.38
CA LEU A 30 -3.51 -7.85 -7.98
C LEU A 30 -4.00 -9.30 -7.79
N PRO A 31 -3.21 -10.17 -7.06
CA PRO A 31 -3.60 -11.56 -6.80
C PRO A 31 -4.76 -11.64 -5.81
N GLU A 32 -5.84 -12.35 -6.22
CA GLU A 32 -7.07 -12.51 -5.42
C GLU A 32 -6.82 -12.83 -3.95
N SER A 33 -5.77 -13.61 -3.66
CA SER A 33 -5.42 -13.98 -2.29
C SER A 33 -4.55 -12.92 -1.61
N VAL A 34 -3.54 -12.41 -2.34
CA VAL A 34 -2.59 -11.43 -1.78
C VAL A 34 -3.28 -10.09 -1.47
N ALA A 35 -4.29 -9.75 -2.29
CA ALA A 35 -5.05 -8.50 -2.13
C ALA A 35 -5.89 -8.49 -0.84
N TYR A 36 -6.34 -9.69 -0.39
CA TYR A 36 -7.17 -9.80 0.83
C TYR A 36 -7.13 -11.22 1.39
N THR A 37 -7.15 -11.30 2.72
CA THR A 37 -7.12 -12.58 3.44
C THR A 37 -8.43 -12.81 4.22
N CYS A 38 -9.54 -12.32 3.66
CA CYS A 38 -10.87 -12.45 4.28
C CYS A 38 -11.46 -13.86 4.09
N VAL A 39 -12.54 -14.15 4.83
CA VAL A 39 -13.20 -15.44 4.77
C VAL A 39 -14.68 -15.28 4.38
N ASN A 40 -15.23 -16.32 3.73
CA ASN A 40 -16.63 -16.33 3.27
C ASN A 40 -17.65 -16.11 4.42
N CYS A 41 -17.30 -16.57 5.62
CA CYS A 41 -18.17 -16.42 6.80
C CYS A 41 -17.90 -15.11 7.53
N THR A 42 -18.95 -14.31 7.70
CA THR A 42 -18.86 -13.02 8.39
C THR A 42 -19.28 -13.14 9.87
N GLU A 43 -19.59 -14.37 10.30
CA GLU A 43 -20.02 -14.65 11.69
C GLU A 43 -18.90 -14.40 12.71
N ARG A 44 -17.65 -14.59 12.28
CA ARG A 44 -16.49 -14.39 13.15
C ARG A 44 -15.76 -13.11 12.79
N HIS A 45 -15.41 -12.34 13.82
CA HIS A 45 -14.70 -11.06 13.65
C HIS A 45 -13.19 -11.21 13.87
N VAL A 46 -12.77 -12.40 14.32
CA VAL A 46 -11.35 -12.67 14.58
C VAL A 46 -10.79 -13.60 13.49
N ASP A 47 -9.60 -13.25 12.99
CA ASP A 47 -8.94 -14.02 11.95
C ASP A 47 -7.87 -14.94 12.55
N GLY A 48 -7.60 -16.06 11.85
CA GLY A 48 -6.61 -17.02 12.31
C GLY A 48 -5.22 -16.72 11.80
N GLY A 49 -4.55 -17.74 11.24
CA GLY A 49 -3.20 -17.59 10.71
C GLY A 49 -3.17 -17.13 9.26
N SER A 50 -1.96 -16.97 8.72
CA SER A 50 -1.77 -16.54 7.33
C SER A 50 -0.88 -17.51 6.57
N GLY A 51 -1.04 -17.53 5.24
CA GLY A 51 -0.25 -18.42 4.39
C GLY A 51 1.06 -17.79 3.93
N GLY A 52 1.81 -18.53 3.10
CA GLY A 52 3.08 -18.05 2.59
C GLY A 52 3.16 -18.10 1.08
N SER A 53 4.06 -18.94 0.58
CA SER A 53 4.26 -19.12 -0.86
C SER A 53 3.94 -20.54 -1.29
N GLY A 54 3.49 -20.69 -2.55
CA GLY A 54 3.15 -22.00 -3.09
C GLY A 54 4.14 -22.47 -4.14
N GLY A 55 3.62 -22.84 -5.32
CA GLY A 55 4.45 -23.31 -6.42
C GLY A 55 5.39 -22.25 -6.98
N SER A 56 4.94 -21.00 -7.00
CA SER A 56 5.73 -19.88 -7.51
C SER A 56 5.96 -18.83 -6.42
N GLY A 57 7.08 -18.11 -6.54
CA GLY A 57 7.43 -17.08 -5.57
C GLY A 57 8.68 -16.31 -5.95
N GLY A 58 9.12 -15.43 -5.05
CA GLY A 58 10.31 -14.63 -5.29
C GLY A 58 10.76 -13.86 -4.06
N SER A 59 11.81 -13.05 -4.23
CA SER A 59 12.36 -12.25 -3.13
C SER A 59 12.46 -10.78 -3.53
N ALA A 60 12.41 -9.90 -2.52
CA ALA A 60 12.50 -8.46 -2.75
C ALA A 60 13.88 -7.92 -2.37
N THR A 61 14.36 -6.93 -3.12
CA THR A 61 15.67 -6.31 -2.89
C THR A 61 15.58 -5.19 -1.86
N THR A 62 14.62 -4.27 -2.06
CA THR A 62 14.41 -3.14 -1.16
C THR A 62 12.97 -3.08 -0.66
N LYS A 63 12.77 -2.43 0.49
CA LYS A 63 11.44 -2.30 1.09
C LYS A 63 10.98 -0.84 0.99
N ARG A 64 9.94 -0.57 0.18
CA ARG A 64 9.42 0.79 0.01
C ARG A 64 7.88 0.84 -0.10
N VAL A 65 7.27 -0.24 -0.59
CA VAL A 65 5.80 -0.28 -0.74
C VAL A 65 5.17 -1.20 0.32
N LEU A 66 4.16 -0.66 1.03
CA LEU A 66 3.45 -1.40 2.08
C LEU A 66 1.95 -1.44 1.79
N TYR A 67 1.27 -2.41 2.41
CA TYR A 67 -0.17 -2.59 2.26
C TYR A 67 -0.88 -2.28 3.59
N VAL A 68 -1.73 -1.25 3.58
CA VAL A 68 -2.49 -0.86 4.77
C VAL A 68 -3.97 -1.22 4.58
N GLY A 69 -4.46 -2.15 5.40
CA GLY A 69 -5.84 -2.58 5.31
C GLY A 69 -6.57 -2.52 6.63
N GLY A 70 -7.89 -2.26 6.55
CA GLY A 70 -8.72 -2.16 7.74
C GLY A 70 -8.94 -0.72 8.15
N LEU A 71 -9.18 0.13 7.15
CA LEU A 71 -9.41 1.56 7.37
C LEU A 71 -10.90 1.87 7.54
N ALA A 72 -11.17 3.02 8.14
CA ALA A 72 -12.54 3.47 8.43
C ALA A 72 -13.20 4.13 7.20
N GLU A 73 -14.49 4.47 7.34
CA GLU A 73 -15.25 5.14 6.27
C GLU A 73 -14.76 6.58 6.04
N GLU A 74 -14.31 7.24 7.11
CA GLU A 74 -13.82 8.62 7.05
C GLU A 74 -12.29 8.68 6.97
N VAL A 75 -11.75 8.13 5.89
CA VAL A 75 -10.31 8.11 5.64
C VAL A 75 -10.02 8.40 4.15
N ASP A 76 -9.00 9.23 3.91
CA ASP A 76 -8.61 9.63 2.55
C ASP A 76 -7.08 9.71 2.44
N ASP A 77 -6.57 10.15 1.27
CA ASP A 77 -5.12 10.27 1.02
C ASP A 77 -4.46 11.31 1.92
N LYS A 78 -5.19 12.41 2.19
CA LYS A 78 -4.69 13.52 3.02
C LYS A 78 -4.50 13.11 4.49
N VAL A 79 -5.47 12.35 5.03
CA VAL A 79 -5.43 11.87 6.43
C VAL A 79 -4.41 10.73 6.60
N LEU A 80 -4.35 9.83 5.60
CA LEU A 80 -3.42 8.68 5.61
C LEU A 80 -1.96 9.14 5.56
N HIS A 81 -1.72 10.23 4.83
CA HIS A 81 -0.37 10.82 4.69
C HIS A 81 0.10 11.44 6.01
N ALA A 82 -0.80 12.21 6.66
CA ALA A 82 -0.51 12.89 7.93
C ALA A 82 -0.39 11.91 9.12
N ALA A 83 -0.95 10.70 8.97
CA ALA A 83 -0.93 9.68 10.03
C ALA A 83 0.36 8.87 9.99
N PHE A 84 0.85 8.64 8.77
CA PHE A 84 2.07 7.88 8.53
C PHE A 84 3.29 8.80 8.34
N ILE A 85 3.07 10.12 8.39
CA ILE A 85 4.14 11.11 8.22
C ILE A 85 5.14 11.16 9.43
N PRO A 86 4.71 10.90 10.72
CA PRO A 86 5.65 10.94 11.87
C PRO A 86 6.82 9.96 11.76
N PHE A 87 6.64 8.88 10.98
CA PHE A 87 7.68 7.86 10.79
C PHE A 87 8.77 8.33 9.80
N GLY A 88 8.36 9.16 8.82
CA GLY A 88 9.30 9.65 7.82
C GLY A 88 8.60 10.35 6.66
N ASP A 89 9.30 10.44 5.53
CA ASP A 89 8.77 11.10 4.32
C ASP A 89 7.95 10.12 3.48
N ILE A 90 6.81 10.59 2.97
CA ILE A 90 5.92 9.77 2.13
C ILE A 90 5.80 10.40 0.74
N THR A 91 5.70 9.54 -0.29
CA THR A 91 5.59 9.98 -1.68
C THR A 91 4.13 10.15 -2.11
N ASP A 92 3.38 9.03 -2.20
CA ASP A 92 1.97 9.05 -2.61
C ASP A 92 1.14 7.94 -1.96
N ILE A 93 -0.18 8.17 -1.90
CA ILE A 93 -1.14 7.20 -1.35
C ILE A 93 -2.09 6.76 -2.47
N GLN A 94 -2.25 5.44 -2.66
CA GLN A 94 -3.13 4.92 -3.71
C GLN A 94 -4.17 3.94 -3.16
N ILE A 95 -5.43 4.22 -3.48
CA ILE A 95 -6.57 3.37 -3.05
C ILE A 95 -7.43 3.00 -4.28
N PRO A 96 -7.57 1.67 -4.63
CA PRO A 96 -8.40 1.24 -5.78
C PRO A 96 -9.86 1.68 -5.65
N LEU A 97 -10.35 2.38 -6.68
CA LEU A 97 -11.73 2.87 -6.70
C LEU A 97 -12.45 2.44 -7.98
N ASP A 98 -13.69 1.97 -7.82
CA ASP A 98 -14.51 1.53 -8.96
C ASP A 98 -15.33 2.71 -9.49
N TYR A 99 -15.51 2.75 -10.82
CA TYR A 99 -16.28 3.83 -11.48
C TYR A 99 -17.76 3.81 -11.09
N GLU A 100 -18.30 2.60 -10.88
CA GLU A 100 -19.72 2.40 -10.53
C GLU A 100 -20.05 2.83 -9.08
N THR A 101 -19.23 2.39 -8.11
CA THR A 101 -19.47 2.72 -6.70
C THR A 101 -18.69 3.93 -6.23
N GLU A 102 -17.52 4.21 -6.85
CA GLU A 102 -16.64 5.35 -6.48
C GLU A 102 -16.26 5.29 -4.98
N LYS A 103 -16.30 4.09 -4.41
CA LYS A 103 -15.98 3.87 -3.00
C LYS A 103 -14.80 2.89 -2.87
N HIS A 104 -14.10 2.95 -1.73
CA HIS A 104 -12.96 2.08 -1.48
C HIS A 104 -13.38 0.81 -0.74
N ARG A 105 -12.57 -0.24 -0.84
CA ARG A 105 -12.85 -1.52 -0.19
C ARG A 105 -12.29 -1.59 1.24
N GLY A 106 -11.65 -0.48 1.68
CA GLY A 106 -11.08 -0.43 3.02
C GLY A 106 -9.61 -0.77 3.10
N PHE A 107 -8.89 -0.70 1.95
CA PHE A 107 -7.44 -0.97 1.93
C PHE A 107 -6.73 -0.06 0.92
N ALA A 108 -5.46 0.24 1.20
CA ALA A 108 -4.63 1.10 0.36
C ALA A 108 -3.15 0.72 0.47
N PHE A 109 -2.33 1.21 -0.47
CA PHE A 109 -0.88 0.96 -0.45
C PHE A 109 -0.17 2.29 -0.24
N VAL A 110 0.87 2.29 0.59
CA VAL A 110 1.63 3.52 0.86
C VAL A 110 3.09 3.39 0.42
N GLU A 111 3.57 4.43 -0.27
CA GLU A 111 4.95 4.48 -0.76
C GLU A 111 5.77 5.49 0.02
N PHE A 112 7.01 5.11 0.35
CA PHE A 112 7.92 5.97 1.10
C PHE A 112 9.16 6.30 0.27
N GLU A 113 9.70 7.53 0.49
CA GLU A 113 10.91 7.99 -0.23
C GLU A 113 12.14 7.16 0.17
N LEU A 114 12.23 6.82 1.46
CA LEU A 114 13.33 6.02 1.97
C LEU A 114 12.86 4.61 2.33
N ALA A 115 13.71 3.63 2.04
CA ALA A 115 13.42 2.22 2.33
C ALA A 115 13.42 1.96 3.85
N GLU A 116 14.11 2.86 4.58
CA GLU A 116 14.24 2.79 6.04
C GLU A 116 12.89 2.96 6.76
N ASP A 117 12.10 3.92 6.27
CA ASP A 117 10.77 4.20 6.83
C ASP A 117 9.78 3.07 6.54
N ALA A 118 9.92 2.43 5.38
CA ALA A 118 9.05 1.32 4.98
C ALA A 118 9.15 0.15 5.97
N ALA A 119 10.39 -0.20 6.33
CA ALA A 119 10.66 -1.26 7.31
C ALA A 119 10.27 -0.79 8.71
N ALA A 120 10.37 0.54 8.91
CA ALA A 120 10.03 1.19 10.19
C ALA A 120 8.52 1.22 10.42
N ALA A 121 7.76 1.59 9.37
CA ALA A 121 6.30 1.66 9.41
C ALA A 121 5.66 0.29 9.68
N ILE A 122 6.21 -0.78 9.08
CA ILE A 122 5.70 -2.15 9.26
C ILE A 122 5.96 -2.67 10.69
N ASP A 123 7.15 -2.37 11.22
CA ASP A 123 7.54 -2.81 12.56
C ASP A 123 6.86 -2.01 13.68
N ASN A 124 6.50 -0.75 13.38
CA ASN A 124 5.87 0.14 14.37
C ASN A 124 4.36 -0.07 14.53
N MET A 125 3.60 -0.10 13.40
CA MET A 125 2.14 -0.24 13.47
C MET A 125 1.61 -1.25 12.45
N ASN A 126 2.06 -2.52 12.59
CA ASN A 126 1.63 -3.60 11.70
C ASN A 126 0.15 -3.97 11.92
N GLU A 127 -0.25 -4.01 13.20
CA GLU A 127 -1.63 -4.34 13.60
C GLU A 127 -2.05 -3.45 14.77
N SER A 128 -2.41 -2.22 14.42
CA SER A 128 -2.84 -1.22 15.41
C SER A 128 -4.20 -0.62 15.04
N GLU A 129 -4.84 0.05 16.02
CA GLU A 129 -6.14 0.68 15.80
C GLU A 129 -5.96 2.10 15.23
N LEU A 130 -6.44 2.29 14.01
CA LEU A 130 -6.36 3.59 13.32
C LEU A 130 -7.72 3.94 12.70
N PHE A 131 -8.18 5.18 12.96
CA PHE A 131 -9.48 5.71 12.46
C PHE A 131 -10.68 4.94 13.06
N GLY A 132 -10.43 4.20 14.16
CA GLY A 132 -11.47 3.44 14.82
C GLY A 132 -11.53 1.98 14.41
N ARG A 133 -10.64 1.57 13.51
CA ARG A 133 -10.57 0.19 13.02
C ARG A 133 -9.17 -0.36 13.11
N THR A 134 -9.05 -1.70 13.17
CA THR A 134 -7.74 -2.38 13.24
C THR A 134 -7.13 -2.40 11.84
N ILE A 135 -5.87 -1.95 11.75
CA ILE A 135 -5.18 -1.89 10.45
C ILE A 135 -4.02 -2.88 10.37
N ARG A 136 -3.77 -3.35 9.15
CA ARG A 136 -2.71 -4.31 8.87
C ARG A 136 -1.76 -3.71 7.83
N VAL A 137 -0.46 -3.73 8.14
CA VAL A 137 0.54 -3.21 7.20
C VAL A 137 1.64 -4.25 6.95
N ASN A 138 1.96 -4.44 5.67
CA ASN A 138 3.00 -5.38 5.23
C ASN A 138 3.53 -4.98 3.85
N LEU A 139 4.61 -5.63 3.40
CA LEU A 139 5.20 -5.33 2.10
C LEU A 139 4.31 -5.82 0.94
N ALA A 140 4.05 -4.93 -0.02
CA ALA A 140 3.22 -5.23 -1.18
C ALA A 140 4.06 -5.67 -2.37
N SER A 1 -27.02 12.61 -25.14
CA SER A 1 -27.82 12.68 -23.89
C SER A 1 -26.92 12.91 -22.68
N MET A 2 -27.28 13.88 -21.84
CA MET A 2 -26.51 14.21 -20.64
C MET A 2 -27.17 13.61 -19.39
N MET A 3 -26.34 13.05 -18.52
CA MET A 3 -26.82 12.43 -17.27
C MET A 3 -26.72 13.40 -16.10
N GLN A 4 -27.84 13.55 -15.37
CA GLN A 4 -27.92 14.46 -14.20
C GLN A 4 -27.08 13.94 -13.02
N CYS A 5 -27.03 12.61 -12.85
CA CYS A 5 -26.28 11.99 -11.76
C CYS A 5 -25.07 11.23 -12.30
N GLY A 6 -23.95 11.34 -11.59
CA GLY A 6 -22.72 10.67 -11.98
C GLY A 6 -21.62 11.65 -12.34
N LYS A 7 -20.49 11.56 -11.62
CA LYS A 7 -19.34 12.44 -11.86
C LYS A 7 -18.30 11.76 -12.73
N CYS A 8 -17.86 12.45 -13.79
CA CYS A 8 -16.86 11.93 -14.71
C CYS A 8 -15.79 12.98 -15.00
N ASP A 9 -14.52 12.56 -14.89
CA ASP A 9 -13.37 13.45 -15.14
C ASP A 9 -12.90 13.34 -16.59
N ARG A 10 -12.76 14.50 -17.25
CA ARG A 10 -12.31 14.56 -18.66
C ARG A 10 -10.84 14.14 -18.82
N TRP A 11 -10.01 14.51 -17.84
CA TRP A 11 -8.59 14.17 -17.85
C TRP A 11 -8.22 13.26 -16.68
N VAL A 12 -7.19 12.44 -16.88
CA VAL A 12 -6.72 11.51 -15.85
C VAL A 12 -5.23 11.73 -15.54
N HIS A 13 -4.83 11.38 -14.31
CA HIS A 13 -3.44 11.53 -13.85
C HIS A 13 -2.45 10.63 -14.61
N SER A 14 -2.93 9.45 -15.05
CA SER A 14 -2.11 8.48 -15.79
C SER A 14 -1.65 9.01 -17.15
N LYS A 15 -2.53 9.74 -17.85
CA LYS A 15 -2.23 10.30 -19.18
C LYS A 15 -1.20 11.44 -19.11
N CYS A 16 -1.36 12.34 -18.12
CA CYS A 16 -0.45 13.49 -17.96
C CYS A 16 0.81 13.13 -17.17
N GLU A 17 0.64 12.35 -16.10
CA GLU A 17 1.76 11.93 -15.25
C GLU A 17 2.08 10.46 -15.44
N ASN A 18 3.35 10.10 -15.22
CA ASN A 18 3.82 8.72 -15.36
C ASN A 18 4.02 8.07 -14.01
N LEU A 19 3.64 6.79 -13.91
CA LEU A 19 3.78 6.01 -12.67
C LEU A 19 5.05 5.16 -12.70
N SER A 20 5.65 4.94 -11.52
CA SER A 20 6.88 4.16 -11.40
C SER A 20 6.65 2.68 -11.73
N ASP A 21 7.75 1.99 -12.10
CA ASP A 21 7.72 0.56 -12.48
C ASP A 21 7.32 -0.35 -11.31
N GLU A 22 7.77 0.01 -10.09
CA GLU A 22 7.48 -0.78 -8.88
C GLU A 22 5.99 -0.73 -8.51
N MET A 23 5.41 0.48 -8.52
CA MET A 23 3.98 0.68 -8.19
C MET A 23 3.06 0.10 -9.26
N TYR A 24 3.49 0.22 -10.53
CA TYR A 24 2.71 -0.27 -11.68
C TYR A 24 2.61 -1.81 -11.70
N GLU A 25 3.74 -2.49 -11.44
CA GLU A 25 3.80 -3.96 -11.44
C GLU A 25 3.03 -4.60 -10.27
N ILE A 26 3.11 -3.98 -9.09
CA ILE A 26 2.41 -4.49 -7.88
C ILE A 26 0.89 -4.32 -8.01
N LEU A 27 0.46 -3.11 -8.40
CA LEU A 27 -0.97 -2.78 -8.55
C LEU A 27 -1.62 -3.51 -9.74
N SER A 28 -0.88 -3.66 -10.86
CA SER A 28 -1.40 -4.34 -12.06
C SER A 28 -1.42 -5.87 -11.87
N ASN A 29 -0.52 -6.37 -11.02
CA ASN A 29 -0.41 -7.80 -10.75
C ASN A 29 -0.84 -8.10 -9.31
N LEU A 30 -2.16 -8.17 -9.11
CA LEU A 30 -2.73 -8.44 -7.79
C LEU A 30 -3.06 -9.94 -7.61
N PRO A 31 -3.18 -10.44 -6.34
CA PRO A 31 -3.49 -11.86 -6.06
C PRO A 31 -4.97 -12.21 -6.21
N GLU A 32 -5.26 -13.51 -6.34
CA GLU A 32 -6.64 -14.01 -6.50
C GLU A 32 -7.51 -13.68 -5.28
N SER A 33 -6.86 -13.49 -4.12
CA SER A 33 -7.54 -13.17 -2.86
C SER A 33 -7.81 -11.65 -2.73
N VAL A 34 -7.88 -10.94 -3.87
CA VAL A 34 -8.14 -9.48 -3.93
C VAL A 34 -9.43 -9.04 -3.21
N ALA A 35 -10.29 -9.99 -2.85
CA ALA A 35 -11.57 -9.71 -2.17
C ALA A 35 -11.36 -9.22 -0.73
N TYR A 36 -10.46 -9.90 0.02
CA TYR A 36 -10.14 -9.57 1.43
C TYR A 36 -11.38 -9.54 2.34
N THR A 37 -12.43 -10.28 1.94
CA THR A 37 -13.69 -10.33 2.71
C THR A 37 -14.10 -11.79 3.00
N CYS A 38 -13.09 -12.66 3.19
CA CYS A 38 -13.33 -14.08 3.48
C CYS A 38 -12.57 -14.51 4.74
N VAL A 39 -13.12 -15.52 5.43
CA VAL A 39 -12.51 -16.04 6.65
C VAL A 39 -12.34 -17.57 6.56
N ASN A 40 -11.22 -18.07 7.11
CA ASN A 40 -10.89 -19.50 7.12
C ASN A 40 -11.83 -20.30 8.03
N CYS A 41 -12.20 -19.71 9.18
CA CYS A 41 -13.08 -20.36 10.14
C CYS A 41 -14.26 -19.45 10.50
N THR A 42 -15.47 -20.03 10.44
CA THR A 42 -16.70 -19.30 10.75
C THR A 42 -17.10 -19.43 12.23
N GLU A 43 -16.44 -20.34 12.96
CA GLU A 43 -16.73 -20.57 14.37
C GLU A 43 -15.58 -20.08 15.26
N ARG A 44 -15.96 -19.47 16.40
CA ARG A 44 -14.98 -18.93 17.37
C ARG A 44 -14.28 -20.05 18.16
N HIS A 45 -15.01 -21.16 18.40
CA HIS A 45 -14.48 -22.30 19.14
C HIS A 45 -13.46 -23.12 18.33
N VAL A 46 -13.50 -22.99 17.00
CA VAL A 46 -12.58 -23.70 16.12
C VAL A 46 -11.49 -22.75 15.62
N ASP A 47 -10.23 -23.20 15.72
CA ASP A 47 -9.08 -22.41 15.29
C ASP A 47 -8.61 -22.83 13.90
N GLY A 48 -8.14 -21.83 13.12
CA GLY A 48 -7.67 -22.09 11.77
C GLY A 48 -6.46 -21.24 11.42
N GLY A 49 -5.79 -21.59 10.32
CA GLY A 49 -4.62 -20.85 9.86
C GLY A 49 -3.34 -21.25 10.58
N SER A 50 -3.11 -22.56 10.68
CA SER A 50 -1.92 -23.10 11.36
C SER A 50 -1.02 -23.84 10.38
N GLY A 51 0.29 -23.82 10.66
CA GLY A 51 1.27 -24.49 9.80
C GLY A 51 1.79 -23.60 8.68
N GLY A 52 1.98 -22.30 8.99
CA GLY A 52 2.48 -21.36 7.99
C GLY A 52 4.00 -21.29 7.94
N SER A 53 4.52 -20.51 6.98
CA SER A 53 5.96 -20.34 6.79
C SER A 53 6.32 -18.88 6.57
N GLY A 54 7.52 -18.50 7.02
CA GLY A 54 7.99 -17.13 6.87
C GLY A 54 7.82 -16.30 8.13
N GLY A 55 8.59 -16.66 9.18
CA GLY A 55 8.53 -15.94 10.44
C GLY A 55 9.46 -14.74 10.46
N SER A 56 10.74 -14.98 10.19
CA SER A 56 11.77 -13.93 10.16
C SER A 56 11.59 -13.00 8.94
N GLY A 57 11.16 -13.58 7.82
CA GLY A 57 10.94 -12.83 6.59
C GLY A 57 10.32 -13.66 5.50
N GLY A 58 10.21 -13.07 4.30
CA GLY A 58 9.62 -13.77 3.16
C GLY A 58 10.43 -13.59 1.90
N SER A 59 9.75 -13.62 0.75
CA SER A 59 10.39 -13.44 -0.58
C SER A 59 10.97 -12.03 -0.76
N ALA A 60 10.40 -11.06 -0.03
CA ALA A 60 10.86 -9.67 -0.11
C ALA A 60 11.75 -9.33 1.08
N THR A 61 12.82 -8.58 0.81
CA THR A 61 13.77 -8.17 1.85
C THR A 61 13.42 -6.78 2.39
N THR A 62 13.45 -5.78 1.50
CA THR A 62 13.13 -4.39 1.86
C THR A 62 12.43 -3.66 0.72
N LYS A 63 11.20 -3.21 0.97
CA LYS A 63 10.42 -2.48 -0.04
C LYS A 63 9.85 -1.20 0.54
N ARG A 64 9.92 -0.13 -0.26
CA ARG A 64 9.41 1.20 0.12
C ARG A 64 7.87 1.26 0.14
N VAL A 65 7.23 0.37 -0.63
CA VAL A 65 5.76 0.32 -0.73
C VAL A 65 5.23 -0.74 0.25
N LEU A 66 4.25 -0.35 1.07
CA LEU A 66 3.66 -1.25 2.06
C LEU A 66 2.14 -1.34 1.88
N TYR A 67 1.56 -2.47 2.32
CA TYR A 67 0.12 -2.70 2.23
C TYR A 67 -0.54 -2.38 3.57
N VAL A 68 -1.50 -1.46 3.54
CA VAL A 68 -2.23 -1.07 4.75
C VAL A 68 -3.72 -1.41 4.59
N GLY A 69 -4.21 -2.32 5.44
CA GLY A 69 -5.61 -2.73 5.37
C GLY A 69 -6.31 -2.65 6.71
N GLY A 70 -7.62 -2.41 6.66
CA GLY A 70 -8.42 -2.30 7.87
C GLY A 70 -8.73 -0.85 8.20
N LEU A 71 -8.86 -0.03 7.16
CA LEU A 71 -9.15 1.40 7.30
C LEU A 71 -10.65 1.67 7.28
N ALA A 72 -11.03 2.87 7.71
CA ALA A 72 -12.42 3.30 7.76
C ALA A 72 -12.86 3.93 6.43
N GLU A 73 -14.19 4.02 6.22
CA GLU A 73 -14.77 4.61 5.00
C GLU A 73 -14.54 6.12 4.93
N GLU A 74 -14.51 6.76 6.11
CA GLU A 74 -14.29 8.20 6.22
C GLU A 74 -12.81 8.58 6.12
N VAL A 75 -11.93 7.58 5.89
CA VAL A 75 -10.49 7.82 5.79
C VAL A 75 -10.10 8.19 4.35
N ASP A 76 -9.22 9.19 4.21
CA ASP A 76 -8.76 9.67 2.90
C ASP A 76 -7.23 9.61 2.79
N ASP A 77 -6.71 9.97 1.60
CA ASP A 77 -5.26 9.98 1.32
C ASP A 77 -4.50 10.95 2.23
N LYS A 78 -5.18 12.04 2.60
CA LYS A 78 -4.61 13.09 3.47
C LYS A 78 -4.38 12.56 4.88
N VAL A 79 -5.36 11.78 5.35
CA VAL A 79 -5.35 11.15 6.65
C VAL A 79 -4.25 10.06 6.74
N LEU A 80 -4.14 9.26 5.66
CA LEU A 80 -3.15 8.17 5.59
C LEU A 80 -1.72 8.72 5.50
N HIS A 81 -1.57 9.84 4.78
CA HIS A 81 -0.26 10.50 4.60
C HIS A 81 0.21 11.14 5.92
N ALA A 82 -0.68 11.89 6.57
CA ALA A 82 -0.39 12.58 7.83
C ALA A 82 -0.24 11.63 9.03
N ALA A 83 -0.78 10.40 8.91
CA ALA A 83 -0.73 9.41 9.99
C ALA A 83 0.59 8.64 9.97
N PHE A 84 1.08 8.39 8.76
CA PHE A 84 2.31 7.66 8.55
C PHE A 84 3.51 8.60 8.32
N ILE A 85 3.24 9.92 8.29
CA ILE A 85 4.30 10.93 8.08
C ILE A 85 5.32 11.05 9.26
N PRO A 86 4.94 10.80 10.57
CA PRO A 86 5.91 10.90 11.69
C PRO A 86 7.14 9.99 11.54
N PHE A 87 6.98 8.91 10.76
CA PHE A 87 8.07 7.94 10.51
C PHE A 87 9.06 8.47 9.47
N GLY A 88 8.56 9.27 8.53
CA GLY A 88 9.40 9.83 7.47
C GLY A 88 8.57 10.51 6.40
N ASP A 89 9.18 10.71 5.22
CA ASP A 89 8.51 11.35 4.09
C ASP A 89 7.81 10.33 3.20
N ILE A 90 6.56 10.62 2.83
CA ILE A 90 5.76 9.73 1.98
C ILE A 90 5.58 10.36 0.60
N THR A 91 5.62 9.51 -0.43
CA THR A 91 5.49 9.95 -1.82
C THR A 91 4.03 10.00 -2.29
N ASP A 92 3.36 8.82 -2.35
CA ASP A 92 1.97 8.74 -2.82
C ASP A 92 1.15 7.66 -2.10
N ILE A 93 -0.17 7.88 -2.04
CA ILE A 93 -1.11 6.94 -1.44
C ILE A 93 -2.10 6.50 -2.52
N GLN A 94 -2.21 5.18 -2.76
CA GLN A 94 -3.12 4.67 -3.79
C GLN A 94 -4.12 3.66 -3.24
N ILE A 95 -5.40 3.90 -3.54
CA ILE A 95 -6.51 3.03 -3.11
C ILE A 95 -7.36 2.64 -4.33
N PRO A 96 -7.57 1.31 -4.62
CA PRO A 96 -8.41 0.88 -5.76
C PRO A 96 -9.86 1.39 -5.66
N LEU A 97 -10.27 2.17 -6.66
CA LEU A 97 -11.61 2.75 -6.69
C LEU A 97 -12.32 2.45 -8.02
N ASP A 98 -13.60 2.06 -7.91
CA ASP A 98 -14.42 1.75 -9.08
C ASP A 98 -15.24 2.97 -9.49
N TYR A 99 -15.42 3.15 -10.80
CA TYR A 99 -16.20 4.29 -11.34
C TYR A 99 -17.68 4.24 -10.95
N GLU A 100 -18.22 3.02 -10.85
CA GLU A 100 -19.64 2.79 -10.51
C GLU A 100 -19.98 3.12 -9.04
N THR A 101 -19.14 2.66 -8.11
CA THR A 101 -19.39 2.89 -6.67
C THR A 101 -18.53 4.00 -6.08
N GLU A 102 -17.34 4.24 -6.67
CA GLU A 102 -16.39 5.28 -6.20
C GLU A 102 -16.02 5.08 -4.72
N LYS A 103 -16.13 3.82 -4.25
CA LYS A 103 -15.83 3.48 -2.86
C LYS A 103 -14.73 2.41 -2.78
N HIS A 104 -14.02 2.38 -1.66
CA HIS A 104 -12.94 1.40 -1.45
C HIS A 104 -13.37 0.32 -0.45
N ARG A 105 -12.63 -0.79 -0.42
CA ARG A 105 -12.93 -1.91 0.48
C ARG A 105 -12.26 -1.76 1.86
N GLY A 106 -11.49 -0.66 2.04
CA GLY A 106 -10.83 -0.42 3.32
C GLY A 106 -9.36 -0.79 3.35
N PHE A 107 -8.70 -0.80 2.19
CA PHE A 107 -7.26 -1.10 2.12
C PHE A 107 -6.58 -0.27 1.02
N ALA A 108 -5.31 0.08 1.28
CA ALA A 108 -4.50 0.90 0.35
C ALA A 108 -3.01 0.55 0.46
N PHE A 109 -2.22 1.04 -0.51
CA PHE A 109 -0.77 0.84 -0.50
C PHE A 109 -0.09 2.18 -0.26
N VAL A 110 0.94 2.19 0.59
CA VAL A 110 1.66 3.42 0.90
C VAL A 110 3.09 3.37 0.34
N GLU A 111 3.48 4.45 -0.34
CA GLU A 111 4.80 4.57 -0.96
C GLU A 111 5.71 5.48 -0.13
N PHE A 112 6.92 5.00 0.16
CA PHE A 112 7.90 5.77 0.92
C PHE A 112 9.14 6.07 0.09
N GLU A 113 9.75 7.24 0.34
CA GLU A 113 10.97 7.68 -0.37
C GLU A 113 12.20 6.88 0.11
N LEU A 114 12.22 6.56 1.41
CA LEU A 114 13.33 5.81 2.01
C LEU A 114 12.92 4.38 2.30
N ALA A 115 13.86 3.45 2.08
CA ALA A 115 13.64 2.03 2.38
C ALA A 115 13.75 1.82 3.90
N GLU A 116 14.41 2.80 4.54
CA GLU A 116 14.64 2.84 5.99
C GLU A 116 13.34 3.15 6.76
N ASP A 117 12.64 4.20 6.34
CA ASP A 117 11.38 4.62 6.98
C ASP A 117 10.24 3.63 6.72
N ALA A 118 10.27 2.98 5.54
CA ALA A 118 9.25 1.98 5.15
C ALA A 118 9.32 0.75 6.06
N ALA A 119 10.55 0.26 6.31
CA ALA A 119 10.78 -0.88 7.19
C ALA A 119 10.41 -0.52 8.63
N ALA A 120 10.56 0.77 8.95
CA ALA A 120 10.22 1.32 10.26
C ALA A 120 8.70 1.34 10.49
N ALA A 121 7.95 1.58 9.39
CA ALA A 121 6.49 1.63 9.42
C ALA A 121 5.88 0.25 9.70
N ILE A 122 6.48 -0.81 9.10
CA ILE A 122 6.02 -2.19 9.30
C ILE A 122 6.33 -2.69 10.72
N ASP A 123 7.45 -2.24 11.29
CA ASP A 123 7.86 -2.63 12.64
C ASP A 123 7.16 -1.83 13.74
N ASN A 124 6.57 -0.68 13.38
CA ASN A 124 5.89 0.19 14.35
C ASN A 124 4.37 0.06 14.36
N MET A 125 3.74 0.01 13.17
CA MET A 125 2.28 -0.08 13.10
C MET A 125 1.79 -1.27 12.27
N ASN A 126 2.40 -2.44 12.50
CA ASN A 126 2.01 -3.68 11.80
C ASN A 126 0.57 -4.07 12.15
N GLU A 127 0.20 -3.86 13.43
CA GLU A 127 -1.14 -4.14 13.94
C GLU A 127 -1.56 -3.07 14.94
N SER A 128 -1.95 -1.92 14.40
CA SER A 128 -2.38 -0.77 15.21
C SER A 128 -3.79 -0.32 14.85
N GLU A 129 -4.39 0.50 15.71
CA GLU A 129 -5.75 1.02 15.48
C GLU A 129 -5.69 2.36 14.74
N LEU A 130 -6.31 2.39 13.55
CA LEU A 130 -6.37 3.60 12.72
C LEU A 130 -7.82 3.92 12.38
N PHE A 131 -8.21 5.20 12.62
CA PHE A 131 -9.58 5.70 12.37
C PHE A 131 -10.67 4.90 13.11
N GLY A 132 -10.25 4.17 14.16
CA GLY A 132 -11.20 3.38 14.94
C GLY A 132 -11.25 1.91 14.54
N ARG A 133 -10.40 1.50 13.59
CA ARG A 133 -10.34 0.13 13.12
C ARG A 133 -8.92 -0.42 13.20
N THR A 134 -8.81 -1.75 13.33
CA THR A 134 -7.49 -2.41 13.40
C THR A 134 -6.90 -2.54 11.99
N ILE A 135 -5.63 -2.16 11.85
CA ILE A 135 -4.96 -2.21 10.54
C ILE A 135 -3.75 -3.14 10.54
N ARG A 136 -3.40 -3.61 9.36
CA ARG A 136 -2.25 -4.50 9.15
C ARG A 136 -1.37 -3.96 8.03
N VAL A 137 -0.04 -3.97 8.24
CA VAL A 137 0.88 -3.47 7.22
C VAL A 137 1.95 -4.51 6.91
N ASN A 138 2.30 -4.62 5.62
CA ASN A 138 3.31 -5.57 5.14
C ASN A 138 4.00 -5.03 3.88
N LEU A 139 5.06 -5.72 3.42
CA LEU A 139 5.82 -5.33 2.22
C LEU A 139 4.98 -5.54 0.96
N ALA A 140 4.98 -4.53 0.09
CA ALA A 140 4.22 -4.57 -1.16
C ALA A 140 5.16 -4.72 -2.36
N SER A 1 -2.57 41.00 -6.22
CA SER A 1 -3.71 40.59 -5.35
C SER A 1 -3.21 39.90 -4.08
N MET A 2 -2.17 39.08 -4.23
CA MET A 2 -1.59 38.33 -3.11
C MET A 2 -0.34 39.04 -2.58
N MET A 3 -0.27 39.21 -1.25
CA MET A 3 0.87 39.86 -0.60
C MET A 3 2.15 39.02 -0.67
N GLN A 4 2.00 37.69 -0.55
CA GLN A 4 3.13 36.76 -0.60
C GLN A 4 3.01 35.80 -1.78
N CYS A 5 4.15 35.40 -2.33
CA CYS A 5 4.20 34.47 -3.45
C CYS A 5 5.17 33.32 -3.17
N GLY A 6 4.72 32.09 -3.44
CA GLY A 6 5.57 30.92 -3.21
C GLY A 6 5.21 29.76 -4.09
N LYS A 7 4.68 28.69 -3.48
CA LYS A 7 4.29 27.47 -4.20
C LYS A 7 2.81 27.52 -4.62
N CYS A 8 2.50 26.80 -5.70
CA CYS A 8 1.13 26.75 -6.23
C CYS A 8 0.64 25.30 -6.29
N ASP A 9 -0.57 25.08 -5.76
CA ASP A 9 -1.17 23.74 -5.74
C ASP A 9 -2.09 23.54 -6.93
N ARG A 10 -2.20 22.28 -7.38
CA ARG A 10 -3.05 21.91 -8.52
C ARG A 10 -4.13 20.92 -8.09
N TRP A 11 -5.34 21.10 -8.64
CA TRP A 11 -6.50 20.25 -8.33
C TRP A 11 -6.36 18.83 -8.91
N VAL A 12 -5.81 18.73 -10.13
CA VAL A 12 -5.63 17.44 -10.80
C VAL A 12 -4.18 16.94 -10.68
N HIS A 13 -3.90 16.24 -9.57
CA HIS A 13 -2.57 15.68 -9.28
C HIS A 13 -2.17 14.56 -10.27
N SER A 14 -3.15 13.70 -10.61
CA SER A 14 -2.93 12.57 -11.53
C SER A 14 -2.54 13.01 -12.95
N LYS A 15 -3.18 14.10 -13.43
CA LYS A 15 -2.91 14.63 -14.78
C LYS A 15 -1.51 15.25 -14.90
N CYS A 16 -1.05 15.90 -13.81
CA CYS A 16 0.26 16.56 -13.78
C CYS A 16 1.39 15.58 -13.41
N GLU A 17 1.12 14.70 -12.45
CA GLU A 17 2.12 13.72 -11.99
C GLU A 17 1.88 12.36 -12.61
N ASN A 18 2.98 11.63 -12.87
CA ASN A 18 2.92 10.29 -13.46
C ASN A 18 3.31 9.22 -12.45
N LEU A 19 2.75 8.02 -12.61
CA LEU A 19 3.03 6.89 -11.73
C LEU A 19 4.13 6.01 -12.31
N SER A 20 4.99 5.49 -11.43
CA SER A 20 6.12 4.62 -11.83
C SER A 20 5.63 3.25 -12.31
N ASP A 21 6.48 2.57 -13.08
CA ASP A 21 6.17 1.23 -13.63
C ASP A 21 5.97 0.18 -12.54
N GLU A 22 6.73 0.30 -11.45
CA GLU A 22 6.66 -0.65 -10.32
C GLU A 22 5.31 -0.53 -9.57
N MET A 23 4.89 0.71 -9.27
CA MET A 23 3.63 0.96 -8.54
C MET A 23 2.40 0.58 -9.38
N TYR A 24 2.45 0.88 -10.69
CA TYR A 24 1.35 0.59 -11.62
C TYR A 24 1.08 -0.92 -11.73
N GLU A 25 2.16 -1.72 -11.81
CA GLU A 25 2.06 -3.20 -11.92
C GLU A 25 1.56 -3.86 -10.63
N ILE A 26 2.01 -3.36 -9.47
CA ILE A 26 1.60 -3.92 -8.17
C ILE A 26 0.11 -3.65 -7.89
N LEU A 27 -0.33 -2.40 -8.13
CA LEU A 27 -1.72 -2.00 -7.92
C LEU A 27 -2.68 -2.64 -8.93
N SER A 28 -2.26 -2.72 -10.20
CA SER A 28 -3.07 -3.33 -11.27
C SER A 28 -3.05 -4.86 -11.19
N ASN A 29 -1.93 -5.41 -10.69
CA ASN A 29 -1.77 -6.86 -10.57
C ASN A 29 -1.46 -7.24 -9.12
N LEU A 30 -2.52 -7.47 -8.33
CA LEU A 30 -2.38 -7.86 -6.93
C LEU A 30 -3.08 -9.20 -6.65
N PRO A 31 -2.62 -10.00 -5.63
CA PRO A 31 -3.25 -11.29 -5.28
C PRO A 31 -4.58 -11.10 -4.55
N GLU A 32 -5.64 -11.72 -5.09
CA GLU A 32 -7.01 -11.61 -4.55
C GLU A 32 -7.11 -11.89 -3.04
N SER A 33 -6.25 -12.79 -2.56
CA SER A 33 -6.23 -13.14 -1.13
C SER A 33 -5.41 -12.12 -0.31
N VAL A 34 -4.25 -11.69 -0.85
CA VAL A 34 -3.36 -10.75 -0.15
C VAL A 34 -4.00 -9.36 -0.07
N ALA A 35 -4.88 -9.06 -1.02
CA ALA A 35 -5.60 -7.79 -1.09
C ALA A 35 -6.59 -7.60 0.07
N TYR A 36 -7.18 -8.71 0.55
CA TYR A 36 -8.18 -8.64 1.65
C TYR A 36 -8.47 -10.00 2.28
N THR A 37 -8.71 -11.02 1.43
CA THR A 37 -9.04 -12.43 1.85
C THR A 37 -10.14 -12.51 2.95
N CYS A 38 -10.98 -11.46 3.03
CA CYS A 38 -12.06 -11.41 4.02
C CYS A 38 -13.39 -11.88 3.43
N VAL A 39 -13.68 -11.47 2.19
CA VAL A 39 -14.92 -11.86 1.50
C VAL A 39 -14.59 -12.64 0.22
N ASN A 40 -15.30 -13.76 0.04
CA ASN A 40 -15.11 -14.62 -1.13
C ASN A 40 -16.36 -14.60 -2.00
N CYS A 41 -16.17 -14.36 -3.31
CA CYS A 41 -17.29 -14.31 -4.26
C CYS A 41 -17.12 -15.36 -5.35
N THR A 42 -18.06 -16.31 -5.39
CA THR A 42 -18.04 -17.39 -6.38
C THR A 42 -18.95 -17.07 -7.57
N GLU A 43 -19.88 -16.12 -7.37
CA GLU A 43 -20.84 -15.70 -8.42
C GLU A 43 -20.15 -14.96 -9.57
N ARG A 44 -19.09 -14.21 -9.25
CA ARG A 44 -18.34 -13.46 -10.24
C ARG A 44 -16.89 -13.92 -10.30
N HIS A 45 -16.36 -14.04 -11.53
CA HIS A 45 -14.99 -14.48 -11.76
C HIS A 45 -14.27 -13.53 -12.71
N VAL A 46 -12.93 -13.44 -12.56
CA VAL A 46 -12.12 -12.57 -13.40
C VAL A 46 -10.94 -13.35 -14.01
N ASP A 47 -10.64 -13.07 -15.28
CA ASP A 47 -9.55 -13.73 -16.01
C ASP A 47 -8.29 -12.87 -15.97
N GLY A 48 -7.16 -13.49 -15.62
CA GLY A 48 -5.89 -12.78 -15.55
C GLY A 48 -5.52 -12.36 -14.14
N GLY A 49 -6.30 -12.82 -13.14
CA GLY A 49 -6.03 -12.48 -11.74
C GLY A 49 -5.07 -13.44 -11.06
N SER A 50 -4.56 -14.42 -11.82
CA SER A 50 -3.62 -15.41 -11.29
C SER A 50 -2.32 -15.40 -12.11
N GLY A 51 -1.20 -15.57 -11.41
CA GLY A 51 0.10 -15.58 -12.06
C GLY A 51 1.24 -15.89 -11.09
N GLY A 52 2.47 -15.78 -11.60
CA GLY A 52 3.66 -16.05 -10.79
C GLY A 52 4.23 -17.42 -11.05
N SER A 53 5.55 -17.47 -11.31
CA SER A 53 6.27 -18.73 -11.58
C SER A 53 6.27 -19.67 -10.37
N GLY A 54 6.37 -19.10 -9.17
CA GLY A 54 6.38 -19.87 -7.94
C GLY A 54 7.78 -20.23 -7.46
N GLY A 55 8.81 -19.72 -8.15
CA GLY A 55 10.20 -19.98 -7.79
C GLY A 55 10.64 -19.28 -6.51
N SER A 56 10.21 -18.02 -6.34
CA SER A 56 10.55 -17.23 -5.16
C SER A 56 9.30 -16.68 -4.47
N GLY A 57 9.41 -16.46 -3.16
CA GLY A 57 8.30 -15.93 -2.39
C GLY A 57 8.58 -15.90 -0.90
N GLY A 58 7.55 -15.57 -0.11
CA GLY A 58 7.68 -15.51 1.33
C GLY A 58 7.79 -14.09 1.85
N SER A 59 9.04 -13.62 2.00
CA SER A 59 9.29 -12.27 2.51
C SER A 59 9.98 -11.41 1.44
N ALA A 60 9.65 -10.12 1.44
CA ALA A 60 10.23 -9.16 0.48
C ALA A 60 11.31 -8.33 1.14
N THR A 61 12.33 -7.97 0.35
CA THR A 61 13.46 -7.16 0.84
C THR A 61 13.65 -5.91 -0.01
N THR A 62 14.31 -4.89 0.59
CA THR A 62 14.60 -3.59 -0.05
C THR A 62 13.37 -2.96 -0.75
N LYS A 63 12.20 -3.11 -0.12
CA LYS A 63 10.95 -2.57 -0.67
C LYS A 63 10.56 -1.28 0.04
N ARG A 64 10.12 -0.30 -0.75
CA ARG A 64 9.69 1.01 -0.22
C ARG A 64 8.16 1.16 -0.22
N VAL A 65 7.47 0.14 -0.73
CA VAL A 65 6.00 0.15 -0.79
C VAL A 65 5.42 -0.86 0.20
N LEU A 66 4.42 -0.41 0.98
CA LEU A 66 3.78 -1.25 2.00
C LEU A 66 2.28 -1.34 1.74
N TYR A 67 1.67 -2.45 2.18
CA TYR A 67 0.23 -2.66 2.04
C TYR A 67 -0.46 -2.36 3.36
N VAL A 68 -1.32 -1.33 3.36
CA VAL A 68 -2.06 -0.95 4.55
C VAL A 68 -3.56 -1.19 4.32
N GLY A 69 -4.13 -2.08 5.14
CA GLY A 69 -5.54 -2.40 5.02
C GLY A 69 -6.29 -2.33 6.33
N GLY A 70 -7.59 -2.06 6.24
CA GLY A 70 -8.44 -1.97 7.41
C GLY A 70 -8.84 -0.54 7.72
N LEU A 71 -8.86 0.30 6.68
CA LEU A 71 -9.23 1.72 6.82
C LEU A 71 -10.71 1.91 6.53
N ALA A 72 -11.22 3.07 6.94
CA ALA A 72 -12.63 3.44 6.75
C ALA A 72 -12.82 4.19 5.43
N GLU A 73 -14.05 4.16 4.90
CA GLU A 73 -14.39 4.84 3.64
C GLU A 73 -14.22 6.37 3.75
N GLU A 74 -14.36 6.86 4.99
CA GLU A 74 -14.23 8.29 5.28
C GLU A 74 -12.75 8.74 5.26
N VAL A 75 -11.83 7.78 5.08
CA VAL A 75 -10.38 8.10 5.06
C VAL A 75 -9.93 8.50 3.65
N ASP A 76 -9.04 9.49 3.58
CA ASP A 76 -8.52 10.01 2.31
C ASP A 76 -7.00 9.89 2.28
N ASP A 77 -6.38 10.31 1.16
CA ASP A 77 -4.91 10.27 0.98
C ASP A 77 -4.19 11.10 2.04
N LYS A 78 -4.86 12.17 2.49
CA LYS A 78 -4.34 13.09 3.49
C LYS A 78 -4.24 12.42 4.86
N VAL A 79 -5.28 11.62 5.16
CA VAL A 79 -5.38 10.87 6.40
C VAL A 79 -4.32 9.76 6.48
N LEU A 80 -4.16 9.01 5.39
CA LEU A 80 -3.18 7.91 5.32
C LEU A 80 -1.73 8.45 5.35
N HIS A 81 -1.51 9.57 4.67
CA HIS A 81 -0.18 10.22 4.60
C HIS A 81 0.24 10.80 5.95
N ALA A 82 -0.67 11.55 6.59
CA ALA A 82 -0.43 12.19 7.89
C ALA A 82 -0.35 11.18 9.05
N ALA A 83 -0.92 9.99 8.85
CA ALA A 83 -0.95 8.95 9.89
C ALA A 83 0.34 8.14 9.88
N PHE A 84 0.92 7.99 8.70
CA PHE A 84 2.14 7.23 8.49
C PHE A 84 3.36 8.14 8.29
N ILE A 85 3.15 9.47 8.36
CA ILE A 85 4.23 10.46 8.18
C ILE A 85 5.25 10.49 9.36
N PRO A 86 4.85 10.24 10.67
CA PRO A 86 5.81 10.28 11.80
C PRO A 86 6.97 9.27 11.67
N PHE A 87 6.75 8.20 10.89
CA PHE A 87 7.78 7.15 10.69
C PHE A 87 8.82 7.56 9.65
N GLY A 88 8.40 8.35 8.66
CA GLY A 88 9.31 8.80 7.61
C GLY A 88 8.60 9.61 6.54
N ASP A 89 9.33 9.87 5.44
CA ASP A 89 8.81 10.65 4.31
C ASP A 89 8.02 9.74 3.36
N ILE A 90 6.82 10.21 2.97
CA ILE A 90 5.95 9.47 2.06
C ILE A 90 5.85 10.21 0.72
N THR A 91 5.87 9.43 -0.36
CA THR A 91 5.79 9.97 -1.72
C THR A 91 4.34 10.08 -2.22
N ASP A 92 3.65 8.95 -2.34
CA ASP A 92 2.25 8.92 -2.82
C ASP A 92 1.42 7.83 -2.17
N ILE A 93 0.10 8.05 -2.13
CA ILE A 93 -0.85 7.08 -1.58
C ILE A 93 -1.78 6.62 -2.71
N GLN A 94 -1.86 5.30 -2.93
CA GLN A 94 -2.70 4.75 -3.99
C GLN A 94 -3.77 3.80 -3.45
N ILE A 95 -5.02 4.09 -3.81
CA ILE A 95 -6.18 3.29 -3.39
C ILE A 95 -7.01 2.88 -4.62
N PRO A 96 -7.15 1.55 -4.94
CA PRO A 96 -7.96 1.09 -6.10
C PRO A 96 -9.42 1.54 -6.01
N LEU A 97 -9.89 2.20 -7.07
CA LEU A 97 -11.27 2.71 -7.12
C LEU A 97 -12.00 2.19 -8.36
N ASP A 98 -13.25 1.73 -8.16
CA ASP A 98 -14.08 1.23 -9.25
C ASP A 98 -14.91 2.36 -9.86
N TYR A 99 -15.08 2.33 -11.18
CA TYR A 99 -15.85 3.35 -11.91
C TYR A 99 -17.33 3.37 -11.53
N GLU A 100 -17.86 2.17 -11.22
CA GLU A 100 -19.28 2.00 -10.87
C GLU A 100 -19.63 2.56 -9.48
N THR A 101 -18.83 2.23 -8.46
CA THR A 101 -19.09 2.69 -7.09
C THR A 101 -18.26 3.91 -6.70
N GLU A 102 -17.08 4.08 -7.31
CA GLU A 102 -16.15 5.19 -7.01
C GLU A 102 -15.75 5.23 -5.51
N LYS A 103 -15.87 4.06 -4.87
CA LYS A 103 -15.55 3.90 -3.44
C LYS A 103 -14.49 2.82 -3.26
N HIS A 104 -13.76 2.89 -2.14
CA HIS A 104 -12.72 1.90 -1.83
C HIS A 104 -13.23 0.86 -0.83
N ARG A 105 -12.57 -0.30 -0.79
CA ARG A 105 -12.95 -1.39 0.11
C ARG A 105 -12.28 -1.28 1.49
N GLY A 106 -11.47 -0.23 1.68
CA GLY A 106 -10.78 -0.01 2.95
C GLY A 106 -9.34 -0.49 2.99
N PHE A 107 -8.67 -0.47 1.82
CA PHE A 107 -7.25 -0.86 1.74
C PHE A 107 -6.51 -0.02 0.70
N ALA A 108 -5.23 0.27 1.00
CA ALA A 108 -4.38 1.07 0.12
C ALA A 108 -2.90 0.72 0.32
N PHE A 109 -2.06 1.17 -0.61
CA PHE A 109 -0.61 0.94 -0.53
C PHE A 109 0.08 2.27 -0.28
N VAL A 110 1.15 2.25 0.52
CA VAL A 110 1.89 3.46 0.84
C VAL A 110 3.33 3.39 0.31
N GLU A 111 3.78 4.49 -0.29
CA GLU A 111 5.12 4.58 -0.86
C GLU A 111 6.02 5.47 0.01
N PHE A 112 7.17 4.94 0.41
CA PHE A 112 8.14 5.67 1.23
C PHE A 112 9.40 5.97 0.44
N GLU A 113 9.89 7.22 0.56
CA GLU A 113 11.11 7.66 -0.13
C GLU A 113 12.34 6.88 0.38
N LEU A 114 12.35 6.59 1.68
CA LEU A 114 13.42 5.84 2.32
C LEU A 114 12.98 4.42 2.63
N ALA A 115 13.81 3.45 2.27
CA ALA A 115 13.54 2.02 2.52
C ALA A 115 13.61 1.69 4.01
N GLU A 116 14.38 2.52 4.75
CA GLU A 116 14.58 2.37 6.20
C GLU A 116 13.28 2.62 6.97
N ASP A 117 12.57 3.70 6.60
CA ASP A 117 11.30 4.08 7.23
C ASP A 117 10.19 3.08 6.90
N ALA A 118 10.26 2.49 5.69
CA ALA A 118 9.29 1.49 5.22
C ALA A 118 9.27 0.26 6.13
N ALA A 119 10.46 -0.26 6.44
CA ALA A 119 10.61 -1.42 7.33
C ALA A 119 10.22 -1.04 8.76
N ALA A 120 10.43 0.26 9.08
CA ALA A 120 10.10 0.81 10.39
C ALA A 120 8.59 0.94 10.58
N ALA A 121 7.88 1.30 9.49
CA ALA A 121 6.43 1.45 9.50
C ALA A 121 5.71 0.12 9.75
N ILE A 122 6.25 -0.96 9.15
CA ILE A 122 5.68 -2.32 9.30
C ILE A 122 5.88 -2.87 10.73
N ASP A 123 7.06 -2.61 11.33
CA ASP A 123 7.37 -3.09 12.68
C ASP A 123 6.68 -2.28 13.79
N ASN A 124 6.35 -1.00 13.50
CA ASN A 124 5.73 -0.11 14.48
C ASN A 124 4.20 -0.29 14.59
N MET A 125 3.47 -0.28 13.46
CA MET A 125 2.02 -0.40 13.49
C MET A 125 1.49 -1.43 12.48
N ASN A 126 1.96 -2.68 12.63
CA ASN A 126 1.53 -3.79 11.75
C ASN A 126 0.05 -4.12 11.98
N GLU A 127 -0.37 -4.04 13.26
CA GLU A 127 -1.75 -4.31 13.68
C GLU A 127 -2.16 -3.31 14.76
N SER A 128 -2.50 -2.11 14.31
CA SER A 128 -2.91 -1.02 15.22
C SER A 128 -4.32 -0.52 14.87
N GLU A 129 -4.95 0.17 15.83
CA GLU A 129 -6.29 0.73 15.64
C GLU A 129 -6.21 2.15 15.09
N LEU A 130 -6.77 2.33 13.88
CA LEU A 130 -6.79 3.63 13.21
C LEU A 130 -8.21 3.95 12.75
N PHE A 131 -8.68 5.17 13.08
CA PHE A 131 -10.04 5.66 12.73
C PHE A 131 -11.16 4.80 13.37
N GLY A 132 -10.79 3.98 14.36
CA GLY A 132 -11.75 3.12 15.05
C GLY A 132 -11.76 1.69 14.50
N ARG A 133 -10.86 1.41 13.56
CA ARG A 133 -10.76 0.08 12.95
C ARG A 133 -9.34 -0.47 13.05
N THR A 134 -9.20 -1.80 13.04
CA THR A 134 -7.90 -2.46 13.11
C THR A 134 -7.27 -2.51 11.71
N ILE A 135 -5.98 -2.14 11.62
CA ILE A 135 -5.29 -2.14 10.33
C ILE A 135 -4.11 -3.12 10.31
N ARG A 136 -3.79 -3.58 9.10
CA ARG A 136 -2.69 -4.52 8.86
C ARG A 136 -1.75 -3.94 7.81
N VAL A 137 -0.45 -3.95 8.11
CA VAL A 137 0.55 -3.43 7.16
C VAL A 137 1.63 -4.48 6.90
N ASN A 138 1.99 -4.64 5.63
CA ASN A 138 3.01 -5.60 5.19
C ASN A 138 3.77 -5.06 3.97
N LEU A 139 4.85 -5.76 3.57
CA LEU A 139 5.66 -5.35 2.41
C LEU A 139 4.90 -5.62 1.10
N ALA A 140 4.83 -4.60 0.24
CA ALA A 140 4.14 -4.72 -1.04
C ALA A 140 5.12 -5.00 -2.18
N SER A 1 29.83 -3.82 0.49
CA SER A 1 30.16 -2.51 1.10
C SER A 1 29.11 -1.45 0.73
N MET A 2 28.63 -0.72 1.73
CA MET A 2 27.62 0.32 1.53
C MET A 2 28.26 1.70 1.61
N MET A 3 27.85 2.58 0.68
CA MET A 3 28.36 3.95 0.63
C MET A 3 27.23 4.96 0.77
N GLN A 4 27.58 6.18 1.21
CA GLN A 4 26.61 7.26 1.40
C GLN A 4 26.70 8.28 0.27
N CYS A 5 25.57 8.94 0.00
CA CYS A 5 25.50 9.95 -1.07
C CYS A 5 25.11 11.32 -0.50
N GLY A 6 25.83 12.35 -0.93
CA GLY A 6 25.57 13.71 -0.47
C GLY A 6 24.57 14.47 -1.34
N LYS A 7 24.54 14.15 -2.64
CA LYS A 7 23.63 14.79 -3.59
C LYS A 7 22.34 14.01 -3.75
N CYS A 8 21.21 14.72 -3.73
CA CYS A 8 19.89 14.11 -3.87
C CYS A 8 19.04 14.89 -4.88
N ASP A 9 18.38 14.16 -5.78
CA ASP A 9 17.53 14.76 -6.81
C ASP A 9 16.08 14.87 -6.31
N ARG A 10 15.58 16.12 -6.20
CA ARG A 10 14.22 16.39 -5.72
C ARG A 10 13.13 15.99 -6.73
N TRP A 11 13.38 16.28 -8.02
CA TRP A 11 12.42 15.96 -9.08
C TRP A 11 13.06 15.14 -10.19
N VAL A 12 12.33 14.12 -10.66
CA VAL A 12 12.79 13.24 -11.74
C VAL A 12 11.73 13.19 -12.85
N HIS A 13 12.17 13.38 -14.10
CA HIS A 13 11.28 13.36 -15.27
C HIS A 13 10.64 11.99 -15.52
N SER A 14 11.45 10.92 -15.38
CA SER A 14 10.99 9.54 -15.60
C SER A 14 9.93 9.09 -14.58
N LYS A 15 10.09 9.51 -13.32
CA LYS A 15 9.16 9.16 -12.23
C LYS A 15 7.76 9.78 -12.42
N CYS A 16 7.73 11.00 -12.97
CA CYS A 16 6.48 11.73 -13.21
C CYS A 16 5.71 11.18 -14.42
N GLU A 17 6.44 10.87 -15.50
CA GLU A 17 5.84 10.35 -16.75
C GLU A 17 5.37 8.89 -16.59
N ASN A 18 6.14 8.09 -15.86
CA ASN A 18 5.81 6.67 -15.63
C ASN A 18 5.93 6.31 -14.15
N LEU A 19 5.15 5.32 -13.73
CA LEU A 19 5.16 4.84 -12.34
C LEU A 19 6.12 3.66 -12.18
N SER A 20 6.52 3.38 -10.93
CA SER A 20 7.44 2.28 -10.62
C SER A 20 6.82 0.90 -10.95
N ASP A 21 7.70 -0.11 -11.12
CA ASP A 21 7.29 -1.48 -11.44
C ASP A 21 6.46 -2.14 -10.34
N GLU A 22 6.75 -1.81 -9.08
CA GLU A 22 6.05 -2.38 -7.92
C GLU A 22 4.57 -1.95 -7.85
N MET A 23 4.32 -0.64 -8.03
CA MET A 23 2.95 -0.10 -7.98
C MET A 23 2.13 -0.46 -9.21
N TYR A 24 2.78 -0.45 -10.38
CA TYR A 24 2.12 -0.75 -11.66
C TYR A 24 1.69 -2.23 -11.76
N GLU A 25 2.59 -3.14 -11.39
CA GLU A 25 2.30 -4.59 -11.45
C GLU A 25 1.29 -5.08 -10.41
N ILE A 26 1.42 -4.60 -9.16
CA ILE A 26 0.51 -5.02 -8.06
C ILE A 26 -0.91 -4.46 -8.24
N LEU A 27 -1.03 -3.16 -8.51
CA LEU A 27 -2.33 -2.50 -8.68
C LEU A 27 -3.07 -2.94 -9.95
N SER A 28 -2.33 -3.08 -11.07
CA SER A 28 -2.93 -3.52 -12.34
C SER A 28 -3.25 -5.02 -12.31
N ASN A 29 -2.41 -5.78 -11.61
CA ASN A 29 -2.59 -7.24 -11.48
C ASN A 29 -2.84 -7.59 -10.01
N LEU A 30 -4.12 -7.63 -9.62
CA LEU A 30 -4.48 -7.96 -8.24
C LEU A 30 -5.16 -9.34 -8.14
N PRO A 31 -4.44 -10.36 -7.60
CA PRO A 31 -5.01 -11.72 -7.42
C PRO A 31 -6.10 -11.73 -6.35
N GLU A 32 -7.25 -12.32 -6.71
CA GLU A 32 -8.46 -12.38 -5.84
C GLU A 32 -8.16 -12.76 -4.38
N SER A 33 -7.17 -13.60 -4.16
CA SER A 33 -6.80 -14.03 -2.80
C SER A 33 -5.70 -13.16 -2.19
N VAL A 34 -4.70 -12.79 -3.02
CA VAL A 34 -3.54 -12.00 -2.55
C VAL A 34 -3.95 -10.56 -2.18
N ALA A 35 -4.98 -10.05 -2.85
CA ALA A 35 -5.48 -8.69 -2.60
C ALA A 35 -6.03 -8.53 -1.17
N TYR A 36 -6.58 -9.62 -0.61
CA TYR A 36 -7.15 -9.59 0.74
C TYR A 36 -6.98 -10.95 1.43
N THR A 37 -6.36 -10.93 2.63
CA THR A 37 -6.09 -12.14 3.44
C THR A 37 -5.33 -13.22 2.66
N CYS A 38 -4.01 -13.29 2.90
CA CYS A 38 -3.15 -14.26 2.23
C CYS A 38 -2.75 -15.40 3.18
N VAL A 39 -2.28 -15.03 4.38
CA VAL A 39 -1.86 -16.01 5.39
C VAL A 39 -2.61 -15.78 6.70
N ASN A 40 -3.07 -16.88 7.31
CA ASN A 40 -3.80 -16.83 8.58
C ASN A 40 -3.06 -17.58 9.67
N CYS A 41 -3.03 -16.99 10.88
CA CYS A 41 -2.35 -17.60 12.02
C CYS A 41 -3.27 -17.63 13.25
N THR A 42 -3.37 -18.80 13.88
CA THR A 42 -4.20 -18.99 15.07
C THR A 42 -3.54 -18.46 16.35
N GLU A 43 -2.20 -18.45 16.37
CA GLU A 43 -1.44 -17.97 17.52
C GLU A 43 -0.70 -16.67 17.19
N ARG A 44 -0.45 -15.87 18.23
CA ARG A 44 0.25 -14.59 18.08
C ARG A 44 1.52 -14.56 18.91
N HIS A 45 2.53 -13.82 18.42
CA HIS A 45 3.81 -13.71 19.10
C HIS A 45 4.01 -12.30 19.65
N VAL A 46 4.53 -12.22 20.88
CA VAL A 46 4.78 -10.94 21.54
C VAL A 46 6.22 -10.89 22.09
N ASP A 47 6.83 -9.69 22.02
CA ASP A 47 8.19 -9.47 22.49
C ASP A 47 8.20 -9.13 23.99
N GLY A 48 8.90 -9.95 24.77
CA GLY A 48 8.98 -9.73 26.21
C GLY A 48 10.40 -9.46 26.67
N GLY A 49 10.95 -10.38 27.47
CA GLY A 49 12.31 -10.24 27.98
C GLY A 49 13.34 -10.99 27.16
N SER A 50 13.28 -10.83 25.83
CA SER A 50 14.20 -11.49 24.89
C SER A 50 15.65 -11.05 25.10
N GLY A 51 15.84 -9.77 25.42
CA GLY A 51 17.18 -9.22 25.65
C GLY A 51 17.74 -8.50 24.44
N GLY A 52 17.24 -8.86 23.24
CA GLY A 52 17.71 -8.24 22.02
C GLY A 52 17.40 -9.08 20.79
N SER A 53 18.38 -9.22 19.90
CA SER A 53 18.23 -9.99 18.67
C SER A 53 19.18 -11.19 18.65
N GLY A 54 18.75 -12.26 17.97
CA GLY A 54 19.56 -13.47 17.86
C GLY A 54 20.58 -13.41 16.74
N GLY A 55 21.22 -14.56 16.45
CA GLY A 55 22.22 -14.65 15.39
C GLY A 55 21.70 -14.24 14.01
N SER A 56 20.41 -14.51 13.77
CA SER A 56 19.77 -14.17 12.50
C SER A 56 18.68 -13.12 12.71
N GLY A 57 18.45 -12.30 11.68
CA GLY A 57 17.44 -11.25 11.75
C GLY A 57 16.69 -11.06 10.44
N GLY A 58 15.66 -10.22 10.48
CA GLY A 58 14.86 -9.95 9.28
C GLY A 58 14.89 -8.49 8.89
N SER A 59 15.63 -8.17 7.83
CA SER A 59 15.74 -6.81 7.33
C SER A 59 15.32 -6.72 5.86
N ALA A 60 14.67 -5.62 5.50
CA ALA A 60 14.20 -5.40 4.13
C ALA A 60 15.00 -4.29 3.45
N THR A 61 15.32 -4.51 2.16
CA THR A 61 16.08 -3.55 1.37
C THR A 61 15.41 -3.25 0.03
N THR A 62 15.75 -2.08 -0.55
CA THR A 62 15.23 -1.60 -1.87
C THR A 62 13.69 -1.50 -1.95
N LYS A 63 12.98 -1.86 -0.87
CA LYS A 63 11.52 -1.80 -0.84
C LYS A 63 11.03 -0.57 -0.07
N ARG A 64 10.24 0.27 -0.74
CA ARG A 64 9.69 1.49 -0.15
C ARG A 64 8.15 1.53 -0.18
N VAL A 65 7.54 0.48 -0.77
CA VAL A 65 6.07 0.41 -0.87
C VAL A 65 5.52 -0.57 0.18
N LEU A 66 4.51 -0.11 0.94
CA LEU A 66 3.89 -0.92 1.99
C LEU A 66 2.38 -1.05 1.77
N TYR A 67 1.80 -2.10 2.36
CA TYR A 67 0.37 -2.36 2.30
C TYR A 67 -0.29 -1.89 3.59
N VAL A 68 -1.43 -1.22 3.45
CA VAL A 68 -2.19 -0.76 4.62
C VAL A 68 -3.67 -1.08 4.43
N GLY A 69 -4.18 -1.95 5.31
CA GLY A 69 -5.58 -2.36 5.23
C GLY A 69 -6.27 -2.27 6.57
N GLY A 70 -7.58 -2.00 6.52
CA GLY A 70 -8.37 -1.89 7.74
C GLY A 70 -8.77 -0.45 8.04
N LEU A 71 -8.71 0.40 7.00
CA LEU A 71 -9.05 1.82 7.12
C LEU A 71 -10.53 2.03 6.80
N ALA A 72 -11.03 3.22 7.15
CA ALA A 72 -12.43 3.58 6.92
C ALA A 72 -12.60 4.27 5.56
N GLU A 73 -13.83 4.21 5.02
CA GLU A 73 -14.16 4.83 3.72
C GLU A 73 -14.03 6.36 3.79
N GLU A 74 -14.22 6.91 5.00
CA GLU A 74 -14.13 8.35 5.25
C GLU A 74 -12.66 8.82 5.27
N VAL A 75 -11.71 7.87 5.16
CA VAL A 75 -10.27 8.23 5.18
C VAL A 75 -9.81 8.69 3.79
N ASP A 76 -9.00 9.74 3.76
CA ASP A 76 -8.49 10.31 2.50
C ASP A 76 -6.96 10.24 2.48
N ASP A 77 -6.36 10.71 1.35
CA ASP A 77 -4.89 10.72 1.18
C ASP A 77 -4.19 11.54 2.27
N LYS A 78 -4.91 12.57 2.75
CA LYS A 78 -4.40 13.48 3.79
C LYS A 78 -4.28 12.76 5.13
N VAL A 79 -5.30 11.92 5.41
CA VAL A 79 -5.39 11.13 6.63
C VAL A 79 -4.29 10.05 6.68
N LEU A 80 -4.12 9.32 5.56
CA LEU A 80 -3.11 8.25 5.47
C LEU A 80 -1.68 8.80 5.49
N HIS A 81 -1.48 9.94 4.80
CA HIS A 81 -0.17 10.60 4.72
C HIS A 81 0.25 11.19 6.08
N ALA A 82 -0.68 11.92 6.72
CA ALA A 82 -0.44 12.56 8.02
C ALA A 82 -0.33 11.56 9.18
N ALA A 83 -0.86 10.34 8.98
CA ALA A 83 -0.85 9.30 10.02
C ALA A 83 0.47 8.54 10.01
N PHE A 84 1.02 8.39 8.81
CA PHE A 84 2.27 7.68 8.60
C PHE A 84 3.47 8.63 8.40
N ILE A 85 3.20 9.95 8.47
CA ILE A 85 4.25 10.97 8.28
C ILE A 85 5.28 11.05 9.47
N PRO A 86 4.89 10.78 10.77
CA PRO A 86 5.86 10.84 11.90
C PRO A 86 7.06 9.89 11.74
N PHE A 87 6.89 8.84 10.93
CA PHE A 87 7.95 7.84 10.70
C PHE A 87 8.99 8.35 9.68
N GLY A 88 8.54 9.18 8.74
CA GLY A 88 9.45 9.72 7.73
C GLY A 88 8.71 10.41 6.60
N ASP A 89 9.42 10.62 5.48
CA ASP A 89 8.86 11.29 4.30
C ASP A 89 8.08 10.31 3.42
N ILE A 90 6.90 10.76 2.97
CA ILE A 90 6.03 9.94 2.11
C ILE A 90 5.87 10.64 0.75
N THR A 91 5.87 9.84 -0.32
CA THR A 91 5.75 10.37 -1.68
C THR A 91 4.29 10.49 -2.13
N ASP A 92 3.57 9.35 -2.24
CA ASP A 92 2.17 9.35 -2.67
C ASP A 92 1.35 8.24 -2.00
N ILE A 93 0.03 8.47 -1.96
CA ILE A 93 -0.93 7.51 -1.41
C ILE A 93 -1.91 7.10 -2.51
N GLN A 94 -2.09 5.79 -2.71
CA GLN A 94 -3.00 5.28 -3.74
C GLN A 94 -4.18 4.53 -3.13
N ILE A 95 -5.38 4.87 -3.60
CA ILE A 95 -6.62 4.25 -3.13
C ILE A 95 -7.43 3.72 -4.33
N PRO A 96 -7.42 2.37 -4.60
CA PRO A 96 -8.18 1.77 -5.73
C PRO A 96 -9.68 2.03 -5.64
N LEU A 97 -10.22 2.69 -6.67
CA LEU A 97 -11.64 3.02 -6.73
C LEU A 97 -12.26 2.58 -8.06
N ASP A 98 -13.44 1.96 -7.97
CA ASP A 98 -14.16 1.49 -9.16
C ASP A 98 -15.05 2.60 -9.72
N TYR A 99 -15.11 2.71 -11.05
CA TYR A 99 -15.93 3.72 -11.73
C TYR A 99 -17.43 3.54 -11.47
N GLU A 100 -17.84 2.27 -11.36
CA GLU A 100 -19.25 1.90 -11.13
C GLU A 100 -19.73 2.21 -9.70
N THR A 101 -18.95 1.79 -8.69
CA THR A 101 -19.32 1.99 -7.28
C THR A 101 -18.75 3.28 -6.69
N GLU A 102 -17.58 3.73 -7.19
CA GLU A 102 -16.90 4.96 -6.70
C GLU A 102 -16.74 4.92 -5.15
N LYS A 103 -16.59 3.71 -4.60
CA LYS A 103 -16.47 3.50 -3.16
C LYS A 103 -15.10 2.89 -2.79
N HIS A 104 -14.67 3.13 -1.55
CA HIS A 104 -13.41 2.60 -1.04
C HIS A 104 -13.68 1.32 -0.23
N ARG A 105 -12.78 0.35 -0.35
CA ARG A 105 -12.92 -0.94 0.33
C ARG A 105 -12.20 -1.00 1.70
N GLY A 106 -11.51 0.09 2.09
CA GLY A 106 -10.81 0.09 3.37
C GLY A 106 -9.36 -0.37 3.31
N PHE A 107 -8.74 -0.33 2.12
CA PHE A 107 -7.33 -0.71 1.97
C PHE A 107 -6.63 0.14 0.91
N ALA A 108 -5.33 0.39 1.11
CA ALA A 108 -4.51 1.20 0.20
C ALA A 108 -3.02 0.86 0.36
N PHE A 109 -2.18 1.41 -0.52
CA PHE A 109 -0.72 1.22 -0.45
C PHE A 109 -0.04 2.56 -0.21
N VAL A 110 1.10 2.54 0.48
CA VAL A 110 1.84 3.77 0.78
C VAL A 110 3.30 3.67 0.31
N GLU A 111 3.79 4.75 -0.31
CA GLU A 111 5.16 4.81 -0.80
C GLU A 111 6.00 5.77 0.03
N PHE A 112 7.16 5.30 0.47
CA PHE A 112 8.09 6.10 1.26
C PHE A 112 9.33 6.47 0.46
N GLU A 113 9.84 7.70 0.68
CA GLU A 113 11.05 8.17 -0.01
C GLU A 113 12.29 7.38 0.44
N LEU A 114 12.32 7.04 1.74
CA LEU A 114 13.42 6.26 2.32
C LEU A 114 12.98 4.83 2.58
N ALA A 115 13.90 3.89 2.34
CA ALA A 115 13.65 2.46 2.58
C ALA A 115 13.71 2.15 4.08
N GLU A 116 14.45 3.01 4.82
CA GLU A 116 14.63 2.88 6.28
C GLU A 116 13.35 3.22 7.06
N ASP A 117 12.74 4.37 6.72
CA ASP A 117 11.51 4.83 7.39
C ASP A 117 10.31 3.91 7.08
N ALA A 118 10.31 3.32 5.88
CA ALA A 118 9.26 2.40 5.44
C ALA A 118 9.28 1.10 6.26
N ALA A 119 10.50 0.57 6.48
CA ALA A 119 10.71 -0.64 7.27
C ALA A 119 10.31 -0.40 8.73
N ALA A 120 10.44 0.87 9.15
CA ALA A 120 10.07 1.30 10.50
C ALA A 120 8.56 1.27 10.71
N ALA A 121 7.82 1.63 9.64
CA ALA A 121 6.35 1.65 9.65
C ALA A 121 5.76 0.24 9.79
N ILE A 122 6.39 -0.73 9.10
CA ILE A 122 5.95 -2.14 9.15
C ILE A 122 6.24 -2.78 10.52
N ASP A 123 7.34 -2.37 11.15
CA ASP A 123 7.73 -2.89 12.46
C ASP A 123 6.81 -2.41 13.60
N ASN A 124 6.29 -1.19 13.48
CA ASN A 124 5.44 -0.60 14.53
C ASN A 124 3.93 -0.59 14.20
N MET A 125 3.56 -0.38 12.93
CA MET A 125 2.14 -0.29 12.56
C MET A 125 1.59 -1.56 11.87
N ASN A 126 2.33 -2.67 11.95
CA ASN A 126 1.88 -3.95 11.34
C ASN A 126 0.49 -4.38 11.87
N GLU A 127 0.27 -4.11 13.16
CA GLU A 127 -1.00 -4.43 13.83
C GLU A 127 -1.34 -3.33 14.83
N SER A 128 -1.77 -2.19 14.29
CA SER A 128 -2.13 -1.02 15.10
C SER A 128 -3.57 -0.56 14.80
N GLU A 129 -4.14 0.23 15.73
CA GLU A 129 -5.49 0.74 15.57
C GLU A 129 -5.48 2.15 14.94
N LEU A 130 -6.13 2.26 13.79
CA LEU A 130 -6.23 3.52 13.06
C LEU A 130 -7.70 3.82 12.73
N PHE A 131 -8.14 5.05 13.07
CA PHE A 131 -9.54 5.51 12.85
C PHE A 131 -10.57 4.66 13.61
N GLY A 132 -10.08 3.90 14.61
CA GLY A 132 -10.97 3.05 15.41
C GLY A 132 -11.01 1.60 14.94
N ARG A 133 -10.19 1.27 13.94
CA ARG A 133 -10.14 -0.09 13.39
C ARG A 133 -8.70 -0.62 13.38
N THR A 134 -8.56 -1.95 13.40
CA THR A 134 -7.24 -2.60 13.38
C THR A 134 -6.72 -2.65 11.94
N ILE A 135 -5.46 -2.27 11.74
CA ILE A 135 -4.85 -2.26 10.41
C ILE A 135 -3.63 -3.18 10.31
N ARG A 136 -3.35 -3.62 9.08
CA ARG A 136 -2.22 -4.50 8.81
C ARG A 136 -1.32 -3.86 7.76
N VAL A 137 -0.01 -3.85 8.01
CA VAL A 137 0.93 -3.27 7.05
C VAL A 137 2.07 -4.25 6.76
N ASN A 138 2.40 -4.37 5.47
CA ASN A 138 3.47 -5.26 5.00
C ASN A 138 4.14 -4.70 3.74
N LEU A 139 5.23 -5.34 3.31
CA LEU A 139 5.95 -4.91 2.10
C LEU A 139 5.16 -5.25 0.84
N ALA A 140 4.97 -4.26 -0.03
CA ALA A 140 4.22 -4.42 -1.27
C ALA A 140 5.16 -4.73 -2.45
N SER A 1 23.84 18.48 -29.43
CA SER A 1 25.02 18.05 -28.63
C SER A 1 25.19 18.91 -27.38
N MET A 2 25.00 20.23 -27.54
CA MET A 2 25.13 21.16 -26.42
C MET A 2 23.76 21.68 -25.98
N MET A 3 23.56 21.74 -24.66
CA MET A 3 22.29 22.20 -24.09
C MET A 3 22.46 23.53 -23.38
N GLN A 4 21.44 24.40 -23.50
CA GLN A 4 21.45 25.74 -22.88
C GLN A 4 21.41 25.67 -21.35
N CYS A 5 20.72 24.67 -20.81
CA CYS A 5 20.59 24.48 -19.36
C CYS A 5 21.40 23.29 -18.89
N GLY A 6 22.18 23.49 -17.83
CA GLY A 6 23.02 22.43 -17.27
C GLY A 6 22.40 21.79 -16.04
N LYS A 7 21.82 22.62 -15.15
CA LYS A 7 21.20 22.15 -13.92
C LYS A 7 19.71 21.88 -14.11
N CYS A 8 19.17 20.94 -13.34
CA CYS A 8 17.76 20.57 -13.42
C CYS A 8 16.97 21.20 -12.27
N ASP A 9 15.74 21.64 -12.57
CA ASP A 9 14.86 22.28 -11.58
C ASP A 9 13.97 21.25 -10.85
N ARG A 10 14.24 19.96 -11.10
CA ARG A 10 13.47 18.87 -10.47
C ARG A 10 14.39 18.00 -9.62
N TRP A 11 13.87 17.56 -8.47
CA TRP A 11 14.64 16.71 -7.54
C TRP A 11 13.83 15.48 -7.09
N VAL A 12 12.58 15.38 -7.55
CA VAL A 12 11.71 14.25 -7.18
C VAL A 12 11.15 13.55 -8.45
N HIS A 13 11.07 12.22 -8.38
CA HIS A 13 10.57 11.38 -9.48
C HIS A 13 9.07 11.62 -9.78
N SER A 14 8.31 12.03 -8.76
CA SER A 14 6.86 12.28 -8.88
C SER A 14 6.53 13.33 -9.94
N LYS A 15 7.38 14.37 -10.06
CA LYS A 15 7.18 15.46 -11.03
C LYS A 15 7.34 14.98 -12.48
N CYS A 16 8.27 14.05 -12.71
CA CYS A 16 8.54 13.50 -14.04
C CYS A 16 7.63 12.31 -14.36
N GLU A 17 7.46 11.41 -13.40
CA GLU A 17 6.62 10.21 -13.57
C GLU A 17 5.41 10.27 -12.64
N ASN A 18 4.26 9.81 -13.13
CA ASN A 18 3.01 9.78 -12.35
C ASN A 18 2.96 8.61 -11.37
N LEU A 19 3.36 7.42 -11.84
CA LEU A 19 3.35 6.21 -11.01
C LEU A 19 4.67 5.44 -11.16
N SER A 20 5.06 4.73 -10.09
CA SER A 20 6.29 3.94 -10.08
C SER A 20 6.09 2.58 -10.77
N ASP A 21 7.20 1.95 -11.18
CA ASP A 21 7.18 0.65 -11.87
C ASP A 21 6.57 -0.47 -11.01
N GLU A 22 6.89 -0.45 -9.69
CA GLU A 22 6.39 -1.46 -8.74
C GLU A 22 4.89 -1.32 -8.49
N MET A 23 4.42 -0.06 -8.37
CA MET A 23 3.00 0.24 -8.13
C MET A 23 2.11 -0.12 -9.32
N TYR A 24 2.62 0.14 -10.54
CA TYR A 24 1.88 -0.14 -11.78
C TYR A 24 1.66 -1.66 -11.98
N GLU A 25 2.70 -2.46 -11.70
CA GLU A 25 2.64 -3.92 -11.84
C GLU A 25 1.74 -4.60 -10.80
N ILE A 26 1.92 -4.23 -9.51
CA ILE A 26 1.14 -4.81 -8.39
C ILE A 26 -0.35 -4.42 -8.45
N LEU A 27 -0.62 -3.13 -8.70
CA LEU A 27 -1.99 -2.62 -8.78
C LEU A 27 -2.76 -3.12 -10.02
N SER A 28 -2.05 -3.32 -11.13
CA SER A 28 -2.66 -3.81 -12.39
C SER A 28 -3.09 -5.28 -12.27
N ASN A 29 -2.31 -6.08 -11.54
CA ASN A 29 -2.61 -7.50 -11.34
C ASN A 29 -2.52 -7.89 -9.85
N LEU A 30 -3.68 -7.98 -9.20
CA LEU A 30 -3.75 -8.35 -7.79
C LEU A 30 -4.44 -9.70 -7.60
N PRO A 31 -3.80 -10.70 -6.90
CA PRO A 31 -4.41 -12.02 -6.66
C PRO A 31 -5.59 -11.92 -5.68
N GLU A 32 -6.74 -12.49 -6.09
CA GLU A 32 -8.01 -12.44 -5.33
C GLU A 32 -7.85 -12.76 -3.83
N SER A 33 -6.92 -13.66 -3.50
CA SER A 33 -6.68 -14.04 -2.10
C SER A 33 -5.64 -13.15 -1.43
N VAL A 34 -4.56 -12.81 -2.17
CA VAL A 34 -3.45 -12.01 -1.62
C VAL A 34 -3.90 -10.56 -1.36
N ALA A 35 -4.82 -10.06 -2.19
CA ALA A 35 -5.35 -8.71 -2.06
C ALA A 35 -6.16 -8.51 -0.77
N TYR A 36 -6.78 -9.60 -0.27
CA TYR A 36 -7.60 -9.55 0.95
C TYR A 36 -7.71 -10.91 1.61
N THR A 37 -7.44 -10.95 2.92
CA THR A 37 -7.52 -12.19 3.71
C THR A 37 -8.37 -11.98 4.95
N CYS A 38 -8.90 -13.08 5.50
CA CYS A 38 -9.74 -13.04 6.69
C CYS A 38 -8.92 -13.24 7.97
N VAL A 39 -8.09 -14.30 7.99
CA VAL A 39 -7.24 -14.60 9.14
C VAL A 39 -5.80 -14.80 8.68
N ASN A 40 -4.86 -14.16 9.38
CA ASN A 40 -3.43 -14.27 9.04
C ASN A 40 -2.65 -14.94 10.18
N CYS A 41 -2.82 -14.45 11.41
CA CYS A 41 -2.15 -15.01 12.58
C CYS A 41 -3.11 -15.15 13.75
N THR A 42 -3.13 -16.34 14.35
CA THR A 42 -4.00 -16.64 15.50
C THR A 42 -3.36 -16.23 16.83
N GLU A 43 -2.02 -16.18 16.86
CA GLU A 43 -1.27 -15.81 18.05
C GLU A 43 -0.61 -14.43 17.87
N ARG A 44 -0.39 -13.74 18.99
CA ARG A 44 0.22 -12.40 18.97
C ARG A 44 1.62 -12.45 19.58
N HIS A 45 2.54 -11.68 19.01
CA HIS A 45 3.93 -11.61 19.48
C HIS A 45 4.13 -10.49 20.51
N VAL A 46 3.20 -9.51 20.51
CA VAL A 46 3.26 -8.37 21.45
C VAL A 46 2.90 -8.80 22.88
N ASP A 47 1.85 -9.64 23.00
CA ASP A 47 1.39 -10.14 24.30
C ASP A 47 2.19 -11.36 24.75
N GLY A 48 2.65 -11.33 26.00
CA GLY A 48 3.43 -12.44 26.55
C GLY A 48 4.94 -12.20 26.45
N GLY A 49 5.35 -11.48 25.40
CA GLY A 49 6.77 -11.18 25.19
C GLY A 49 7.19 -9.87 25.82
N SER A 50 8.38 -9.39 25.44
CA SER A 50 8.92 -8.14 25.95
C SER A 50 8.88 -7.05 24.88
N GLY A 51 8.77 -5.79 25.34
CA GLY A 51 8.72 -4.65 24.44
C GLY A 51 10.09 -4.09 24.09
N GLY A 52 10.09 -2.95 23.41
CA GLY A 52 11.34 -2.30 23.01
C GLY A 52 11.74 -2.62 21.58
N SER A 53 12.79 -1.93 21.10
CA SER A 53 13.31 -2.12 19.74
C SER A 53 13.90 -3.52 19.51
N GLY A 54 14.49 -4.08 20.57
CA GLY A 54 15.09 -5.41 20.48
C GLY A 54 16.58 -5.36 20.24
N GLY A 55 17.22 -6.54 20.25
CA GLY A 55 18.66 -6.64 20.03
C GLY A 55 19.04 -6.72 18.56
N SER A 56 18.40 -7.64 17.82
CA SER A 56 18.67 -7.82 16.40
C SER A 56 17.42 -7.62 15.55
N GLY A 57 17.62 -7.14 14.32
CA GLY A 57 16.52 -6.91 13.40
C GLY A 57 16.97 -6.80 11.96
N GLY A 58 16.02 -6.62 11.05
CA GLY A 58 16.34 -6.51 9.64
C GLY A 58 15.43 -5.54 8.90
N SER A 59 15.92 -5.01 7.78
CA SER A 59 15.17 -4.06 6.96
C SER A 59 15.25 -4.44 5.47
N ALA A 60 14.22 -4.04 4.70
CA ALA A 60 14.16 -4.32 3.27
C ALA A 60 14.55 -3.10 2.45
N THR A 61 15.45 -3.29 1.49
CA THR A 61 15.91 -2.21 0.61
C THR A 61 15.38 -2.36 -0.81
N THR A 62 14.82 -3.53 -1.13
CA THR A 62 14.27 -3.82 -2.46
C THR A 62 12.83 -3.32 -2.62
N LYS A 63 12.07 -3.29 -1.50
CA LYS A 63 10.68 -2.85 -1.53
C LYS A 63 10.47 -1.61 -0.65
N ARG A 64 9.90 -0.56 -1.26
CA ARG A 64 9.62 0.69 -0.55
C ARG A 64 8.11 0.96 -0.46
N VAL A 65 7.31 0.01 -0.98
CA VAL A 65 5.84 0.12 -0.97
C VAL A 65 5.26 -0.81 0.08
N LEU A 66 4.29 -0.32 0.86
CA LEU A 66 3.67 -1.11 1.93
C LEU A 66 2.16 -1.21 1.75
N TYR A 67 1.59 -2.27 2.32
CA TYR A 67 0.15 -2.52 2.28
C TYR A 67 -0.48 -2.00 3.57
N VAL A 68 -1.61 -1.30 3.44
CA VAL A 68 -2.32 -0.79 4.61
C VAL A 68 -3.81 -1.07 4.46
N GLY A 69 -4.33 -1.89 5.38
CA GLY A 69 -5.74 -2.26 5.34
C GLY A 69 -6.41 -2.14 6.69
N GLY A 70 -7.72 -1.93 6.66
CA GLY A 70 -8.51 -1.80 7.88
C GLY A 70 -8.88 -0.36 8.18
N LEU A 71 -8.96 0.46 7.11
CA LEU A 71 -9.32 1.86 7.23
C LEU A 71 -10.82 2.06 7.06
N ALA A 72 -11.30 3.20 7.56
CA ALA A 72 -12.71 3.57 7.48
C ALA A 72 -13.05 4.20 6.12
N GLU A 73 -14.31 4.09 5.71
CA GLU A 73 -14.79 4.65 4.43
C GLU A 73 -14.59 6.18 4.38
N GLU A 74 -14.67 6.82 5.56
CA GLU A 74 -14.52 8.28 5.69
C GLU A 74 -13.07 8.74 5.51
N VAL A 75 -12.09 7.80 5.63
CA VAL A 75 -10.67 8.14 5.49
C VAL A 75 -10.31 8.52 4.04
N ASP A 76 -9.47 9.54 3.90
CA ASP A 76 -9.04 10.03 2.59
C ASP A 76 -7.52 9.87 2.45
N ASP A 77 -6.97 10.26 1.28
CA ASP A 77 -5.52 10.17 1.01
C ASP A 77 -4.72 11.05 1.98
N LYS A 78 -5.36 12.14 2.45
CA LYS A 78 -4.77 13.10 3.38
C LYS A 78 -4.58 12.47 4.76
N VAL A 79 -5.61 11.68 5.16
CA VAL A 79 -5.65 10.97 6.43
C VAL A 79 -4.54 9.90 6.50
N LEU A 80 -4.42 9.11 5.42
CA LEU A 80 -3.41 8.04 5.33
C LEU A 80 -1.98 8.59 5.33
N HIS A 81 -1.77 9.72 4.62
CA HIS A 81 -0.45 10.37 4.52
C HIS A 81 0.00 10.98 5.86
N ALA A 82 -0.91 11.73 6.49
CA ALA A 82 -0.66 12.40 7.78
C ALA A 82 -0.55 11.42 8.96
N ALA A 83 -1.10 10.20 8.78
CA ALA A 83 -1.09 9.17 9.82
C ALA A 83 0.21 8.38 9.80
N PHE A 84 0.75 8.22 8.60
CA PHE A 84 1.98 7.49 8.37
C PHE A 84 3.19 8.42 8.17
N ILE A 85 2.95 9.74 8.25
CA ILE A 85 4.01 10.75 8.08
C ILE A 85 5.03 10.80 9.27
N PRO A 86 4.62 10.50 10.57
CA PRO A 86 5.57 10.53 11.71
C PRO A 86 6.75 9.57 11.56
N PHE A 87 6.57 8.51 10.76
CA PHE A 87 7.62 7.50 10.54
C PHE A 87 8.69 7.99 9.54
N GLY A 88 8.26 8.82 8.58
CA GLY A 88 9.17 9.35 7.58
C GLY A 88 8.46 10.07 6.45
N ASP A 89 9.19 10.27 5.33
CA ASP A 89 8.66 10.95 4.15
C ASP A 89 7.87 10.00 3.24
N ILE A 90 6.70 10.47 2.80
CA ILE A 90 5.82 9.70 1.92
C ILE A 90 5.69 10.42 0.57
N THR A 91 5.69 9.64 -0.52
CA THR A 91 5.57 10.20 -1.86
C THR A 91 4.11 10.36 -2.28
N ASP A 92 3.37 9.24 -2.34
CA ASP A 92 1.95 9.25 -2.74
C ASP A 92 1.17 8.09 -2.12
N ILE A 93 -0.16 8.25 -2.07
CA ILE A 93 -1.08 7.23 -1.54
C ILE A 93 -1.98 6.75 -2.68
N GLN A 94 -1.98 5.43 -2.92
CA GLN A 94 -2.78 4.85 -3.98
C GLN A 94 -3.84 3.88 -3.44
N ILE A 95 -5.09 4.11 -3.84
CA ILE A 95 -6.22 3.27 -3.43
C ILE A 95 -7.00 2.80 -4.68
N PRO A 96 -7.14 1.45 -4.91
CA PRO A 96 -7.88 0.94 -6.07
C PRO A 96 -9.38 1.27 -6.00
N LEU A 97 -9.76 2.36 -6.68
CA LEU A 97 -11.14 2.85 -6.70
C LEU A 97 -11.80 2.58 -8.06
N ASP A 98 -13.05 2.10 -8.02
CA ASP A 98 -13.82 1.81 -9.23
C ASP A 98 -14.57 3.06 -9.69
N TYR A 99 -14.63 3.27 -11.02
CA TYR A 99 -15.30 4.43 -11.61
C TYR A 99 -16.82 4.41 -11.36
N GLU A 100 -17.39 3.20 -11.32
CA GLU A 100 -18.83 2.99 -11.13
C GLU A 100 -19.29 3.31 -9.69
N THR A 101 -18.59 2.78 -8.69
CA THR A 101 -18.94 2.98 -7.28
C THR A 101 -18.17 4.11 -6.62
N GLU A 102 -16.95 4.39 -7.11
CA GLU A 102 -16.07 5.46 -6.56
C GLU A 102 -15.85 5.29 -5.05
N LYS A 103 -16.00 4.04 -4.57
CA LYS A 103 -15.84 3.72 -3.15
C LYS A 103 -14.67 2.74 -2.96
N HIS A 104 -14.04 2.79 -1.79
CA HIS A 104 -12.91 1.91 -1.48
C HIS A 104 -13.36 0.77 -0.56
N ARG A 105 -12.59 -0.33 -0.57
CA ARG A 105 -12.88 -1.51 0.25
C ARG A 105 -12.24 -1.42 1.64
N GLY A 106 -11.55 -0.31 1.92
CA GLY A 106 -10.91 -0.12 3.21
C GLY A 106 -9.44 -0.51 3.25
N PHE A 107 -8.77 -0.47 2.08
CA PHE A 107 -7.34 -0.77 2.01
C PHE A 107 -6.66 0.05 0.90
N ALA A 108 -5.38 0.34 1.11
CA ALA A 108 -4.57 1.12 0.16
C ALA A 108 -3.09 0.75 0.29
N PHE A 109 -2.27 1.25 -0.64
CA PHE A 109 -0.82 1.02 -0.61
C PHE A 109 -0.12 2.35 -0.40
N VAL A 110 0.94 2.34 0.41
CA VAL A 110 1.69 3.57 0.71
C VAL A 110 3.13 3.48 0.20
N GLU A 111 3.58 4.56 -0.46
CA GLU A 111 4.92 4.63 -1.00
C GLU A 111 5.80 5.56 -0.18
N PHE A 112 6.95 5.05 0.25
CA PHE A 112 7.92 5.81 1.05
C PHE A 112 9.17 6.10 0.25
N GLU A 113 9.70 7.33 0.39
CA GLU A 113 10.92 7.76 -0.31
C GLU A 113 12.13 6.93 0.16
N LEU A 114 12.16 6.63 1.46
CA LEU A 114 13.24 5.84 2.06
C LEU A 114 12.78 4.42 2.33
N ALA A 115 13.63 3.44 2.00
CA ALA A 115 13.35 2.04 2.27
C ALA A 115 13.52 1.76 3.77
N GLU A 116 14.25 2.69 4.43
CA GLU A 116 14.54 2.65 5.86
C GLU A 116 13.27 2.97 6.70
N ASP A 117 12.60 4.08 6.35
CA ASP A 117 11.38 4.51 7.06
C ASP A 117 10.19 3.57 6.78
N ALA A 118 10.17 2.99 5.56
CA ALA A 118 9.12 2.05 5.14
C ALA A 118 9.16 0.78 5.99
N ALA A 119 10.38 0.26 6.21
CA ALA A 119 10.60 -0.93 7.05
C ALA A 119 10.25 -0.62 8.50
N ALA A 120 10.43 0.67 8.86
CA ALA A 120 10.11 1.18 10.20
C ALA A 120 8.60 1.19 10.45
N ALA A 121 7.83 1.49 9.38
CA ALA A 121 6.37 1.55 9.44
C ALA A 121 5.75 0.17 9.67
N ILE A 122 6.32 -0.86 9.01
CA ILE A 122 5.83 -2.25 9.14
C ILE A 122 6.16 -2.84 10.53
N ASP A 123 7.32 -2.45 11.09
CA ASP A 123 7.76 -2.95 12.39
C ASP A 123 7.13 -2.18 13.57
N ASN A 124 6.58 -0.99 13.31
CA ASN A 124 5.98 -0.17 14.35
C ASN A 124 4.45 -0.28 14.45
N MET A 125 3.75 -0.24 13.29
CA MET A 125 2.28 -0.30 13.29
C MET A 125 1.73 -1.35 12.32
N ASN A 126 2.26 -2.58 12.42
CA ASN A 126 1.80 -3.70 11.57
C ASN A 126 0.33 -4.04 11.86
N GLU A 127 -0.04 -3.95 13.14
CA GLU A 127 -1.40 -4.22 13.60
C GLU A 127 -1.75 -3.25 14.75
N SER A 128 -2.05 -2.01 14.37
CA SER A 128 -2.39 -0.95 15.34
C SER A 128 -3.80 -0.42 15.09
N GLU A 129 -4.36 0.27 16.10
CA GLU A 129 -5.69 0.85 16.00
C GLU A 129 -5.62 2.28 15.44
N LEU A 130 -6.27 2.47 14.28
CA LEU A 130 -6.32 3.76 13.60
C LEU A 130 -7.75 4.08 13.19
N PHE A 131 -8.22 5.31 13.50
CA PHE A 131 -9.60 5.78 13.17
C PHE A 131 -10.69 4.96 13.90
N GLY A 132 -10.27 4.17 14.89
CA GLY A 132 -11.21 3.34 15.65
C GLY A 132 -11.26 1.89 15.16
N ARG A 133 -10.42 1.58 14.16
CA ARG A 133 -10.36 0.23 13.59
C ARG A 133 -8.93 -0.29 13.58
N THR A 134 -8.78 -1.63 13.56
CA THR A 134 -7.46 -2.27 13.53
C THR A 134 -6.93 -2.29 12.09
N ILE A 135 -5.66 -1.91 11.91
CA ILE A 135 -5.05 -1.87 10.58
C ILE A 135 -3.90 -2.87 10.44
N ARG A 136 -3.64 -3.28 9.20
CA ARG A 136 -2.60 -4.25 8.88
C ARG A 136 -1.65 -3.65 7.84
N VAL A 137 -0.34 -3.76 8.09
CA VAL A 137 0.66 -3.25 7.14
C VAL A 137 1.73 -4.31 6.88
N ASN A 138 2.06 -4.50 5.59
CA ASN A 138 3.07 -5.47 5.14
C ASN A 138 3.78 -4.96 3.89
N LEU A 139 4.84 -5.66 3.47
CA LEU A 139 5.60 -5.28 2.27
C LEU A 139 4.81 -5.55 1.00
N ALA A 140 4.72 -4.54 0.12
CA ALA A 140 3.98 -4.65 -1.13
C ALA A 140 4.92 -4.89 -2.31
N SER A 1 25.13 0.34 -45.15
CA SER A 1 25.81 0.06 -43.86
C SER A 1 24.81 -0.45 -42.83
N MET A 2 25.19 -1.55 -42.16
CA MET A 2 24.35 -2.17 -41.13
C MET A 2 24.83 -1.78 -39.74
N MET A 3 23.88 -1.46 -38.86
CA MET A 3 24.18 -1.07 -37.47
C MET A 3 23.92 -2.23 -36.51
N GLN A 4 24.76 -2.33 -35.47
CA GLN A 4 24.66 -3.38 -34.45
C GLN A 4 23.37 -3.28 -33.62
N CYS A 5 22.95 -2.04 -33.35
CA CYS A 5 21.73 -1.78 -32.57
C CYS A 5 20.79 -0.83 -33.30
N GLY A 6 19.50 -1.18 -33.29
CA GLY A 6 18.49 -0.36 -33.94
C GLY A 6 17.13 -0.49 -33.29
N LYS A 7 16.49 0.65 -33.02
CA LYS A 7 15.17 0.67 -32.38
C LYS A 7 14.06 0.85 -33.42
N CYS A 8 12.96 0.12 -33.22
CA CYS A 8 11.80 0.18 -34.13
C CYS A 8 10.85 1.31 -33.75
N ASP A 9 10.69 1.55 -32.44
CA ASP A 9 9.81 2.61 -31.93
C ASP A 9 10.49 3.97 -31.97
N ARG A 10 9.73 4.99 -32.41
CA ARG A 10 10.25 6.36 -32.50
C ARG A 10 9.84 7.21 -31.28
N TRP A 11 9.12 6.59 -30.34
CA TRP A 11 8.65 7.28 -29.14
C TRP A 11 9.54 6.94 -27.94
N VAL A 12 9.82 7.95 -27.11
CA VAL A 12 10.65 7.79 -25.91
C VAL A 12 10.10 8.57 -24.72
N HIS A 13 9.43 9.70 -25.01
CA HIS A 13 8.83 10.57 -23.98
C HIS A 13 7.72 9.87 -23.19
N SER A 14 7.01 8.95 -23.86
CA SER A 14 5.91 8.18 -23.25
C SER A 14 6.37 7.34 -22.04
N LYS A 15 7.59 6.80 -22.14
CA LYS A 15 8.19 5.97 -21.07
C LYS A 15 8.32 6.76 -19.74
N CYS A 16 8.68 8.04 -19.85
CA CYS A 16 8.85 8.93 -18.68
C CYS A 16 7.50 9.30 -18.05
N GLU A 17 6.47 9.46 -18.89
CA GLU A 17 5.12 9.82 -18.44
C GLU A 17 4.46 8.71 -17.60
N ASN A 18 4.86 7.46 -17.84
CA ASN A 18 4.32 6.30 -17.13
C ASN A 18 4.90 6.17 -15.71
N LEU A 19 4.19 5.43 -14.86
CA LEU A 19 4.60 5.21 -13.45
C LEU A 19 5.66 4.10 -13.36
N SER A 20 6.33 4.01 -12.20
CA SER A 20 7.37 3.00 -11.95
C SER A 20 6.81 1.57 -12.00
N ASP A 21 7.72 0.60 -12.21
CA ASP A 21 7.36 -0.83 -12.31
C ASP A 21 6.79 -1.40 -11.01
N GLU A 22 7.23 -0.87 -9.85
CA GLU A 22 6.78 -1.35 -8.54
C GLU A 22 5.28 -1.11 -8.30
N MET A 23 4.81 0.12 -8.55
CA MET A 23 3.39 0.47 -8.33
C MET A 23 2.47 -0.14 -9.40
N TYR A 24 2.94 -0.15 -10.65
CA TYR A 24 2.18 -0.68 -11.79
C TYR A 24 2.00 -2.21 -11.72
N GLU A 25 3.09 -2.94 -11.42
CA GLU A 25 3.06 -4.41 -11.36
C GLU A 25 2.28 -4.96 -10.16
N ILE A 26 2.43 -4.34 -8.98
CA ILE A 26 1.74 -4.80 -7.75
C ILE A 26 0.22 -4.53 -7.81
N LEU A 27 -0.16 -3.30 -8.21
CA LEU A 27 -1.58 -2.91 -8.29
C LEU A 27 -2.32 -3.62 -9.44
N SER A 28 -1.67 -3.74 -10.61
CA SER A 28 -2.27 -4.41 -11.77
C SER A 28 -2.30 -5.92 -11.61
N ASN A 29 -1.26 -6.47 -10.96
CA ASN A 29 -1.15 -7.91 -10.73
C ASN A 29 -1.30 -8.22 -9.24
N LEU A 30 -2.57 -8.33 -8.80
CA LEU A 30 -2.88 -8.63 -7.40
C LEU A 30 -2.99 -10.15 -7.17
N PRO A 31 -2.37 -10.72 -6.10
CA PRO A 31 -2.44 -12.18 -5.81
C PRO A 31 -3.79 -12.61 -5.19
N GLU A 32 -4.87 -11.88 -5.57
CA GLU A 32 -6.26 -12.14 -5.13
C GLU A 32 -6.42 -12.29 -3.60
N SER A 33 -6.10 -13.47 -3.06
CA SER A 33 -6.22 -13.76 -1.62
C SER A 33 -5.32 -12.87 -0.76
N VAL A 34 -4.08 -12.63 -1.22
CA VAL A 34 -3.11 -11.80 -0.46
C VAL A 34 -3.65 -10.36 -0.27
N ALA A 35 -4.38 -9.87 -1.27
CA ALA A 35 -4.96 -8.51 -1.24
C ALA A 35 -6.10 -8.37 -0.22
N TYR A 36 -6.86 -9.47 -0.01
CA TYR A 36 -8.00 -9.46 0.93
C TYR A 36 -8.25 -10.85 1.52
N THR A 37 -8.66 -10.87 2.80
CA THR A 37 -8.95 -12.13 3.52
C THR A 37 -10.40 -12.59 3.32
N CYS A 38 -11.16 -11.84 2.52
CA CYS A 38 -12.58 -12.15 2.25
C CYS A 38 -12.75 -13.46 1.49
N VAL A 39 -11.72 -13.84 0.71
CA VAL A 39 -11.74 -15.08 -0.07
C VAL A 39 -10.53 -15.96 0.28
N ASN A 40 -10.72 -17.28 0.14
CA ASN A 40 -9.67 -18.24 0.44
C ASN A 40 -8.94 -18.67 -0.85
N CYS A 41 -7.72 -19.22 -0.68
CA CYS A 41 -6.92 -19.68 -1.81
C CYS A 41 -7.13 -21.17 -2.06
N THR A 42 -7.44 -21.51 -3.32
CA THR A 42 -7.69 -22.90 -3.73
C THR A 42 -6.40 -23.71 -3.90
N GLU A 43 -5.29 -23.01 -4.20
CA GLU A 43 -3.99 -23.66 -4.38
C GLU A 43 -3.10 -23.44 -3.16
N ARG A 44 -2.51 -24.54 -2.65
CA ARG A 44 -1.62 -24.50 -1.47
C ARG A 44 -0.22 -23.99 -1.83
N HIS A 45 0.26 -24.36 -3.03
CA HIS A 45 1.59 -23.95 -3.49
C HIS A 45 1.49 -23.14 -4.78
N VAL A 46 2.35 -22.13 -4.91
CA VAL A 46 2.39 -21.27 -6.09
C VAL A 46 3.83 -21.13 -6.62
N ASP A 47 3.94 -20.79 -7.91
CA ASP A 47 5.25 -20.62 -8.57
C ASP A 47 5.75 -19.19 -8.46
N GLY A 48 7.00 -19.05 -8.01
CA GLY A 48 7.61 -17.74 -7.84
C GLY A 48 9.02 -17.82 -7.29
N GLY A 49 9.29 -17.06 -6.23
CA GLY A 49 10.62 -17.05 -5.61
C GLY A 49 10.76 -18.11 -4.52
N SER A 50 11.94 -18.15 -3.91
CA SER A 50 12.24 -19.12 -2.85
C SER A 50 12.76 -18.42 -1.59
N GLY A 51 12.49 -19.04 -0.43
CA GLY A 51 12.92 -18.49 0.84
C GLY A 51 14.07 -19.27 1.46
N GLY A 52 14.60 -18.75 2.57
CA GLY A 52 15.69 -19.40 3.27
C GLY A 52 15.23 -20.35 4.36
N SER A 53 16.19 -21.07 4.97
CA SER A 53 15.90 -22.03 6.05
C SER A 53 15.41 -21.35 7.33
N GLY A 54 15.98 -20.18 7.63
CA GLY A 54 15.60 -19.42 8.82
C GLY A 54 14.50 -18.41 8.55
N GLY A 55 14.13 -17.66 9.60
CA GLY A 55 13.09 -16.65 9.49
C GLY A 55 13.62 -15.30 9.03
N SER A 56 14.76 -14.89 9.59
CA SER A 56 15.39 -13.61 9.24
C SER A 56 16.77 -13.83 8.65
N GLY A 57 17.14 -12.98 7.69
CA GLY A 57 18.44 -13.08 7.04
C GLY A 57 18.33 -13.10 5.53
N GLY A 58 17.69 -12.07 4.97
CA GLY A 58 17.52 -11.96 3.52
C GLY A 58 16.20 -12.52 3.03
N SER A 59 15.29 -12.86 3.96
CA SER A 59 13.96 -13.41 3.63
C SER A 59 13.10 -12.41 2.86
N ALA A 60 13.20 -11.13 3.22
CA ALA A 60 12.45 -10.06 2.56
C ALA A 60 13.38 -9.07 1.87
N THR A 61 12.90 -8.49 0.76
CA THR A 61 13.67 -7.52 0.00
C THR A 61 13.27 -6.09 0.40
N THR A 62 14.19 -5.14 0.18
CA THR A 62 13.95 -3.73 0.52
C THR A 62 13.01 -3.07 -0.48
N LYS A 63 11.81 -2.72 0.02
CA LYS A 63 10.78 -2.08 -0.81
C LYS A 63 10.22 -0.84 -0.11
N ARG A 64 9.93 0.19 -0.92
CA ARG A 64 9.37 1.45 -0.39
C ARG A 64 7.83 1.45 -0.45
N VAL A 65 7.24 0.34 -0.94
CA VAL A 65 5.78 0.21 -1.05
C VAL A 65 5.27 -0.78 0.01
N LEU A 66 4.31 -0.34 0.82
CA LEU A 66 3.73 -1.17 1.89
C LEU A 66 2.21 -1.31 1.72
N TYR A 67 1.67 -2.40 2.29
CA TYR A 67 0.23 -2.66 2.25
C TYR A 67 -0.42 -2.15 3.53
N VAL A 68 -1.54 -1.44 3.37
CA VAL A 68 -2.28 -0.93 4.53
C VAL A 68 -3.77 -1.19 4.35
N GLY A 69 -4.33 -2.03 5.23
CA GLY A 69 -5.74 -2.39 5.15
C GLY A 69 -6.43 -2.34 6.49
N GLY A 70 -7.73 -2.09 6.46
CA GLY A 70 -8.53 -2.01 7.68
C GLY A 70 -8.82 -0.58 8.06
N LEU A 71 -8.97 0.29 7.06
CA LEU A 71 -9.25 1.70 7.26
C LEU A 71 -10.76 1.97 7.21
N ALA A 72 -11.15 3.15 7.70
CA ALA A 72 -12.55 3.58 7.74
C ALA A 72 -12.98 4.13 6.37
N GLU A 73 -14.28 4.02 6.08
CA GLU A 73 -14.86 4.49 4.81
C GLU A 73 -14.68 6.02 4.63
N GLU A 74 -14.57 6.74 5.75
CA GLU A 74 -14.41 8.20 5.74
C GLU A 74 -12.93 8.63 5.66
N VAL A 75 -12.01 7.68 5.41
CA VAL A 75 -10.58 8.00 5.32
C VAL A 75 -10.19 8.32 3.86
N ASP A 76 -9.30 9.30 3.71
CA ASP A 76 -8.83 9.73 2.38
C ASP A 76 -7.30 9.69 2.32
N ASP A 77 -6.72 10.14 1.19
CA ASP A 77 -5.26 10.16 0.98
C ASP A 77 -4.55 11.01 2.05
N LYS A 78 -5.23 12.07 2.49
CA LYS A 78 -4.71 13.00 3.51
C LYS A 78 -4.62 12.32 4.87
N VAL A 79 -5.61 11.46 5.15
CA VAL A 79 -5.72 10.71 6.40
C VAL A 79 -4.61 9.65 6.49
N LEU A 80 -4.46 8.87 5.40
CA LEU A 80 -3.45 7.81 5.33
C LEU A 80 -2.02 8.37 5.33
N HIS A 81 -1.84 9.50 4.64
CA HIS A 81 -0.53 10.19 4.54
C HIS A 81 -0.10 10.80 5.88
N ALA A 82 -1.03 11.52 6.52
CA ALA A 82 -0.79 12.18 7.81
C ALA A 82 -0.66 11.19 8.99
N ALA A 83 -1.19 9.97 8.80
CA ALA A 83 -1.16 8.93 9.84
C ALA A 83 0.17 8.18 9.82
N PHE A 84 0.72 8.03 8.62
CA PHE A 84 1.97 7.33 8.40
C PHE A 84 3.15 8.29 8.18
N ILE A 85 2.88 9.60 8.25
CA ILE A 85 3.91 10.63 8.07
C ILE A 85 4.94 10.69 9.26
N PRO A 86 4.55 10.40 10.55
CA PRO A 86 5.50 10.45 11.69
C PRO A 86 6.70 9.48 11.54
N PHE A 87 6.51 8.41 10.75
CA PHE A 87 7.56 7.40 10.54
C PHE A 87 8.58 7.84 9.48
N GLY A 88 8.12 8.62 8.50
CA GLY A 88 8.99 9.09 7.43
C GLY A 88 8.26 9.89 6.37
N ASP A 89 8.96 10.17 5.27
CA ASP A 89 8.39 10.94 4.14
C ASP A 89 7.62 10.01 3.19
N ILE A 90 6.43 10.45 2.79
CA ILE A 90 5.57 9.68 1.89
C ILE A 90 5.40 10.44 0.57
N THR A 91 5.42 9.68 -0.54
CA THR A 91 5.27 10.25 -1.88
C THR A 91 3.80 10.33 -2.30
N ASP A 92 3.13 9.16 -2.41
CA ASP A 92 1.72 9.11 -2.82
C ASP A 92 0.98 7.94 -2.18
N ILE A 93 -0.37 8.07 -2.13
CA ILE A 93 -1.25 7.05 -1.58
C ILE A 93 -2.19 6.57 -2.69
N GLN A 94 -2.22 5.25 -2.93
CA GLN A 94 -3.06 4.67 -3.98
C GLN A 94 -4.14 3.76 -3.41
N ILE A 95 -5.39 4.10 -3.71
CA ILE A 95 -6.56 3.32 -3.25
C ILE A 95 -7.46 2.98 -4.46
N PRO A 96 -7.67 1.66 -4.79
CA PRO A 96 -8.55 1.25 -5.92
C PRO A 96 -9.98 1.79 -5.77
N LEU A 97 -10.36 2.68 -6.69
CA LEU A 97 -11.68 3.30 -6.67
C LEU A 97 -12.40 3.12 -8.01
N ASP A 98 -13.69 2.76 -7.94
CA ASP A 98 -14.53 2.57 -9.14
C ASP A 98 -15.20 3.88 -9.53
N TYR A 99 -15.34 4.10 -10.84
CA TYR A 99 -15.97 5.32 -11.38
C TYR A 99 -17.46 5.42 -11.01
N GLU A 100 -18.13 4.26 -10.96
CA GLU A 100 -19.56 4.16 -10.65
C GLU A 100 -19.88 4.43 -9.17
N THR A 101 -19.15 3.75 -8.26
CA THR A 101 -19.39 3.89 -6.81
C THR A 101 -18.51 4.96 -6.16
N GLU A 102 -17.30 5.19 -6.72
CA GLU A 102 -16.32 6.18 -6.18
C GLU A 102 -16.02 5.92 -4.69
N LYS A 103 -16.22 4.65 -4.27
CA LYS A 103 -15.99 4.24 -2.88
C LYS A 103 -14.83 3.25 -2.81
N HIS A 104 -14.20 3.16 -1.63
CA HIS A 104 -13.08 2.25 -1.42
C HIS A 104 -13.50 1.05 -0.55
N ARG A 105 -12.75 -0.04 -0.66
CA ARG A 105 -13.05 -1.27 0.10
C ARG A 105 -12.38 -1.28 1.48
N GLY A 106 -11.64 -0.21 1.81
CA GLY A 106 -10.97 -0.11 3.09
C GLY A 106 -9.52 -0.57 3.09
N PHE A 107 -8.85 -0.51 1.93
CA PHE A 107 -7.44 -0.88 1.82
C PHE A 107 -6.72 -0.02 0.78
N ALA A 108 -5.42 0.19 1.00
CA ALA A 108 -4.57 1.01 0.12
C ALA A 108 -3.10 0.64 0.26
N PHE A 109 -2.26 1.15 -0.65
CA PHE A 109 -0.82 0.94 -0.59
C PHE A 109 -0.13 2.28 -0.37
N VAL A 110 0.95 2.28 0.40
CA VAL A 110 1.68 3.52 0.71
C VAL A 110 3.12 3.47 0.20
N GLU A 111 3.54 4.58 -0.43
CA GLU A 111 4.90 4.69 -0.98
C GLU A 111 5.74 5.65 -0.15
N PHE A 112 6.90 5.16 0.32
CA PHE A 112 7.80 5.96 1.13
C PHE A 112 9.04 6.37 0.32
N GLU A 113 9.46 7.62 0.49
CA GLU A 113 10.65 8.16 -0.21
C GLU A 113 11.93 7.43 0.23
N LEU A 114 11.99 7.07 1.52
CA LEU A 114 13.12 6.35 2.08
C LEU A 114 12.74 4.92 2.41
N ALA A 115 13.61 3.98 2.00
CA ALA A 115 13.40 2.55 2.25
C ALA A 115 13.53 2.21 3.75
N GLU A 116 14.29 3.06 4.47
CA GLU A 116 14.52 2.90 5.92
C GLU A 116 13.24 3.11 6.72
N ASP A 117 12.46 4.14 6.34
CA ASP A 117 11.18 4.46 7.01
C ASP A 117 10.13 3.40 6.71
N ALA A 118 10.20 2.81 5.50
CA ALA A 118 9.27 1.75 5.07
C ALA A 118 9.35 0.53 5.97
N ALA A 119 10.58 0.10 6.27
CA ALA A 119 10.83 -1.04 7.16
C ALA A 119 10.45 -0.68 8.60
N ALA A 120 10.57 0.63 8.90
CA ALA A 120 10.23 1.18 10.22
C ALA A 120 8.71 1.19 10.45
N ALA A 121 7.96 1.51 9.38
CA ALA A 121 6.49 1.56 9.43
C ALA A 121 5.88 0.18 9.67
N ILE A 122 6.45 -0.86 9.03
CA ILE A 122 5.97 -2.24 9.18
C ILE A 122 6.30 -2.81 10.58
N ASP A 123 7.45 -2.41 11.13
CA ASP A 123 7.89 -2.87 12.45
C ASP A 123 7.26 -2.08 13.60
N ASN A 124 6.70 -0.90 13.29
CA ASN A 124 6.09 -0.04 14.30
C ASN A 124 4.58 -0.24 14.45
N MET A 125 3.84 -0.23 13.32
CA MET A 125 2.38 -0.38 13.37
C MET A 125 1.86 -1.39 12.34
N ASN A 126 2.34 -2.64 12.45
CA ASN A 126 1.92 -3.73 11.56
C ASN A 126 0.46 -4.13 11.81
N GLU A 127 0.06 -4.11 13.09
CA GLU A 127 -1.30 -4.45 13.52
C GLU A 127 -1.72 -3.52 14.67
N SER A 128 -2.12 -2.31 14.28
CA SER A 128 -2.55 -1.27 15.24
C SER A 128 -3.95 -0.76 14.91
N GLU A 129 -4.59 -0.09 15.88
CA GLU A 129 -5.92 0.47 15.70
C GLU A 129 -5.84 1.93 15.24
N LEU A 130 -6.40 2.19 14.05
CA LEU A 130 -6.42 3.53 13.47
C LEU A 130 -7.85 3.89 13.05
N PHE A 131 -8.30 5.09 13.47
CA PHE A 131 -9.67 5.60 13.17
C PHE A 131 -10.78 4.72 13.76
N GLY A 132 -10.40 3.84 14.71
CA GLY A 132 -11.36 2.94 15.36
C GLY A 132 -11.39 1.56 14.73
N ARG A 133 -10.51 1.31 13.76
CA ARG A 133 -10.43 0.02 13.07
C ARG A 133 -9.01 -0.55 13.12
N THR A 134 -8.89 -1.88 13.02
CA THR A 134 -7.58 -2.55 13.04
C THR A 134 -6.96 -2.52 11.64
N ILE A 135 -5.68 -2.13 11.56
CA ILE A 135 -4.97 -2.03 10.29
C ILE A 135 -3.79 -3.00 10.22
N ARG A 136 -3.49 -3.46 9.01
CA ARG A 136 -2.38 -4.39 8.76
C ARG A 136 -1.43 -3.78 7.75
N VAL A 137 -0.13 -3.84 8.03
CA VAL A 137 0.87 -3.30 7.10
C VAL A 137 1.97 -4.34 6.85
N ASN A 138 2.32 -4.51 5.57
CA ASN A 138 3.36 -5.46 5.14
C ASN A 138 4.04 -4.97 3.87
N LEU A 139 5.11 -5.67 3.46
CA LEU A 139 5.87 -5.32 2.24
C LEU A 139 5.03 -5.57 0.98
N ALA A 140 4.97 -4.56 0.11
CA ALA A 140 4.21 -4.64 -1.13
C ALA A 140 5.12 -4.95 -2.31
N SER A 1 39.96 5.00 -0.96
CA SER A 1 38.94 5.25 -2.02
C SER A 1 39.57 5.17 -3.41
N MET A 2 38.93 4.39 -4.30
CA MET A 2 39.42 4.21 -5.66
C MET A 2 38.57 5.01 -6.65
N MET A 3 39.24 5.68 -7.59
CA MET A 3 38.57 6.50 -8.63
C MET A 3 37.84 5.64 -9.67
N GLN A 4 38.46 4.49 -10.01
CA GLN A 4 37.89 3.56 -11.02
C GLN A 4 36.58 2.91 -10.55
N CYS A 5 36.48 2.62 -9.25
CA CYS A 5 35.28 2.00 -8.69
C CYS A 5 34.76 2.78 -7.48
N GLY A 6 33.46 3.06 -7.48
CA GLY A 6 32.84 3.80 -6.38
C GLY A 6 31.33 3.66 -6.37
N LYS A 7 30.70 4.32 -5.39
CA LYS A 7 29.23 4.27 -5.24
C LYS A 7 28.61 5.58 -5.70
N CYS A 8 27.36 5.50 -6.17
CA CYS A 8 26.62 6.67 -6.65
C CYS A 8 25.31 6.82 -5.90
N ASP A 9 25.07 8.02 -5.36
CA ASP A 9 23.86 8.32 -4.61
C ASP A 9 22.79 8.99 -5.50
N ARG A 10 23.10 9.13 -6.79
CA ARG A 10 22.18 9.75 -7.75
C ARG A 10 21.73 8.73 -8.79
N TRP A 11 20.41 8.69 -9.04
CA TRP A 11 19.82 7.77 -10.02
C TRP A 11 19.20 8.55 -11.18
N VAL A 12 19.43 8.05 -12.40
CA VAL A 12 18.90 8.68 -13.62
C VAL A 12 17.47 8.20 -13.94
N HIS A 13 17.21 6.91 -13.69
CA HIS A 13 15.90 6.29 -13.94
C HIS A 13 14.78 6.88 -13.07
N SER A 14 15.11 7.14 -11.79
CA SER A 14 14.14 7.70 -10.83
C SER A 14 13.70 9.13 -11.20
N LYS A 15 14.66 9.94 -11.68
CA LYS A 15 14.39 11.34 -12.08
C LYS A 15 13.53 11.43 -13.34
N CYS A 16 13.74 10.49 -14.28
CA CYS A 16 12.99 10.46 -15.55
C CYS A 16 11.63 9.77 -15.39
N GLU A 17 11.56 8.78 -14.49
CA GLU A 17 10.32 8.04 -14.24
C GLU A 17 9.51 8.67 -13.11
N ASN A 18 8.18 8.70 -13.28
CA ASN A 18 7.27 9.29 -12.28
C ASN A 18 6.83 8.23 -11.26
N LEU A 19 6.45 7.04 -11.75
CA LEU A 19 6.00 5.95 -10.90
C LEU A 19 7.01 4.80 -10.92
N SER A 20 7.19 4.14 -9.77
CA SER A 20 8.12 3.01 -9.64
C SER A 20 7.56 1.75 -10.29
N ASP A 21 8.47 0.86 -10.72
CA ASP A 21 8.12 -0.40 -11.38
C ASP A 21 7.29 -1.32 -10.46
N GLU A 22 7.60 -1.30 -9.15
CA GLU A 22 6.89 -2.10 -8.15
C GLU A 22 5.42 -1.67 -8.00
N MET A 23 5.19 -0.34 -8.00
CA MET A 23 3.85 0.23 -7.87
C MET A 23 3.01 0.05 -9.14
N TYR A 24 3.66 0.19 -10.30
CA TYR A 24 3.00 0.07 -11.61
C TYR A 24 2.58 -1.39 -11.89
N GLU A 25 3.45 -2.36 -11.55
CA GLU A 25 3.19 -3.78 -11.78
C GLU A 25 2.08 -4.33 -10.86
N ILE A 26 2.18 -4.07 -9.55
CA ILE A 26 1.19 -4.55 -8.55
C ILE A 26 -0.20 -3.93 -8.78
N LEU A 27 -0.23 -2.60 -8.97
CA LEU A 27 -1.49 -1.86 -9.18
C LEU A 27 -2.15 -2.17 -10.53
N SER A 28 -1.33 -2.45 -11.57
CA SER A 28 -1.85 -2.78 -12.91
C SER A 28 -2.61 -4.11 -12.91
N ASN A 29 -2.10 -5.08 -12.14
CA ASN A 29 -2.74 -6.39 -12.00
C ASN A 29 -3.14 -6.60 -10.54
N LEU A 30 -4.41 -6.35 -10.24
CA LEU A 30 -4.94 -6.48 -8.88
C LEU A 30 -6.14 -7.46 -8.83
N PRO A 31 -5.86 -8.80 -8.84
CA PRO A 31 -6.92 -9.83 -8.76
C PRO A 31 -7.69 -9.76 -7.44
N GLU A 32 -9.03 -9.81 -7.54
CA GLU A 32 -9.96 -9.70 -6.39
C GLU A 32 -9.56 -10.59 -5.20
N SER A 33 -9.03 -11.78 -5.49
CA SER A 33 -8.60 -12.71 -4.44
C SER A 33 -7.18 -12.42 -3.95
N VAL A 34 -6.27 -12.10 -4.89
CA VAL A 34 -4.86 -11.83 -4.58
C VAL A 34 -4.70 -10.50 -3.82
N ALA A 35 -5.72 -9.63 -3.93
CA ALA A 35 -5.73 -8.32 -3.27
C ALA A 35 -5.63 -8.45 -1.75
N TYR A 36 -6.17 -9.55 -1.21
CA TYR A 36 -6.15 -9.81 0.24
C TYR A 36 -5.93 -11.28 0.53
N THR A 37 -4.97 -11.56 1.42
CA THR A 37 -4.64 -12.93 1.82
C THR A 37 -4.38 -13.02 3.33
N CYS A 38 -4.51 -14.23 3.88
CA CYS A 38 -4.29 -14.47 5.32
C CYS A 38 -2.80 -14.41 5.70
N VAL A 39 -1.96 -14.98 4.83
CA VAL A 39 -0.50 -15.00 5.06
C VAL A 39 0.25 -14.64 3.77
N ASN A 40 1.38 -13.94 3.93
CA ASN A 40 2.22 -13.53 2.81
C ASN A 40 3.52 -14.34 2.81
N CYS A 41 3.84 -14.95 1.66
CA CYS A 41 5.04 -15.75 1.52
C CYS A 41 5.93 -15.24 0.39
N THR A 42 7.16 -14.84 0.76
CA THR A 42 8.14 -14.32 -0.21
C THR A 42 9.55 -14.85 0.10
N GLU A 43 9.70 -15.54 1.24
CA GLU A 43 10.99 -16.10 1.68
C GLU A 43 11.47 -17.25 0.76
N ARG A 44 10.51 -18.00 0.20
CA ARG A 44 10.83 -19.13 -0.68
C ARG A 44 10.87 -18.69 -2.14
N HIS A 45 11.81 -19.26 -2.90
CA HIS A 45 11.97 -18.94 -4.33
C HIS A 45 11.85 -20.20 -5.19
N VAL A 46 11.19 -20.05 -6.34
CA VAL A 46 10.99 -21.16 -7.29
C VAL A 46 12.28 -21.49 -8.05
N ASP A 47 12.99 -20.45 -8.47
CA ASP A 47 14.26 -20.61 -9.22
C ASP A 47 15.45 -20.69 -8.27
N GLY A 48 16.50 -21.38 -8.73
CA GLY A 48 17.71 -21.55 -7.93
C GLY A 48 17.73 -22.84 -7.15
N GLY A 49 18.57 -22.89 -6.12
CA GLY A 49 18.69 -24.07 -5.28
C GLY A 49 19.95 -24.89 -5.58
N SER A 50 20.37 -24.89 -6.86
CA SER A 50 21.56 -25.61 -7.30
C SER A 50 22.86 -25.02 -6.72
N GLY A 51 22.87 -23.69 -6.59
CA GLY A 51 24.04 -22.99 -6.05
C GLY A 51 24.13 -21.56 -6.53
N GLY A 52 24.68 -20.69 -5.67
CA GLY A 52 24.82 -19.27 -6.01
C GLY A 52 23.64 -18.42 -5.57
N SER A 53 22.71 -19.02 -4.82
CA SER A 53 21.53 -18.33 -4.32
C SER A 53 21.50 -18.33 -2.79
N GLY A 54 21.02 -17.22 -2.21
CA GLY A 54 20.93 -17.10 -0.76
C GLY A 54 22.23 -16.64 -0.12
N GLY A 55 22.86 -15.61 -0.72
CA GLY A 55 24.11 -15.08 -0.20
C GLY A 55 23.93 -14.04 0.88
N SER A 56 23.14 -13.01 0.57
CA SER A 56 22.88 -11.91 1.53
C SER A 56 21.38 -11.70 1.71
N GLY A 57 20.97 -11.43 2.95
CA GLY A 57 19.57 -11.20 3.28
C GLY A 57 19.21 -9.73 3.28
N GLY A 58 18.02 -9.42 3.80
CA GLY A 58 17.55 -8.04 3.86
C GLY A 58 16.56 -7.71 2.77
N SER A 59 15.49 -8.51 2.67
CA SER A 59 14.43 -8.31 1.66
C SER A 59 13.55 -7.09 1.96
N ALA A 60 13.50 -6.69 3.25
CA ALA A 60 12.70 -5.54 3.69
C ALA A 60 13.27 -4.20 3.19
N THR A 61 14.59 -4.15 3.00
CA THR A 61 15.27 -2.93 2.52
C THR A 61 15.15 -2.78 0.99
N THR A 62 14.62 -3.81 0.32
CA THR A 62 14.45 -3.81 -1.14
C THR A 62 13.14 -3.11 -1.54
N LYS A 63 12.06 -3.41 -0.81
CA LYS A 63 10.74 -2.83 -1.09
C LYS A 63 10.47 -1.60 -0.22
N ARG A 64 9.96 -0.55 -0.86
CA ARG A 64 9.63 0.71 -0.17
C ARG A 64 8.11 0.93 -0.10
N VAL A 65 7.35 -0.04 -0.62
CA VAL A 65 5.88 0.00 -0.63
C VAL A 65 5.31 -0.87 0.49
N LEU A 66 4.33 -0.34 1.22
CA LEU A 66 3.70 -1.08 2.32
C LEU A 66 2.20 -1.18 2.11
N TYR A 67 1.61 -2.29 2.57
CA TYR A 67 0.18 -2.52 2.45
C TYR A 67 -0.50 -2.21 3.79
N VAL A 68 -1.51 -1.33 3.73
CA VAL A 68 -2.27 -0.95 4.93
C VAL A 68 -3.74 -1.34 4.76
N GLY A 69 -4.22 -2.22 5.64
CA GLY A 69 -5.60 -2.66 5.58
C GLY A 69 -6.31 -2.54 6.90
N GLY A 70 -7.62 -2.30 6.84
CA GLY A 70 -8.42 -2.13 8.05
C GLY A 70 -8.78 -0.69 8.30
N LEU A 71 -8.77 0.11 7.21
CA LEU A 71 -9.09 1.54 7.27
C LEU A 71 -10.58 1.76 7.07
N ALA A 72 -11.02 3.00 7.33
CA ALA A 72 -12.41 3.40 7.20
C ALA A 72 -12.67 4.07 5.85
N GLU A 73 -13.95 4.14 5.45
CA GLU A 73 -14.35 4.76 4.18
C GLU A 73 -14.14 6.28 4.21
N GLU A 74 -14.30 6.86 5.40
CA GLU A 74 -14.14 8.31 5.62
C GLU A 74 -12.65 8.71 5.63
N VAL A 75 -11.75 7.71 5.62
CA VAL A 75 -10.30 7.98 5.64
C VAL A 75 -9.81 8.40 4.23
N ASP A 76 -9.05 9.50 4.18
CA ASP A 76 -8.53 10.03 2.92
C ASP A 76 -7.00 9.96 2.85
N ASP A 77 -6.44 10.35 1.67
CA ASP A 77 -5.00 10.35 1.42
C ASP A 77 -4.24 11.28 2.39
N LYS A 78 -4.90 12.38 2.77
CA LYS A 78 -4.34 13.39 3.67
C LYS A 78 -4.16 12.81 5.07
N VAL A 79 -5.17 12.03 5.48
CA VAL A 79 -5.22 11.36 6.77
C VAL A 79 -4.12 10.27 6.87
N LEU A 80 -4.00 9.46 5.79
CA LEU A 80 -3.02 8.37 5.73
C LEU A 80 -1.58 8.91 5.64
N HIS A 81 -1.42 10.02 4.89
CA HIS A 81 -0.11 10.67 4.70
C HIS A 81 0.39 11.32 6.00
N ALA A 82 -0.50 12.08 6.66
CA ALA A 82 -0.18 12.77 7.91
C ALA A 82 -0.03 11.82 9.12
N ALA A 83 -0.62 10.61 9.01
CA ALA A 83 -0.57 9.63 10.10
C ALA A 83 0.72 8.81 10.05
N PHE A 84 1.20 8.57 8.83
CA PHE A 84 2.41 7.80 8.60
C PHE A 84 3.62 8.72 8.36
N ILE A 85 3.39 10.04 8.35
CA ILE A 85 4.47 11.02 8.13
C ILE A 85 5.49 11.12 9.31
N PRO A 86 5.10 10.90 10.62
CA PRO A 86 6.07 10.98 11.75
C PRO A 86 7.25 10.00 11.62
N PHE A 87 7.05 8.92 10.86
CA PHE A 87 8.10 7.89 10.65
C PHE A 87 9.11 8.33 9.59
N GLY A 88 8.64 9.13 8.62
CA GLY A 88 9.48 9.62 7.54
C GLY A 88 8.70 10.35 6.47
N ASP A 89 9.33 10.57 5.31
CA ASP A 89 8.69 11.26 4.19
C ASP A 89 7.99 10.27 3.27
N ILE A 90 6.74 10.60 2.91
CA ILE A 90 5.93 9.75 2.04
C ILE A 90 5.75 10.42 0.67
N THR A 91 5.79 9.60 -0.38
CA THR A 91 5.64 10.09 -1.76
C THR A 91 4.16 10.22 -2.16
N ASP A 92 3.43 9.10 -2.18
CA ASP A 92 2.01 9.10 -2.56
C ASP A 92 1.22 7.97 -1.87
N ILE A 93 -0.11 8.19 -1.81
CA ILE A 93 -1.05 7.21 -1.22
C ILE A 93 -2.01 6.77 -2.33
N GLN A 94 -2.19 5.46 -2.49
CA GLN A 94 -3.06 4.92 -3.54
C GLN A 94 -4.25 4.17 -2.94
N ILE A 95 -5.46 4.55 -3.38
CA ILE A 95 -6.71 3.92 -2.95
C ILE A 95 -7.49 3.41 -4.19
N PRO A 96 -7.44 2.08 -4.52
CA PRO A 96 -8.16 1.54 -5.69
C PRO A 96 -9.68 1.62 -5.55
N LEU A 97 -10.30 2.34 -6.48
CA LEU A 97 -11.75 2.53 -6.50
C LEU A 97 -12.34 2.10 -7.85
N ASP A 98 -13.42 1.31 -7.80
CA ASP A 98 -14.09 0.83 -9.02
C ASP A 98 -15.07 1.88 -9.53
N TYR A 99 -15.13 2.03 -10.86
CA TYR A 99 -16.04 2.99 -11.52
C TYR A 99 -17.51 2.67 -11.29
N GLU A 100 -17.80 1.36 -11.22
CA GLU A 100 -19.18 0.85 -11.03
C GLU A 100 -19.71 1.06 -9.60
N THR A 101 -18.91 0.69 -8.59
CA THR A 101 -19.32 0.82 -7.19
C THR A 101 -18.84 2.11 -6.54
N GLU A 102 -17.69 2.64 -7.00
CA GLU A 102 -17.09 3.89 -6.45
C GLU A 102 -16.96 3.83 -4.91
N LYS A 103 -16.74 2.60 -4.39
CA LYS A 103 -16.63 2.38 -2.95
C LYS A 103 -15.23 1.90 -2.56
N HIS A 104 -14.83 2.23 -1.34
CA HIS A 104 -13.54 1.82 -0.79
C HIS A 104 -13.73 0.63 0.15
N ARG A 105 -12.83 -0.35 0.06
CA ARG A 105 -12.92 -1.56 0.87
C ARG A 105 -12.13 -1.48 2.19
N GLY A 106 -11.49 -0.33 2.47
CA GLY A 106 -10.75 -0.18 3.72
C GLY A 106 -9.29 -0.59 3.65
N PHE A 107 -8.69 -0.59 2.44
CA PHE A 107 -7.25 -0.92 2.29
C PHE A 107 -6.59 -0.06 1.22
N ALA A 108 -5.27 0.18 1.39
CA ALA A 108 -4.48 0.99 0.46
C ALA A 108 -2.98 0.68 0.59
N PHE A 109 -2.19 1.16 -0.38
CA PHE A 109 -0.75 0.97 -0.37
C PHE A 109 -0.07 2.31 -0.13
N VAL A 110 0.98 2.32 0.68
CA VAL A 110 1.71 3.55 1.00
C VAL A 110 3.18 3.43 0.54
N GLU A 111 3.66 4.47 -0.15
CA GLU A 111 5.03 4.50 -0.67
C GLU A 111 5.93 5.43 0.14
N PHE A 112 7.12 4.92 0.48
CA PHE A 112 8.11 5.68 1.23
C PHE A 112 9.36 5.89 0.38
N GLU A 113 9.94 7.10 0.46
CA GLU A 113 11.14 7.47 -0.29
C GLU A 113 12.36 6.62 0.15
N LEU A 114 12.44 6.35 1.45
CA LEU A 114 13.53 5.55 2.03
C LEU A 114 13.04 4.16 2.40
N ALA A 115 13.89 3.16 2.16
CA ALA A 115 13.59 1.77 2.52
C ALA A 115 13.74 1.57 4.03
N GLU A 116 14.49 2.50 4.65
CA GLU A 116 14.76 2.52 6.08
C GLU A 116 13.53 2.97 6.88
N ASP A 117 12.92 4.10 6.47
CA ASP A 117 11.73 4.65 7.14
C ASP A 117 10.49 3.76 6.93
N ALA A 118 10.43 3.09 5.75
CA ALA A 118 9.33 2.19 5.40
C ALA A 118 9.34 0.94 6.28
N ALA A 119 10.55 0.39 6.50
CA ALA A 119 10.74 -0.78 7.35
C ALA A 119 10.41 -0.44 8.80
N ALA A 120 10.61 0.85 9.14
CA ALA A 120 10.31 1.39 10.48
C ALA A 120 8.81 1.43 10.74
N ALA A 121 8.04 1.72 9.66
CA ALA A 121 6.57 1.79 9.73
C ALA A 121 5.95 0.42 9.99
N ILE A 122 6.50 -0.62 9.34
CA ILE A 122 6.00 -2.00 9.50
C ILE A 122 6.32 -2.56 10.91
N ASP A 123 7.46 -2.14 11.47
CA ASP A 123 7.89 -2.58 12.79
C ASP A 123 7.22 -1.76 13.92
N ASN A 124 6.67 -0.59 13.58
CA ASN A 124 6.05 0.29 14.56
C ASN A 124 4.51 0.19 14.60
N MET A 125 3.86 0.18 13.42
CA MET A 125 2.39 0.13 13.38
C MET A 125 1.86 -1.02 12.52
N ASN A 126 2.43 -2.22 12.71
CA ASN A 126 1.99 -3.43 11.97
C ASN A 126 0.54 -3.77 12.33
N GLU A 127 0.18 -3.55 13.60
CA GLU A 127 -1.18 -3.81 14.12
C GLU A 127 -1.56 -2.71 15.12
N SER A 128 -1.96 -1.57 14.56
CA SER A 128 -2.34 -0.40 15.36
C SER A 128 -3.75 0.08 14.98
N GLU A 129 -4.33 0.95 15.82
CA GLU A 129 -5.66 1.51 15.58
C GLU A 129 -5.58 2.82 14.81
N LEU A 130 -6.21 2.83 13.62
CA LEU A 130 -6.24 4.01 12.75
C LEU A 130 -7.68 4.33 12.37
N PHE A 131 -8.07 5.61 12.56
CA PHE A 131 -9.44 6.11 12.27
C PHE A 131 -10.53 5.37 13.07
N GLY A 132 -10.11 4.70 14.16
CA GLY A 132 -11.04 3.96 15.01
C GLY A 132 -11.09 2.47 14.70
N ARG A 133 -10.45 2.07 13.59
CA ARG A 133 -10.42 0.67 13.18
C ARG A 133 -8.99 0.13 13.22
N THR A 134 -8.85 -1.18 13.42
CA THR A 134 -7.53 -1.84 13.49
C THR A 134 -6.93 -2.00 12.09
N ILE A 135 -5.64 -1.71 11.96
CA ILE A 135 -4.95 -1.79 10.66
C ILE A 135 -3.78 -2.78 10.71
N ARG A 136 -3.42 -3.27 9.52
CA ARG A 136 -2.30 -4.20 9.35
C ARG A 136 -1.38 -3.69 8.24
N VAL A 137 -0.07 -3.66 8.50
CA VAL A 137 0.88 -3.18 7.49
C VAL A 137 1.97 -4.22 7.23
N ASN A 138 2.28 -4.40 5.93
CA ASN A 138 3.30 -5.34 5.47
C ASN A 138 3.96 -4.81 4.19
N LEU A 139 5.04 -5.47 3.74
CA LEU A 139 5.75 -5.07 2.52
C LEU A 139 4.95 -5.45 1.26
N ALA A 140 4.81 -4.49 0.35
CA ALA A 140 4.06 -4.68 -0.89
C ALA A 140 5.01 -4.73 -2.09
N SER A 1 -17.18 34.08 -17.47
CA SER A 1 -16.26 33.09 -18.09
C SER A 1 -15.03 32.87 -17.21
N MET A 2 -14.48 31.66 -17.27
CA MET A 2 -13.29 31.30 -16.49
C MET A 2 -12.03 31.34 -17.37
N MET A 3 -10.96 31.90 -16.81
CA MET A 3 -9.68 32.02 -17.52
C MET A 3 -8.72 30.92 -17.09
N GLN A 4 -7.84 30.51 -18.02
CA GLN A 4 -6.87 29.46 -17.76
C GLN A 4 -5.45 30.03 -17.73
N CYS A 5 -4.57 29.38 -16.95
CA CYS A 5 -3.18 29.80 -16.81
C CYS A 5 -2.23 28.65 -17.11
N GLY A 6 -1.20 28.94 -17.93
CA GLY A 6 -0.21 27.93 -18.31
C GLY A 6 0.62 27.41 -17.14
N LYS A 7 1.01 28.32 -16.24
CA LYS A 7 1.82 27.96 -15.07
C LYS A 7 0.99 28.07 -13.79
N CYS A 8 1.09 27.02 -12.95
CA CYS A 8 0.35 26.98 -11.69
C CYS A 8 1.26 26.56 -10.54
N ASP A 9 1.27 27.37 -9.47
CA ASP A 9 2.09 27.10 -8.28
C ASP A 9 1.60 25.86 -7.51
N ARG A 10 0.28 25.63 -7.54
CA ARG A 10 -0.35 24.48 -6.86
C ARG A 10 -0.30 23.22 -7.73
N TRP A 11 -0.42 22.06 -7.07
CA TRP A 11 -0.39 20.75 -7.75
C TRP A 11 -1.67 20.52 -8.57
N VAL A 12 -1.53 19.77 -9.66
CA VAL A 12 -2.67 19.46 -10.54
C VAL A 12 -2.84 17.95 -10.74
N HIS A 13 -4.08 17.55 -11.11
CA HIS A 13 -4.44 16.14 -11.33
C HIS A 13 -3.70 15.52 -12.51
N SER A 14 -3.33 16.35 -13.50
CA SER A 14 -2.63 15.88 -14.72
C SER A 14 -1.28 15.19 -14.41
N LYS A 15 -0.56 15.70 -13.39
CA LYS A 15 0.74 15.15 -12.98
C LYS A 15 0.61 13.74 -12.37
N CYS A 16 -0.54 13.48 -11.71
CA CYS A 16 -0.81 12.19 -11.07
C CYS A 16 -1.18 11.10 -12.09
N GLU A 17 -1.34 11.49 -13.37
CA GLU A 17 -1.69 10.57 -14.46
C GLU A 17 -0.60 9.53 -14.73
N ASN A 18 0.66 9.90 -14.47
CA ASN A 18 1.79 9.00 -14.69
C ASN A 18 2.16 8.24 -13.42
N LEU A 19 2.19 6.91 -13.53
CA LEU A 19 2.52 6.03 -12.39
C LEU A 19 3.91 5.43 -12.56
N SER A 20 4.56 5.15 -11.42
CA SER A 20 5.91 4.57 -11.39
C SER A 20 5.90 3.09 -11.85
N ASP A 21 7.08 2.61 -12.28
CA ASP A 21 7.25 1.23 -12.76
C ASP A 21 7.00 0.18 -11.67
N GLU A 22 7.36 0.52 -10.41
CA GLU A 22 7.20 -0.39 -9.26
C GLU A 22 5.72 -0.56 -8.86
N MET A 23 4.99 0.57 -8.75
CA MET A 23 3.56 0.56 -8.38
C MET A 23 2.69 -0.09 -9.46
N TYR A 24 3.05 0.15 -10.73
CA TYR A 24 2.31 -0.38 -11.88
C TYR A 24 2.40 -1.92 -11.94
N GLU A 25 3.60 -2.47 -11.68
CA GLU A 25 3.83 -3.93 -11.72
C GLU A 25 3.13 -4.67 -10.56
N ILE A 26 3.18 -4.08 -9.35
CA ILE A 26 2.57 -4.69 -8.16
C ILE A 26 1.04 -4.76 -8.26
N LEU A 27 0.42 -3.62 -8.61
CA LEU A 27 -1.05 -3.51 -8.73
C LEU A 27 -1.61 -4.29 -9.94
N SER A 28 -0.87 -4.31 -11.06
CA SER A 28 -1.30 -5.03 -12.27
C SER A 28 -1.13 -6.55 -12.14
N ASN A 29 -0.20 -6.96 -11.26
CA ASN A 29 0.07 -8.39 -11.00
C ASN A 29 -0.56 -8.83 -9.68
N LEU A 30 -1.38 -7.92 -9.12
CA LEU A 30 -2.07 -8.14 -7.86
C LEU A 30 -3.39 -8.93 -8.09
N PRO A 31 -3.55 -10.14 -7.47
CA PRO A 31 -4.78 -10.96 -7.63
C PRO A 31 -6.01 -10.32 -6.97
N GLU A 32 -7.07 -10.17 -7.78
CA GLU A 32 -8.35 -9.55 -7.37
C GLU A 32 -8.90 -10.12 -6.05
N SER A 33 -8.69 -11.42 -5.81
CA SER A 33 -9.17 -12.07 -4.59
C SER A 33 -8.20 -11.93 -3.41
N VAL A 34 -6.90 -12.02 -3.69
CA VAL A 34 -5.87 -11.95 -2.63
C VAL A 34 -5.82 -10.55 -1.99
N ALA A 35 -6.12 -9.53 -2.79
CA ALA A 35 -6.11 -8.14 -2.34
C ALA A 35 -7.28 -7.83 -1.39
N TYR A 36 -8.42 -8.55 -1.55
CA TYR A 36 -9.62 -8.32 -0.72
C TYR A 36 -10.57 -9.51 -0.72
N THR A 37 -11.32 -9.66 0.37
CA THR A 37 -12.27 -10.76 0.53
C THR A 37 -13.70 -10.32 0.19
N CYS A 38 -14.59 -11.31 -0.05
CA CYS A 38 -15.99 -11.06 -0.39
C CYS A 38 -16.79 -10.47 0.77
N VAL A 39 -16.43 -10.85 2.00
CA VAL A 39 -17.13 -10.37 3.21
C VAL A 39 -16.31 -9.26 3.88
N ASN A 40 -16.99 -8.16 4.23
CA ASN A 40 -16.35 -7.01 4.87
C ASN A 40 -16.40 -7.12 6.41
N CYS A 41 -16.93 -8.24 6.91
CA CYS A 41 -17.03 -8.48 8.35
C CYS A 41 -15.90 -9.37 8.84
N THR A 42 -15.17 -8.89 9.86
CA THR A 42 -14.05 -9.63 10.45
C THR A 42 -14.28 -9.93 11.95
N GLU A 43 -15.43 -9.47 12.49
CA GLU A 43 -15.77 -9.70 13.90
C GLU A 43 -16.14 -11.16 14.18
N ARG A 44 -16.84 -11.80 13.23
CA ARG A 44 -17.27 -13.20 13.36
C ARG A 44 -16.10 -14.19 13.25
N HIS A 45 -15.14 -13.89 12.37
CA HIS A 45 -13.97 -14.75 12.17
C HIS A 45 -12.68 -14.03 12.56
N VAL A 46 -11.90 -14.67 13.43
CA VAL A 46 -10.62 -14.11 13.92
C VAL A 46 -9.48 -14.41 12.95
N ASP A 47 -9.40 -15.67 12.48
CA ASP A 47 -8.36 -16.10 11.55
C ASP A 47 -8.91 -16.16 10.13
N GLY A 48 -8.05 -15.85 9.15
CA GLY A 48 -8.43 -15.87 7.75
C GLY A 48 -8.11 -17.19 7.08
N GLY A 49 -6.81 -17.40 6.82
CA GLY A 49 -6.35 -18.63 6.19
C GLY A 49 -4.93 -18.53 5.66
N SER A 50 -4.39 -19.68 5.23
CA SER A 50 -3.02 -19.76 4.69
C SER A 50 -2.88 -19.02 3.36
N GLY A 51 -3.95 -19.06 2.54
CA GLY A 51 -3.94 -18.40 1.24
C GLY A 51 -3.58 -19.33 0.09
N GLY A 52 -3.40 -20.62 0.41
CA GLY A 52 -3.05 -21.62 -0.60
C GLY A 52 -1.55 -21.81 -0.75
N SER A 53 -1.17 -22.77 -1.60
CA SER A 53 0.24 -23.08 -1.86
C SER A 53 0.53 -23.09 -3.36
N GLY A 54 1.80 -22.83 -3.71
CA GLY A 54 2.21 -22.82 -5.10
C GLY A 54 3.51 -23.56 -5.33
N GLY A 55 3.80 -23.86 -6.60
CA GLY A 55 5.03 -24.57 -6.97
C GLY A 55 6.21 -23.64 -7.19
N SER A 56 6.02 -22.65 -8.07
CA SER A 56 7.07 -21.68 -8.38
C SER A 56 6.58 -20.26 -8.12
N GLY A 57 7.53 -19.37 -7.81
CA GLY A 57 7.21 -17.97 -7.54
C GLY A 57 8.43 -17.15 -7.15
N GLY A 58 8.19 -15.92 -6.72
CA GLY A 58 9.28 -15.03 -6.31
C GLY A 58 9.07 -14.44 -4.93
N SER A 59 10.17 -13.99 -4.32
CA SER A 59 10.13 -13.40 -2.99
C SER A 59 10.71 -11.99 -3.00
N ALA A 60 10.19 -11.13 -2.12
CA ALA A 60 10.65 -9.75 -2.00
C ALA A 60 11.57 -9.58 -0.80
N THR A 61 12.62 -8.78 -0.98
CA THR A 61 13.59 -8.52 0.09
C THR A 61 13.25 -7.22 0.83
N THR A 62 13.29 -6.09 0.11
CA THR A 62 12.98 -4.79 0.69
C THR A 62 12.29 -3.88 -0.33
N LYS A 63 11.10 -3.40 0.02
CA LYS A 63 10.33 -2.51 -0.85
C LYS A 63 9.82 -1.29 -0.07
N ARG A 64 9.80 -0.14 -0.74
CA ARG A 64 9.35 1.13 -0.16
C ARG A 64 7.82 1.24 -0.12
N VAL A 65 7.13 0.30 -0.80
CA VAL A 65 5.66 0.29 -0.85
C VAL A 65 5.12 -0.76 0.13
N LEU A 66 4.17 -0.34 0.97
CA LEU A 66 3.58 -1.21 1.99
C LEU A 66 2.06 -1.27 1.84
N TYR A 67 1.47 -2.37 2.32
CA TYR A 67 0.01 -2.57 2.29
C TYR A 67 -0.57 -2.07 3.61
N VAL A 68 -1.62 -1.25 3.52
CA VAL A 68 -2.29 -0.73 4.71
C VAL A 68 -3.80 -0.93 4.59
N GLY A 69 -4.35 -1.73 5.49
CA GLY A 69 -5.78 -2.02 5.47
C GLY A 69 -6.43 -1.87 6.82
N GLY A 70 -7.75 -1.65 6.81
CA GLY A 70 -8.51 -1.50 8.04
C GLY A 70 -8.80 -0.03 8.35
N LEU A 71 -8.86 0.78 7.28
CA LEU A 71 -9.12 2.21 7.40
C LEU A 71 -10.62 2.48 7.33
N ALA A 72 -11.01 3.66 7.82
CA ALA A 72 -12.41 4.10 7.82
C ALA A 72 -12.82 4.65 6.45
N GLU A 73 -14.14 4.63 6.18
CA GLU A 73 -14.69 5.12 4.90
C GLU A 73 -14.48 6.63 4.72
N GLU A 74 -14.41 7.34 5.85
CA GLU A 74 -14.21 8.79 5.85
C GLU A 74 -12.72 9.15 5.74
N VAL A 75 -11.85 8.16 5.49
CA VAL A 75 -10.40 8.41 5.35
C VAL A 75 -10.02 8.72 3.89
N ASP A 76 -9.09 9.64 3.72
CA ASP A 76 -8.61 10.05 2.40
C ASP A 76 -7.07 9.97 2.33
N ASP A 77 -6.49 10.39 1.19
CA ASP A 77 -5.02 10.39 0.99
C ASP A 77 -4.32 11.25 2.05
N LYS A 78 -5.01 12.31 2.48
CA LYS A 78 -4.51 13.25 3.49
C LYS A 78 -4.40 12.58 4.86
N VAL A 79 -5.42 11.77 5.16
CA VAL A 79 -5.52 11.02 6.41
C VAL A 79 -4.43 9.94 6.48
N LEU A 80 -4.27 9.18 5.39
CA LEU A 80 -3.28 8.11 5.31
C LEU A 80 -1.85 8.66 5.34
N HIS A 81 -1.64 9.80 4.67
CA HIS A 81 -0.33 10.46 4.60
C HIS A 81 0.10 11.03 5.95
N ALA A 82 -0.81 11.78 6.60
CA ALA A 82 -0.57 12.40 7.91
C ALA A 82 -0.49 11.39 9.06
N ALA A 83 -1.04 10.18 8.85
CA ALA A 83 -1.06 9.14 9.87
C ALA A 83 0.24 8.33 9.88
N PHE A 84 0.80 8.17 8.68
CA PHE A 84 2.03 7.42 8.49
C PHE A 84 3.25 8.34 8.29
N ILE A 85 3.02 9.66 8.36
CA ILE A 85 4.09 10.66 8.19
C ILE A 85 5.09 10.69 9.39
N PRO A 86 4.69 10.39 10.68
CA PRO A 86 5.63 10.40 11.83
C PRO A 86 6.81 9.42 11.67
N PHE A 87 6.63 8.38 10.84
CA PHE A 87 7.67 7.36 10.62
C PHE A 87 8.77 7.87 9.67
N GLY A 88 8.37 8.73 8.72
CA GLY A 88 9.32 9.28 7.75
C GLY A 88 8.63 10.02 6.62
N ASP A 89 9.36 10.18 5.51
CA ASP A 89 8.85 10.88 4.32
C ASP A 89 8.02 9.95 3.43
N ILE A 90 6.87 10.44 2.98
CA ILE A 90 5.96 9.69 2.11
C ILE A 90 5.86 10.38 0.75
N THR A 91 5.91 9.59 -0.31
CA THR A 91 5.84 10.11 -1.68
C THR A 91 4.40 10.16 -2.22
N ASP A 92 3.74 8.98 -2.27
CA ASP A 92 2.36 8.91 -2.79
C ASP A 92 1.53 7.83 -2.09
N ILE A 93 0.20 8.03 -2.11
CA ILE A 93 -0.77 7.09 -1.53
C ILE A 93 -1.65 6.56 -2.67
N GLN A 94 -1.63 5.25 -2.88
CA GLN A 94 -2.41 4.62 -3.95
C GLN A 94 -3.55 3.76 -3.38
N ILE A 95 -4.77 4.05 -3.82
CA ILE A 95 -5.96 3.31 -3.37
C ILE A 95 -6.77 2.80 -4.59
N PRO A 96 -6.79 1.45 -4.87
CA PRO A 96 -7.57 0.89 -6.00
C PRO A 96 -9.07 1.13 -5.84
N LEU A 97 -9.67 1.73 -6.88
CA LEU A 97 -11.11 2.04 -6.86
C LEU A 97 -11.82 1.44 -8.07
N ASP A 98 -13.00 0.84 -7.83
CA ASP A 98 -13.81 0.24 -8.89
C ASP A 98 -14.80 1.26 -9.45
N TYR A 99 -15.03 1.20 -10.76
CA TYR A 99 -15.97 2.11 -11.44
C TYR A 99 -17.42 1.93 -10.97
N GLU A 100 -17.77 0.67 -10.67
CA GLU A 100 -19.13 0.29 -10.24
C GLU A 100 -19.44 0.74 -8.79
N THR A 101 -18.53 0.45 -7.85
CA THR A 101 -18.73 0.78 -6.44
C THR A 101 -18.11 2.13 -6.05
N GLU A 102 -17.04 2.54 -6.75
CA GLU A 102 -16.32 3.81 -6.47
C GLU A 102 -15.91 3.94 -4.99
N LYS A 103 -15.79 2.78 -4.32
CA LYS A 103 -15.44 2.72 -2.90
C LYS A 103 -14.02 2.18 -2.72
N HIS A 104 -13.33 2.63 -1.66
CA HIS A 104 -11.96 2.19 -1.37
C HIS A 104 -11.94 0.87 -0.58
N ARG A 105 -13.11 0.48 -0.02
CA ARG A 105 -13.29 -0.77 0.77
C ARG A 105 -12.54 -0.75 2.12
N GLY A 106 -11.71 0.28 2.35
CA GLY A 106 -10.97 0.38 3.60
C GLY A 106 -9.52 -0.09 3.53
N PHE A 107 -8.91 -0.10 2.33
CA PHE A 107 -7.50 -0.49 2.18
C PHE A 107 -6.80 0.34 1.11
N ALA A 108 -5.48 0.49 1.27
CA ALA A 108 -4.64 1.28 0.34
C ALA A 108 -3.16 0.87 0.48
N PHE A 109 -2.33 1.37 -0.45
CA PHE A 109 -0.88 1.12 -0.42
C PHE A 109 -0.16 2.43 -0.14
N VAL A 110 0.95 2.35 0.59
CA VAL A 110 1.71 3.55 0.93
C VAL A 110 3.13 3.48 0.34
N GLU A 111 3.53 4.58 -0.31
CA GLU A 111 4.84 4.69 -0.93
C GLU A 111 5.75 5.58 -0.08
N PHE A 112 6.92 5.04 0.30
CA PHE A 112 7.88 5.77 1.12
C PHE A 112 9.15 6.09 0.32
N GLU A 113 9.71 7.29 0.57
CA GLU A 113 10.94 7.73 -0.11
C GLU A 113 12.15 6.90 0.35
N LEU A 114 12.17 6.54 1.65
CA LEU A 114 13.25 5.74 2.23
C LEU A 114 12.80 4.31 2.48
N ALA A 115 13.68 3.36 2.21
CA ALA A 115 13.42 1.93 2.45
C ALA A 115 13.51 1.63 3.95
N GLU A 116 14.25 2.52 4.65
CA GLU A 116 14.47 2.43 6.09
C GLU A 116 13.18 2.74 6.89
N ASP A 117 12.51 3.85 6.54
CA ASP A 117 11.27 4.27 7.21
C ASP A 117 10.12 3.30 6.93
N ALA A 118 10.13 2.69 5.73
CA ALA A 118 9.11 1.72 5.31
C ALA A 118 9.15 0.47 6.19
N ALA A 119 10.38 -0.03 6.45
CA ALA A 119 10.59 -1.19 7.31
C ALA A 119 10.19 -0.87 8.75
N ALA A 120 10.33 0.43 9.08
CA ALA A 120 9.97 0.95 10.41
C ALA A 120 8.46 0.98 10.62
N ALA A 121 7.72 1.26 9.53
CA ALA A 121 6.25 1.31 9.55
C ALA A 121 5.64 -0.07 9.79
N ILE A 122 6.20 -1.10 9.15
CA ILE A 122 5.71 -2.49 9.29
C ILE A 122 6.01 -3.08 10.68
N ASP A 123 7.17 -2.75 11.23
CA ASP A 123 7.60 -3.26 12.55
C ASP A 123 7.02 -2.48 13.73
N ASN A 124 6.55 -1.25 13.49
CA ASN A 124 6.01 -0.41 14.56
C ASN A 124 4.48 -0.46 14.68
N MET A 125 3.76 -0.40 13.55
CA MET A 125 2.29 -0.39 13.59
C MET A 125 1.68 -1.39 12.58
N ASN A 126 2.15 -2.66 12.66
CA ASN A 126 1.66 -3.74 11.78
C ASN A 126 0.16 -4.02 12.04
N GLU A 127 -0.22 -4.00 13.33
CA GLU A 127 -1.59 -4.22 13.77
C GLU A 127 -1.91 -3.28 14.93
N SER A 128 -2.18 -2.02 14.57
CA SER A 128 -2.49 -0.98 15.53
C SER A 128 -3.87 -0.35 15.27
N GLU A 129 -4.39 0.38 16.27
CA GLU A 129 -5.69 1.05 16.15
C GLU A 129 -5.52 2.47 15.62
N LEU A 130 -6.13 2.73 14.46
CA LEU A 130 -6.08 4.04 13.81
C LEU A 130 -7.50 4.47 13.40
N PHE A 131 -7.86 5.72 13.76
CA PHE A 131 -9.19 6.30 13.45
C PHE A 131 -10.34 5.53 14.14
N GLY A 132 -9.99 4.68 15.11
CA GLY A 132 -10.98 3.89 15.83
C GLY A 132 -11.14 2.48 15.28
N ARG A 133 -10.31 2.14 14.27
CA ARG A 133 -10.33 0.82 13.65
C ARG A 133 -8.95 0.18 13.67
N THR A 134 -8.91 -1.16 13.63
CA THR A 134 -7.65 -1.91 13.63
C THR A 134 -7.09 -1.96 12.20
N ILE A 135 -5.79 -1.69 12.07
CA ILE A 135 -5.14 -1.67 10.75
C ILE A 135 -4.05 -2.74 10.64
N ARG A 136 -3.82 -3.17 9.40
CA ARG A 136 -2.82 -4.19 9.07
C ARG A 136 -1.86 -3.64 8.01
N VAL A 137 -0.55 -3.78 8.26
CA VAL A 137 0.45 -3.32 7.30
C VAL A 137 1.48 -4.42 7.01
N ASN A 138 1.83 -4.57 5.73
CA ASN A 138 2.80 -5.56 5.28
C ASN A 138 3.56 -5.05 4.04
N LEU A 139 4.60 -5.79 3.62
CA LEU A 139 5.40 -5.42 2.45
C LEU A 139 4.59 -5.57 1.16
N ALA A 140 4.54 -4.50 0.36
CA ALA A 140 3.80 -4.49 -0.90
C ALA A 140 4.75 -4.53 -2.09
N SER A 1 24.14 18.43 14.17
CA SER A 1 22.75 18.81 14.53
C SER A 1 22.49 18.56 16.01
N MET A 2 21.88 19.54 16.68
CA MET A 2 21.56 19.45 18.11
C MET A 2 20.07 19.20 18.31
N MET A 3 19.76 18.28 19.26
CA MET A 3 18.38 17.90 19.62
C MET A 3 17.68 17.07 18.52
N GLN A 4 17.79 17.53 17.28
CA GLN A 4 17.18 16.84 16.13
C GLN A 4 18.24 16.18 15.26
N CYS A 5 17.90 15.01 14.70
CA CYS A 5 18.81 14.26 13.84
C CYS A 5 18.09 13.80 12.57
N GLY A 6 18.87 13.68 11.48
CA GLY A 6 18.32 13.25 10.20
C GLY A 6 18.27 14.35 9.17
N LYS A 7 18.07 13.96 7.90
CA LYS A 7 18.01 14.91 6.79
C LYS A 7 16.70 14.72 6.01
N CYS A 8 16.12 15.83 5.57
CA CYS A 8 14.87 15.81 4.81
C CYS A 8 15.00 16.57 3.50
N ASP A 9 14.65 15.90 2.39
CA ASP A 9 14.71 16.49 1.05
C ASP A 9 13.31 16.80 0.54
N ARG A 10 13.21 17.76 -0.39
CA ARG A 10 11.93 18.16 -0.97
C ARG A 10 11.87 17.79 -2.45
N TRP A 11 10.76 17.15 -2.85
CA TRP A 11 10.54 16.74 -4.24
C TRP A 11 9.16 17.15 -4.72
N VAL A 12 9.03 17.35 -6.04
CA VAL A 12 7.75 17.75 -6.64
C VAL A 12 7.20 16.59 -7.48
N HIS A 13 5.90 16.32 -7.30
CA HIS A 13 5.19 15.24 -8.02
C HIS A 13 5.12 15.51 -9.53
N SER A 14 4.94 16.79 -9.90
CA SER A 14 4.85 17.22 -11.31
C SER A 14 6.14 16.92 -12.09
N LYS A 15 7.29 17.07 -11.42
CA LYS A 15 8.61 16.83 -12.03
C LYS A 15 8.77 15.37 -12.51
N CYS A 16 8.20 14.42 -11.75
CA CYS A 16 8.28 12.99 -12.09
C CYS A 16 7.43 12.64 -13.31
N GLU A 17 6.18 13.16 -13.35
CA GLU A 17 5.20 12.94 -14.45
C GLU A 17 4.75 11.49 -14.58
N ASN A 18 5.70 10.55 -14.75
CA ASN A 18 5.40 9.13 -14.91
C ASN A 18 5.53 8.38 -13.58
N LEU A 19 4.82 7.25 -13.49
CA LEU A 19 4.84 6.40 -12.30
C LEU A 19 5.93 5.34 -12.40
N SER A 20 6.46 4.92 -11.23
CA SER A 20 7.52 3.92 -11.16
C SER A 20 7.03 2.53 -11.60
N ASP A 21 7.94 1.72 -12.15
CA ASP A 21 7.64 0.37 -12.64
C ASP A 21 7.14 -0.56 -11.52
N GLU A 22 7.68 -0.38 -10.31
CA GLU A 22 7.32 -1.21 -9.15
C GLU A 22 5.85 -0.98 -8.74
N MET A 23 5.44 0.30 -8.65
CA MET A 23 4.06 0.67 -8.27
C MET A 23 3.03 0.28 -9.35
N TYR A 24 3.43 0.46 -10.62
CA TYR A 24 2.55 0.16 -11.76
C TYR A 24 2.27 -1.35 -11.90
N GLU A 25 3.32 -2.18 -11.73
CA GLU A 25 3.20 -3.64 -11.85
C GLU A 25 2.40 -4.28 -10.70
N ILE A 26 2.60 -3.79 -9.47
CA ILE A 26 1.91 -4.33 -8.28
C ILE A 26 0.41 -3.98 -8.30
N LEU A 27 0.09 -2.70 -8.57
CA LEU A 27 -1.29 -2.22 -8.60
C LEU A 27 -2.08 -2.75 -9.80
N SER A 28 -1.44 -2.80 -10.98
CA SER A 28 -2.09 -3.32 -12.21
C SER A 28 -2.24 -4.84 -12.16
N ASN A 29 -1.26 -5.50 -11.56
CA ASN A 29 -1.26 -6.97 -11.44
C ASN A 29 -1.44 -7.37 -9.97
N LEU A 30 -2.69 -7.47 -9.53
CA LEU A 30 -3.01 -7.84 -8.15
C LEU A 30 -3.52 -9.29 -8.07
N PRO A 31 -2.78 -10.20 -7.35
CA PRO A 31 -3.21 -11.61 -7.20
C PRO A 31 -4.46 -11.73 -6.33
N GLU A 32 -5.46 -12.46 -6.84
CA GLU A 32 -6.78 -12.67 -6.19
C GLU A 32 -6.67 -13.00 -4.68
N SER A 33 -5.64 -13.74 -4.29
CA SER A 33 -5.44 -14.12 -2.89
C SER A 33 -4.59 -13.10 -2.12
N VAL A 34 -3.54 -12.58 -2.76
CA VAL A 34 -2.60 -11.63 -2.12
C VAL A 34 -3.29 -10.28 -1.81
N ALA A 35 -4.23 -9.88 -2.68
CA ALA A 35 -4.97 -8.63 -2.50
C ALA A 35 -5.82 -8.63 -1.23
N TYR A 36 -6.29 -9.83 -0.82
CA TYR A 36 -7.11 -9.99 0.38
C TYR A 36 -7.07 -11.44 0.88
N THR A 37 -6.75 -11.60 2.17
CA THR A 37 -6.66 -12.92 2.80
C THR A 37 -7.53 -12.98 4.05
N CYS A 38 -7.98 -14.20 4.39
CA CYS A 38 -8.81 -14.43 5.57
C CYS A 38 -7.98 -14.90 6.76
N VAL A 39 -7.04 -15.82 6.51
CA VAL A 39 -6.18 -16.36 7.55
C VAL A 39 -4.70 -16.12 7.19
N ASN A 40 -3.92 -15.71 8.18
CA ASN A 40 -2.49 -15.45 7.99
C ASN A 40 -1.66 -16.63 8.50
N CYS A 41 -0.78 -17.14 7.64
CA CYS A 41 0.08 -18.27 7.98
C CYS A 41 1.48 -17.79 8.37
N THR A 42 1.93 -18.21 9.56
CA THR A 42 3.25 -17.83 10.08
C THR A 42 4.35 -18.82 9.67
N GLU A 43 3.94 -19.95 9.08
CA GLU A 43 4.87 -20.99 8.63
C GLU A 43 5.71 -20.53 7.42
N ARG A 44 5.10 -19.72 6.54
CA ARG A 44 5.75 -19.19 5.33
C ARG A 44 6.90 -18.23 5.66
N HIS A 45 6.74 -17.46 6.74
CA HIS A 45 7.76 -16.48 7.15
C HIS A 45 8.47 -16.94 8.43
N VAL A 46 9.80 -16.79 8.45
CA VAL A 46 10.62 -17.17 9.59
C VAL A 46 11.59 -16.03 9.97
N ASP A 47 11.79 -15.85 11.28
CA ASP A 47 12.69 -14.80 11.80
C ASP A 47 14.12 -15.31 11.93
N GLY A 48 15.08 -14.48 11.52
CA GLY A 48 16.49 -14.83 11.61
C GLY A 48 17.40 -13.79 10.99
N GLY A 49 18.70 -14.07 10.98
CA GLY A 49 19.68 -13.15 10.41
C GLY A 49 21.09 -13.72 10.41
N SER A 50 21.95 -13.16 9.55
CA SER A 50 23.35 -13.60 9.42
C SER A 50 24.17 -13.30 10.69
N GLY A 51 23.90 -12.16 11.32
CA GLY A 51 24.61 -11.77 12.53
C GLY A 51 23.72 -11.08 13.55
N GLY A 52 23.18 -9.92 13.17
CA GLY A 52 22.32 -9.15 14.06
C GLY A 52 20.85 -9.54 13.95
N SER A 53 19.99 -8.81 14.68
CA SER A 53 18.54 -9.06 14.69
C SER A 53 17.89 -8.82 13.33
N GLY A 54 18.42 -7.83 12.59
CA GLY A 54 17.89 -7.51 11.27
C GLY A 54 17.61 -6.03 11.10
N GLY A 55 18.60 -5.20 11.41
CA GLY A 55 18.47 -3.74 11.28
C GLY A 55 18.79 -3.24 9.89
N SER A 56 19.93 -3.69 9.34
CA SER A 56 20.38 -3.30 8.00
C SER A 56 19.43 -3.81 6.90
N GLY A 57 18.86 -5.00 7.11
CA GLY A 57 17.94 -5.60 6.15
C GLY A 57 18.64 -6.48 5.13
N GLY A 58 17.89 -6.86 4.08
CA GLY A 58 18.44 -7.70 3.03
C GLY A 58 17.77 -7.45 1.68
N SER A 59 17.08 -8.47 1.16
CA SER A 59 16.37 -8.37 -0.13
C SER A 59 15.15 -7.43 -0.06
N ALA A 60 14.56 -7.34 1.14
CA ALA A 60 13.36 -6.50 1.37
C ALA A 60 13.67 -4.98 1.34
N THR A 61 14.96 -4.61 1.39
CA THR A 61 15.38 -3.20 1.38
C THR A 61 15.15 -2.53 0.02
N THR A 62 15.01 -3.35 -1.04
CA THR A 62 14.78 -2.85 -2.41
C THR A 62 13.33 -2.36 -2.60
N LYS A 63 12.42 -2.90 -1.79
CA LYS A 63 11.00 -2.53 -1.86
C LYS A 63 10.67 -1.49 -0.78
N ARG A 64 10.06 -0.38 -1.23
CA ARG A 64 9.67 0.71 -0.33
C ARG A 64 8.14 0.87 -0.25
N VAL A 65 7.42 -0.09 -0.84
CA VAL A 65 5.93 -0.07 -0.87
C VAL A 65 5.36 -1.03 0.19
N LEU A 66 4.37 -0.54 0.94
CA LEU A 66 3.72 -1.34 2.00
C LEU A 66 2.22 -1.43 1.77
N TYR A 67 1.62 -2.49 2.32
CA TYR A 67 0.18 -2.71 2.24
C TYR A 67 -0.47 -2.32 3.56
N VAL A 68 -1.52 -1.52 3.50
CA VAL A 68 -2.24 -1.08 4.70
C VAL A 68 -3.73 -1.40 4.57
N GLY A 69 -4.26 -2.15 5.54
CA GLY A 69 -5.67 -2.52 5.50
C GLY A 69 -6.36 -2.38 6.83
N GLY A 70 -7.68 -2.18 6.78
CA GLY A 70 -8.49 -2.04 7.98
C GLY A 70 -8.89 -0.60 8.23
N LEU A 71 -8.84 0.22 7.17
CA LEU A 71 -9.20 1.63 7.26
C LEU A 71 -10.70 1.83 7.01
N ALA A 72 -11.21 2.98 7.45
CA ALA A 72 -12.62 3.33 7.29
C ALA A 72 -12.86 4.06 5.97
N GLU A 73 -14.10 3.98 5.46
CA GLU A 73 -14.48 4.63 4.19
C GLU A 73 -14.32 6.16 4.24
N GLU A 74 -14.41 6.70 5.47
CA GLU A 74 -14.25 8.14 5.71
C GLU A 74 -12.79 8.59 5.57
N VAL A 75 -11.87 7.62 5.35
CA VAL A 75 -10.44 7.94 5.21
C VAL A 75 -10.07 8.20 3.75
N ASP A 76 -9.18 9.18 3.53
CA ASP A 76 -8.74 9.54 2.18
C ASP A 76 -7.20 9.53 2.10
N ASP A 77 -6.66 9.98 0.94
CA ASP A 77 -5.20 10.02 0.72
C ASP A 77 -4.49 10.93 1.74
N LYS A 78 -5.19 11.98 2.17
CA LYS A 78 -4.67 12.96 3.13
C LYS A 78 -4.53 12.33 4.52
N VAL A 79 -5.54 11.51 4.86
CA VAL A 79 -5.61 10.81 6.14
C VAL A 79 -4.48 9.76 6.25
N LEU A 80 -4.32 8.95 5.19
CA LEU A 80 -3.30 7.89 5.15
C LEU A 80 -1.88 8.47 5.14
N HIS A 81 -1.71 9.57 4.40
CA HIS A 81 -0.41 10.25 4.27
C HIS A 81 0.02 10.90 5.60
N ALA A 82 -0.90 11.65 6.21
CA ALA A 82 -0.65 12.35 7.49
C ALA A 82 -0.53 11.40 8.70
N ALA A 83 -1.06 10.18 8.56
CA ALA A 83 -1.04 9.19 9.65
C ALA A 83 0.26 8.41 9.67
N PHE A 84 0.80 8.18 8.47
CA PHE A 84 2.05 7.44 8.30
C PHE A 84 3.25 8.37 8.06
N ILE A 85 2.99 9.70 8.04
CA ILE A 85 4.05 10.70 7.81
C ILE A 85 5.05 10.84 9.00
N PRO A 86 4.65 10.64 10.32
CA PRO A 86 5.59 10.75 11.46
C PRO A 86 6.80 9.81 11.37
N PHE A 87 6.65 8.71 10.62
CA PHE A 87 7.71 7.70 10.45
C PHE A 87 8.78 8.15 9.45
N GLY A 88 8.36 8.94 8.45
CA GLY A 88 9.28 9.43 7.44
C GLY A 88 8.59 10.07 6.27
N ASP A 89 9.31 10.22 5.15
CA ASP A 89 8.77 10.83 3.93
C ASP A 89 7.98 9.82 3.10
N ILE A 90 6.80 10.25 2.63
CA ILE A 90 5.93 9.42 1.81
C ILE A 90 5.81 10.03 0.41
N THR A 91 5.83 9.16 -0.60
CA THR A 91 5.75 9.60 -2.00
C THR A 91 4.30 9.67 -2.50
N ASP A 92 3.60 8.53 -2.54
CA ASP A 92 2.20 8.49 -3.04
C ASP A 92 1.35 7.45 -2.32
N ILE A 93 0.03 7.71 -2.28
CA ILE A 93 -0.95 6.80 -1.68
C ILE A 93 -1.92 6.36 -2.78
N GLN A 94 -2.04 5.04 -2.99
CA GLN A 94 -2.92 4.51 -4.04
C GLN A 94 -4.00 3.60 -3.45
N ILE A 95 -5.27 3.96 -3.69
CA ILE A 95 -6.42 3.20 -3.22
C ILE A 95 -7.38 2.90 -4.40
N PRO A 96 -7.60 1.61 -4.79
CA PRO A 96 -8.52 1.25 -5.89
C PRO A 96 -9.95 1.75 -5.65
N LEU A 97 -10.47 2.53 -6.60
CA LEU A 97 -11.83 3.09 -6.50
C LEU A 97 -12.64 2.79 -7.75
N ASP A 98 -13.89 2.35 -7.54
CA ASP A 98 -14.81 2.04 -8.65
C ASP A 98 -15.59 3.27 -9.06
N TYR A 99 -15.84 3.41 -10.37
CA TYR A 99 -16.59 4.55 -10.93
C TYR A 99 -18.05 4.60 -10.44
N GLU A 100 -18.64 3.41 -10.27
CA GLU A 100 -20.04 3.27 -9.84
C GLU A 100 -20.26 3.65 -8.36
N THR A 101 -19.42 3.13 -7.46
CA THR A 101 -19.57 3.38 -6.02
C THR A 101 -18.67 4.52 -5.53
N GLU A 102 -17.53 4.74 -6.20
CA GLU A 102 -16.54 5.79 -5.82
C GLU A 102 -16.07 5.62 -4.36
N LYS A 103 -16.16 4.39 -3.86
CA LYS A 103 -15.77 4.06 -2.48
C LYS A 103 -14.69 2.98 -2.48
N HIS A 104 -13.88 2.94 -1.42
CA HIS A 104 -12.82 1.95 -1.28
C HIS A 104 -13.26 0.80 -0.38
N ARG A 105 -12.55 -0.34 -0.47
CA ARG A 105 -12.85 -1.53 0.33
C ARG A 105 -12.18 -1.50 1.71
N GLY A 106 -11.35 -0.49 1.96
CA GLY A 106 -10.67 -0.37 3.25
C GLY A 106 -9.22 -0.82 3.23
N PHE A 107 -8.56 -0.73 2.07
CA PHE A 107 -7.14 -1.09 1.96
C PHE A 107 -6.44 -0.24 0.89
N ALA A 108 -5.14 0.01 1.10
CA ALA A 108 -4.31 0.82 0.19
C ALA A 108 -2.83 0.45 0.30
N PHE A 109 -2.05 0.87 -0.70
CA PHE A 109 -0.60 0.65 -0.69
C PHE A 109 0.09 1.99 -0.48
N VAL A 110 1.08 2.01 0.41
CA VAL A 110 1.81 3.25 0.72
C VAL A 110 3.25 3.15 0.23
N GLU A 111 3.70 4.21 -0.45
CA GLU A 111 5.05 4.28 -1.00
C GLU A 111 5.91 5.25 -0.20
N PHE A 112 7.09 4.78 0.22
CA PHE A 112 8.02 5.59 0.99
C PHE A 112 9.30 5.85 0.20
N GLU A 113 9.87 7.05 0.40
CA GLU A 113 11.11 7.44 -0.28
C GLU A 113 12.32 6.64 0.27
N LEU A 114 12.28 6.38 1.58
CA LEU A 114 13.33 5.61 2.26
C LEU A 114 12.84 4.21 2.60
N ALA A 115 13.72 3.22 2.38
CA ALA A 115 13.42 1.82 2.71
C ALA A 115 13.51 1.61 4.21
N GLU A 116 14.21 2.54 4.88
CA GLU A 116 14.43 2.53 6.34
C GLU A 116 13.13 2.88 7.08
N ASP A 117 12.48 3.98 6.67
CA ASP A 117 11.22 4.44 7.28
C ASP A 117 10.06 3.48 6.96
N ALA A 118 10.11 2.85 5.77
CA ALA A 118 9.09 1.90 5.32
C ALA A 118 9.06 0.66 6.21
N ALA A 119 10.25 0.14 6.53
CA ALA A 119 10.39 -1.03 7.41
C ALA A 119 9.96 -0.67 8.83
N ALA A 120 10.15 0.61 9.17
CA ALA A 120 9.77 1.15 10.49
C ALA A 120 8.24 1.21 10.63
N ALA A 121 7.57 1.50 9.51
CA ALA A 121 6.10 1.59 9.46
C ALA A 121 5.44 0.22 9.66
N ILE A 122 6.05 -0.84 9.07
CA ILE A 122 5.53 -2.21 9.20
C ILE A 122 5.72 -2.74 10.63
N ASP A 123 6.80 -2.33 11.28
CA ASP A 123 7.10 -2.76 12.66
C ASP A 123 6.14 -2.15 13.71
N ASN A 124 5.72 -0.90 13.49
CA ASN A 124 4.85 -0.20 14.44
C ASN A 124 3.38 -0.13 14.01
N MET A 125 3.10 0.01 12.70
CA MET A 125 1.72 0.15 12.20
C MET A 125 1.06 -1.19 11.83
N ASN A 126 1.78 -2.31 12.00
CA ASN A 126 1.25 -3.65 11.68
C ASN A 126 -0.06 -3.94 12.44
N GLU A 127 -0.12 -3.48 13.70
CA GLU A 127 -1.31 -3.65 14.55
C GLU A 127 -1.55 -2.36 15.36
N SER A 128 -2.01 -1.32 14.66
CA SER A 128 -2.28 -0.02 15.29
C SER A 128 -3.74 0.39 15.08
N GLU A 129 -4.25 1.22 16.01
CA GLU A 129 -5.62 1.70 15.95
C GLU A 129 -5.69 3.03 15.18
N LEU A 130 -6.44 3.01 14.08
CA LEU A 130 -6.63 4.20 13.24
C LEU A 130 -8.11 4.46 13.01
N PHE A 131 -8.55 5.70 13.30
CA PHE A 131 -9.96 6.13 13.14
C PHE A 131 -10.93 5.32 14.05
N GLY A 132 -10.37 4.63 15.05
CA GLY A 132 -11.15 3.83 15.97
C GLY A 132 -11.17 2.35 15.61
N ARG A 133 -10.65 2.02 14.43
CA ARG A 133 -10.59 0.65 13.94
C ARG A 133 -9.13 0.18 13.85
N THR A 134 -8.91 -1.14 14.04
CA THR A 134 -7.56 -1.72 13.99
C THR A 134 -7.13 -1.96 12.55
N ILE A 135 -5.86 -1.66 12.26
CA ILE A 135 -5.31 -1.81 10.90
C ILE A 135 -4.13 -2.78 10.89
N ARG A 136 -3.88 -3.35 9.70
CA ARG A 136 -2.78 -4.29 9.49
C ARG A 136 -1.93 -3.85 8.29
N VAL A 137 -0.60 -3.88 8.45
CA VAL A 137 0.30 -3.48 7.37
C VAL A 137 1.37 -4.53 7.11
N ASN A 138 1.71 -4.70 5.84
CA ASN A 138 2.73 -5.67 5.39
C ASN A 138 3.55 -5.07 4.25
N LEU A 139 4.65 -5.75 3.86
CA LEU A 139 5.50 -5.28 2.77
C LEU A 139 4.90 -5.68 1.40
N ALA A 140 4.71 -4.68 0.54
CA ALA A 140 4.15 -4.89 -0.79
C ALA A 140 5.25 -4.98 -1.85
N SER A 1 -31.73 -1.16 -12.25
CA SER A 1 -32.07 0.11 -11.53
C SER A 1 -30.96 1.14 -11.68
N MET A 2 -29.71 0.70 -11.56
CA MET A 2 -28.54 1.58 -11.68
C MET A 2 -27.91 1.45 -13.05
N MET A 3 -27.55 2.61 -13.64
CA MET A 3 -26.93 2.64 -14.97
C MET A 3 -25.60 3.40 -14.93
N GLN A 4 -24.70 3.02 -15.85
CA GLN A 4 -23.37 3.64 -15.94
C GLN A 4 -23.21 4.36 -17.27
N CYS A 5 -22.40 5.42 -17.27
CA CYS A 5 -22.14 6.21 -18.48
C CYS A 5 -20.65 6.27 -18.78
N GLY A 6 -20.26 5.84 -19.98
CA GLY A 6 -18.87 5.85 -20.38
C GLY A 6 -18.68 6.20 -21.85
N LYS A 7 -19.55 5.66 -22.71
CA LYS A 7 -19.50 5.89 -24.16
C LYS A 7 -19.75 7.36 -24.53
N CYS A 8 -20.64 8.02 -23.76
CA CYS A 8 -20.99 9.43 -23.99
C CYS A 8 -19.88 10.38 -23.51
N ASP A 9 -19.26 10.04 -22.38
CA ASP A 9 -18.18 10.85 -21.80
C ASP A 9 -16.80 10.43 -22.35
N ARG A 10 -15.89 11.40 -22.43
CA ARG A 10 -14.54 11.15 -22.93
C ARG A 10 -13.49 11.44 -21.85
N TRP A 11 -12.38 10.71 -21.92
CA TRP A 11 -11.29 10.86 -20.96
C TRP A 11 -10.13 11.67 -21.54
N VAL A 12 -9.45 12.42 -20.68
CA VAL A 12 -8.32 13.26 -21.09
C VAL A 12 -7.01 12.66 -20.55
N HIS A 13 -5.96 12.68 -21.39
CA HIS A 13 -4.65 12.14 -21.04
C HIS A 13 -4.02 12.88 -19.84
N SER A 14 -4.17 14.21 -19.81
CA SER A 14 -3.62 15.05 -18.73
C SER A 14 -4.35 14.82 -17.40
N LYS A 15 -5.68 14.63 -17.48
CA LYS A 15 -6.53 14.41 -16.29
C LYS A 15 -6.25 13.03 -15.66
N CYS A 16 -6.00 12.02 -16.51
CA CYS A 16 -5.72 10.64 -16.07
C CYS A 16 -4.41 10.53 -15.29
N GLU A 17 -3.41 11.37 -15.66
CA GLU A 17 -2.07 11.39 -15.02
C GLU A 17 -1.31 10.07 -15.22
N ASN A 18 0.02 10.18 -15.27
CA ASN A 18 0.89 9.01 -15.46
C ASN A 18 1.35 8.45 -14.11
N LEU A 19 1.15 7.14 -13.94
CA LEU A 19 1.52 6.43 -12.71
C LEU A 19 2.87 5.75 -12.88
N SER A 20 3.63 5.68 -11.76
CA SER A 20 4.97 5.06 -11.76
C SER A 20 4.92 3.57 -12.11
N ASP A 21 6.03 3.07 -12.68
CA ASP A 21 6.15 1.66 -13.10
C ASP A 21 6.05 0.68 -11.93
N GLU A 22 6.62 1.06 -10.78
CA GLU A 22 6.62 0.22 -9.57
C GLU A 22 5.19 0.07 -8.98
N MET A 23 4.48 1.19 -8.85
CA MET A 23 3.10 1.19 -8.30
C MET A 23 2.12 0.48 -9.23
N TYR A 24 2.28 0.70 -10.54
CA TYR A 24 1.41 0.09 -11.56
C TYR A 24 1.53 -1.45 -11.59
N GLU A 25 2.77 -1.95 -11.47
CA GLU A 25 3.04 -3.39 -11.49
C GLU A 25 2.50 -4.11 -10.24
N ILE A 26 2.64 -3.48 -9.07
CA ILE A 26 2.18 -4.05 -7.79
C ILE A 26 0.64 -4.08 -7.71
N LEU A 27 0.00 -2.96 -8.03
CA LEU A 27 -1.46 -2.81 -7.97
C LEU A 27 -2.21 -3.61 -9.06
N SER A 28 -1.67 -3.62 -10.28
CA SER A 28 -2.30 -4.34 -11.41
C SER A 28 -2.10 -5.86 -11.37
N ASN A 29 -0.94 -6.31 -10.87
CA ASN A 29 -0.61 -7.74 -10.83
C ASN A 29 -1.04 -8.45 -9.53
N LEU A 30 -1.78 -7.76 -8.64
CA LEU A 30 -2.23 -8.40 -7.38
C LEU A 30 -3.49 -9.25 -7.60
N PRO A 31 -3.64 -10.41 -6.91
CA PRO A 31 -4.82 -11.29 -7.04
C PRO A 31 -6.06 -10.68 -6.39
N GLU A 32 -7.17 -10.64 -7.15
CA GLU A 32 -8.45 -10.03 -6.74
C GLU A 32 -8.90 -10.43 -5.33
N SER A 33 -8.58 -11.65 -4.91
CA SER A 33 -8.95 -12.13 -3.58
C SER A 33 -7.85 -11.88 -2.54
N VAL A 34 -6.59 -12.08 -2.95
CA VAL A 34 -5.43 -11.93 -2.04
C VAL A 34 -5.16 -10.44 -1.72
N ALA A 35 -5.68 -9.55 -2.58
CA ALA A 35 -5.53 -8.10 -2.41
C ALA A 35 -6.17 -7.60 -1.10
N TYR A 36 -7.22 -8.31 -0.63
CA TYR A 36 -7.92 -7.93 0.60
C TYR A 36 -8.42 -9.16 1.36
N THR A 37 -8.69 -8.97 2.66
CA THR A 37 -9.18 -10.06 3.52
C THR A 37 -10.37 -9.59 4.37
N CYS A 38 -11.07 -10.55 4.99
CA CYS A 38 -12.24 -10.27 5.84
C CYS A 38 -11.81 -9.75 7.22
N VAL A 39 -12.53 -8.73 7.71
CA VAL A 39 -12.24 -8.11 9.01
C VAL A 39 -12.72 -8.97 10.19
N ASN A 40 -13.86 -9.62 10.01
CA ASN A 40 -14.46 -10.45 11.03
C ASN A 40 -14.55 -11.92 10.56
N CYS A 41 -13.96 -12.82 11.37
CA CYS A 41 -13.96 -14.25 11.07
C CYS A 41 -14.48 -15.05 12.27
N THR A 42 -15.41 -15.98 12.00
CA THR A 42 -16.02 -16.82 13.04
C THR A 42 -15.10 -17.96 13.49
N GLU A 43 -14.41 -18.59 12.53
CA GLU A 43 -13.51 -19.72 12.81
C GLU A 43 -12.23 -19.67 11.97
N ARG A 44 -12.30 -18.97 10.83
CA ARG A 44 -11.16 -18.85 9.90
C ARG A 44 -9.89 -18.27 10.56
N HIS A 45 -10.08 -17.33 11.50
CA HIS A 45 -8.96 -16.71 12.20
C HIS A 45 -9.22 -16.61 13.70
N VAL A 46 -8.13 -16.66 14.48
CA VAL A 46 -8.21 -16.57 15.94
C VAL A 46 -7.21 -15.54 16.48
N ASP A 47 -7.53 -14.97 17.64
CA ASP A 47 -6.65 -13.97 18.27
C ASP A 47 -5.76 -14.60 19.33
N GLY A 48 -4.55 -14.06 19.48
CA GLY A 48 -3.59 -14.56 20.45
C GLY A 48 -2.28 -13.79 20.44
N GLY A 49 -1.34 -14.24 21.28
CA GLY A 49 -0.03 -13.59 21.37
C GLY A 49 1.08 -14.58 21.70
N SER A 50 1.09 -15.73 20.99
CA SER A 50 2.10 -16.78 21.21
C SER A 50 3.48 -16.38 20.67
N GLY A 51 3.51 -15.49 19.67
CA GLY A 51 4.78 -15.05 19.09
C GLY A 51 4.61 -13.92 18.10
N GLY A 52 5.69 -13.60 17.38
CA GLY A 52 5.67 -12.53 16.40
C GLY A 52 6.39 -12.90 15.11
N SER A 53 6.48 -11.93 14.19
CA SER A 53 7.14 -12.13 12.90
C SER A 53 8.34 -11.20 12.74
N GLY A 54 9.32 -11.65 11.95
CA GLY A 54 10.53 -10.86 11.71
C GLY A 54 11.65 -11.17 12.69
N GLY A 55 11.84 -12.46 13.00
CA GLY A 55 12.88 -12.89 13.93
C GLY A 55 14.28 -12.84 13.32
N SER A 56 14.39 -13.23 12.03
CA SER A 56 15.68 -13.23 11.31
C SER A 56 16.28 -11.83 11.16
N GLY A 57 15.40 -10.83 10.98
CA GLY A 57 15.85 -9.44 10.82
C GLY A 57 16.22 -9.09 9.38
N GLY A 58 15.48 -9.64 8.42
CA GLY A 58 15.73 -9.38 7.01
C GLY A 58 14.85 -8.28 6.46
N SER A 59 15.49 -7.26 5.87
CA SER A 59 14.77 -6.13 5.29
C SER A 59 15.12 -5.96 3.81
N ALA A 60 14.15 -5.47 3.03
CA ALA A 60 14.34 -5.25 1.60
C ALA A 60 14.59 -3.78 1.29
N THR A 61 15.54 -3.52 0.39
CA THR A 61 15.90 -2.15 -0.01
C THR A 61 15.45 -1.85 -1.45
N THR A 62 14.76 -2.81 -2.07
CA THR A 62 14.28 -2.66 -3.45
C THR A 62 12.90 -1.99 -3.50
N LYS A 63 11.96 -2.49 -2.68
CA LYS A 63 10.60 -1.96 -2.63
C LYS A 63 10.40 -1.05 -1.41
N ARG A 64 9.82 0.12 -1.66
CA ARG A 64 9.56 1.11 -0.60
C ARG A 64 8.04 1.28 -0.38
N VAL A 65 7.24 0.43 -1.04
CA VAL A 65 5.77 0.48 -0.93
C VAL A 65 5.26 -0.63 -0.02
N LEU A 66 4.32 -0.26 0.88
CA LEU A 66 3.74 -1.20 1.84
C LEU A 66 2.21 -1.24 1.70
N TYR A 67 1.61 -2.36 2.11
CA TYR A 67 0.17 -2.54 2.08
C TYR A 67 -0.42 -2.15 3.43
N VAL A 68 -1.54 -1.43 3.40
CA VAL A 68 -2.22 -1.00 4.62
C VAL A 68 -3.72 -1.30 4.53
N GLY A 69 -4.24 -2.06 5.50
CA GLY A 69 -5.66 -2.41 5.49
C GLY A 69 -6.31 -2.27 6.84
N GLY A 70 -7.62 -1.98 6.81
CA GLY A 70 -8.38 -1.82 8.04
C GLY A 70 -8.78 -0.38 8.30
N LEU A 71 -8.68 0.45 7.25
CA LEU A 71 -9.03 1.87 7.33
C LEU A 71 -10.51 2.08 7.03
N ALA A 72 -11.01 3.27 7.37
CA ALA A 72 -12.41 3.63 7.16
C ALA A 72 -12.60 4.29 5.79
N GLU A 73 -13.82 4.19 5.25
CA GLU A 73 -14.16 4.77 3.94
C GLU A 73 -13.97 6.30 3.94
N GLU A 74 -14.17 6.91 5.11
CA GLU A 74 -14.04 8.37 5.29
C GLU A 74 -12.57 8.83 5.32
N VAL A 75 -11.61 7.90 5.15
CA VAL A 75 -10.18 8.26 5.16
C VAL A 75 -9.69 8.64 3.77
N ASP A 76 -8.89 9.71 3.70
CA ASP A 76 -8.35 10.20 2.43
C ASP A 76 -6.81 10.10 2.42
N ASP A 77 -6.18 10.61 1.35
CA ASP A 77 -4.71 10.59 1.20
C ASP A 77 -4.02 11.40 2.31
N LYS A 78 -4.69 12.46 2.78
CA LYS A 78 -4.17 13.34 3.84
C LYS A 78 -4.12 12.60 5.18
N VAL A 79 -5.12 11.73 5.39
CA VAL A 79 -5.25 10.94 6.61
C VAL A 79 -4.16 9.86 6.69
N LEU A 80 -3.98 9.12 5.58
CA LEU A 80 -2.99 8.04 5.50
C LEU A 80 -1.55 8.59 5.56
N HIS A 81 -1.34 9.74 4.89
CA HIS A 81 -0.02 10.40 4.84
C HIS A 81 0.38 10.97 6.22
N ALA A 82 -0.56 11.68 6.86
CA ALA A 82 -0.34 12.30 8.17
C ALA A 82 -0.23 11.28 9.32
N ALA A 83 -0.76 10.07 9.09
CA ALA A 83 -0.76 9.01 10.11
C ALA A 83 0.57 8.24 10.09
N PHE A 84 1.12 8.10 8.89
CA PHE A 84 2.37 7.39 8.68
C PHE A 84 3.57 8.35 8.53
N ILE A 85 3.30 9.67 8.62
CA ILE A 85 4.35 10.69 8.50
C ILE A 85 5.35 10.72 9.70
N PRO A 86 4.94 10.39 10.98
CA PRO A 86 5.87 10.40 12.13
C PRO A 86 7.08 9.46 11.96
N PHE A 87 6.92 8.43 11.11
CA PHE A 87 7.99 7.44 10.86
C PHE A 87 9.04 7.95 9.88
N GLY A 88 8.61 8.80 8.93
CA GLY A 88 9.52 9.34 7.94
C GLY A 88 8.81 10.06 6.81
N ASP A 89 9.52 10.25 5.69
CA ASP A 89 8.97 10.93 4.51
C ASP A 89 8.16 9.99 3.62
N ILE A 90 7.02 10.50 3.16
CA ILE A 90 6.12 9.72 2.28
C ILE A 90 6.01 10.42 0.92
N THR A 91 6.04 9.62 -0.15
CA THR A 91 5.96 10.14 -1.51
C THR A 91 4.52 10.23 -2.04
N ASP A 92 3.84 9.07 -2.14
CA ASP A 92 2.46 9.03 -2.66
C ASP A 92 1.60 7.96 -1.97
N ILE A 93 0.28 8.23 -1.96
CA ILE A 93 -0.70 7.30 -1.39
C ILE A 93 -1.68 6.90 -2.50
N GLN A 94 -1.89 5.59 -2.67
CA GLN A 94 -2.78 5.08 -3.70
C GLN A 94 -4.00 4.39 -3.09
N ILE A 95 -5.18 4.70 -3.64
CA ILE A 95 -6.45 4.14 -3.18
C ILE A 95 -7.16 3.41 -4.36
N PRO A 96 -7.09 2.03 -4.44
CA PRO A 96 -7.75 1.27 -5.52
C PRO A 96 -9.27 1.47 -5.53
N LEU A 97 -9.79 1.91 -6.68
CA LEU A 97 -11.22 2.16 -6.84
C LEU A 97 -11.78 1.37 -8.02
N ASP A 98 -12.91 0.69 -7.78
CA ASP A 98 -13.58 -0.11 -8.82
C ASP A 98 -14.54 0.75 -9.63
N TYR A 99 -14.59 0.49 -10.95
CA TYR A 99 -15.48 1.23 -11.87
C TYR A 99 -16.97 1.00 -11.56
N GLU A 100 -17.29 -0.21 -11.10
CA GLU A 100 -18.67 -0.62 -10.79
C GLU A 100 -19.24 0.08 -9.53
N THR A 101 -18.48 0.07 -8.43
CA THR A 101 -18.93 0.66 -7.16
C THR A 101 -18.34 2.05 -6.90
N GLU A 102 -17.13 2.31 -7.43
CA GLU A 102 -16.42 3.60 -7.24
C GLU A 102 -16.31 3.97 -5.75
N LYS A 103 -16.24 2.94 -4.89
CA LYS A 103 -16.14 3.13 -3.44
C LYS A 103 -14.87 2.49 -2.88
N HIS A 104 -14.44 2.98 -1.71
CA HIS A 104 -13.25 2.45 -1.02
C HIS A 104 -13.67 1.30 -0.08
N ARG A 105 -12.84 0.25 -0.05
CA ARG A 105 -13.12 -0.93 0.77
C ARG A 105 -12.36 -0.95 2.11
N GLY A 106 -11.60 0.11 2.42
CA GLY A 106 -10.86 0.15 3.68
C GLY A 106 -9.42 -0.36 3.60
N PHE A 107 -8.83 -0.35 2.39
CA PHE A 107 -7.43 -0.76 2.21
C PHE A 107 -6.75 0.05 1.11
N ALA A 108 -5.43 0.22 1.25
CA ALA A 108 -4.61 0.99 0.29
C ALA A 108 -3.13 0.65 0.45
N PHE A 109 -2.27 1.29 -0.36
CA PHE A 109 -0.82 1.10 -0.29
C PHE A 109 -0.14 2.43 0.02
N VAL A 110 1.02 2.37 0.68
CA VAL A 110 1.76 3.58 1.03
C VAL A 110 3.19 3.53 0.44
N GLU A 111 3.59 4.64 -0.18
CA GLU A 111 4.90 4.76 -0.81
C GLU A 111 5.81 5.65 0.04
N PHE A 112 7.03 5.16 0.31
CA PHE A 112 8.01 5.90 1.10
C PHE A 112 9.26 6.22 0.28
N GLU A 113 9.87 7.37 0.59
CA GLU A 113 11.09 7.83 -0.09
C GLU A 113 12.30 6.97 0.35
N LEU A 114 12.31 6.60 1.63
CA LEU A 114 13.37 5.77 2.20
C LEU A 114 12.87 4.35 2.47
N ALA A 115 13.70 3.37 2.13
CA ALA A 115 13.38 1.96 2.38
C ALA A 115 13.53 1.62 3.87
N GLU A 116 14.28 2.49 4.58
CA GLU A 116 14.54 2.38 6.01
C GLU A 116 13.26 2.69 6.83
N ASP A 117 12.63 3.83 6.52
CA ASP A 117 11.40 4.27 7.21
C ASP A 117 10.20 3.35 6.87
N ALA A 118 10.21 2.81 5.64
CA ALA A 118 9.17 1.89 5.16
C ALA A 118 9.14 0.60 5.98
N ALA A 119 10.34 0.03 6.24
CA ALA A 119 10.48 -1.18 7.04
C ALA A 119 10.09 -0.90 8.49
N ALA A 120 10.31 0.36 8.91
CA ALA A 120 9.97 0.82 10.26
C ALA A 120 8.46 0.89 10.44
N ALA A 121 7.76 1.25 9.35
CA ALA A 121 6.29 1.36 9.35
C ALA A 121 5.63 -0.01 9.48
N ILE A 122 6.22 -1.04 8.84
CA ILE A 122 5.69 -2.42 8.91
C ILE A 122 5.87 -3.01 10.32
N ASP A 123 6.98 -2.65 10.98
CA ASP A 123 7.29 -3.15 12.33
C ASP A 123 6.35 -2.58 13.42
N ASN A 124 5.96 -1.31 13.28
CA ASN A 124 5.11 -0.66 14.29
C ASN A 124 3.63 -0.56 13.89
N MET A 125 3.34 -0.35 12.60
CA MET A 125 1.94 -0.18 12.13
C MET A 125 1.27 -1.50 11.70
N ASN A 126 1.99 -2.63 11.81
CA ASN A 126 1.44 -3.95 11.41
C ASN A 126 0.15 -4.28 12.18
N GLU A 127 0.10 -3.90 13.46
CA GLU A 127 -1.07 -4.12 14.31
C GLU A 127 -1.31 -2.88 15.20
N SER A 128 -1.74 -1.79 14.56
CA SER A 128 -2.01 -0.53 15.26
C SER A 128 -3.46 -0.08 15.05
N GLU A 129 -3.95 0.76 15.98
CA GLU A 129 -5.31 1.28 15.90
C GLU A 129 -5.35 2.63 15.19
N LEU A 130 -6.13 2.69 14.11
CA LEU A 130 -6.28 3.91 13.31
C LEU A 130 -7.77 4.19 13.07
N PHE A 131 -8.20 5.44 13.37
CA PHE A 131 -9.60 5.89 13.20
C PHE A 131 -10.58 5.09 14.10
N GLY A 132 -10.03 4.38 15.10
CA GLY A 132 -10.85 3.59 16.01
C GLY A 132 -10.94 2.11 15.62
N ARG A 133 -10.19 1.73 14.58
CA ARG A 133 -10.18 0.35 14.09
C ARG A 133 -8.74 -0.19 14.01
N THR A 134 -8.60 -1.51 14.11
CA THR A 134 -7.28 -2.16 14.02
C THR A 134 -6.88 -2.33 12.56
N ILE A 135 -5.62 -2.01 12.24
CA ILE A 135 -5.12 -2.10 10.87
C ILE A 135 -3.94 -3.06 10.76
N ARG A 136 -3.71 -3.57 9.54
CA ARG A 136 -2.61 -4.48 9.26
C ARG A 136 -1.79 -3.99 8.07
N VAL A 137 -0.46 -4.01 8.20
CA VAL A 137 0.41 -3.55 7.12
C VAL A 137 1.49 -4.59 6.80
N ASN A 138 1.82 -4.71 5.50
CA ASN A 138 2.83 -5.65 5.01
C ASN A 138 3.65 -5.01 3.89
N LEU A 139 4.73 -5.68 3.47
CA LEU A 139 5.58 -5.18 2.38
C LEU A 139 4.93 -5.44 1.01
N ALA A 140 4.76 -4.36 0.24
CA ALA A 140 4.14 -4.43 -1.09
C ALA A 140 5.20 -4.53 -2.18
N SER A 1 -1.60 -4.53 -41.39
CA SER A 1 -2.88 -3.81 -41.62
C SER A 1 -2.69 -2.31 -41.44
N MET A 2 -3.19 -1.53 -42.40
CA MET A 2 -3.09 -0.07 -42.37
C MET A 2 -4.44 0.56 -41.99
N MET A 3 -4.39 1.56 -41.12
CA MET A 3 -5.60 2.26 -40.67
C MET A 3 -5.58 3.72 -41.11
N GLN A 4 -6.76 4.23 -41.49
CA GLN A 4 -6.93 5.62 -41.94
C GLN A 4 -6.70 6.64 -40.81
N CYS A 5 -7.06 6.26 -39.59
CA CYS A 5 -6.90 7.13 -38.42
C CYS A 5 -5.95 6.52 -37.41
N GLY A 6 -5.06 7.36 -36.85
CA GLY A 6 -4.10 6.90 -35.86
C GLY A 6 -4.21 7.67 -34.56
N LYS A 7 -3.05 8.04 -34.00
CA LYS A 7 -3.00 8.79 -32.74
C LYS A 7 -2.86 10.29 -32.99
N CYS A 8 -3.42 11.09 -32.06
CA CYS A 8 -3.38 12.55 -32.16
C CYS A 8 -2.17 13.13 -31.43
N ASP A 9 -1.85 12.56 -30.26
CA ASP A 9 -0.71 13.01 -29.44
C ASP A 9 0.57 12.30 -29.86
N ARG A 10 1.60 13.08 -30.20
CA ARG A 10 2.92 12.57 -30.63
C ARG A 10 3.64 11.80 -29.50
N TRP A 11 3.44 12.25 -28.25
CA TRP A 11 4.08 11.61 -27.09
C TRP A 11 3.12 10.64 -26.39
N VAL A 12 3.67 9.53 -25.90
CA VAL A 12 2.88 8.51 -25.21
C VAL A 12 3.61 7.95 -23.98
N HIS A 13 4.95 7.88 -24.05
CA HIS A 13 5.80 7.37 -22.97
C HIS A 13 5.67 8.19 -21.67
N SER A 14 5.50 9.52 -21.84
CA SER A 14 5.37 10.45 -20.70
C SER A 14 4.13 10.15 -19.83
N LYS A 15 3.03 9.74 -20.48
CA LYS A 15 1.77 9.41 -19.79
C LYS A 15 1.90 8.23 -18.82
N CYS A 16 2.71 7.23 -19.21
CA CYS A 16 2.96 6.03 -18.39
C CYS A 16 4.13 6.22 -17.43
N GLU A 17 4.98 7.23 -17.72
CA GLU A 17 6.16 7.54 -16.90
C GLU A 17 5.78 8.04 -15.49
N ASN A 18 4.55 8.57 -15.35
CA ASN A 18 4.04 9.11 -14.07
C ASN A 18 4.06 8.07 -12.93
N LEU A 19 3.74 6.81 -13.25
CA LEU A 19 3.73 5.74 -12.25
C LEU A 19 4.90 4.79 -12.46
N SER A 20 5.50 4.33 -11.35
CA SER A 20 6.64 3.41 -11.37
C SER A 20 6.22 2.01 -11.83
N ASP A 21 7.21 1.24 -12.34
CA ASP A 21 6.97 -0.13 -12.83
C ASP A 21 6.53 -1.10 -11.72
N GLU A 22 6.98 -0.86 -10.48
CA GLU A 22 6.63 -1.71 -9.33
C GLU A 22 5.17 -1.53 -8.89
N MET A 23 4.71 -0.27 -8.82
CA MET A 23 3.34 0.05 -8.42
C MET A 23 2.32 -0.36 -9.49
N TYR A 24 2.68 -0.19 -10.76
CA TYR A 24 1.82 -0.54 -11.89
C TYR A 24 1.56 -2.05 -11.96
N GLU A 25 2.60 -2.86 -11.71
CA GLU A 25 2.50 -4.32 -11.75
C GLU A 25 1.67 -4.89 -10.58
N ILE A 26 1.93 -4.38 -9.36
CA ILE A 26 1.24 -4.83 -8.15
C ILE A 26 -0.24 -4.39 -8.11
N LEU A 27 -0.49 -3.11 -8.43
CA LEU A 27 -1.84 -2.54 -8.42
C LEU A 27 -2.74 -3.10 -9.54
N SER A 28 -2.17 -3.33 -10.74
CA SER A 28 -2.93 -3.88 -11.87
C SER A 28 -3.36 -5.33 -11.62
N ASN A 29 -2.46 -6.11 -11.00
CA ASN A 29 -2.73 -7.51 -10.68
C ASN A 29 -2.31 -7.82 -9.23
N LEU A 30 -3.30 -7.95 -8.36
CA LEU A 30 -3.07 -8.22 -6.94
C LEU A 30 -3.45 -9.67 -6.58
N PRO A 31 -2.66 -10.37 -5.71
CA PRO A 31 -2.99 -11.76 -5.29
C PRO A 31 -4.34 -11.84 -4.57
N GLU A 32 -5.16 -12.81 -4.98
CA GLU A 32 -6.54 -13.03 -4.45
C GLU A 32 -6.67 -12.86 -2.93
N SER A 33 -5.63 -13.25 -2.18
CA SER A 33 -5.65 -13.15 -0.73
C SER A 33 -4.95 -11.88 -0.23
N VAL A 34 -3.82 -11.52 -0.87
CA VAL A 34 -3.02 -10.35 -0.44
C VAL A 34 -3.75 -9.03 -0.70
N ALA A 35 -4.65 -9.03 -1.69
CA ALA A 35 -5.43 -7.84 -2.06
C ALA A 35 -6.38 -7.37 -0.96
N TYR A 36 -6.86 -8.31 -0.12
CA TYR A 36 -7.81 -7.97 0.97
C TYR A 36 -7.71 -8.94 2.14
N THR A 37 -8.24 -8.52 3.30
CA THR A 37 -8.22 -9.34 4.52
C THR A 37 -9.61 -9.82 4.90
N CYS A 38 -9.66 -10.87 5.71
CA CYS A 38 -10.91 -11.46 6.18
C CYS A 38 -10.92 -11.62 7.70
N VAL A 39 -12.12 -11.82 8.27
CA VAL A 39 -12.25 -11.98 9.72
C VAL A 39 -12.90 -13.32 10.08
N ASN A 40 -12.57 -13.81 11.28
CA ASN A 40 -13.09 -15.07 11.79
C ASN A 40 -14.18 -14.82 12.83
N CYS A 41 -15.11 -15.78 12.95
CA CYS A 41 -16.21 -15.69 13.91
C CYS A 41 -15.86 -16.39 15.22
N THR A 42 -16.22 -15.76 16.34
CA THR A 42 -15.95 -16.28 17.68
C THR A 42 -16.68 -17.62 17.94
N GLU A 43 -17.93 -17.73 17.46
CA GLU A 43 -18.76 -18.93 17.63
C GLU A 43 -18.16 -20.13 16.87
N ARG A 44 -17.68 -19.87 15.65
CA ARG A 44 -17.08 -20.91 14.79
C ARG A 44 -15.70 -21.37 15.31
N HIS A 45 -14.98 -20.43 15.94
CA HIS A 45 -13.63 -20.70 16.49
C HIS A 45 -13.64 -21.80 17.57
N VAL A 46 -14.70 -21.81 18.39
CA VAL A 46 -14.84 -22.79 19.49
C VAL A 46 -15.05 -24.22 18.95
N ASP A 47 -15.91 -24.35 17.92
CA ASP A 47 -16.21 -25.65 17.32
C ASP A 47 -15.30 -25.94 16.12
N GLY A 48 -14.59 -27.07 16.16
CA GLY A 48 -13.70 -27.45 15.08
C GLY A 48 -12.31 -26.83 15.19
N GLY A 49 -11.56 -26.88 14.09
CA GLY A 49 -10.22 -26.32 14.05
C GLY A 49 -9.73 -26.08 12.63
N SER A 50 -9.74 -24.80 12.22
CA SER A 50 -9.30 -24.40 10.88
C SER A 50 -7.79 -24.55 10.67
N GLY A 51 -7.02 -24.44 11.76
CA GLY A 51 -5.57 -24.56 11.70
C GLY A 51 -4.88 -23.23 11.43
N GLY A 52 -3.63 -23.30 10.97
CA GLY A 52 -2.85 -22.11 10.68
C GLY A 52 -1.61 -21.98 11.54
N SER A 53 -0.89 -23.11 11.70
CA SER A 53 0.35 -23.14 12.52
C SER A 53 1.48 -22.29 11.92
N GLY A 54 1.51 -22.22 10.58
CA GLY A 54 2.53 -21.43 9.89
C GLY A 54 3.76 -22.26 9.53
N GLY A 55 3.54 -23.48 9.04
CA GLY A 55 4.62 -24.39 8.66
C GLY A 55 5.48 -23.88 7.52
N SER A 56 4.88 -23.07 6.64
CA SER A 56 5.59 -22.51 5.48
C SER A 56 5.92 -21.03 5.69
N GLY A 57 7.00 -20.58 5.04
CA GLY A 57 7.43 -19.19 5.15
C GLY A 57 8.45 -18.81 4.08
N GLY A 58 8.98 -17.59 4.18
CA GLY A 58 9.96 -17.11 3.22
C GLY A 58 10.53 -15.76 3.59
N SER A 59 11.34 -15.18 2.69
CA SER A 59 11.96 -13.88 2.90
C SER A 59 11.51 -12.88 1.84
N ALA A 60 11.38 -11.61 2.25
CA ALA A 60 10.95 -10.54 1.36
C ALA A 60 12.08 -9.54 1.10
N THR A 61 12.04 -8.91 -0.07
CA THR A 61 13.04 -7.92 -0.47
C THR A 61 12.65 -6.52 0.01
N THR A 62 13.62 -5.59 0.03
CA THR A 62 13.39 -4.21 0.47
C THR A 62 12.56 -3.42 -0.54
N LYS A 63 11.37 -2.99 -0.10
CA LYS A 63 10.46 -2.21 -0.95
C LYS A 63 9.95 -0.98 -0.21
N ARG A 64 9.78 0.11 -0.95
CA ARG A 64 9.29 1.38 -0.39
C ARG A 64 7.76 1.46 -0.38
N VAL A 65 7.11 0.44 -0.94
CA VAL A 65 5.63 0.37 -1.00
C VAL A 65 5.14 -0.69 -0.01
N LEU A 66 4.18 -0.29 0.84
CA LEU A 66 3.63 -1.19 1.86
C LEU A 66 2.11 -1.32 1.70
N TYR A 67 1.56 -2.41 2.22
CA TYR A 67 0.10 -2.67 2.18
C TYR A 67 -0.54 -2.16 3.46
N VAL A 68 -1.63 -1.41 3.32
CA VAL A 68 -2.37 -0.90 4.46
C VAL A 68 -3.87 -1.12 4.24
N GLY A 69 -4.45 -1.97 5.08
CA GLY A 69 -5.86 -2.29 4.98
C GLY A 69 -6.56 -2.32 6.32
N GLY A 70 -7.89 -2.23 6.29
CA GLY A 70 -8.68 -2.24 7.51
C GLY A 70 -8.99 -0.83 7.98
N LEU A 71 -9.15 0.07 7.00
CA LEU A 71 -9.43 1.48 7.25
C LEU A 71 -10.93 1.75 7.30
N ALA A 72 -11.29 2.93 7.83
CA ALA A 72 -12.69 3.35 7.95
C ALA A 72 -13.20 4.01 6.67
N GLU A 73 -14.54 4.12 6.54
CA GLU A 73 -15.18 4.72 5.37
C GLU A 73 -14.92 6.24 5.28
N GLU A 74 -14.90 6.89 6.45
CA GLU A 74 -14.66 8.34 6.55
C GLU A 74 -13.19 8.71 6.31
N VAL A 75 -12.31 7.70 6.26
CA VAL A 75 -10.87 7.91 6.04
C VAL A 75 -10.57 8.27 4.57
N ASP A 76 -9.65 9.23 4.38
CA ASP A 76 -9.26 9.70 3.04
C ASP A 76 -7.73 9.62 2.85
N ASP A 77 -7.26 10.02 1.65
CA ASP A 77 -5.83 10.00 1.28
C ASP A 77 -4.98 10.94 2.17
N LYS A 78 -5.56 12.08 2.56
CA LYS A 78 -4.86 13.09 3.39
C LYS A 78 -4.56 12.53 4.79
N VAL A 79 -5.49 11.70 5.27
CA VAL A 79 -5.42 11.05 6.57
C VAL A 79 -4.26 10.02 6.62
N LEU A 80 -4.08 9.28 5.51
CA LEU A 80 -3.05 8.25 5.40
C LEU A 80 -1.63 8.84 5.38
N HIS A 81 -1.48 10.01 4.72
CA HIS A 81 -0.19 10.70 4.64
C HIS A 81 0.25 11.26 6.01
N ALA A 82 -0.66 11.98 6.68
CA ALA A 82 -0.40 12.59 7.99
C ALA A 82 -0.29 11.57 9.13
N ALA A 83 -0.84 10.36 8.93
CA ALA A 83 -0.82 9.30 9.95
C ALA A 83 0.48 8.51 9.91
N PHE A 84 1.00 8.34 8.69
CA PHE A 84 2.22 7.60 8.45
C PHE A 84 3.44 8.52 8.30
N ILE A 85 3.20 9.85 8.36
CA ILE A 85 4.27 10.85 8.23
C ILE A 85 5.27 10.87 9.43
N PRO A 86 4.85 10.55 10.72
CA PRO A 86 5.79 10.56 11.88
C PRO A 86 6.97 9.59 11.73
N PHE A 87 6.79 8.56 10.90
CA PHE A 87 7.84 7.55 10.67
C PHE A 87 8.92 8.05 9.70
N GLY A 88 8.51 8.90 8.76
CA GLY A 88 9.44 9.45 7.77
C GLY A 88 8.73 10.18 6.64
N ASP A 89 9.47 10.37 5.53
CA ASP A 89 8.95 11.06 4.34
C ASP A 89 8.12 10.11 3.47
N ILE A 90 6.98 10.61 2.99
CA ILE A 90 6.09 9.84 2.12
C ILE A 90 6.01 10.50 0.74
N THR A 91 6.01 9.66 -0.30
CA THR A 91 5.95 10.14 -1.68
C THR A 91 4.53 10.22 -2.22
N ASP A 92 3.81 9.07 -2.27
CA ASP A 92 2.44 9.03 -2.80
C ASP A 92 1.56 8.01 -2.07
N ILE A 93 0.25 8.28 -2.07
CA ILE A 93 -0.77 7.40 -1.49
C ILE A 93 -1.74 6.98 -2.60
N GLN A 94 -1.83 5.67 -2.87
CA GLN A 94 -2.72 5.16 -3.90
C GLN A 94 -3.78 4.23 -3.35
N ILE A 95 -5.04 4.51 -3.72
CA ILE A 95 -6.19 3.70 -3.29
C ILE A 95 -7.03 3.30 -4.52
N PRO A 96 -7.12 1.97 -4.87
CA PRO A 96 -7.92 1.52 -6.04
C PRO A 96 -9.39 1.91 -5.92
N LEU A 97 -9.86 2.75 -6.85
CA LEU A 97 -11.24 3.23 -6.87
C LEU A 97 -11.89 2.99 -8.23
N ASP A 98 -13.14 2.50 -8.20
CA ASP A 98 -13.90 2.24 -9.43
C ASP A 98 -14.75 3.44 -9.79
N TYR A 99 -14.93 3.68 -11.10
CA TYR A 99 -15.73 4.80 -11.60
C TYR A 99 -17.21 4.68 -11.22
N GLU A 100 -17.71 3.44 -11.21
CA GLU A 100 -19.12 3.14 -10.89
C GLU A 100 -19.42 3.20 -9.37
N THR A 101 -18.57 2.53 -8.56
CA THR A 101 -18.78 2.48 -7.11
C THR A 101 -18.10 3.63 -6.37
N GLU A 102 -16.99 4.17 -6.94
CA GLU A 102 -16.21 5.28 -6.32
C GLU A 102 -15.87 5.01 -4.84
N LYS A 103 -15.81 3.71 -4.48
CA LYS A 103 -15.52 3.30 -3.10
C LYS A 103 -14.10 2.78 -2.99
N HIS A 104 -13.47 3.02 -1.82
CA HIS A 104 -12.09 2.57 -1.57
C HIS A 104 -12.03 1.14 -1.02
N ARG A 105 -13.19 0.65 -0.53
CA ARG A 105 -13.34 -0.71 0.06
C ARG A 105 -12.65 -0.86 1.42
N GLY A 106 -11.90 0.17 1.84
CA GLY A 106 -11.23 0.14 3.14
C GLY A 106 -9.77 -0.31 3.09
N PHE A 107 -9.13 -0.23 1.91
CA PHE A 107 -7.71 -0.61 1.79
C PHE A 107 -6.97 0.28 0.79
N ALA A 108 -5.67 0.46 1.04
CA ALA A 108 -4.79 1.30 0.21
C ALA A 108 -3.32 0.88 0.36
N PHE A 109 -2.43 1.48 -0.45
CA PHE A 109 -0.99 1.22 -0.36
C PHE A 109 -0.25 2.54 -0.10
N VAL A 110 0.89 2.46 0.57
CA VAL A 110 1.67 3.66 0.89
C VAL A 110 3.10 3.57 0.29
N GLU A 111 3.51 4.67 -0.32
CA GLU A 111 4.84 4.77 -0.95
C GLU A 111 5.73 5.70 -0.11
N PHE A 112 6.95 5.23 0.17
CA PHE A 112 7.91 6.01 0.95
C PHE A 112 9.15 6.33 0.13
N GLU A 113 9.77 7.49 0.43
CA GLU A 113 10.99 7.95 -0.25
C GLU A 113 12.20 7.09 0.17
N LEU A 114 12.22 6.72 1.46
CA LEU A 114 13.29 5.89 2.02
C LEU A 114 12.82 4.47 2.25
N ALA A 115 13.70 3.51 1.93
CA ALA A 115 13.41 2.09 2.16
C ALA A 115 13.53 1.78 3.66
N GLU A 116 14.26 2.67 4.35
CA GLU A 116 14.53 2.61 5.79
C GLU A 116 13.26 2.91 6.62
N ASP A 117 12.59 4.03 6.28
CA ASP A 117 11.36 4.45 6.98
C ASP A 117 10.18 3.49 6.70
N ALA A 118 10.16 2.91 5.50
CA ALA A 118 9.12 1.96 5.09
C ALA A 118 9.16 0.69 5.94
N ALA A 119 10.38 0.16 6.14
CA ALA A 119 10.60 -1.03 6.98
C ALA A 119 10.25 -0.71 8.43
N ALA A 120 10.43 0.58 8.79
CA ALA A 120 10.11 1.08 10.13
C ALA A 120 8.60 1.15 10.36
N ALA A 121 7.87 1.44 9.26
CA ALA A 121 6.40 1.53 9.30
C ALA A 121 5.74 0.18 9.55
N ILE A 122 6.31 -0.89 8.95
CA ILE A 122 5.79 -2.26 9.13
C ILE A 122 6.06 -2.79 10.55
N ASP A 123 7.24 -2.50 11.08
CA ASP A 123 7.64 -2.95 12.42
C ASP A 123 6.87 -2.22 13.54
N ASN A 124 6.48 -0.97 13.29
CA ASN A 124 5.78 -0.15 14.30
C ASN A 124 4.26 -0.31 14.32
N MET A 125 3.60 -0.33 13.15
CA MET A 125 2.14 -0.44 13.11
C MET A 125 1.64 -1.54 12.16
N ASN A 126 2.20 -2.75 12.30
CA ASN A 126 1.80 -3.91 11.49
C ASN A 126 0.34 -4.29 11.76
N GLU A 127 -0.06 -4.19 13.04
CA GLU A 127 -1.43 -4.49 13.49
C GLU A 127 -1.85 -3.50 14.57
N SER A 128 -2.21 -2.28 14.11
CA SER A 128 -2.63 -1.20 14.99
C SER A 128 -4.03 -0.70 14.63
N GLU A 129 -4.66 0.03 15.56
CA GLU A 129 -6.00 0.57 15.33
C GLU A 129 -5.92 1.97 14.70
N LEU A 130 -6.47 2.08 13.49
CA LEU A 130 -6.50 3.34 12.75
C LEU A 130 -7.94 3.73 12.43
N PHE A 131 -8.30 4.98 12.77
CA PHE A 131 -9.66 5.53 12.56
C PHE A 131 -10.76 4.70 13.24
N GLY A 132 -10.37 3.89 14.23
CA GLY A 132 -11.32 3.05 14.97
C GLY A 132 -11.39 1.62 14.46
N ARG A 133 -10.55 1.27 13.50
CA ARG A 133 -10.52 -0.08 12.92
C ARG A 133 -9.10 -0.66 12.97
N THR A 134 -9.00 -1.99 13.00
CA THR A 134 -7.70 -2.68 13.02
C THR A 134 -7.11 -2.74 11.61
N ILE A 135 -5.83 -2.37 11.48
CA ILE A 135 -5.16 -2.36 10.18
C ILE A 135 -3.95 -3.30 10.15
N ARG A 136 -3.63 -3.76 8.93
CA ARG A 136 -2.49 -4.66 8.72
C ARG A 136 -1.56 -4.05 7.68
N VAL A 137 -0.25 -4.07 7.96
CA VAL A 137 0.71 -3.52 7.00
C VAL A 137 1.83 -4.52 6.71
N ASN A 138 2.16 -4.64 5.41
CA ASN A 138 3.20 -5.54 4.93
C ASN A 138 3.85 -4.96 3.67
N LEU A 139 4.90 -5.64 3.17
CA LEU A 139 5.61 -5.20 1.96
C LEU A 139 4.78 -5.46 0.71
N ALA A 140 4.65 -4.43 -0.14
CA ALA A 140 3.88 -4.53 -1.38
C ALA A 140 4.79 -4.75 -2.58
N SER A 1 8.23 -22.05 -38.82
CA SER A 1 7.86 -20.68 -38.39
C SER A 1 7.66 -20.61 -36.88
N MET A 2 8.07 -19.49 -36.28
CA MET A 2 7.94 -19.28 -34.84
C MET A 2 6.76 -18.36 -34.53
N MET A 3 5.99 -18.73 -33.50
CA MET A 3 4.82 -17.95 -33.08
C MET A 3 5.09 -17.26 -31.76
N GLN A 4 4.66 -15.99 -31.65
CA GLN A 4 4.85 -15.20 -30.43
C GLN A 4 3.52 -14.70 -29.90
N CYS A 5 3.45 -14.56 -28.56
CA CYS A 5 2.24 -14.07 -27.88
C CYS A 5 2.25 -12.55 -27.75
N GLY A 6 3.43 -11.99 -27.47
CA GLY A 6 3.57 -10.54 -27.31
C GLY A 6 5.02 -10.10 -27.29
N LYS A 7 5.24 -8.79 -27.11
CA LYS A 7 6.59 -8.22 -27.07
C LYS A 7 6.96 -7.81 -25.65
N CYS A 8 8.16 -8.23 -25.23
CA CYS A 8 8.67 -7.91 -23.89
C CYS A 8 10.07 -7.31 -23.95
N ASP A 9 10.78 -7.57 -25.06
CA ASP A 9 12.16 -7.07 -25.28
C ASP A 9 12.23 -5.53 -25.34
N ARG A 10 11.18 -4.92 -25.92
CA ARG A 10 11.12 -3.47 -26.05
C ARG A 10 9.99 -2.89 -25.21
N TRP A 11 10.28 -1.79 -24.52
CA TRP A 11 9.31 -1.10 -23.67
C TRP A 11 9.02 0.30 -24.19
N VAL A 12 7.75 0.72 -24.08
CA VAL A 12 7.33 2.05 -24.54
C VAL A 12 6.45 2.75 -23.49
N HIS A 13 5.59 1.98 -22.82
CA HIS A 13 4.68 2.50 -21.80
C HIS A 13 5.41 3.09 -20.58
N SER A 14 6.58 2.50 -20.25
CA SER A 14 7.39 2.96 -19.11
C SER A 14 7.87 4.40 -19.27
N LYS A 15 8.24 4.77 -20.51
CA LYS A 15 8.71 6.13 -20.83
C LYS A 15 7.60 7.18 -20.69
N CYS A 16 6.37 6.79 -21.08
CA CYS A 16 5.20 7.68 -21.00
C CYS A 16 4.62 7.79 -19.59
N GLU A 17 4.74 6.71 -18.81
CA GLU A 17 4.22 6.67 -17.43
C GLU A 17 5.14 7.40 -16.45
N ASN A 18 4.54 8.26 -15.62
CA ASN A 18 5.27 9.05 -14.61
C ASN A 18 5.61 8.22 -13.36
N LEU A 19 4.74 7.26 -13.05
CA LEU A 19 4.91 6.38 -11.88
C LEU A 19 5.82 5.19 -12.19
N SER A 20 6.42 4.62 -11.14
CA SER A 20 7.33 3.47 -11.27
C SER A 20 6.57 2.17 -11.58
N ASP A 21 7.29 1.20 -12.16
CA ASP A 21 6.72 -0.11 -12.53
C ASP A 21 6.28 -0.95 -11.32
N GLU A 22 6.98 -0.76 -10.18
CA GLU A 22 6.69 -1.51 -8.95
C GLU A 22 5.28 -1.22 -8.41
N MET A 23 4.91 0.06 -8.31
CA MET A 23 3.59 0.47 -7.82
C MET A 23 2.47 0.16 -8.81
N TYR A 24 2.75 0.36 -10.11
CA TYR A 24 1.78 0.11 -11.18
C TYR A 24 1.47 -1.39 -11.34
N GLU A 25 2.52 -2.24 -11.26
CA GLU A 25 2.36 -3.70 -11.41
C GLU A 25 1.63 -4.35 -10.23
N ILE A 26 1.93 -3.90 -9.00
CA ILE A 26 1.28 -4.46 -7.78
C ILE A 26 -0.22 -4.11 -7.74
N LEU A 27 -0.55 -2.85 -8.03
CA LEU A 27 -1.95 -2.38 -8.03
C LEU A 27 -2.76 -2.97 -9.19
N SER A 28 -2.12 -3.10 -10.37
CA SER A 28 -2.78 -3.66 -11.56
C SER A 28 -2.90 -5.18 -11.51
N ASN A 29 -1.96 -5.83 -10.79
CA ASN A 29 -1.95 -7.28 -10.66
C ASN A 29 -2.24 -7.70 -9.22
N LEU A 30 -3.52 -7.66 -8.85
CA LEU A 30 -3.96 -8.04 -7.50
C LEU A 30 -4.93 -9.24 -7.56
N PRO A 31 -4.56 -10.42 -6.97
CA PRO A 31 -5.43 -11.60 -6.96
C PRO A 31 -6.66 -11.38 -6.06
N GLU A 32 -7.86 -11.60 -6.66
CA GLU A 32 -9.16 -11.39 -5.99
C GLU A 32 -9.23 -11.95 -4.56
N SER A 33 -8.54 -13.08 -4.33
CA SER A 33 -8.52 -13.71 -3.01
C SER A 33 -7.40 -13.16 -2.13
N VAL A 34 -6.19 -12.98 -2.71
CA VAL A 34 -5.02 -12.51 -1.96
C VAL A 34 -5.18 -11.05 -1.51
N ALA A 35 -6.00 -10.30 -2.25
CA ALA A 35 -6.27 -8.89 -1.96
C ALA A 35 -7.01 -8.66 -0.64
N TYR A 36 -7.89 -9.61 -0.25
CA TYR A 36 -8.68 -9.45 1.01
C TYR A 36 -9.27 -10.77 1.52
N THR A 37 -9.40 -11.78 0.64
CA THR A 37 -9.97 -13.08 1.03
C THR A 37 -8.92 -14.00 1.65
N CYS A 38 -9.17 -14.39 2.90
CA CYS A 38 -8.26 -15.28 3.64
C CYS A 38 -8.74 -16.74 3.58
N VAL A 39 -10.07 -16.92 3.68
CA VAL A 39 -10.69 -18.25 3.65
C VAL A 39 -11.64 -18.36 2.46
N ASN A 40 -11.65 -19.53 1.80
CA ASN A 40 -12.51 -19.84 0.63
C ASN A 40 -12.12 -19.00 -0.59
N CYS A 41 -12.42 -19.54 -1.79
CA CYS A 41 -12.10 -18.88 -3.05
C CYS A 41 -13.37 -18.57 -3.83
N THR A 42 -13.46 -17.33 -4.34
CA THR A 42 -14.62 -16.86 -5.11
C THR A 42 -14.76 -17.60 -6.46
N GLU A 43 -13.61 -17.90 -7.09
CA GLU A 43 -13.59 -18.59 -8.38
C GLU A 43 -13.48 -20.10 -8.19
N ARG A 44 -14.26 -20.85 -8.97
CA ARG A 44 -14.27 -22.33 -8.92
C ARG A 44 -12.96 -22.94 -9.43
N HIS A 45 -12.38 -22.31 -10.46
CA HIS A 45 -11.11 -22.77 -11.04
C HIS A 45 -10.01 -21.73 -10.84
N VAL A 46 -8.86 -22.20 -10.33
CA VAL A 46 -7.70 -21.33 -10.09
C VAL A 46 -6.87 -21.16 -11.37
N ASP A 47 -6.59 -22.27 -12.05
CA ASP A 47 -5.81 -22.27 -13.29
C ASP A 47 -6.72 -22.20 -14.51
N GLY A 48 -6.53 -21.16 -15.32
CA GLY A 48 -7.33 -20.97 -16.53
C GLY A 48 -6.66 -21.51 -17.77
N GLY A 49 -5.38 -21.15 -17.96
CA GLY A 49 -4.62 -21.60 -19.11
C GLY A 49 -3.18 -21.93 -18.75
N SER A 50 -2.25 -21.10 -19.25
CA SER A 50 -0.83 -21.29 -18.97
C SER A 50 -0.27 -20.12 -18.16
N GLY A 51 0.58 -20.44 -17.19
CA GLY A 51 1.17 -19.42 -16.34
C GLY A 51 2.65 -19.19 -16.63
N GLY A 52 3.02 -17.93 -16.84
CA GLY A 52 4.40 -17.57 -17.13
C GLY A 52 5.12 -17.08 -15.88
N SER A 53 4.71 -15.91 -15.39
CA SER A 53 5.31 -15.31 -14.20
C SER A 53 4.26 -15.12 -13.11
N GLY A 54 4.70 -15.23 -11.85
CA GLY A 54 3.80 -15.09 -10.71
C GLY A 54 3.66 -13.64 -10.25
N GLY A 55 2.86 -13.44 -9.18
CA GLY A 55 2.64 -12.10 -8.64
C GLY A 55 3.70 -11.70 -7.63
N SER A 56 3.93 -12.56 -6.64
CA SER A 56 4.93 -12.30 -5.60
C SER A 56 5.97 -13.41 -5.56
N GLY A 57 7.21 -13.03 -5.22
CA GLY A 57 8.30 -13.99 -5.14
C GLY A 57 9.66 -13.32 -5.06
N GLY A 58 10.66 -14.08 -4.61
CA GLY A 58 12.02 -13.57 -4.48
C GLY A 58 12.26 -12.86 -3.16
N SER A 59 13.40 -12.17 -3.06
CA SER A 59 13.77 -11.43 -1.85
C SER A 59 14.00 -9.95 -2.16
N ALA A 60 13.59 -9.09 -1.22
CA ALA A 60 13.74 -7.65 -1.38
C ALA A 60 14.84 -7.11 -0.47
N THR A 61 15.72 -6.27 -1.03
CA THR A 61 16.83 -5.67 -0.28
C THR A 61 16.40 -4.40 0.46
N THR A 62 15.46 -3.65 -0.14
CA THR A 62 14.96 -2.41 0.45
C THR A 62 13.43 -2.42 0.53
N LYS A 63 12.88 -1.61 1.45
CA LYS A 63 11.43 -1.51 1.63
C LYS A 63 10.96 -0.07 1.43
N ARG A 64 10.06 0.12 0.46
CA ARG A 64 9.51 1.45 0.15
C ARG A 64 7.99 1.43 0.03
N VAL A 65 7.45 0.37 -0.60
CA VAL A 65 6.00 0.23 -0.78
C VAL A 65 5.48 -0.81 0.21
N LEU A 66 4.47 -0.40 1.02
CA LEU A 66 3.89 -1.29 2.03
C LEU A 66 2.38 -1.41 1.83
N TYR A 67 1.81 -2.49 2.38
CA TYR A 67 0.37 -2.75 2.31
C TYR A 67 -0.31 -2.27 3.59
N VAL A 68 -1.30 -1.39 3.43
CA VAL A 68 -2.06 -0.90 4.59
C VAL A 68 -3.54 -1.15 4.36
N GLY A 69 -4.10 -2.02 5.20
CA GLY A 69 -5.51 -2.38 5.09
C GLY A 69 -6.22 -2.35 6.42
N GLY A 70 -7.55 -2.25 6.37
CA GLY A 70 -8.36 -2.21 7.58
C GLY A 70 -8.69 -0.78 7.97
N LEU A 71 -8.86 0.05 6.95
CA LEU A 71 -9.16 1.48 7.13
C LEU A 71 -10.67 1.72 7.13
N ALA A 72 -11.06 2.92 7.58
CA ALA A 72 -12.46 3.33 7.66
C ALA A 72 -12.95 3.96 6.35
N GLU A 73 -14.27 4.02 6.17
CA GLU A 73 -14.88 4.61 4.96
C GLU A 73 -14.68 6.13 4.91
N GLU A 74 -14.68 6.75 6.09
CA GLU A 74 -14.51 8.20 6.21
C GLU A 74 -13.03 8.61 6.17
N VAL A 75 -12.13 7.62 5.94
CA VAL A 75 -10.69 7.88 5.87
C VAL A 75 -10.28 8.31 4.44
N ASP A 76 -9.38 9.30 4.37
CA ASP A 76 -8.90 9.83 3.08
C ASP A 76 -7.37 9.77 2.98
N ASP A 77 -6.84 10.12 1.78
CA ASP A 77 -5.39 10.12 1.51
C ASP A 77 -4.63 11.08 2.43
N LYS A 78 -5.28 12.19 2.78
CA LYS A 78 -4.70 13.23 3.64
C LYS A 78 -4.48 12.69 5.06
N VAL A 79 -5.45 11.89 5.50
CA VAL A 79 -5.44 11.25 6.80
C VAL A 79 -4.33 10.17 6.87
N LEU A 80 -4.20 9.40 5.77
CA LEU A 80 -3.19 8.33 5.67
C LEU A 80 -1.76 8.90 5.62
N HIS A 81 -1.61 10.04 4.93
CA HIS A 81 -0.31 10.72 4.80
C HIS A 81 0.16 11.31 6.14
N ALA A 82 -0.75 12.02 6.82
CA ALA A 82 -0.47 12.66 8.12
C ALA A 82 -0.30 11.65 9.27
N ALA A 83 -0.84 10.43 9.10
CA ALA A 83 -0.77 9.40 10.13
C ALA A 83 0.55 8.63 10.04
N PHE A 84 1.02 8.46 8.80
CA PHE A 84 2.26 7.75 8.52
C PHE A 84 3.44 8.71 8.34
N ILE A 85 3.19 10.03 8.43
CA ILE A 85 4.22 11.05 8.27
C ILE A 85 5.25 11.10 9.46
N PRO A 86 4.87 10.77 10.74
CA PRO A 86 5.83 10.81 11.88
C PRO A 86 7.03 9.88 11.70
N PHE A 87 6.85 8.82 10.88
CA PHE A 87 7.92 7.83 10.62
C PHE A 87 8.95 8.35 9.61
N GLY A 88 8.48 9.19 8.67
CA GLY A 88 9.36 9.75 7.64
C GLY A 88 8.60 10.44 6.53
N ASP A 89 9.29 10.69 5.41
CA ASP A 89 8.70 11.34 4.25
C ASP A 89 7.94 10.35 3.37
N ILE A 90 6.75 10.78 2.92
CA ILE A 90 5.90 9.95 2.07
C ILE A 90 5.74 10.63 0.70
N THR A 91 5.73 9.81 -0.36
CA THR A 91 5.58 10.31 -1.72
C THR A 91 4.12 10.42 -2.16
N ASP A 92 3.41 9.28 -2.23
CA ASP A 92 1.99 9.26 -2.64
C ASP A 92 1.21 8.12 -2.00
N ILE A 93 -0.11 8.30 -1.94
CA ILE A 93 -1.03 7.29 -1.39
C ILE A 93 -1.97 6.84 -2.52
N GLN A 94 -2.00 5.54 -2.80
CA GLN A 94 -2.83 5.00 -3.88
C GLN A 94 -3.83 3.97 -3.38
N ILE A 95 -5.09 4.14 -3.82
CA ILE A 95 -6.19 3.24 -3.46
C ILE A 95 -6.92 2.79 -4.75
N PRO A 96 -6.94 1.46 -5.09
CA PRO A 96 -7.62 0.97 -6.29
C PRO A 96 -9.15 1.11 -6.20
N LEU A 97 -9.72 1.92 -7.09
CA LEU A 97 -11.16 2.17 -7.10
C LEU A 97 -11.83 1.70 -8.39
N ASP A 98 -13.08 1.26 -8.25
CA ASP A 98 -13.89 0.79 -9.39
C ASP A 98 -14.61 1.95 -10.05
N TYR A 99 -14.74 1.89 -11.38
CA TYR A 99 -15.42 2.95 -12.16
C TYR A 99 -16.91 3.07 -11.84
N GLU A 100 -17.53 1.93 -11.49
CA GLU A 100 -18.96 1.85 -11.18
C GLU A 100 -19.35 2.53 -9.85
N THR A 101 -18.57 2.30 -8.79
CA THR A 101 -18.87 2.87 -7.46
C THR A 101 -17.85 3.91 -7.00
N GLU A 102 -16.60 3.80 -7.51
CA GLU A 102 -15.49 4.73 -7.16
C GLU A 102 -15.23 4.78 -5.64
N LYS A 103 -15.66 3.74 -4.93
CA LYS A 103 -15.50 3.65 -3.48
C LYS A 103 -14.45 2.62 -3.12
N HIS A 104 -13.73 2.87 -2.01
CA HIS A 104 -12.66 1.96 -1.57
C HIS A 104 -13.21 0.85 -0.67
N ARG A 105 -12.51 -0.29 -0.67
CA ARG A 105 -12.90 -1.46 0.13
C ARG A 105 -12.28 -1.42 1.53
N GLY A 106 -11.53 -0.35 1.82
CA GLY A 106 -10.89 -0.20 3.13
C GLY A 106 -9.42 -0.58 3.14
N PHE A 107 -8.76 -0.57 1.96
CA PHE A 107 -7.33 -0.88 1.88
C PHE A 107 -6.62 -0.02 0.84
N ALA A 108 -5.34 0.26 1.10
CA ALA A 108 -4.49 1.09 0.22
C ALA A 108 -3.01 0.75 0.41
N PHE A 109 -2.15 1.32 -0.45
CA PHE A 109 -0.70 1.12 -0.35
C PHE A 109 -0.02 2.46 -0.16
N VAL A 110 1.10 2.46 0.56
CA VAL A 110 1.84 3.70 0.84
C VAL A 110 3.28 3.61 0.33
N GLU A 111 3.73 4.68 -0.33
CA GLU A 111 5.10 4.77 -0.86
C GLU A 111 5.92 5.76 -0.06
N PHE A 112 7.12 5.33 0.35
CA PHE A 112 8.03 6.18 1.12
C PHE A 112 9.27 6.54 0.32
N GLU A 113 9.74 7.79 0.50
CA GLU A 113 10.94 8.30 -0.18
C GLU A 113 12.20 7.55 0.30
N LEU A 114 12.23 7.25 1.60
CA LEU A 114 13.34 6.53 2.21
C LEU A 114 12.97 5.07 2.48
N ALA A 115 13.88 4.17 2.15
CA ALA A 115 13.67 2.73 2.37
C ALA A 115 13.74 2.41 3.88
N GLU A 116 14.43 3.30 4.61
CA GLU A 116 14.63 3.21 6.06
C GLU A 116 13.33 3.46 6.85
N ASP A 117 12.64 4.57 6.52
CA ASP A 117 11.39 4.94 7.21
C ASP A 117 10.23 3.96 6.92
N ALA A 118 10.21 3.39 5.70
CA ALA A 118 9.18 2.43 5.29
C ALA A 118 9.29 1.12 6.08
N ALA A 119 10.53 0.63 6.23
CA ALA A 119 10.81 -0.59 7.00
C ALA A 119 10.44 -0.36 8.47
N ALA A 120 10.57 0.90 8.89
CA ALA A 120 10.23 1.34 10.25
C ALA A 120 8.72 1.32 10.46
N ALA A 121 7.97 1.60 9.38
CA ALA A 121 6.51 1.61 9.40
C ALA A 121 5.94 0.20 9.64
N ILE A 122 6.59 -0.81 9.02
CA ILE A 122 6.17 -2.21 9.18
C ILE A 122 6.48 -2.75 10.60
N ASP A 123 7.61 -2.32 11.16
CA ASP A 123 8.02 -2.77 12.51
C ASP A 123 7.34 -1.96 13.63
N ASN A 124 6.77 -0.80 13.29
CA ASN A 124 6.12 0.07 14.29
C ASN A 124 4.60 -0.09 14.36
N MET A 125 3.92 -0.13 13.20
CA MET A 125 2.45 -0.24 13.18
C MET A 125 1.95 -1.34 12.26
N ASN A 126 2.50 -2.55 12.42
CA ASN A 126 2.10 -3.73 11.60
C ASN A 126 0.64 -4.15 11.91
N GLU A 127 0.26 -4.02 13.19
CA GLU A 127 -1.09 -4.35 13.65
C GLU A 127 -1.54 -3.34 14.71
N SER A 128 -1.98 -2.18 14.21
CA SER A 128 -2.42 -1.08 15.07
C SER A 128 -3.83 -0.61 14.68
N GLU A 129 -4.45 0.18 15.56
CA GLU A 129 -5.81 0.71 15.32
C GLU A 129 -5.73 2.08 14.65
N LEU A 130 -6.33 2.17 13.46
CA LEU A 130 -6.37 3.41 12.68
C LEU A 130 -7.82 3.75 12.32
N PHE A 131 -8.21 5.00 12.61
CA PHE A 131 -9.58 5.53 12.35
C PHE A 131 -10.69 4.68 13.02
N GLY A 132 -10.30 3.91 14.04
CA GLY A 132 -11.26 3.07 14.77
C GLY A 132 -11.29 1.62 14.31
N ARG A 133 -10.39 1.27 13.38
CA ARG A 133 -10.32 -0.10 12.85
C ARG A 133 -8.89 -0.63 12.92
N THR A 134 -8.76 -1.98 12.98
CA THR A 134 -7.45 -2.62 13.04
C THR A 134 -6.83 -2.67 11.63
N ILE A 135 -5.56 -2.27 11.53
CA ILE A 135 -4.86 -2.24 10.24
C ILE A 135 -3.64 -3.17 10.23
N ARG A 136 -3.29 -3.63 9.02
CA ARG A 136 -2.14 -4.52 8.83
C ARG A 136 -1.21 -3.93 7.79
N VAL A 137 0.10 -3.93 8.09
CA VAL A 137 1.07 -3.39 7.13
C VAL A 137 2.18 -4.42 6.87
N ASN A 138 2.48 -4.61 5.58
CA ASN A 138 3.51 -5.56 5.14
C ASN A 138 4.21 -5.04 3.87
N LEU A 139 5.26 -5.75 3.44
CA LEU A 139 6.03 -5.39 2.24
C LEU A 139 5.17 -5.59 0.98
N ALA A 140 5.06 -4.54 0.18
CA ALA A 140 4.27 -4.57 -1.06
C ALA A 140 5.17 -4.77 -2.28
N SER A 1 -7.42 37.41 -32.80
CA SER A 1 -5.98 37.71 -32.80
C SER A 1 -5.16 36.42 -32.79
N MET A 2 -4.05 36.43 -33.55
CA MET A 2 -3.16 35.26 -33.64
C MET A 2 -1.90 35.47 -32.80
N MET A 3 -1.51 34.41 -32.08
CA MET A 3 -0.32 34.45 -31.23
C MET A 3 0.73 33.44 -31.70
N GLN A 4 2.00 33.74 -31.43
CA GLN A 4 3.10 32.87 -31.83
C GLN A 4 3.69 32.15 -30.62
N CYS A 5 4.01 30.86 -30.80
CA CYS A 5 4.59 30.03 -29.74
C CYS A 5 5.81 29.27 -30.25
N GLY A 6 6.88 29.27 -29.45
CA GLY A 6 8.11 28.59 -29.80
C GLY A 6 8.33 27.32 -28.99
N LYS A 7 7.25 26.57 -28.74
CA LYS A 7 7.34 25.33 -27.97
C LYS A 7 7.37 24.12 -28.89
N CYS A 8 8.14 23.09 -28.48
CA CYS A 8 8.27 21.84 -29.25
C CYS A 8 7.03 20.95 -29.14
N ASP A 9 6.41 20.94 -27.94
CA ASP A 9 5.19 20.14 -27.66
C ASP A 9 5.40 18.64 -27.94
N ARG A 10 6.53 18.11 -27.46
CA ARG A 10 6.87 16.70 -27.65
C ARG A 10 7.11 16.01 -26.31
N TRP A 11 6.63 14.75 -26.20
CA TRP A 11 6.76 13.90 -24.99
C TRP A 11 6.33 14.63 -23.71
N VAL A 12 5.08 14.39 -23.30
CA VAL A 12 4.51 15.01 -22.08
C VAL A 12 3.93 13.96 -21.11
N HIS A 13 4.04 12.68 -21.49
CA HIS A 13 3.52 11.57 -20.68
C HIS A 13 4.26 11.43 -19.34
N SER A 14 5.59 11.55 -19.39
CA SER A 14 6.45 11.44 -18.19
C SER A 14 6.27 12.63 -17.23
N LYS A 15 6.07 13.83 -17.79
CA LYS A 15 5.89 15.06 -17.01
C LYS A 15 4.54 15.07 -16.26
N CYS A 16 3.48 14.57 -16.94
CA CYS A 16 2.13 14.52 -16.36
C CYS A 16 1.97 13.41 -15.32
N GLU A 17 2.50 12.22 -15.63
CA GLU A 17 2.41 11.07 -14.72
C GLU A 17 3.78 10.41 -14.52
N ASN A 18 4.08 10.05 -13.27
CA ASN A 18 5.33 9.39 -12.92
C ASN A 18 5.08 8.35 -11.82
N LEU A 19 5.06 7.07 -12.23
CA LEU A 19 4.83 5.96 -11.31
C LEU A 19 6.04 5.03 -11.27
N SER A 20 6.33 4.50 -10.07
CA SER A 20 7.45 3.57 -9.87
C SER A 20 7.18 2.19 -10.47
N ASP A 21 8.25 1.42 -10.71
CA ASP A 21 8.16 0.07 -11.28
C ASP A 21 7.38 -0.92 -10.40
N GLU A 22 7.56 -0.78 -9.07
CA GLU A 22 6.87 -1.66 -8.09
C GLU A 22 5.37 -1.38 -8.01
N MET A 23 4.99 -0.09 -8.02
CA MET A 23 3.58 0.32 -7.93
C MET A 23 2.78 -0.07 -9.17
N TYR A 24 3.41 0.04 -10.36
CA TYR A 24 2.77 -0.31 -11.63
C TYR A 24 2.50 -1.81 -11.77
N GLU A 25 3.47 -2.65 -11.38
CA GLU A 25 3.35 -4.12 -11.48
C GLU A 25 2.36 -4.71 -10.46
N ILE A 26 2.40 -4.23 -9.22
CA ILE A 26 1.52 -4.73 -8.14
C ILE A 26 0.05 -4.33 -8.37
N LEU A 27 -0.18 -3.05 -8.68
CA LEU A 27 -1.54 -2.52 -8.91
C LEU A 27 -2.19 -3.05 -10.19
N SER A 28 -1.41 -3.13 -11.28
CA SER A 28 -1.91 -3.65 -12.57
C SER A 28 -2.17 -5.16 -12.50
N ASN A 29 -1.31 -5.85 -11.74
CA ASN A 29 -1.42 -7.31 -11.54
C ASN A 29 -1.98 -7.57 -10.14
N LEU A 30 -3.21 -7.12 -9.92
CA LEU A 30 -3.88 -7.26 -8.63
C LEU A 30 -4.94 -8.38 -8.65
N PRO A 31 -4.58 -9.64 -8.26
CA PRO A 31 -5.52 -10.77 -8.20
C PRO A 31 -6.54 -10.61 -7.07
N GLU A 32 -7.82 -10.79 -7.40
CA GLU A 32 -8.94 -10.63 -6.45
C GLU A 32 -8.76 -11.41 -5.14
N SER A 33 -8.10 -12.57 -5.22
CA SER A 33 -7.87 -13.42 -4.04
C SER A 33 -6.60 -13.02 -3.28
N VAL A 34 -5.54 -12.64 -4.03
CA VAL A 34 -4.24 -12.28 -3.42
C VAL A 34 -4.34 -10.97 -2.62
N ALA A 35 -5.24 -10.07 -3.05
CA ALA A 35 -5.44 -8.78 -2.38
C ALA A 35 -5.96 -8.94 -0.94
N TYR A 36 -6.72 -10.01 -0.69
CA TYR A 36 -7.30 -10.28 0.64
C TYR A 36 -7.51 -11.78 0.85
N THR A 37 -7.03 -12.28 2.01
CA THR A 37 -7.16 -13.69 2.35
C THR A 37 -7.84 -13.86 3.72
N CYS A 38 -8.47 -15.03 3.91
CA CYS A 38 -9.16 -15.33 5.17
C CYS A 38 -8.29 -16.18 6.10
N VAL A 39 -7.57 -17.15 5.54
CA VAL A 39 -6.70 -18.04 6.31
C VAL A 39 -5.25 -17.91 5.83
N ASN A 40 -4.32 -17.87 6.79
CA ASN A 40 -2.89 -17.76 6.50
C ASN A 40 -2.19 -19.11 6.65
N CYS A 41 -1.15 -19.32 5.86
CA CYS A 41 -0.38 -20.57 5.89
C CYS A 41 1.09 -20.30 6.21
N THR A 42 1.64 -21.11 7.12
CA THR A 42 3.04 -20.98 7.54
C THR A 42 3.96 -21.98 6.79
N GLU A 43 3.36 -22.80 5.92
CA GLU A 43 4.11 -23.79 5.15
C GLU A 43 4.40 -23.26 3.73
N ARG A 44 5.62 -23.50 3.26
CA ARG A 44 6.05 -23.05 1.94
C ARG A 44 6.54 -24.22 1.09
N HIS A 45 6.34 -24.11 -0.23
CA HIS A 45 6.75 -25.15 -1.17
C HIS A 45 7.62 -24.56 -2.29
N VAL A 46 8.60 -25.34 -2.74
CA VAL A 46 9.52 -24.90 -3.80
C VAL A 46 9.28 -25.73 -5.06
N ASP A 47 9.17 -25.03 -6.20
CA ASP A 47 8.96 -25.67 -7.51
C ASP A 47 10.20 -25.58 -8.39
N GLY A 48 10.33 -26.51 -9.34
CA GLY A 48 11.47 -26.54 -10.25
C GLY A 48 11.21 -25.76 -11.53
N GLY A 49 12.20 -25.78 -12.43
CA GLY A 49 12.08 -25.08 -13.71
C GLY A 49 12.75 -23.71 -13.68
N SER A 50 12.24 -22.83 -12.81
CA SER A 50 12.78 -21.47 -12.68
C SER A 50 13.27 -21.21 -11.26
N GLY A 51 14.31 -20.37 -11.15
CA GLY A 51 14.87 -20.04 -9.84
C GLY A 51 14.37 -18.71 -9.32
N GLY A 52 14.50 -17.66 -10.14
CA GLY A 52 14.06 -16.32 -9.76
C GLY A 52 14.19 -15.31 -10.88
N SER A 53 13.83 -14.05 -10.59
CA SER A 53 13.89 -12.96 -11.57
C SER A 53 15.34 -12.55 -11.91
N GLY A 54 16.24 -12.73 -10.95
CA GLY A 54 17.65 -12.40 -11.14
C GLY A 54 18.50 -12.66 -9.91
N GLY A 55 19.79 -12.34 -10.02
CA GLY A 55 20.72 -12.53 -8.90
C GLY A 55 20.76 -11.36 -7.94
N SER A 56 21.03 -10.16 -8.48
CA SER A 56 21.10 -8.93 -7.67
C SER A 56 19.73 -8.47 -7.16
N GLY A 57 18.68 -8.78 -7.94
CA GLY A 57 17.32 -8.40 -7.56
C GLY A 57 16.59 -9.48 -6.78
N GLY A 58 15.32 -9.23 -6.46
CA GLY A 58 14.50 -10.17 -5.72
C GLY A 58 14.67 -10.08 -4.21
N SER A 59 14.83 -8.84 -3.71
CA SER A 59 15.01 -8.60 -2.27
C SER A 59 13.87 -7.75 -1.72
N ALA A 60 13.54 -7.99 -0.45
CA ALA A 60 12.46 -7.25 0.25
C ALA A 60 12.91 -5.85 0.71
N THR A 61 14.23 -5.66 0.84
CA THR A 61 14.80 -4.37 1.28
C THR A 61 14.74 -3.29 0.19
N THR A 62 14.60 -3.71 -1.08
CA THR A 62 14.53 -2.79 -2.22
C THR A 62 13.12 -2.22 -2.43
N LYS A 63 12.14 -2.77 -1.70
CA LYS A 63 10.74 -2.32 -1.80
C LYS A 63 10.43 -1.25 -0.76
N ARG A 64 9.87 -0.13 -1.23
CA ARG A 64 9.51 1.00 -0.36
C ARG A 64 7.99 1.15 -0.23
N VAL A 65 7.24 0.25 -0.87
CA VAL A 65 5.77 0.27 -0.84
C VAL A 65 5.24 -0.73 0.19
N LEU A 66 4.27 -0.29 1.00
CA LEU A 66 3.67 -1.13 2.04
C LEU A 66 2.16 -1.22 1.87
N TYR A 67 1.59 -2.35 2.31
CA TYR A 67 0.14 -2.58 2.25
C TYR A 67 -0.48 -2.16 3.58
N VAL A 68 -1.53 -1.34 3.51
CA VAL A 68 -2.23 -0.88 4.71
C VAL A 68 -3.72 -1.18 4.60
N GLY A 69 -4.24 -1.95 5.55
CA GLY A 69 -5.64 -2.31 5.54
C GLY A 69 -6.31 -2.14 6.89
N GLY A 70 -7.62 -1.90 6.86
CA GLY A 70 -8.40 -1.72 8.08
C GLY A 70 -8.80 -0.27 8.29
N LEU A 71 -8.75 0.53 7.21
CA LEU A 71 -9.10 1.95 7.26
C LEU A 71 -10.60 2.14 7.04
N ALA A 72 -11.10 3.31 7.44
CA ALA A 72 -12.51 3.66 7.30
C ALA A 72 -12.79 4.32 5.95
N GLU A 73 -14.05 4.28 5.52
CA GLU A 73 -14.48 4.89 4.25
C GLU A 73 -14.32 6.41 4.26
N GLU A 74 -14.40 6.99 5.46
CA GLU A 74 -14.25 8.43 5.66
C GLU A 74 -12.78 8.87 5.59
N VAL A 75 -11.85 7.90 5.41
CA VAL A 75 -10.41 8.22 5.34
C VAL A 75 -10.01 8.58 3.90
N ASP A 76 -9.17 9.61 3.78
CA ASP A 76 -8.69 10.09 2.47
C ASP A 76 -7.18 9.94 2.36
N ASP A 77 -6.61 10.30 1.20
CA ASP A 77 -5.16 10.22 0.97
C ASP A 77 -4.37 11.12 1.93
N LYS A 78 -5.01 12.20 2.38
CA LYS A 78 -4.44 13.18 3.31
C LYS A 78 -4.27 12.55 4.70
N VAL A 79 -5.30 11.77 5.08
CA VAL A 79 -5.35 11.07 6.36
C VAL A 79 -4.27 9.99 6.44
N LEU A 80 -4.13 9.19 5.36
CA LEU A 80 -3.15 8.11 5.29
C LEU A 80 -1.71 8.66 5.29
N HIS A 81 -1.50 9.78 4.59
CA HIS A 81 -0.19 10.43 4.49
C HIS A 81 0.26 11.03 5.83
N ALA A 82 -0.65 11.80 6.47
CA ALA A 82 -0.40 12.45 7.76
C ALA A 82 -0.30 11.48 8.94
N ALA A 83 -0.85 10.27 8.77
CA ALA A 83 -0.86 9.26 9.83
C ALA A 83 0.43 8.47 9.85
N PHE A 84 0.98 8.24 8.65
CA PHE A 84 2.21 7.49 8.47
C PHE A 84 3.43 8.40 8.26
N ILE A 85 3.19 9.73 8.26
CA ILE A 85 4.25 10.73 8.06
C ILE A 85 5.28 10.79 9.23
N PRO A 86 4.88 10.55 10.54
CA PRO A 86 5.84 10.61 11.67
C PRO A 86 7.01 9.62 11.55
N PHE A 87 6.80 8.55 10.76
CA PHE A 87 7.84 7.50 10.57
C PHE A 87 8.88 7.91 9.52
N GLY A 88 8.45 8.70 8.52
CA GLY A 88 9.35 9.13 7.47
C GLY A 88 8.65 9.92 6.38
N ASP A 89 9.36 10.12 5.27
CA ASP A 89 8.84 10.86 4.11
C ASP A 89 8.02 9.94 3.20
N ILE A 90 6.83 10.42 2.83
CA ILE A 90 5.93 9.65 1.95
C ILE A 90 5.79 10.38 0.62
N THR A 91 5.87 9.61 -0.47
CA THR A 91 5.79 10.16 -1.82
C THR A 91 4.35 10.18 -2.36
N ASP A 92 3.70 9.01 -2.42
CA ASP A 92 2.32 8.92 -2.95
C ASP A 92 1.49 7.85 -2.25
N ILE A 93 0.16 8.07 -2.24
CA ILE A 93 -0.80 7.11 -1.69
C ILE A 93 -1.72 6.66 -2.82
N GLN A 94 -1.66 5.37 -3.17
CA GLN A 94 -2.49 4.82 -4.24
C GLN A 94 -3.50 3.81 -3.71
N ILE A 95 -4.79 4.09 -3.98
CA ILE A 95 -5.88 3.22 -3.53
C ILE A 95 -6.79 2.84 -4.72
N PRO A 96 -7.01 1.52 -5.02
CA PRO A 96 -7.89 1.09 -6.12
C PRO A 96 -9.35 1.47 -5.89
N LEU A 97 -9.95 2.14 -6.88
CA LEU A 97 -11.35 2.58 -6.78
C LEU A 97 -12.13 2.21 -8.03
N ASP A 98 -13.35 1.69 -7.84
CA ASP A 98 -14.22 1.30 -8.96
C ASP A 98 -15.18 2.44 -9.30
N TYR A 99 -15.51 2.56 -10.60
CA TYR A 99 -16.42 3.60 -11.08
C TYR A 99 -17.85 3.45 -10.54
N GLU A 100 -18.27 2.19 -10.38
CA GLU A 100 -19.62 1.84 -9.90
C GLU A 100 -19.78 2.04 -8.38
N THR A 101 -18.84 1.51 -7.59
CA THR A 101 -18.92 1.60 -6.12
C THR A 101 -18.18 2.81 -5.56
N GLU A 102 -17.13 3.28 -6.26
CA GLU A 102 -16.30 4.43 -5.82
C GLU A 102 -15.79 4.26 -4.37
N LYS A 103 -15.72 2.99 -3.93
CA LYS A 103 -15.28 2.66 -2.57
C LYS A 103 -13.89 2.02 -2.59
N HIS A 104 -13.12 2.25 -1.52
CA HIS A 104 -11.77 1.70 -1.40
C HIS A 104 -11.76 0.35 -0.66
N ARG A 105 -12.91 -0.01 -0.07
CA ARG A 105 -13.09 -1.27 0.71
C ARG A 105 -12.37 -1.27 2.05
N GLY A 106 -11.38 -0.38 2.22
CA GLY A 106 -10.65 -0.29 3.47
C GLY A 106 -9.19 -0.72 3.39
N PHE A 107 -8.58 -0.63 2.20
CA PHE A 107 -7.16 -0.99 2.03
C PHE A 107 -6.51 -0.12 0.96
N ALA A 108 -5.22 0.19 1.17
CA ALA A 108 -4.42 1.03 0.27
C ALA A 108 -2.93 0.69 0.36
N PHE A 109 -2.14 1.20 -0.58
CA PHE A 109 -0.69 1.00 -0.57
C PHE A 109 0.00 2.33 -0.32
N VAL A 110 1.07 2.31 0.46
CA VAL A 110 1.80 3.54 0.80
C VAL A 110 3.24 3.49 0.25
N GLU A 111 3.66 4.60 -0.36
CA GLU A 111 4.98 4.73 -0.95
C GLU A 111 5.88 5.60 -0.06
N PHE A 112 7.04 5.04 0.30
CA PHE A 112 8.01 5.75 1.15
C PHE A 112 9.27 6.11 0.37
N GLU A 113 9.77 7.33 0.60
CA GLU A 113 10.99 7.81 -0.07
C GLU A 113 12.22 7.01 0.39
N LEU A 114 12.23 6.65 1.68
CA LEU A 114 13.31 5.86 2.26
C LEU A 114 12.84 4.45 2.59
N ALA A 115 13.67 3.46 2.23
CA ALA A 115 13.39 2.06 2.51
C ALA A 115 13.53 1.79 4.03
N GLU A 116 14.27 2.71 4.68
CA GLU A 116 14.52 2.68 6.12
C GLU A 116 13.23 2.92 6.93
N ASP A 117 12.51 3.99 6.55
CA ASP A 117 11.24 4.36 7.21
C ASP A 117 10.14 3.33 6.92
N ALA A 118 10.20 2.74 5.72
CA ALA A 118 9.23 1.72 5.28
C ALA A 118 9.25 0.50 6.19
N ALA A 119 10.47 0.04 6.54
CA ALA A 119 10.66 -1.10 7.44
C ALA A 119 10.24 -0.72 8.86
N ALA A 120 10.42 0.57 9.20
CA ALA A 120 10.06 1.12 10.51
C ALA A 120 8.55 1.18 10.68
N ALA A 121 7.86 1.58 9.59
CA ALA A 121 6.38 1.69 9.58
C ALA A 121 5.72 0.33 9.74
N ILE A 122 6.30 -0.71 9.13
CA ILE A 122 5.75 -2.08 9.23
C ILE A 122 5.94 -2.66 10.65
N ASP A 123 7.05 -2.28 11.30
CA ASP A 123 7.37 -2.75 12.65
C ASP A 123 6.39 -2.18 13.70
N ASN A 124 5.95 -0.93 13.52
CA ASN A 124 5.04 -0.28 14.47
C ASN A 124 3.57 -0.23 14.04
N MET A 125 3.31 -0.07 12.73
CA MET A 125 1.93 0.05 12.22
C MET A 125 1.30 -1.29 11.80
N ASN A 126 2.04 -2.40 11.95
CA ASN A 126 1.53 -3.75 11.58
C ASN A 126 0.22 -4.08 12.31
N GLU A 127 0.13 -3.66 13.58
CA GLU A 127 -1.06 -3.88 14.41
C GLU A 127 -1.32 -2.64 15.28
N SER A 128 -1.81 -1.57 14.64
CA SER A 128 -2.09 -0.31 15.32
C SER A 128 -3.54 0.13 15.09
N GLU A 129 -4.05 0.97 15.99
CA GLU A 129 -5.42 1.48 15.89
C GLU A 129 -5.43 2.85 15.21
N LEU A 130 -6.14 2.92 14.08
CA LEU A 130 -6.27 4.16 13.30
C LEU A 130 -7.74 4.42 12.98
N PHE A 131 -8.19 5.66 13.26
CA PHE A 131 -9.59 6.10 13.03
C PHE A 131 -10.61 5.30 13.87
N GLY A 132 -10.11 4.58 14.89
CA GLY A 132 -10.97 3.78 15.76
C GLY A 132 -11.02 2.30 15.37
N ARG A 133 -10.22 1.92 14.36
CA ARG A 133 -10.17 0.54 13.89
C ARG A 133 -8.74 0.01 13.86
N THR A 134 -8.59 -1.31 13.97
CA THR A 134 -7.26 -1.96 13.94
C THR A 134 -6.82 -2.16 12.49
N ILE A 135 -5.57 -1.82 12.19
CA ILE A 135 -5.03 -1.94 10.84
C ILE A 135 -3.83 -2.90 10.78
N ARG A 136 -3.59 -3.43 9.57
CA ARG A 136 -2.48 -4.35 9.33
C ARG A 136 -1.63 -3.85 8.16
N VAL A 137 -0.30 -3.83 8.35
CA VAL A 137 0.59 -3.37 7.28
C VAL A 137 1.70 -4.40 7.01
N ASN A 138 2.03 -4.58 5.72
CA ASN A 138 3.07 -5.51 5.29
C ASN A 138 3.82 -4.94 4.07
N LEU A 139 4.92 -5.60 3.68
CA LEU A 139 5.73 -5.18 2.52
C LEU A 139 4.99 -5.46 1.22
N ALA A 140 4.73 -4.39 0.45
CA ALA A 140 4.03 -4.49 -0.83
C ALA A 140 5.00 -4.35 -2.00
N SER A 1 -29.38 27.22 -18.89
CA SER A 1 -27.98 26.83 -18.55
C SER A 1 -27.98 25.78 -17.44
N MET A 2 -27.21 24.70 -17.66
CA MET A 2 -27.10 23.61 -16.69
C MET A 2 -25.77 23.70 -15.93
N MET A 3 -25.83 23.48 -14.61
CA MET A 3 -24.64 23.53 -13.76
C MET A 3 -24.15 22.12 -13.44
N GLN A 4 -22.82 21.94 -13.47
CA GLN A 4 -22.15 20.65 -13.18
C GLN A 4 -22.64 19.52 -14.13
N CYS A 5 -22.80 19.87 -15.40
CA CYS A 5 -23.26 18.92 -16.42
C CYS A 5 -22.39 19.00 -17.67
N GLY A 6 -22.07 17.82 -18.24
CA GLY A 6 -21.24 17.75 -19.44
C GLY A 6 -19.75 17.78 -19.14
N LYS A 7 -19.33 17.04 -18.12
CA LYS A 7 -17.92 16.97 -17.72
C LYS A 7 -17.22 15.81 -18.45
N CYS A 8 -16.03 16.10 -18.99
CA CYS A 8 -15.24 15.10 -19.72
C CYS A 8 -13.82 15.03 -19.18
N ASP A 9 -13.28 13.81 -19.11
CA ASP A 9 -11.92 13.58 -18.62
C ASP A 9 -10.93 13.50 -19.79
N ARG A 10 -9.70 13.97 -19.54
CA ARG A 10 -8.65 13.96 -20.56
C ARG A 10 -7.45 13.12 -20.10
N TRP A 11 -6.76 12.53 -21.09
CA TRP A 11 -5.58 11.68 -20.82
C TRP A 11 -4.31 12.52 -20.59
N VAL A 12 -4.40 13.83 -20.83
CA VAL A 12 -3.26 14.77 -20.66
C VAL A 12 -2.76 14.83 -19.20
N HIS A 13 -3.68 14.67 -18.24
CA HIS A 13 -3.36 14.71 -16.80
C HIS A 13 -2.43 13.55 -16.39
N SER A 14 -2.71 12.35 -16.91
CA SER A 14 -1.92 11.15 -16.61
C SER A 14 -0.49 11.23 -17.16
N LYS A 15 -0.35 11.84 -18.36
CA LYS A 15 0.94 12.00 -19.04
C LYS A 15 1.90 12.91 -18.24
N CYS A 16 1.33 13.95 -17.59
CA CYS A 16 2.10 14.91 -16.79
C CYS A 16 2.72 14.28 -15.52
N GLU A 17 1.99 13.34 -14.91
CA GLU A 17 2.46 12.67 -13.69
C GLU A 17 3.03 11.29 -14.02
N ASN A 18 4.03 10.88 -13.24
CA ASN A 18 4.68 9.58 -13.43
C ASN A 18 4.53 8.69 -12.18
N LEU A 19 4.21 7.43 -12.41
CA LEU A 19 4.03 6.45 -11.33
C LEU A 19 5.21 5.49 -11.28
N SER A 20 5.49 4.97 -10.08
CA SER A 20 6.60 4.03 -9.85
C SER A 20 6.31 2.66 -10.47
N ASP A 21 7.39 1.93 -10.82
CA ASP A 21 7.28 0.59 -11.44
C ASP A 21 6.56 -0.43 -10.53
N GLU A 22 6.81 -0.35 -9.22
CA GLU A 22 6.20 -1.26 -8.25
C GLU A 22 4.69 -1.02 -8.09
N MET A 23 4.30 0.27 -8.05
CA MET A 23 2.88 0.66 -7.91
C MET A 23 2.06 0.35 -9.17
N TYR A 24 2.68 0.57 -10.35
CA TYR A 24 2.02 0.33 -11.64
C TYR A 24 1.71 -1.16 -11.87
N GLU A 25 2.66 -2.03 -11.53
CA GLU A 25 2.52 -3.48 -11.71
C GLU A 25 1.52 -4.11 -10.73
N ILE A 26 1.62 -3.76 -9.43
CA ILE A 26 0.75 -4.32 -8.38
C ILE A 26 -0.70 -3.81 -8.50
N LEU A 27 -0.87 -2.49 -8.71
CA LEU A 27 -2.20 -1.88 -8.82
C LEU A 27 -2.95 -2.30 -10.10
N SER A 28 -2.22 -2.47 -11.21
CA SER A 28 -2.81 -2.90 -12.49
C SER A 28 -3.31 -4.35 -12.44
N ASN A 29 -2.55 -5.19 -11.73
CA ASN A 29 -2.89 -6.61 -11.56
C ASN A 29 -2.64 -7.05 -10.12
N LEU A 30 -3.74 -7.24 -9.37
CA LEU A 30 -3.66 -7.65 -7.97
C LEU A 30 -3.98 -9.14 -7.80
N PRO A 31 -3.04 -9.96 -7.23
CA PRO A 31 -3.27 -11.40 -6.99
C PRO A 31 -4.37 -11.64 -5.96
N GLU A 32 -5.35 -12.49 -6.31
CA GLU A 32 -6.52 -12.81 -5.48
C GLU A 32 -6.18 -13.08 -3.99
N SER A 33 -5.02 -13.70 -3.75
CA SER A 33 -4.59 -14.00 -2.38
C SER A 33 -3.77 -12.86 -1.76
N VAL A 34 -2.88 -12.24 -2.55
CA VAL A 34 -2.00 -11.17 -2.06
C VAL A 34 -2.79 -9.90 -1.73
N ALA A 35 -3.87 -9.65 -2.49
CA ALA A 35 -4.74 -8.48 -2.28
C ALA A 35 -5.47 -8.55 -0.94
N TYR A 36 -5.72 -9.78 -0.46
CA TYR A 36 -6.43 -9.99 0.82
C TYR A 36 -6.17 -11.40 1.35
N THR A 37 -5.76 -11.48 2.63
CA THR A 37 -5.48 -12.75 3.28
C THR A 37 -6.24 -12.89 4.60
N CYS A 38 -6.44 -14.14 5.04
CA CYS A 38 -7.16 -14.43 6.29
C CYS A 38 -6.22 -14.40 7.50
N VAL A 39 -5.04 -15.02 7.35
CA VAL A 39 -4.05 -15.07 8.42
C VAL A 39 -2.70 -14.53 7.92
N ASN A 40 -2.10 -13.65 8.71
CA ASN A 40 -0.80 -13.05 8.37
C ASN A 40 0.26 -13.41 9.40
N CYS A 41 1.45 -13.79 8.92
CA CYS A 41 2.56 -14.17 9.78
C CYS A 41 3.84 -13.43 9.38
N THR A 42 4.49 -12.83 10.37
CA THR A 42 5.73 -12.08 10.14
C THR A 42 6.82 -12.46 11.16
N GLU A 43 6.42 -12.59 12.42
CA GLU A 43 7.35 -12.95 13.50
C GLU A 43 7.07 -14.38 13.96
N ARG A 44 8.14 -15.11 14.26
CA ARG A 44 8.05 -16.50 14.73
C ARG A 44 8.68 -16.64 16.11
N HIS A 45 7.98 -17.38 17.00
CA HIS A 45 8.45 -17.60 18.38
C HIS A 45 9.59 -18.63 18.46
N VAL A 46 9.56 -19.62 17.57
CA VAL A 46 10.59 -20.66 17.55
C VAL A 46 11.15 -20.86 16.13
N ASP A 47 12.46 -21.10 16.05
CA ASP A 47 13.14 -21.30 14.77
C ASP A 47 13.26 -22.79 14.44
N GLY A 48 13.24 -23.11 13.14
CA GLY A 48 13.34 -24.49 12.70
C GLY A 48 12.78 -24.70 11.31
N GLY A 49 13.18 -23.83 10.37
CA GLY A 49 12.72 -23.92 8.99
C GLY A 49 13.36 -22.88 8.08
N SER A 50 12.99 -22.93 6.80
CA SER A 50 13.52 -21.99 5.81
C SER A 50 12.40 -21.38 4.98
N GLY A 51 12.64 -20.18 4.45
CA GLY A 51 11.65 -19.48 3.63
C GLY A 51 11.79 -19.80 2.15
N GLY A 52 10.90 -19.19 1.34
CA GLY A 52 10.92 -19.41 -0.11
C GLY A 52 10.17 -20.66 -0.54
N SER A 53 9.14 -21.04 0.23
CA SER A 53 8.33 -22.23 -0.05
C SER A 53 7.55 -22.11 -1.37
N GLY A 54 7.09 -20.88 -1.67
CA GLY A 54 6.34 -20.64 -2.89
C GLY A 54 5.59 -19.32 -2.86
N GLY A 55 4.25 -19.40 -2.95
CA GLY A 55 3.39 -18.22 -2.94
C GLY A 55 3.41 -17.48 -1.59
N SER A 56 3.49 -18.25 -0.50
CA SER A 56 3.51 -17.68 0.85
C SER A 56 4.79 -18.06 1.58
N GLY A 57 5.26 -17.16 2.46
CA GLY A 57 6.47 -17.40 3.23
C GLY A 57 6.58 -16.49 4.44
N GLY A 58 7.70 -16.63 5.17
CA GLY A 58 7.93 -15.82 6.36
C GLY A 58 9.15 -14.92 6.24
N SER A 59 9.40 -14.42 5.02
CA SER A 59 10.53 -13.53 4.77
C SER A 59 10.09 -12.22 4.13
N ALA A 60 10.84 -11.16 4.40
CA ALA A 60 10.54 -9.83 3.86
C ALA A 60 11.63 -9.37 2.88
N THR A 61 11.22 -8.54 1.92
CA THR A 61 12.14 -8.01 0.90
C THR A 61 12.27 -6.50 1.05
N THR A 62 13.34 -5.94 0.45
CA THR A 62 13.59 -4.49 0.50
C THR A 62 12.72 -3.73 -0.50
N LYS A 63 11.54 -3.30 -0.02
CA LYS A 63 10.59 -2.55 -0.84
C LYS A 63 10.11 -1.30 -0.11
N ARG A 64 9.90 -0.23 -0.87
CA ARG A 64 9.44 1.06 -0.32
C ARG A 64 7.91 1.18 -0.31
N VAL A 65 7.23 0.12 -0.81
CA VAL A 65 5.76 0.10 -0.87
C VAL A 65 5.23 -0.85 0.21
N LEU A 66 4.24 -0.37 0.98
CA LEU A 66 3.63 -1.17 2.06
C LEU A 66 2.13 -1.29 1.86
N TYR A 67 1.55 -2.34 2.46
CA TYR A 67 0.10 -2.58 2.40
C TYR A 67 -0.55 -2.08 3.67
N VAL A 68 -1.67 -1.38 3.53
CA VAL A 68 -2.43 -0.89 4.69
C VAL A 68 -3.91 -1.17 4.48
N GLY A 69 -4.46 -2.04 5.33
CA GLY A 69 -5.85 -2.42 5.24
C GLY A 69 -6.58 -2.32 6.56
N GLY A 70 -7.88 -2.06 6.49
CA GLY A 70 -8.69 -1.92 7.69
C GLY A 70 -8.95 -0.47 8.04
N LEU A 71 -9.13 0.35 7.01
CA LEU A 71 -9.37 1.78 7.15
C LEU A 71 -10.86 2.09 7.16
N ALA A 72 -11.20 3.31 7.60
CA ALA A 72 -12.58 3.78 7.68
C ALA A 72 -13.02 4.44 6.38
N GLU A 73 -14.34 4.63 6.21
CA GLU A 73 -14.91 5.26 5.00
C GLU A 73 -14.60 6.76 4.93
N GLU A 74 -14.51 7.40 6.10
CA GLU A 74 -14.22 8.83 6.19
C GLU A 74 -12.71 9.12 6.12
N VAL A 75 -11.90 8.08 5.86
CA VAL A 75 -10.44 8.25 5.75
C VAL A 75 -10.03 8.65 4.32
N ASP A 76 -9.13 9.63 4.22
CA ASP A 76 -8.65 10.15 2.93
C ASP A 76 -7.13 10.01 2.80
N ASP A 77 -6.61 10.35 1.61
CA ASP A 77 -5.16 10.28 1.32
C ASP A 77 -4.34 11.21 2.22
N LYS A 78 -4.96 12.35 2.59
CA LYS A 78 -4.33 13.37 3.45
C LYS A 78 -4.12 12.82 4.86
N VAL A 79 -5.13 12.09 5.32
CA VAL A 79 -5.14 11.45 6.63
C VAL A 79 -4.08 10.34 6.73
N LEU A 80 -4.00 9.53 5.65
CA LEU A 80 -3.04 8.42 5.57
C LEU A 80 -1.59 8.90 5.48
N HIS A 81 -1.39 10.02 4.77
CA HIS A 81 -0.06 10.63 4.59
C HIS A 81 0.47 11.22 5.91
N ALA A 82 -0.38 12.02 6.58
CA ALA A 82 -0.02 12.67 7.85
C ALA A 82 0.07 11.69 9.04
N ALA A 83 -0.57 10.52 8.91
CA ALA A 83 -0.57 9.51 9.97
C ALA A 83 0.68 8.64 9.91
N PHE A 84 1.13 8.39 8.69
CA PHE A 84 2.31 7.57 8.44
C PHE A 84 3.57 8.43 8.22
N ILE A 85 3.41 9.76 8.24
CA ILE A 85 4.53 10.70 8.02
C ILE A 85 5.58 10.68 9.17
N PRO A 86 5.21 10.44 10.49
CA PRO A 86 6.21 10.41 11.59
C PRO A 86 7.31 9.37 11.40
N PHE A 87 7.02 8.31 10.61
CA PHE A 87 7.99 7.23 10.36
C PHE A 87 9.01 7.62 9.28
N GLY A 88 8.59 8.46 8.33
CA GLY A 88 9.45 8.89 7.26
C GLY A 88 8.73 9.70 6.19
N ASP A 89 9.41 9.92 5.06
CA ASP A 89 8.84 10.68 3.94
C ASP A 89 8.00 9.78 3.04
N ILE A 90 6.80 10.27 2.69
CA ILE A 90 5.87 9.53 1.83
C ILE A 90 5.69 10.27 0.50
N THR A 91 5.66 9.51 -0.59
CA THR A 91 5.51 10.08 -1.94
C THR A 91 4.04 10.20 -2.34
N ASP A 92 3.32 9.06 -2.40
CA ASP A 92 1.91 9.05 -2.79
C ASP A 92 1.12 7.92 -2.11
N ILE A 93 -0.21 8.11 -2.06
CA ILE A 93 -1.14 7.13 -1.48
C ILE A 93 -2.09 6.65 -2.59
N GLN A 94 -2.19 5.33 -2.77
CA GLN A 94 -3.04 4.76 -3.81
C GLN A 94 -4.12 3.83 -3.24
N ILE A 95 -5.37 4.10 -3.61
CA ILE A 95 -6.53 3.30 -3.18
C ILE A 95 -7.36 2.88 -4.41
N PRO A 96 -7.48 1.56 -4.74
CA PRO A 96 -8.28 1.09 -5.90
C PRO A 96 -9.75 1.52 -5.80
N LEU A 97 -10.24 2.16 -6.87
CA LEU A 97 -11.62 2.65 -6.93
C LEU A 97 -12.32 2.17 -8.19
N ASP A 98 -13.57 1.69 -8.03
CA ASP A 98 -14.37 1.19 -9.16
C ASP A 98 -15.22 2.32 -9.73
N TYR A 99 -15.41 2.32 -11.06
CA TYR A 99 -16.20 3.34 -11.76
C TYR A 99 -17.69 3.31 -11.38
N GLU A 100 -18.19 2.11 -11.12
CA GLU A 100 -19.61 1.89 -10.76
C GLU A 100 -19.97 2.38 -9.35
N THR A 101 -19.16 2.03 -8.35
CA THR A 101 -19.43 2.42 -6.96
C THR A 101 -18.63 3.63 -6.50
N GLU A 102 -17.44 3.84 -7.10
CA GLU A 102 -16.53 4.97 -6.76
C GLU A 102 -16.15 4.95 -5.26
N LYS A 103 -16.26 3.76 -4.64
CA LYS A 103 -15.94 3.56 -3.22
C LYS A 103 -14.84 2.53 -3.06
N HIS A 104 -14.11 2.60 -1.93
CA HIS A 104 -13.03 1.65 -1.66
C HIS A 104 -13.49 0.59 -0.66
N ARG A 105 -12.77 -0.53 -0.61
CA ARG A 105 -13.09 -1.65 0.29
C ARG A 105 -12.42 -1.49 1.66
N GLY A 106 -11.70 -0.37 1.86
CA GLY A 106 -11.04 -0.13 3.14
C GLY A 106 -9.57 -0.53 3.17
N PHE A 107 -8.90 -0.52 2.01
CA PHE A 107 -7.47 -0.84 1.93
C PHE A 107 -6.76 0.03 0.88
N ALA A 108 -5.48 0.32 1.14
CA ALA A 108 -4.65 1.15 0.27
C ALA A 108 -3.16 0.77 0.40
N PHE A 109 -2.34 1.30 -0.50
CA PHE A 109 -0.89 1.07 -0.46
C PHE A 109 -0.18 2.39 -0.24
N VAL A 110 0.92 2.38 0.53
CA VAL A 110 1.67 3.58 0.82
C VAL A 110 3.12 3.45 0.33
N GLU A 111 3.61 4.51 -0.32
CA GLU A 111 4.98 4.55 -0.85
C GLU A 111 5.87 5.46 -0.02
N PHE A 112 7.02 4.93 0.41
CA PHE A 112 7.99 5.68 1.20
C PHE A 112 9.24 5.99 0.38
N GLU A 113 9.73 7.23 0.51
CA GLU A 113 10.94 7.68 -0.22
C GLU A 113 12.18 6.90 0.24
N LEU A 114 12.23 6.58 1.53
CA LEU A 114 13.34 5.82 2.12
C LEU A 114 12.92 4.40 2.46
N ALA A 115 13.77 3.44 2.08
CA ALA A 115 13.52 2.01 2.35
C ALA A 115 13.62 1.70 3.85
N GLU A 116 14.41 2.52 4.56
CA GLU A 116 14.62 2.39 6.02
C GLU A 116 13.34 2.65 6.80
N ASP A 117 12.62 3.73 6.42
CA ASP A 117 11.35 4.11 7.06
C ASP A 117 10.25 3.09 6.78
N ALA A 118 10.30 2.49 5.58
CA ALA A 118 9.34 1.47 5.14
C ALA A 118 9.35 0.25 6.07
N ALA A 119 10.56 -0.22 6.39
CA ALA A 119 10.75 -1.35 7.30
C ALA A 119 10.37 -0.95 8.73
N ALA A 120 10.54 0.35 9.02
CA ALA A 120 10.21 0.93 10.33
C ALA A 120 8.70 0.99 10.57
N ALA A 121 7.95 1.35 9.51
CA ALA A 121 6.49 1.44 9.57
C ALA A 121 5.82 0.08 9.77
N ILE A 122 6.37 -0.96 9.11
CA ILE A 122 5.83 -2.33 9.22
C ILE A 122 6.12 -2.94 10.61
N ASP A 123 7.26 -2.58 11.20
CA ASP A 123 7.66 -3.10 12.51
C ASP A 123 7.00 -2.33 13.67
N ASN A 124 6.48 -1.13 13.39
CA ASN A 124 5.85 -0.31 14.44
C ASN A 124 4.32 -0.35 14.45
N MET A 125 3.67 -0.29 13.26
CA MET A 125 2.21 -0.29 13.20
C MET A 125 1.65 -1.38 12.28
N ASN A 126 2.16 -2.62 12.43
CA ASN A 126 1.70 -3.77 11.63
C ASN A 126 0.23 -4.12 11.96
N GLU A 127 -0.14 -3.92 13.23
CA GLU A 127 -1.50 -4.19 13.72
C GLU A 127 -1.89 -3.13 14.77
N SER A 128 -2.23 -1.95 14.26
CA SER A 128 -2.62 -0.81 15.10
C SER A 128 -4.02 -0.30 14.73
N GLU A 129 -4.63 0.49 15.63
CA GLU A 129 -5.95 1.06 15.40
C GLU A 129 -5.84 2.43 14.72
N LEU A 130 -6.44 2.52 13.53
CA LEU A 130 -6.44 3.76 12.75
C LEU A 130 -7.87 4.12 12.36
N PHE A 131 -8.26 5.39 12.63
CA PHE A 131 -9.61 5.93 12.35
C PHE A 131 -10.73 5.12 13.03
N GLY A 132 -10.36 4.37 14.09
CA GLY A 132 -11.33 3.57 14.83
C GLY A 132 -11.40 2.12 14.38
N ARG A 133 -10.54 1.73 13.45
CA ARG A 133 -10.50 0.36 12.93
C ARG A 133 -9.09 -0.22 13.00
N THR A 134 -8.99 -1.55 13.07
CA THR A 134 -7.69 -2.24 13.13
C THR A 134 -7.09 -2.32 11.72
N ILE A 135 -5.81 -1.94 11.60
CA ILE A 135 -5.13 -1.95 10.31
C ILE A 135 -3.95 -2.93 10.28
N ARG A 136 -3.65 -3.43 9.08
CA ARG A 136 -2.54 -4.36 8.87
C ARG A 136 -1.59 -3.79 7.84
N VAL A 137 -0.28 -3.85 8.12
CA VAL A 137 0.70 -3.34 7.17
C VAL A 137 1.78 -4.40 6.89
N ASN A 138 2.09 -4.58 5.61
CA ASN A 138 3.08 -5.56 5.15
C ASN A 138 3.81 -5.06 3.90
N LEU A 139 4.85 -5.80 3.47
CA LEU A 139 5.64 -5.44 2.28
C LEU A 139 4.79 -5.61 1.01
N ALA A 140 4.74 -4.55 0.21
CA ALA A 140 3.98 -4.54 -1.04
C ALA A 140 4.89 -4.72 -2.25
N SER A 1 -23.94 12.56 -28.12
CA SER A 1 -23.59 11.90 -26.83
C SER A 1 -22.13 11.45 -26.82
N MET A 2 -21.66 10.90 -27.94
CA MET A 2 -20.28 10.42 -28.08
C MET A 2 -19.43 11.43 -28.83
N MET A 3 -18.21 11.67 -28.34
CA MET A 3 -17.27 12.61 -28.95
C MET A 3 -15.96 11.91 -29.31
N GLN A 4 -15.26 12.47 -30.30
CA GLN A 4 -13.98 11.92 -30.77
C GLN A 4 -12.81 12.78 -30.30
N CYS A 5 -11.65 12.13 -30.10
CA CYS A 5 -10.43 12.81 -29.65
C CYS A 5 -9.81 13.69 -30.75
N GLY A 6 -9.89 13.22 -32.00
CA GLY A 6 -9.35 13.96 -33.13
C GLY A 6 -7.92 13.57 -33.47
N LYS A 7 -7.30 14.35 -34.36
CA LYS A 7 -5.92 14.12 -34.82
C LYS A 7 -4.88 14.28 -33.68
N CYS A 8 -5.18 15.17 -32.74
CA CYS A 8 -4.28 15.43 -31.60
C CYS A 8 -4.62 14.52 -30.40
N ASP A 9 -3.59 13.87 -29.86
CA ASP A 9 -3.74 12.97 -28.70
C ASP A 9 -3.68 13.74 -27.38
N ARG A 10 -4.50 13.31 -26.42
CA ARG A 10 -4.56 13.95 -25.11
C ARG A 10 -3.63 13.24 -24.09
N TRP A 11 -2.89 12.22 -24.57
CA TRP A 11 -1.98 11.45 -23.72
C TRP A 11 -0.55 11.99 -23.83
N VAL A 12 0.15 12.03 -22.69
CA VAL A 12 1.53 12.51 -22.64
C VAL A 12 2.43 11.53 -21.86
N HIS A 13 3.71 11.48 -22.25
CA HIS A 13 4.70 10.59 -21.63
C HIS A 13 5.00 10.95 -20.16
N SER A 14 4.85 12.24 -19.81
CA SER A 14 5.11 12.75 -18.45
C SER A 14 4.24 12.05 -17.38
N LYS A 15 2.97 11.76 -17.74
CA LYS A 15 2.02 11.11 -16.81
C LYS A 15 2.46 9.69 -16.40
N CYS A 16 3.08 8.97 -17.36
CA CYS A 16 3.55 7.60 -17.13
C CYS A 16 4.80 7.56 -16.24
N GLU A 17 5.66 8.59 -16.38
CA GLU A 17 6.91 8.69 -15.61
C GLU A 17 6.65 8.92 -14.11
N ASN A 18 5.49 9.51 -13.77
CA ASN A 18 5.10 9.81 -12.39
C ASN A 18 5.06 8.56 -11.49
N LEU A 19 4.63 7.43 -12.08
CA LEU A 19 4.55 6.16 -11.35
C LEU A 19 5.73 5.26 -11.68
N SER A 20 6.09 4.39 -10.73
CA SER A 20 7.20 3.45 -10.89
C SER A 20 6.72 2.12 -11.48
N ASP A 21 7.66 1.38 -12.09
CA ASP A 21 7.36 0.07 -12.72
C ASP A 21 6.82 -0.96 -11.71
N GLU A 22 7.33 -0.91 -10.48
CA GLU A 22 6.91 -1.84 -9.42
C GLU A 22 5.49 -1.55 -8.91
N MET A 23 5.19 -0.27 -8.65
CA MET A 23 3.87 0.16 -8.16
C MET A 23 2.77 -0.08 -9.21
N TYR A 24 3.11 0.15 -10.49
CA TYR A 24 2.18 -0.03 -11.61
C TYR A 24 1.78 -1.51 -11.78
N GLU A 25 2.76 -2.42 -11.63
CA GLU A 25 2.54 -3.87 -11.78
C GLU A 25 1.69 -4.45 -10.64
N ILE A 26 1.92 -3.97 -9.41
CA ILE A 26 1.20 -4.44 -8.23
C ILE A 26 -0.31 -4.10 -8.30
N LEU A 27 -0.62 -2.82 -8.56
CA LEU A 27 -2.02 -2.35 -8.66
C LEU A 27 -2.75 -2.87 -9.91
N SER A 28 -2.04 -2.93 -11.05
CA SER A 28 -2.62 -3.43 -12.31
C SER A 28 -2.90 -4.94 -12.24
N ASN A 29 -2.01 -5.66 -11.54
CA ASN A 29 -2.14 -7.10 -11.36
C ASN A 29 -2.59 -7.39 -9.93
N LEU A 30 -3.70 -6.76 -9.54
CA LEU A 30 -4.27 -6.88 -8.20
C LEU A 30 -5.43 -7.90 -8.16
N PRO A 31 -5.15 -9.18 -7.73
CA PRO A 31 -6.20 -10.22 -7.61
C PRO A 31 -7.13 -9.96 -6.42
N GLU A 32 -8.44 -10.00 -6.69
CA GLU A 32 -9.50 -9.73 -5.68
C GLU A 32 -9.31 -10.52 -4.37
N SER A 33 -8.80 -11.74 -4.48
CA SER A 33 -8.58 -12.59 -3.30
C SER A 33 -7.26 -12.26 -2.60
N VAL A 34 -6.20 -12.02 -3.38
CA VAL A 34 -4.85 -11.74 -2.83
C VAL A 34 -4.81 -10.41 -2.05
N ALA A 35 -5.63 -9.45 -2.49
CA ALA A 35 -5.69 -8.13 -1.84
C ALA A 35 -6.25 -8.21 -0.42
N TYR A 36 -7.16 -9.18 -0.17
CA TYR A 36 -7.77 -9.36 1.15
C TYR A 36 -8.16 -10.82 1.37
N THR A 37 -7.70 -11.38 2.49
CA THR A 37 -7.98 -12.77 2.86
C THR A 37 -8.54 -12.86 4.28
N CYS A 38 -9.32 -13.92 4.53
CA CYS A 38 -9.93 -14.15 5.85
C CYS A 38 -9.68 -15.58 6.33
N VAL A 39 -9.88 -16.55 5.42
CA VAL A 39 -9.69 -17.97 5.74
C VAL A 39 -8.63 -18.57 4.80
N ASN A 40 -7.82 -19.49 5.34
CA ASN A 40 -6.76 -20.17 4.58
C ASN A 40 -7.30 -21.39 3.84
N CYS A 41 -6.67 -21.72 2.71
CA CYS A 41 -7.07 -22.86 1.90
C CYS A 41 -5.94 -23.87 1.75
N THR A 42 -6.28 -25.15 1.87
CA THR A 42 -5.31 -26.25 1.76
C THR A 42 -5.39 -26.89 0.38
N GLU A 43 -5.21 -26.06 -0.67
CA GLU A 43 -5.26 -26.51 -2.07
C GLU A 43 -4.15 -27.53 -2.38
N ARG A 44 -4.52 -28.56 -3.16
CA ARG A 44 -3.61 -29.64 -3.56
C ARG A 44 -2.53 -29.16 -4.54
N HIS A 45 -2.90 -28.21 -5.40
CA HIS A 45 -1.96 -27.66 -6.41
C HIS A 45 -1.50 -26.27 -6.01
N VAL A 46 -0.20 -26.02 -6.19
CA VAL A 46 0.41 -24.73 -5.88
C VAL A 46 1.28 -24.22 -7.03
N ASP A 47 1.44 -22.89 -7.10
CA ASP A 47 2.24 -22.26 -8.15
C ASP A 47 3.60 -21.80 -7.61
N GLY A 48 4.57 -21.67 -8.53
CA GLY A 48 5.91 -21.24 -8.15
C GLY A 48 6.86 -21.19 -9.34
N GLY A 49 7.64 -20.11 -9.42
CA GLY A 49 8.60 -19.95 -10.51
C GLY A 49 9.42 -18.69 -10.36
N SER A 50 10.45 -18.76 -9.51
CA SER A 50 11.34 -17.63 -9.26
C SER A 50 12.79 -17.99 -9.56
N GLY A 51 13.56 -16.99 -10.02
CA GLY A 51 14.96 -17.20 -10.35
C GLY A 51 15.75 -15.91 -10.40
N GLY A 52 17.05 -16.03 -10.67
CA GLY A 52 17.92 -14.85 -10.74
C GLY A 52 19.35 -15.17 -10.33
N SER A 53 20.14 -14.11 -10.09
CA SER A 53 21.55 -14.23 -9.68
C SER A 53 21.69 -14.92 -8.32
N GLY A 54 20.73 -14.68 -7.42
CA GLY A 54 20.76 -15.27 -6.10
C GLY A 54 19.43 -15.90 -5.71
N GLY A 55 19.46 -16.71 -4.64
CA GLY A 55 18.25 -17.39 -4.17
C GLY A 55 17.44 -16.54 -3.21
N SER A 56 18.11 -15.95 -2.22
CA SER A 56 17.45 -15.11 -1.21
C SER A 56 18.05 -13.71 -1.19
N GLY A 57 17.23 -12.73 -0.76
CA GLY A 57 17.68 -11.34 -0.69
C GLY A 57 16.83 -10.51 0.26
N GLY A 58 17.18 -9.21 0.36
CA GLY A 58 16.45 -8.31 1.22
C GLY A 58 15.43 -7.46 0.47
N SER A 59 14.15 -7.74 0.72
CA SER A 59 13.05 -7.00 0.07
C SER A 59 12.80 -5.62 0.69
N ALA A 60 13.26 -5.44 1.94
CA ALA A 60 13.09 -4.18 2.68
C ALA A 60 13.94 -3.04 2.09
N THR A 61 15.15 -3.37 1.63
CA THR A 61 16.08 -2.40 1.02
C THR A 61 15.71 -2.07 -0.42
N THR A 62 15.05 -3.02 -1.11
CA THR A 62 14.64 -2.85 -2.51
C THR A 62 13.26 -2.19 -2.62
N LYS A 63 12.32 -2.66 -1.81
CA LYS A 63 10.94 -2.14 -1.83
C LYS A 63 10.74 -1.07 -0.75
N ARG A 64 10.18 0.06 -1.17
CA ARG A 64 9.90 1.18 -0.25
C ARG A 64 8.38 1.40 -0.11
N VAL A 65 7.59 0.50 -0.70
CA VAL A 65 6.12 0.57 -0.68
C VAL A 65 5.57 -0.48 0.30
N LEU A 66 4.60 -0.07 1.12
CA LEU A 66 3.99 -0.95 2.12
C LEU A 66 2.49 -1.06 1.93
N TYR A 67 1.92 -2.18 2.43
CA TYR A 67 0.48 -2.44 2.38
C TYR A 67 -0.17 -1.94 3.65
N VAL A 68 -1.30 -1.24 3.50
CA VAL A 68 -2.06 -0.75 4.65
C VAL A 68 -3.54 -1.04 4.46
N GLY A 69 -4.09 -1.89 5.32
CA GLY A 69 -5.49 -2.27 5.23
C GLY A 69 -6.21 -2.21 6.55
N GLY A 70 -7.52 -1.97 6.49
CA GLY A 70 -8.34 -1.88 7.68
C GLY A 70 -8.81 -0.46 7.96
N LEU A 71 -8.78 0.39 6.92
CA LEU A 71 -9.21 1.78 7.02
C LEU A 71 -10.69 1.92 6.67
N ALA A 72 -11.25 3.07 7.03
CA ALA A 72 -12.66 3.37 6.76
C ALA A 72 -12.82 4.08 5.42
N GLU A 73 -14.00 3.96 4.82
CA GLU A 73 -14.31 4.59 3.51
C GLU A 73 -14.23 6.11 3.59
N GLU A 74 -14.46 6.64 4.80
CA GLU A 74 -14.41 8.08 5.06
C GLU A 74 -12.96 8.60 5.12
N VAL A 75 -11.98 7.69 5.00
CA VAL A 75 -10.55 8.08 5.05
C VAL A 75 -10.04 8.51 3.66
N ASP A 76 -9.32 9.62 3.62
CA ASP A 76 -8.76 10.16 2.37
C ASP A 76 -7.24 9.98 2.34
N ASP A 77 -6.62 10.34 1.19
CA ASP A 77 -5.16 10.24 1.03
C ASP A 77 -4.41 11.09 2.05
N LYS A 78 -5.05 12.19 2.47
CA LYS A 78 -4.49 13.13 3.45
C LYS A 78 -4.41 12.48 4.83
N VAL A 79 -5.42 11.64 5.12
CA VAL A 79 -5.54 10.90 6.37
C VAL A 79 -4.43 9.85 6.49
N LEU A 80 -4.23 9.07 5.40
CA LEU A 80 -3.22 8.01 5.36
C LEU A 80 -1.79 8.59 5.40
N HIS A 81 -1.61 9.72 4.68
CA HIS A 81 -0.31 10.41 4.60
C HIS A 81 0.09 11.02 5.96
N ALA A 82 -0.85 11.75 6.57
CA ALA A 82 -0.65 12.41 7.87
C ALA A 82 -0.55 11.43 9.05
N ALA A 83 -1.07 10.21 8.87
CA ALA A 83 -1.07 9.20 9.92
C ALA A 83 0.25 8.44 9.97
N PHE A 84 0.84 8.26 8.80
CA PHE A 84 2.10 7.55 8.64
C PHE A 84 3.29 8.50 8.45
N ILE A 85 3.02 9.82 8.43
CA ILE A 85 4.06 10.84 8.25
C ILE A 85 5.05 10.97 9.45
N PRO A 86 4.64 10.74 10.75
CA PRO A 86 5.57 10.84 11.90
C PRO A 86 6.79 9.91 11.80
N PHE A 87 6.65 8.81 11.04
CA PHE A 87 7.73 7.82 10.86
C PHE A 87 8.80 8.30 9.87
N GLY A 88 8.37 9.09 8.88
CA GLY A 88 9.29 9.60 7.87
C GLY A 88 8.59 10.30 6.72
N ASP A 89 9.32 10.45 5.60
CA ASP A 89 8.81 11.10 4.40
C ASP A 89 8.00 10.13 3.52
N ILE A 90 6.84 10.59 3.06
CA ILE A 90 5.97 9.79 2.20
C ILE A 90 5.84 10.47 0.84
N THR A 91 5.88 9.67 -0.22
CA THR A 91 5.79 10.18 -1.59
C THR A 91 4.35 10.17 -2.13
N ASP A 92 3.74 8.98 -2.22
CA ASP A 92 2.38 8.85 -2.75
C ASP A 92 1.55 7.78 -2.02
N ILE A 93 0.21 7.98 -2.04
CA ILE A 93 -0.74 7.04 -1.44
C ILE A 93 -1.67 6.54 -2.56
N GLN A 94 -1.76 5.22 -2.73
CA GLN A 94 -2.60 4.63 -3.77
C GLN A 94 -3.73 3.78 -3.19
N ILE A 95 -4.96 4.08 -3.61
CA ILE A 95 -6.15 3.34 -3.16
C ILE A 95 -6.97 2.86 -4.39
N PRO A 96 -7.10 1.51 -4.63
CA PRO A 96 -7.87 0.98 -5.78
C PRO A 96 -9.34 1.41 -5.75
N LEU A 97 -9.82 1.92 -6.88
CA LEU A 97 -11.20 2.38 -7.01
C LEU A 97 -11.90 1.73 -8.20
N ASP A 98 -13.12 1.22 -7.96
CA ASP A 98 -13.92 0.57 -9.01
C ASP A 98 -14.87 1.58 -9.65
N TYR A 99 -15.08 1.46 -10.97
CA TYR A 99 -15.97 2.36 -11.72
C TYR A 99 -17.44 2.24 -11.30
N GLU A 100 -17.83 1.01 -10.94
CA GLU A 100 -19.22 0.69 -10.54
C GLU A 100 -19.64 1.34 -9.21
N THR A 101 -18.76 1.31 -8.21
CA THR A 101 -19.08 1.87 -6.88
C THR A 101 -18.28 3.13 -6.53
N GLU A 102 -17.06 3.25 -7.11
CA GLU A 102 -16.16 4.40 -6.85
C GLU A 102 -15.76 4.48 -5.36
N LYS A 103 -15.92 3.34 -4.66
CA LYS A 103 -15.61 3.24 -3.24
C LYS A 103 -14.58 2.13 -2.99
N HIS A 104 -13.83 2.25 -1.89
CA HIS A 104 -12.82 1.25 -1.53
C HIS A 104 -13.29 0.40 -0.34
N ARG A 105 -12.72 -0.80 -0.21
CA ARG A 105 -13.06 -1.72 0.88
C ARG A 105 -12.32 -1.36 2.18
N GLY A 106 -11.46 -0.33 2.10
CA GLY A 106 -10.69 0.11 3.26
C GLY A 106 -9.25 -0.37 3.26
N PHE A 107 -8.60 -0.31 2.08
CA PHE A 107 -7.18 -0.70 1.96
C PHE A 107 -6.48 0.15 0.89
N ALA A 108 -5.18 0.40 1.13
CA ALA A 108 -4.35 1.21 0.23
C ALA A 108 -2.87 0.85 0.39
N PHE A 109 -2.01 1.40 -0.48
CA PHE A 109 -0.57 1.18 -0.41
C PHE A 109 0.12 2.51 -0.10
N VAL A 110 1.17 2.45 0.73
CA VAL A 110 1.91 3.66 1.09
C VAL A 110 3.34 3.62 0.54
N GLU A 111 3.77 4.74 -0.04
CA GLU A 111 5.09 4.86 -0.65
C GLU A 111 5.99 5.76 0.21
N PHE A 112 7.16 5.22 0.59
CA PHE A 112 8.13 5.96 1.40
C PHE A 112 9.39 6.25 0.59
N GLU A 113 9.90 7.49 0.72
CA GLU A 113 11.12 7.92 0.01
C GLU A 113 12.35 7.13 0.50
N LEU A 114 12.37 6.82 1.79
CA LEU A 114 13.46 6.05 2.40
C LEU A 114 13.02 4.63 2.71
N ALA A 115 13.91 3.68 2.47
CA ALA A 115 13.64 2.26 2.75
C ALA A 115 13.74 1.98 4.27
N GLU A 116 14.46 2.86 4.97
CA GLU A 116 14.66 2.75 6.42
C GLU A 116 13.40 3.13 7.21
N ASP A 117 12.79 4.28 6.86
CA ASP A 117 11.56 4.76 7.51
C ASP A 117 10.37 3.85 7.20
N ALA A 118 10.37 3.26 5.99
CA ALA A 118 9.31 2.34 5.54
C ALA A 118 9.31 1.05 6.39
N ALA A 119 10.52 0.53 6.66
CA ALA A 119 10.69 -0.67 7.49
C ALA A 119 10.26 -0.39 8.93
N ALA A 120 10.40 0.88 9.32
CA ALA A 120 10.02 1.34 10.67
C ALA A 120 8.49 1.32 10.83
N ALA A 121 7.79 1.68 9.74
CA ALA A 121 6.32 1.72 9.71
C ALA A 121 5.74 0.30 9.85
N ILE A 122 6.39 -0.69 9.23
CA ILE A 122 5.95 -2.09 9.30
C ILE A 122 6.18 -2.68 10.71
N ASP A 123 7.23 -2.22 11.38
CA ASP A 123 7.58 -2.69 12.73
C ASP A 123 6.56 -2.22 13.79
N ASN A 124 6.04 -0.99 13.64
CA ASN A 124 5.10 -0.43 14.62
C ASN A 124 3.62 -0.41 14.16
N MET A 125 3.37 -0.21 12.86
CA MET A 125 2.00 -0.10 12.35
C MET A 125 1.42 -1.43 11.80
N ASN A 126 2.19 -2.53 11.92
CA ASN A 126 1.74 -3.86 11.42
C ASN A 126 0.40 -4.27 12.05
N GLU A 127 0.22 -3.95 13.34
CA GLU A 127 -1.00 -4.26 14.09
C GLU A 127 -1.36 -3.08 15.01
N SER A 128 -1.83 -2.01 14.40
CA SER A 128 -2.21 -0.79 15.12
C SER A 128 -3.66 -0.40 14.81
N GLU A 129 -4.26 0.37 15.73
CA GLU A 129 -5.63 0.84 15.56
C GLU A 129 -5.67 2.23 14.91
N LEU A 130 -6.35 2.29 13.76
CA LEU A 130 -6.49 3.54 13.00
C LEU A 130 -7.97 3.77 12.68
N PHE A 131 -8.47 4.98 13.02
CA PHE A 131 -9.88 5.39 12.78
C PHE A 131 -10.88 4.50 13.56
N GLY A 132 -10.37 3.75 14.55
CA GLY A 132 -11.20 2.87 15.36
C GLY A 132 -11.20 1.42 14.90
N ARG A 133 -10.34 1.12 13.91
CA ARG A 133 -10.23 -0.24 13.35
C ARG A 133 -8.78 -0.70 13.36
N THR A 134 -8.56 -2.03 13.42
CA THR A 134 -7.22 -2.61 13.41
C THR A 134 -6.70 -2.69 11.97
N ILE A 135 -5.45 -2.28 11.77
CA ILE A 135 -4.84 -2.29 10.43
C ILE A 135 -3.61 -3.19 10.37
N ARG A 136 -3.32 -3.68 9.15
CA ARG A 136 -2.16 -4.55 8.91
C ARG A 136 -1.27 -3.91 7.85
N VAL A 137 0.04 -3.90 8.10
CA VAL A 137 0.98 -3.33 7.13
C VAL A 137 2.14 -4.29 6.86
N ASN A 138 2.52 -4.40 5.58
CA ASN A 138 3.62 -5.27 5.13
C ASN A 138 4.27 -4.71 3.86
N LEU A 139 5.39 -5.31 3.44
CA LEU A 139 6.10 -4.88 2.23
C LEU A 139 5.29 -5.22 0.96
N ALA A 140 5.13 -4.21 0.10
CA ALA A 140 4.37 -4.36 -1.15
C ALA A 140 5.30 -4.67 -2.32
N SER A 1 -26.71 28.43 11.01
CA SER A 1 -25.64 27.47 10.67
C SER A 1 -26.11 26.49 9.58
N MET A 2 -25.31 26.38 8.52
CA MET A 2 -25.63 25.49 7.40
C MET A 2 -24.83 24.20 7.49
N MET A 3 -25.54 23.06 7.40
CA MET A 3 -24.92 21.73 7.47
C MET A 3 -24.13 21.39 6.20
N GLN A 4 -24.65 21.81 5.04
CA GLN A 4 -24.01 21.55 3.75
C GLN A 4 -23.40 22.83 3.17
N CYS A 5 -22.25 22.68 2.51
CA CYS A 5 -21.55 23.80 1.90
C CYS A 5 -21.92 23.96 0.42
N GLY A 6 -22.01 22.82 -0.30
CA GLY A 6 -22.35 22.84 -1.72
C GLY A 6 -21.15 23.04 -2.64
N LYS A 7 -19.97 22.64 -2.16
CA LYS A 7 -18.73 22.78 -2.93
C LYS A 7 -18.37 21.47 -3.64
N CYS A 8 -17.72 21.61 -4.81
CA CYS A 8 -17.31 20.44 -5.60
C CYS A 8 -15.82 20.50 -5.90
N ASP A 9 -15.14 19.37 -5.68
CA ASP A 9 -13.69 19.26 -5.91
C ASP A 9 -13.40 18.65 -7.28
N ARG A 10 -12.31 19.10 -7.90
CA ARG A 10 -11.89 18.60 -9.22
C ARG A 10 -10.47 18.06 -9.17
N TRP A 11 -10.17 17.11 -10.06
CA TRP A 11 -8.84 16.49 -10.13
C TRP A 11 -8.00 17.12 -11.24
N VAL A 12 -6.70 17.28 -10.96
CA VAL A 12 -5.77 17.87 -11.92
C VAL A 12 -4.69 16.84 -12.30
N HIS A 13 -4.39 16.76 -13.60
CA HIS A 13 -3.38 15.82 -14.12
C HIS A 13 -1.97 16.08 -13.56
N SER A 14 -1.60 17.37 -13.46
CA SER A 14 -0.28 17.78 -12.94
C SER A 14 -0.10 17.41 -11.47
N LYS A 15 -1.16 17.59 -10.67
CA LYS A 15 -1.15 17.28 -9.23
C LYS A 15 -1.06 15.77 -8.95
N CYS A 16 -1.66 14.98 -9.86
CA CYS A 16 -1.67 13.50 -9.73
C CYS A 16 -0.26 12.90 -9.87
N GLU A 17 0.59 13.51 -10.72
CA GLU A 17 1.98 13.06 -10.97
C GLU A 17 2.03 11.65 -11.59
N ASN A 18 3.22 11.25 -12.06
CA ASN A 18 3.42 9.93 -12.68
C ASN A 18 3.67 8.84 -11.62
N LEU A 19 3.45 7.58 -12.02
CA LEU A 19 3.63 6.44 -11.12
C LEU A 19 5.00 5.79 -11.33
N SER A 20 5.59 5.31 -10.23
CA SER A 20 6.91 4.66 -10.26
C SER A 20 6.82 3.25 -10.86
N ASP A 21 7.98 2.73 -11.31
CA ASP A 21 8.07 1.39 -11.92
C ASP A 21 7.67 0.28 -10.94
N GLU A 22 8.03 0.44 -9.66
CA GLU A 22 7.72 -0.54 -8.61
C GLU A 22 6.21 -0.63 -8.35
N MET A 23 5.54 0.54 -8.24
CA MET A 23 4.09 0.60 -7.99
C MET A 23 3.27 0.12 -9.18
N TYR A 24 3.74 0.45 -10.40
CA TYR A 24 3.06 0.07 -11.64
C TYR A 24 2.96 -1.47 -11.79
N GLU A 25 4.06 -2.18 -11.48
CA GLU A 25 4.09 -3.65 -11.58
C GLU A 25 3.24 -4.34 -10.50
N ILE A 26 3.28 -3.81 -9.27
CA ILE A 26 2.51 -4.39 -8.14
C ILE A 26 1.00 -4.15 -8.31
N LEU A 27 0.62 -2.91 -8.65
CA LEU A 27 -0.79 -2.52 -8.84
C LEU A 27 -1.42 -3.14 -10.09
N SER A 28 -0.63 -3.26 -11.18
CA SER A 28 -1.13 -3.86 -12.43
C SER A 28 -1.21 -5.39 -12.32
N ASN A 29 -0.37 -5.96 -11.45
CA ASN A 29 -0.32 -7.40 -11.23
C ASN A 29 -0.81 -7.74 -9.81
N LEU A 30 -2.14 -7.83 -9.66
CA LEU A 30 -2.75 -8.14 -8.38
C LEU A 30 -3.32 -9.58 -8.36
N PRO A 31 -3.55 -10.20 -7.17
CA PRO A 31 -4.09 -11.57 -7.06
C PRO A 31 -5.61 -11.65 -7.21
N GLU A 32 -6.12 -12.86 -7.45
CA GLU A 32 -7.57 -13.11 -7.61
C GLU A 32 -8.36 -12.75 -6.35
N SER A 33 -7.67 -12.75 -5.19
CA SER A 33 -8.26 -12.43 -3.89
C SER A 33 -8.34 -10.90 -3.65
N VAL A 34 -8.30 -10.12 -4.74
CA VAL A 34 -8.36 -8.64 -4.68
C VAL A 34 -9.60 -8.08 -3.96
N ALA A 35 -10.56 -8.95 -3.63
CA ALA A 35 -11.79 -8.54 -2.92
C ALA A 35 -11.52 -8.13 -1.47
N TYR A 36 -10.66 -8.91 -0.77
CA TYR A 36 -10.27 -8.67 0.63
C TYR A 36 -11.48 -8.57 1.58
N THR A 37 -11.68 -9.62 2.37
CA THR A 37 -12.79 -9.68 3.33
C THR A 37 -12.26 -10.10 4.71
N CYS A 38 -12.54 -9.27 5.72
CA CYS A 38 -12.10 -9.54 7.09
C CYS A 38 -13.22 -9.31 8.09
N VAL A 39 -13.12 -10.01 9.23
CA VAL A 39 -14.09 -9.91 10.31
C VAL A 39 -13.37 -9.70 11.65
N ASN A 40 -14.03 -8.98 12.57
CA ASN A 40 -13.47 -8.70 13.89
C ASN A 40 -13.98 -9.70 14.93
N CYS A 41 -13.06 -10.55 15.41
CA CYS A 41 -13.38 -11.56 16.42
C CYS A 41 -12.32 -11.58 17.52
N THR A 42 -12.76 -11.71 18.78
CA THR A 42 -11.86 -11.74 19.94
C THR A 42 -11.13 -13.07 20.09
N GLU A 43 -11.77 -14.16 19.68
CA GLU A 43 -11.19 -15.52 19.77
C GLU A 43 -10.08 -15.75 18.74
N ARG A 44 -10.28 -15.21 17.52
CA ARG A 44 -9.32 -15.34 16.41
C ARG A 44 -8.02 -14.56 16.65
N HIS A 45 -8.14 -13.39 17.28
CA HIS A 45 -6.99 -12.53 17.55
C HIS A 45 -6.68 -12.46 19.04
N VAL A 46 -5.39 -12.58 19.38
CA VAL A 46 -4.93 -12.52 20.77
C VAL A 46 -3.94 -11.37 20.94
N ASP A 47 -4.11 -10.62 22.04
CA ASP A 47 -3.24 -9.47 22.34
C ASP A 47 -1.98 -9.92 23.11
N GLY A 48 -0.82 -9.62 22.54
CA GLY A 48 0.45 -9.98 23.16
C GLY A 48 1.36 -10.77 22.23
N GLY A 49 0.79 -11.77 21.55
CA GLY A 49 1.55 -12.60 20.63
C GLY A 49 1.37 -12.17 19.19
N SER A 50 2.48 -11.75 18.55
CA SER A 50 2.47 -11.31 17.14
C SER A 50 2.13 -12.44 16.17
N GLY A 51 2.55 -13.67 16.51
CA GLY A 51 2.30 -14.84 15.68
C GLY A 51 3.39 -15.07 14.65
N GLY A 52 4.65 -14.83 15.04
CA GLY A 52 5.78 -15.02 14.15
C GLY A 52 6.23 -13.74 13.47
N SER A 53 7.43 -13.76 12.90
CA SER A 53 7.99 -12.60 12.20
C SER A 53 8.35 -12.95 10.77
N GLY A 54 8.25 -11.95 9.87
CA GLY A 54 8.57 -12.15 8.47
C GLY A 54 9.99 -11.73 8.13
N GLY A 55 10.85 -12.73 7.87
CA GLY A 55 12.24 -12.48 7.53
C GLY A 55 12.46 -12.20 6.05
N SER A 56 11.79 -12.98 5.20
CA SER A 56 11.90 -12.85 3.75
C SER A 56 10.56 -12.52 3.12
N GLY A 57 10.59 -11.74 2.03
CA GLY A 57 9.38 -11.34 1.33
C GLY A 57 9.66 -10.41 0.16
N GLY A 58 10.68 -10.75 -0.63
CA GLY A 58 11.06 -9.94 -1.79
C GLY A 58 12.14 -8.92 -1.46
N SER A 59 12.67 -8.28 -2.50
CA SER A 59 13.71 -7.28 -2.34
C SER A 59 13.29 -5.94 -2.94
N ALA A 60 13.72 -4.84 -2.30
CA ALA A 60 13.40 -3.49 -2.75
C ALA A 60 14.61 -2.56 -2.60
N THR A 61 14.69 -1.56 -3.49
CA THR A 61 15.78 -0.59 -3.47
C THR A 61 15.26 0.84 -3.43
N THR A 62 16.11 1.76 -2.92
CA THR A 62 15.81 3.21 -2.78
C THR A 62 14.46 3.50 -2.07
N LYS A 63 13.34 3.31 -2.78
CA LYS A 63 12.01 3.54 -2.22
C LYS A 63 11.32 2.23 -1.90
N ARG A 64 10.55 2.20 -0.80
CA ARG A 64 9.83 0.99 -0.40
C ARG A 64 8.33 1.27 -0.29
N VAL A 65 7.52 0.36 -0.87
CA VAL A 65 6.06 0.47 -0.86
C VAL A 65 5.48 -0.56 0.11
N LEU A 66 4.50 -0.14 0.92
CA LEU A 66 3.88 -1.02 1.92
C LEU A 66 2.37 -1.10 1.74
N TYR A 67 1.79 -2.20 2.27
CA TYR A 67 0.34 -2.43 2.22
C TYR A 67 -0.28 -1.97 3.54
N VAL A 68 -1.41 -1.27 3.44
CA VAL A 68 -2.13 -0.81 4.62
C VAL A 68 -3.62 -1.10 4.47
N GLY A 69 -4.14 -1.98 5.32
CA GLY A 69 -5.54 -2.36 5.26
C GLY A 69 -6.23 -2.27 6.60
N GLY A 70 -7.49 -1.83 6.56
CA GLY A 70 -8.28 -1.68 7.78
C GLY A 70 -8.64 -0.24 8.07
N LEU A 71 -8.76 0.57 7.01
CA LEU A 71 -9.11 1.98 7.15
C LEU A 71 -10.61 2.20 6.94
N ALA A 72 -11.08 3.36 7.36
CA ALA A 72 -12.49 3.74 7.24
C ALA A 72 -12.78 4.34 5.86
N GLU A 73 -14.04 4.26 5.43
CA GLU A 73 -14.48 4.80 4.12
C GLU A 73 -14.34 6.32 4.07
N GLU A 74 -14.44 6.94 5.25
CA GLU A 74 -14.33 8.40 5.38
C GLU A 74 -12.87 8.87 5.36
N VAL A 75 -11.91 7.91 5.21
CA VAL A 75 -10.48 8.27 5.17
C VAL A 75 -10.05 8.67 3.75
N ASP A 76 -9.20 9.69 3.67
CA ASP A 76 -8.70 10.21 2.40
C ASP A 76 -7.17 10.08 2.33
N ASP A 77 -6.57 10.49 1.19
CA ASP A 77 -5.10 10.43 0.99
C ASP A 77 -4.37 11.26 2.04
N LYS A 78 -5.03 12.34 2.49
CA LYS A 78 -4.50 13.27 3.50
C LYS A 78 -4.41 12.59 4.86
N VAL A 79 -5.44 11.79 5.16
CA VAL A 79 -5.57 11.02 6.39
C VAL A 79 -4.44 9.95 6.48
N LEU A 80 -4.26 9.20 5.38
CA LEU A 80 -3.25 8.13 5.31
C LEU A 80 -1.83 8.71 5.35
N HIS A 81 -1.64 9.85 4.65
CA HIS A 81 -0.34 10.53 4.58
C HIS A 81 0.06 11.14 5.95
N ALA A 82 -0.89 11.84 6.58
CA ALA A 82 -0.67 12.49 7.88
C ALA A 82 -0.55 11.49 9.04
N ALA A 83 -1.07 10.27 8.84
CA ALA A 83 -1.05 9.23 9.87
C ALA A 83 0.26 8.47 9.86
N PHE A 84 0.83 8.33 8.66
CA PHE A 84 2.09 7.63 8.46
C PHE A 84 3.27 8.59 8.28
N ILE A 85 3.00 9.91 8.36
CA ILE A 85 4.04 10.94 8.21
C ILE A 85 5.04 10.99 9.42
N PRO A 86 4.63 10.67 10.70
CA PRO A 86 5.56 10.71 11.86
C PRO A 86 6.77 9.77 11.71
N PHE A 87 6.62 8.73 10.89
CA PHE A 87 7.70 7.74 10.66
C PHE A 87 8.75 8.26 9.66
N GLY A 88 8.29 9.09 8.69
CA GLY A 88 9.20 9.62 7.69
C GLY A 88 8.45 10.31 6.56
N ASP A 89 9.16 10.49 5.42
CA ASP A 89 8.61 11.15 4.23
C ASP A 89 7.82 10.17 3.36
N ILE A 90 6.66 10.62 2.89
CA ILE A 90 5.79 9.81 2.03
C ILE A 90 5.66 10.46 0.65
N THR A 91 5.70 9.63 -0.39
CA THR A 91 5.61 10.11 -1.76
C THR A 91 4.17 10.11 -2.31
N ASP A 92 3.54 8.92 -2.37
CA ASP A 92 2.17 8.79 -2.90
C ASP A 92 1.34 7.76 -2.15
N ILE A 93 0.01 7.96 -2.18
CA ILE A 93 -0.96 7.05 -1.57
C ILE A 93 -1.90 6.53 -2.67
N GLN A 94 -2.01 5.21 -2.79
CA GLN A 94 -2.86 4.59 -3.81
C GLN A 94 -3.98 3.74 -3.20
N ILE A 95 -5.22 4.04 -3.58
CA ILE A 95 -6.41 3.31 -3.10
C ILE A 95 -7.25 2.83 -4.29
N PRO A 96 -7.32 1.48 -4.57
CA PRO A 96 -8.12 0.95 -5.70
C PRO A 96 -9.61 1.31 -5.58
N LEU A 97 -10.16 1.87 -6.67
CA LEU A 97 -11.56 2.28 -6.70
C LEU A 97 -12.31 1.62 -7.87
N ASP A 98 -13.50 1.09 -7.57
CA ASP A 98 -14.34 0.44 -8.58
C ASP A 98 -15.31 1.44 -9.21
N TYR A 99 -15.50 1.35 -10.53
CA TYR A 99 -16.40 2.25 -11.27
C TYR A 99 -17.87 2.10 -10.87
N GLU A 100 -18.26 0.88 -10.48
CA GLU A 100 -19.64 0.54 -10.10
C GLU A 100 -20.11 1.26 -8.82
N THR A 101 -19.25 1.35 -7.80
CA THR A 101 -19.61 1.99 -6.52
C THR A 101 -18.77 3.22 -6.21
N GLU A 102 -17.57 3.32 -6.80
CA GLU A 102 -16.63 4.45 -6.57
C GLU A 102 -16.23 4.56 -5.08
N LYS A 103 -16.36 3.43 -4.35
CA LYS A 103 -16.04 3.37 -2.93
C LYS A 103 -15.02 2.26 -2.66
N HIS A 104 -14.26 2.39 -1.58
CA HIS A 104 -13.26 1.40 -1.20
C HIS A 104 -13.68 0.65 0.07
N ARG A 105 -13.17 -0.58 0.22
CA ARG A 105 -13.48 -1.42 1.39
C ARG A 105 -12.67 -1.02 2.62
N GLY A 106 -11.65 -0.16 2.42
CA GLY A 106 -10.82 0.28 3.52
C GLY A 106 -9.38 -0.23 3.46
N PHE A 107 -8.79 -0.24 2.26
CA PHE A 107 -7.40 -0.67 2.09
C PHE A 107 -6.69 0.14 1.00
N ALA A 108 -5.39 0.40 1.22
CA ALA A 108 -4.56 1.17 0.29
C ALA A 108 -3.08 0.80 0.44
N PHE A 109 -2.23 1.34 -0.45
CA PHE A 109 -0.79 1.11 -0.39
C PHE A 109 -0.09 2.44 -0.12
N VAL A 110 0.98 2.41 0.65
CA VAL A 110 1.73 3.62 0.98
C VAL A 110 3.15 3.57 0.40
N GLU A 111 3.53 4.67 -0.29
CA GLU A 111 4.85 4.78 -0.91
C GLU A 111 5.73 5.73 -0.11
N PHE A 112 6.92 5.26 0.26
CA PHE A 112 7.88 6.06 1.02
C PHE A 112 9.09 6.39 0.16
N GLU A 113 9.61 7.63 0.33
CA GLU A 113 10.78 8.11 -0.42
C GLU A 113 12.04 7.29 -0.07
N LEU A 114 12.14 6.90 1.21
CA LEU A 114 13.27 6.11 1.70
C LEU A 114 12.81 4.74 2.17
N ALA A 115 13.40 3.67 1.62
CA ALA A 115 13.08 2.30 2.02
C ALA A 115 13.36 2.04 3.51
N GLU A 116 14.27 2.86 4.09
CA GLU A 116 14.63 2.75 5.51
C GLU A 116 13.47 3.17 6.42
N ASP A 117 12.85 4.32 6.11
CA ASP A 117 11.71 4.84 6.88
C ASP A 117 10.46 3.97 6.70
N ALA A 118 10.32 3.37 5.50
CA ALA A 118 9.20 2.48 5.16
C ALA A 118 9.28 1.19 5.99
N ALA A 119 10.51 0.65 6.12
CA ALA A 119 10.77 -0.56 6.91
C ALA A 119 10.45 -0.28 8.38
N ALA A 120 10.64 0.99 8.77
CA ALA A 120 10.35 1.46 10.13
C ALA A 120 8.85 1.44 10.40
N ALA A 121 8.07 1.71 9.34
CA ALA A 121 6.60 1.72 9.42
C ALA A 121 6.04 0.32 9.65
N ILE A 122 6.67 -0.69 9.02
CA ILE A 122 6.24 -2.09 9.15
C ILE A 122 6.54 -2.67 10.54
N ASP A 123 7.68 -2.30 11.14
CA ASP A 123 8.05 -2.81 12.47
C ASP A 123 7.39 -2.01 13.61
N ASN A 124 6.87 -0.82 13.31
CA ASN A 124 6.26 0.04 14.33
C ASN A 124 4.73 -0.13 14.43
N MET A 125 4.02 -0.11 13.28
CA MET A 125 2.56 -0.24 13.31
C MET A 125 2.06 -1.29 12.30
N ASN A 126 2.59 -2.51 12.41
CA ASN A 126 2.18 -3.63 11.54
C ASN A 126 0.72 -4.01 11.79
N GLU A 127 0.31 -3.95 13.08
CA GLU A 127 -1.06 -4.25 13.50
C GLU A 127 -1.47 -3.31 14.63
N SER A 128 -1.80 -2.09 14.25
CA SER A 128 -2.21 -1.04 15.19
C SER A 128 -3.62 -0.55 14.89
N GLU A 129 -4.26 0.10 15.88
CA GLU A 129 -5.61 0.63 15.73
C GLU A 129 -5.56 2.08 15.22
N LEU A 130 -6.15 2.29 14.04
CA LEU A 130 -6.20 3.61 13.40
C LEU A 130 -7.64 3.91 12.98
N PHE A 131 -8.12 5.12 13.35
CA PHE A 131 -9.50 5.58 13.03
C PHE A 131 -10.58 4.70 13.69
N GLY A 132 -10.17 3.88 14.67
CA GLY A 132 -11.10 2.99 15.37
C GLY A 132 -11.12 1.58 14.79
N ARG A 133 -10.24 1.32 13.81
CA ARG A 133 -10.15 0.00 13.17
C ARG A 133 -8.71 -0.53 13.21
N THR A 134 -8.57 -1.86 13.14
CA THR A 134 -7.25 -2.50 13.15
C THR A 134 -6.66 -2.49 11.73
N ILE A 135 -5.39 -2.10 11.62
CA ILE A 135 -4.72 -2.03 10.31
C ILE A 135 -3.52 -2.99 10.23
N ARG A 136 -3.22 -3.42 9.00
CA ARG A 136 -2.10 -4.33 8.75
C ARG A 136 -1.17 -3.69 7.73
N VAL A 137 0.14 -3.76 7.99
CA VAL A 137 1.12 -3.19 7.06
C VAL A 137 2.24 -4.20 6.77
N ASN A 138 2.58 -4.31 5.48
CA ASN A 138 3.64 -5.23 5.01
C ASN A 138 4.24 -4.72 3.69
N LEU A 139 5.32 -5.37 3.23
CA LEU A 139 5.98 -4.99 1.97
C LEU A 139 5.09 -5.31 0.77
N ALA A 140 4.91 -4.32 -0.11
CA ALA A 140 4.08 -4.47 -1.31
C ALA A 140 4.95 -4.73 -2.54
N SER A 1 -21.61 12.11 -16.46
CA SER A 1 -21.47 12.42 -17.90
C SER A 1 -22.81 12.72 -18.54
N MET A 2 -22.87 13.83 -19.29
CA MET A 2 -24.10 14.26 -19.97
C MET A 2 -24.09 13.84 -21.44
N MET A 3 -25.18 13.19 -21.87
CA MET A 3 -25.34 12.73 -23.26
C MET A 3 -25.51 13.89 -24.25
N GLN A 4 -26.20 14.95 -23.80
CA GLN A 4 -26.44 16.12 -24.64
C GLN A 4 -25.55 17.29 -24.24
N CYS A 5 -25.24 18.17 -25.22
CA CYS A 5 -24.39 19.38 -25.03
C CYS A 5 -22.90 19.03 -24.82
N GLY A 6 -22.64 18.06 -23.92
CA GLY A 6 -21.27 17.65 -23.62
C GLY A 6 -20.59 18.53 -22.58
N LYS A 7 -21.35 18.92 -21.55
CA LYS A 7 -20.85 19.78 -20.45
C LYS A 7 -19.73 19.11 -19.65
N CYS A 8 -19.78 17.77 -19.54
CA CYS A 8 -18.78 17.01 -18.80
C CYS A 8 -17.62 16.58 -19.70
N ASP A 9 -16.40 16.93 -19.28
CA ASP A 9 -15.19 16.60 -20.02
C ASP A 9 -14.46 15.42 -19.37
N ARG A 10 -13.65 14.71 -20.17
CA ARG A 10 -12.89 13.56 -19.67
C ARG A 10 -11.42 13.92 -19.50
N TRP A 11 -10.85 13.48 -18.37
CA TRP A 11 -9.44 13.74 -18.05
C TRP A 11 -8.67 12.43 -17.86
N VAL A 12 -7.37 12.46 -18.18
CA VAL A 12 -6.51 11.28 -18.04
C VAL A 12 -5.51 11.49 -16.90
N HIS A 13 -5.46 10.51 -15.98
CA HIS A 13 -4.56 10.55 -14.82
C HIS A 13 -3.07 10.50 -15.21
N SER A 14 -2.76 9.67 -16.22
CA SER A 14 -1.38 9.49 -16.71
C SER A 14 -0.81 10.76 -17.36
N LYS A 15 -1.68 11.50 -18.07
CA LYS A 15 -1.29 12.75 -18.76
C LYS A 15 -0.88 13.85 -17.76
N CYS A 16 -1.62 13.94 -16.64
CA CYS A 16 -1.35 14.95 -15.60
C CYS A 16 -0.23 14.51 -14.65
N GLU A 17 -0.27 13.24 -14.21
CA GLU A 17 0.73 12.70 -13.30
C GLU A 17 1.33 11.41 -13.83
N ASN A 18 2.59 11.16 -13.46
CA ASN A 18 3.30 9.95 -13.88
C ASN A 18 3.54 9.03 -12.69
N LEU A 19 3.22 7.74 -12.87
CA LEU A 19 3.39 6.74 -11.82
C LEU A 19 4.66 5.91 -12.08
N SER A 20 5.27 5.43 -10.99
CA SER A 20 6.49 4.62 -11.05
C SER A 20 6.20 3.20 -11.57
N ASP A 21 7.22 2.58 -12.18
CA ASP A 21 7.11 1.22 -12.75
C ASP A 21 6.77 0.16 -11.68
N GLU A 22 7.32 0.34 -10.47
CA GLU A 22 7.10 -0.59 -9.35
C GLU A 22 5.63 -0.57 -8.88
N MET A 23 5.08 0.64 -8.66
CA MET A 23 3.70 0.81 -8.21
C MET A 23 2.68 0.40 -9.28
N TYR A 24 3.01 0.69 -10.54
CA TYR A 24 2.14 0.37 -11.69
C TYR A 24 1.94 -1.14 -11.87
N GLU A 25 3.04 -1.91 -11.77
CA GLU A 25 2.99 -3.38 -11.94
C GLU A 25 2.27 -4.09 -10.79
N ILE A 26 2.49 -3.64 -9.55
CA ILE A 26 1.87 -4.24 -8.36
C ILE A 26 0.34 -4.03 -8.37
N LEU A 27 -0.10 -2.80 -8.59
CA LEU A 27 -1.53 -2.43 -8.62
C LEU A 27 -2.27 -2.99 -9.85
N SER A 28 -1.60 -2.97 -11.02
CA SER A 28 -2.21 -3.47 -12.28
C SER A 28 -2.33 -5.00 -12.32
N ASN A 29 -1.43 -5.67 -11.59
CA ASN A 29 -1.43 -7.14 -11.53
C ASN A 29 -2.14 -7.62 -10.26
N LEU A 30 -2.78 -6.66 -9.60
CA LEU A 30 -3.52 -6.89 -8.35
C LEU A 30 -5.02 -7.05 -8.65
N PRO A 31 -5.74 -8.02 -7.99
CA PRO A 31 -7.20 -8.22 -8.20
C PRO A 31 -8.01 -7.01 -7.75
N GLU A 32 -9.16 -6.76 -8.41
CA GLU A 32 -10.03 -5.62 -8.09
C GLU A 32 -10.49 -5.63 -6.62
N SER A 33 -10.76 -6.83 -6.10
CA SER A 33 -11.18 -7.00 -4.71
C SER A 33 -9.99 -7.37 -3.80
N VAL A 34 -8.87 -7.80 -4.42
CA VAL A 34 -7.63 -8.21 -3.72
C VAL A 34 -7.89 -9.31 -2.63
N ALA A 35 -9.13 -9.86 -2.62
CA ALA A 35 -9.55 -10.93 -1.69
C ALA A 35 -9.53 -10.52 -0.20
N TYR A 36 -9.47 -9.21 0.07
CA TYR A 36 -9.46 -8.72 1.45
C TYR A 36 -10.74 -7.97 1.76
N THR A 37 -11.50 -8.48 2.74
CA THR A 37 -12.76 -7.88 3.18
C THR A 37 -13.00 -8.11 4.67
N CYS A 38 -13.00 -7.00 5.44
CA CYS A 38 -13.22 -7.01 6.91
C CYS A 38 -12.23 -7.90 7.67
N VAL A 39 -12.41 -9.23 7.57
CA VAL A 39 -11.53 -10.19 8.26
C VAL A 39 -11.07 -11.29 7.29
N ASN A 40 -9.86 -11.82 7.56
CA ASN A 40 -9.26 -12.89 6.73
C ASN A 40 -10.07 -14.19 6.76
N CYS A 41 -10.64 -14.52 7.93
CA CYS A 41 -11.42 -15.75 8.09
C CYS A 41 -12.86 -15.43 8.49
N THR A 42 -13.80 -15.91 7.68
CA THR A 42 -15.24 -15.70 7.91
C THR A 42 -15.82 -16.69 8.93
N GLU A 43 -15.21 -17.87 9.04
CA GLU A 43 -15.65 -18.91 9.97
C GLU A 43 -14.71 -19.02 11.17
N ARG A 44 -15.30 -19.20 12.36
CA ARG A 44 -14.53 -19.34 13.61
C ARG A 44 -13.78 -20.67 13.69
N HIS A 45 -14.39 -21.73 13.16
CA HIS A 45 -13.79 -23.06 13.16
C HIS A 45 -13.45 -23.53 11.75
N VAL A 46 -12.27 -24.15 11.60
CA VAL A 46 -11.82 -24.65 10.30
C VAL A 46 -11.27 -26.09 10.45
N ASP A 47 -11.54 -26.92 9.43
CA ASP A 47 -11.09 -28.31 9.42
C ASP A 47 -9.68 -28.44 8.82
N GLY A 48 -8.85 -29.27 9.46
CA GLY A 48 -7.49 -29.49 9.00
C GLY A 48 -6.49 -28.58 9.68
N GLY A 49 -5.19 -28.83 9.43
CA GLY A 49 -4.14 -28.02 10.02
C GLY A 49 -3.67 -26.89 9.10
N SER A 50 -2.91 -25.95 9.67
CA SER A 50 -2.38 -24.81 8.92
C SER A 50 -0.90 -24.63 9.22
N GLY A 51 -0.14 -24.23 8.19
CA GLY A 51 1.29 -24.01 8.33
C GLY A 51 1.65 -22.59 8.73
N GLY A 52 2.96 -22.34 8.91
CA GLY A 52 3.43 -21.02 9.30
C GLY A 52 3.79 -20.14 8.11
N SER A 53 4.32 -18.95 8.39
CA SER A 53 4.71 -18.00 7.35
C SER A 53 6.18 -17.60 7.50
N GLY A 54 6.80 -17.23 6.37
CA GLY A 54 8.21 -16.81 6.37
C GLY A 54 9.18 -17.98 6.29
N GLY A 55 8.88 -18.96 5.43
CA GLY A 55 9.73 -20.13 5.26
C GLY A 55 11.01 -19.83 4.49
N SER A 56 10.86 -19.18 3.32
CA SER A 56 12.00 -18.82 2.47
C SER A 56 12.81 -17.64 3.06
N GLY A 57 12.09 -16.68 3.67
CA GLY A 57 12.73 -15.51 4.27
C GLY A 57 12.84 -14.34 3.30
N GLY A 58 13.40 -13.24 3.79
CA GLY A 58 13.57 -12.05 2.96
C GLY A 58 14.02 -10.83 3.77
N SER A 59 14.12 -9.69 3.09
CA SER A 59 14.54 -8.44 3.73
C SER A 59 13.47 -7.36 3.57
N ALA A 60 13.31 -6.54 4.62
CA ALA A 60 12.33 -5.44 4.63
C ALA A 60 12.86 -4.17 3.96
N THR A 61 14.20 -4.02 3.94
CA THR A 61 14.86 -2.85 3.35
C THR A 61 14.90 -2.90 1.82
N THR A 62 14.63 -4.09 1.24
CA THR A 62 14.64 -4.28 -0.22
C THR A 62 13.41 -3.66 -0.90
N LYS A 63 12.30 -3.58 -0.17
CA LYS A 63 11.05 -3.01 -0.69
C LYS A 63 10.70 -1.72 0.05
N ARG A 64 10.35 -0.67 -0.71
CA ARG A 64 9.99 0.63 -0.14
C ARG A 64 8.46 0.85 -0.13
N VAL A 65 7.72 -0.12 -0.70
CA VAL A 65 6.25 -0.03 -0.75
C VAL A 65 5.64 -1.01 0.28
N LEU A 66 4.66 -0.51 1.04
CA LEU A 66 4.02 -1.32 2.08
C LEU A 66 2.51 -1.40 1.88
N TYR A 67 1.91 -2.45 2.44
CA TYR A 67 0.47 -2.66 2.37
C TYR A 67 -0.15 -2.22 3.70
N VAL A 68 -1.25 -1.49 3.63
CA VAL A 68 -1.95 -1.03 4.82
C VAL A 68 -3.45 -1.38 4.71
N GLY A 69 -3.92 -2.24 5.62
CA GLY A 69 -5.31 -2.66 5.59
C GLY A 69 -6.01 -2.47 6.91
N GLY A 70 -7.34 -2.28 6.83
CA GLY A 70 -8.16 -2.11 8.02
C GLY A 70 -8.60 -0.66 8.22
N LEU A 71 -8.62 0.10 7.11
CA LEU A 71 -9.02 1.51 7.15
C LEU A 71 -10.51 1.66 6.88
N ALA A 72 -11.04 2.83 7.23
CA ALA A 72 -12.45 3.14 7.04
C ALA A 72 -12.70 3.79 5.67
N GLU A 73 -13.94 3.72 5.20
CA GLU A 73 -14.33 4.29 3.89
C GLU A 73 -14.20 5.81 3.89
N GLU A 74 -14.33 6.41 5.09
CA GLU A 74 -14.22 7.85 5.28
C GLU A 74 -12.75 8.33 5.25
N VAL A 75 -11.81 7.38 5.10
CA VAL A 75 -10.38 7.73 5.06
C VAL A 75 -9.95 8.10 3.63
N ASP A 76 -9.11 9.12 3.52
CA ASP A 76 -8.61 9.60 2.22
C ASP A 76 -7.08 9.55 2.18
N ASP A 77 -6.50 9.94 1.03
CA ASP A 77 -5.04 9.96 0.84
C ASP A 77 -4.35 10.88 1.86
N LYS A 78 -5.07 11.93 2.27
CA LYS A 78 -4.57 12.92 3.24
C LYS A 78 -4.45 12.30 4.63
N VAL A 79 -5.44 11.47 4.96
CA VAL A 79 -5.51 10.76 6.24
C VAL A 79 -4.40 9.71 6.35
N LEU A 80 -4.22 8.91 5.29
CA LEU A 80 -3.20 7.86 5.24
C LEU A 80 -1.78 8.44 5.24
N HIS A 81 -1.60 9.55 4.50
CA HIS A 81 -0.30 10.24 4.38
C HIS A 81 0.11 10.89 5.72
N ALA A 82 -0.83 11.64 6.32
CA ALA A 82 -0.59 12.35 7.59
C ALA A 82 -0.47 11.40 8.80
N ALA A 83 -0.99 10.17 8.67
CA ALA A 83 -0.97 9.19 9.75
C ALA A 83 0.35 8.42 9.79
N PHE A 84 0.90 8.20 8.59
CA PHE A 84 2.15 7.48 8.42
C PHE A 84 3.34 8.42 8.18
N ILE A 85 3.08 9.73 8.16
CA ILE A 85 4.12 10.75 7.93
C ILE A 85 5.13 10.90 9.12
N PRO A 86 4.72 10.69 10.43
CA PRO A 86 5.66 10.83 11.57
C PRO A 86 6.87 9.88 11.49
N PHE A 87 6.72 8.77 10.75
CA PHE A 87 7.80 7.77 10.59
C PHE A 87 8.87 8.23 9.59
N GLY A 88 8.45 9.01 8.58
CA GLY A 88 9.37 9.50 7.57
C GLY A 88 8.65 10.15 6.39
N ASP A 89 9.38 10.29 5.28
CA ASP A 89 8.85 10.89 4.06
C ASP A 89 8.07 9.88 3.22
N ILE A 90 6.88 10.30 2.75
CA ILE A 90 6.02 9.47 1.92
C ILE A 90 5.91 10.07 0.52
N THR A 91 5.95 9.21 -0.49
CA THR A 91 5.87 9.64 -1.89
C THR A 91 4.43 9.69 -2.40
N ASP A 92 3.74 8.54 -2.43
CA ASP A 92 2.35 8.46 -2.92
C ASP A 92 1.53 7.41 -2.19
N ILE A 93 0.19 7.62 -2.19
CA ILE A 93 -0.76 6.70 -1.57
C ILE A 93 -1.69 6.16 -2.67
N GLN A 94 -1.77 4.83 -2.79
CA GLN A 94 -2.61 4.20 -3.81
C GLN A 94 -3.67 3.28 -3.20
N ILE A 95 -4.92 3.50 -3.60
CA ILE A 95 -6.06 2.71 -3.13
C ILE A 95 -6.87 2.17 -4.33
N PRO A 96 -6.95 0.81 -4.54
CA PRO A 96 -7.72 0.23 -5.67
C PRO A 96 -9.21 0.63 -5.63
N LEU A 97 -9.66 1.28 -6.70
CA LEU A 97 -11.06 1.72 -6.81
C LEU A 97 -11.70 1.24 -8.10
N ASP A 98 -12.93 0.72 -7.98
CA ASP A 98 -13.70 0.23 -9.13
C ASP A 98 -14.57 1.34 -9.71
N TYR A 99 -14.70 1.36 -11.04
CA TYR A 99 -15.51 2.37 -11.74
C TYR A 99 -17.01 2.27 -11.41
N GLU A 100 -17.46 1.03 -11.18
CA GLU A 100 -18.88 0.73 -10.87
C GLU A 100 -19.32 1.22 -9.48
N THR A 101 -18.53 0.90 -8.44
CA THR A 101 -18.87 1.28 -7.06
C THR A 101 -18.11 2.51 -6.58
N GLU A 102 -16.90 2.75 -7.13
CA GLU A 102 -16.05 3.89 -6.73
C GLU A 102 -15.74 3.88 -5.22
N LYS A 103 -15.82 2.69 -4.61
CA LYS A 103 -15.58 2.50 -3.18
C LYS A 103 -14.45 1.50 -2.95
N HIS A 104 -13.81 1.58 -1.77
CA HIS A 104 -12.71 0.68 -1.42
C HIS A 104 -13.14 -0.29 -0.31
N ARG A 105 -12.41 -1.42 -0.21
CA ARG A 105 -12.70 -2.44 0.81
C ARG A 105 -11.97 -2.16 2.14
N GLY A 106 -11.27 -1.02 2.21
CA GLY A 106 -10.55 -0.63 3.41
C GLY A 106 -9.09 -1.05 3.41
N PHE A 107 -8.46 -1.01 2.22
CA PHE A 107 -7.04 -1.34 2.08
C PHE A 107 -6.37 -0.44 1.04
N ALA A 108 -5.09 -0.14 1.27
CA ALA A 108 -4.29 0.71 0.37
C ALA A 108 -2.80 0.40 0.52
N PHE A 109 -1.98 0.95 -0.38
CA PHE A 109 -0.53 0.76 -0.33
C PHE A 109 0.15 2.11 -0.10
N VAL A 110 1.24 2.09 0.66
CA VAL A 110 1.97 3.31 0.98
C VAL A 110 3.41 3.22 0.43
N GLU A 111 3.84 4.30 -0.23
CA GLU A 111 5.18 4.37 -0.82
C GLU A 111 6.05 5.33 -0.02
N PHE A 112 7.23 4.85 0.38
CA PHE A 112 8.18 5.66 1.15
C PHE A 112 9.46 5.91 0.36
N GLU A 113 9.99 7.14 0.50
CA GLU A 113 11.23 7.54 -0.19
C GLU A 113 12.44 6.75 0.36
N LEU A 114 12.42 6.51 1.67
CA LEU A 114 13.48 5.76 2.35
C LEU A 114 13.04 4.34 2.64
N ALA A 115 13.95 3.39 2.44
CA ALA A 115 13.70 1.98 2.74
C ALA A 115 13.76 1.77 4.26
N GLU A 116 14.43 2.74 4.93
CA GLU A 116 14.62 2.76 6.38
C GLU A 116 13.31 3.09 7.12
N ASP A 117 12.65 4.18 6.70
CA ASP A 117 11.39 4.62 7.32
C ASP A 117 10.23 3.65 7.02
N ALA A 118 10.29 3.02 5.83
CA ALA A 118 9.27 2.06 5.39
C ALA A 118 9.27 0.80 6.28
N ALA A 119 10.49 0.30 6.57
CA ALA A 119 10.66 -0.88 7.43
C ALA A 119 10.22 -0.55 8.85
N ALA A 120 10.38 0.73 9.22
CA ALA A 120 9.99 1.23 10.54
C ALA A 120 8.47 1.25 10.70
N ALA A 121 7.77 1.54 9.58
CA ALA A 121 6.31 1.59 9.55
C ALA A 121 5.69 0.20 9.75
N ILE A 122 6.30 -0.83 9.14
CA ILE A 122 5.82 -2.22 9.28
C ILE A 122 6.03 -2.75 10.71
N ASP A 123 7.13 -2.31 11.35
CA ASP A 123 7.47 -2.73 12.72
C ASP A 123 6.49 -2.19 13.78
N ASN A 124 6.01 -0.94 13.58
CA ASN A 124 5.10 -0.30 14.54
C ASN A 124 3.64 -0.26 14.11
N MET A 125 3.37 -0.10 12.80
CA MET A 125 1.98 0.03 12.31
C MET A 125 1.34 -1.31 11.90
N ASN A 126 2.09 -2.43 12.04
CA ASN A 126 1.57 -3.77 11.68
C ASN A 126 0.26 -4.09 12.42
N GLU A 127 0.17 -3.66 13.68
CA GLU A 127 -1.01 -3.88 14.53
C GLU A 127 -1.28 -2.62 15.37
N SER A 128 -1.74 -1.57 14.69
CA SER A 128 -2.05 -0.30 15.33
C SER A 128 -3.51 0.10 15.10
N GLU A 129 -4.04 0.91 16.01
CA GLU A 129 -5.42 1.38 15.92
C GLU A 129 -5.48 2.75 15.21
N LEU A 130 -6.19 2.77 14.08
CA LEU A 130 -6.36 3.98 13.28
C LEU A 130 -7.84 4.21 12.97
N PHE A 131 -8.32 5.45 13.22
CA PHE A 131 -9.73 5.85 12.99
C PHE A 131 -10.73 5.03 13.84
N GLY A 132 -10.20 4.35 14.87
CA GLY A 132 -11.03 3.54 15.76
C GLY A 132 -11.05 2.06 15.38
N ARG A 133 -10.24 1.69 14.38
CA ARG A 133 -10.15 0.30 13.92
C ARG A 133 -8.71 -0.18 13.90
N THR A 134 -8.52 -1.51 14.01
CA THR A 134 -7.18 -2.11 13.99
C THR A 134 -6.72 -2.31 12.55
N ILE A 135 -5.48 -1.94 12.26
CA ILE A 135 -4.94 -2.06 10.91
C ILE A 135 -3.73 -3.01 10.85
N ARG A 136 -3.52 -3.58 9.66
CA ARG A 136 -2.42 -4.50 9.40
C ARG A 136 -1.58 -4.00 8.24
N VAL A 137 -0.25 -3.98 8.43
CA VAL A 137 0.66 -3.53 7.37
C VAL A 137 1.77 -4.57 7.14
N ASN A 138 2.11 -4.78 5.86
CA ASN A 138 3.15 -5.73 5.45
C ASN A 138 3.89 -5.21 4.22
N LEU A 139 4.98 -5.89 3.82
CA LEU A 139 5.77 -5.49 2.65
C LEU A 139 4.98 -5.73 1.36
N ALA A 140 4.99 -4.73 0.48
CA ALA A 140 4.28 -4.80 -0.80
C ALA A 140 5.19 -5.26 -1.94
N SER A 1 23.77 30.11 -33.02
CA SER A 1 22.30 30.11 -32.80
C SER A 1 21.89 29.01 -31.82
N MET A 2 20.91 29.33 -30.97
CA MET A 2 20.42 28.39 -29.96
C MET A 2 19.11 27.76 -30.41
N MET A 3 18.98 26.45 -30.20
CA MET A 3 17.77 25.70 -30.58
C MET A 3 16.92 25.40 -29.35
N GLN A 4 15.60 25.40 -29.55
CA GLN A 4 14.64 25.12 -28.48
C GLN A 4 13.94 23.79 -28.71
N CYS A 5 13.71 23.04 -27.62
CA CYS A 5 13.06 21.73 -27.69
C CYS A 5 11.53 21.85 -27.49
N GLY A 6 11.13 22.74 -26.57
CA GLY A 6 9.70 22.93 -26.28
C GLY A 6 9.07 24.00 -27.16
N LYS A 7 7.89 23.68 -27.70
CA LYS A 7 7.14 24.60 -28.57
C LYS A 7 6.23 25.53 -27.77
N CYS A 8 6.03 25.21 -26.47
CA CYS A 8 5.18 26.01 -25.60
C CYS A 8 5.88 26.29 -24.27
N ASP A 9 5.67 27.50 -23.74
CA ASP A 9 6.27 27.93 -22.47
C ASP A 9 5.32 27.66 -21.28
N ARG A 10 4.24 26.91 -21.55
CA ARG A 10 3.25 26.58 -20.52
C ARG A 10 3.34 25.10 -20.13
N TRP A 11 2.91 24.80 -18.90
CA TRP A 11 2.94 23.43 -18.37
C TRP A 11 1.56 22.77 -18.45
N VAL A 12 1.55 21.43 -18.56
CA VAL A 12 0.31 20.66 -18.64
C VAL A 12 0.13 19.83 -17.36
N HIS A 13 -1.12 19.74 -16.88
CA HIS A 13 -1.47 19.00 -15.66
C HIS A 13 -1.10 17.51 -15.76
N SER A 14 -1.39 16.89 -16.91
CA SER A 14 -1.11 15.47 -17.15
C SER A 14 0.40 15.18 -17.26
N LYS A 15 1.14 16.12 -17.87
CA LYS A 15 2.60 15.98 -18.07
C LYS A 15 3.38 16.04 -16.74
N CYS A 16 2.94 16.92 -15.82
CA CYS A 16 3.60 17.10 -14.51
C CYS A 16 3.32 15.93 -13.55
N GLU A 17 2.10 15.39 -13.60
CA GLU A 17 1.71 14.28 -12.74
C GLU A 17 1.82 12.94 -13.48
N ASN A 18 2.56 12.00 -12.86
CA ASN A 18 2.76 10.66 -13.44
C ASN A 18 2.89 9.60 -12.33
N LEU A 19 2.66 8.33 -12.70
CA LEU A 19 2.76 7.22 -11.75
C LEU A 19 4.00 6.40 -12.04
N SER A 20 4.67 5.94 -10.97
CA SER A 20 5.90 5.13 -11.09
C SER A 20 5.59 3.72 -11.62
N ASP A 21 6.62 3.10 -12.22
CA ASP A 21 6.51 1.74 -12.79
C ASP A 21 6.23 0.68 -11.73
N GLU A 22 6.79 0.86 -10.53
CA GLU A 22 6.62 -0.08 -9.42
C GLU A 22 5.17 -0.07 -8.89
N MET A 23 4.61 1.13 -8.70
CA MET A 23 3.23 1.30 -8.19
C MET A 23 2.18 0.82 -9.21
N TYR A 24 2.44 1.09 -10.50
CA TYR A 24 1.53 0.72 -11.58
C TYR A 24 1.41 -0.82 -11.74
N GLU A 25 2.56 -1.52 -11.65
CA GLU A 25 2.59 -2.99 -11.78
C GLU A 25 1.96 -3.73 -10.59
N ILE A 26 2.19 -3.22 -9.38
CA ILE A 26 1.64 -3.84 -8.15
C ILE A 26 0.10 -3.67 -8.08
N LEU A 27 -0.37 -2.44 -8.33
CA LEU A 27 -1.80 -2.12 -8.30
C LEU A 27 -2.59 -2.76 -9.45
N SER A 28 -1.97 -2.83 -10.65
CA SER A 28 -2.61 -3.44 -11.82
C SER A 28 -2.61 -4.97 -11.74
N ASN A 29 -1.65 -5.52 -10.99
CA ASN A 29 -1.51 -6.97 -10.83
C ASN A 29 -1.78 -7.38 -9.37
N LEU A 30 -3.06 -7.49 -9.02
CA LEU A 30 -3.47 -7.89 -7.68
C LEU A 30 -4.05 -9.32 -7.66
N PRO A 31 -3.47 -10.26 -6.85
CA PRO A 31 -3.98 -11.65 -6.76
C PRO A 31 -5.40 -11.72 -6.19
N GLU A 32 -6.22 -12.60 -6.80
CA GLU A 32 -7.65 -12.79 -6.48
C GLU A 32 -8.02 -12.70 -4.98
N SER A 33 -7.14 -13.17 -4.10
CA SER A 33 -7.44 -13.14 -2.65
C SER A 33 -6.45 -12.27 -1.84
N VAL A 34 -5.24 -12.06 -2.38
CA VAL A 34 -4.20 -11.30 -1.65
C VAL A 34 -4.57 -9.81 -1.51
N ALA A 35 -5.42 -9.31 -2.44
CA ALA A 35 -5.87 -7.92 -2.42
C ALA A 35 -6.66 -7.58 -1.15
N TYR A 36 -7.40 -8.56 -0.61
CA TYR A 36 -8.19 -8.38 0.62
C TYR A 36 -8.47 -9.72 1.30
N THR A 37 -8.37 -9.72 2.63
CA THR A 37 -8.61 -10.91 3.44
C THR A 37 -9.57 -10.62 4.59
N CYS A 38 -10.27 -11.67 5.05
CA CYS A 38 -11.23 -11.55 6.14
C CYS A 38 -10.85 -12.45 7.32
N VAL A 39 -10.61 -13.74 7.03
CA VAL A 39 -10.23 -14.71 8.05
C VAL A 39 -9.06 -15.59 7.59
N ASN A 40 -8.39 -16.24 8.55
CA ASN A 40 -7.25 -17.11 8.28
C ASN A 40 -7.72 -18.56 8.17
N CYS A 41 -7.43 -19.19 7.02
CA CYS A 41 -7.82 -20.57 6.77
C CYS A 41 -6.62 -21.40 6.30
N THR A 42 -6.66 -22.71 6.62
CA THR A 42 -5.58 -23.64 6.24
C THR A 42 -5.84 -24.29 4.86
N GLU A 43 -6.65 -23.60 4.03
CA GLU A 43 -7.00 -24.08 2.68
C GLU A 43 -5.77 -24.12 1.75
N ARG A 44 -4.80 -23.23 2.00
CA ARG A 44 -3.58 -23.16 1.20
C ARG A 44 -2.59 -24.26 1.61
N HIS A 45 -1.81 -24.75 0.63
CA HIS A 45 -0.83 -25.80 0.85
C HIS A 45 0.58 -25.23 0.88
N VAL A 46 1.42 -25.76 1.78
CA VAL A 46 2.82 -25.32 1.93
C VAL A 46 3.72 -25.81 0.79
N ASP A 47 3.39 -26.98 0.22
CA ASP A 47 4.16 -27.57 -0.88
C ASP A 47 3.62 -27.12 -2.24
N GLY A 48 4.52 -26.60 -3.07
CA GLY A 48 4.14 -26.12 -4.41
C GLY A 48 4.25 -27.20 -5.47
N GLY A 49 4.11 -26.80 -6.74
CA GLY A 49 4.19 -27.74 -7.84
C GLY A 49 2.84 -28.27 -8.29
N SER A 50 1.75 -27.61 -7.84
CA SER A 50 0.37 -28.02 -8.18
C SER A 50 0.05 -27.79 -9.67
N GLY A 51 0.77 -26.84 -10.30
CA GLY A 51 0.57 -26.54 -11.71
C GLY A 51 0.22 -25.08 -11.94
N GLY A 52 1.04 -24.18 -11.36
CA GLY A 52 0.81 -22.75 -11.51
C GLY A 52 2.07 -21.94 -11.30
N SER A 53 1.95 -20.61 -11.46
CA SER A 53 3.08 -19.68 -11.29
C SER A 53 3.40 -19.41 -9.81
N GLY A 54 2.42 -19.66 -8.93
CA GLY A 54 2.60 -19.43 -7.50
C GLY A 54 3.09 -20.67 -6.75
N GLY A 55 3.90 -21.50 -7.43
CA GLY A 55 4.43 -22.72 -6.84
C GLY A 55 5.38 -22.47 -5.67
N SER A 56 6.19 -21.42 -5.78
CA SER A 56 7.15 -21.05 -4.74
C SER A 56 6.89 -19.65 -4.20
N GLY A 57 7.20 -19.45 -2.92
CA GLY A 57 7.01 -18.15 -2.28
C GLY A 57 7.49 -18.12 -0.84
N GLY A 58 7.14 -17.06 -0.12
CA GLY A 58 7.54 -16.91 1.27
C GLY A 58 8.78 -16.06 1.46
N SER A 59 9.19 -15.34 0.40
CA SER A 59 10.38 -14.48 0.45
C SER A 59 9.99 -13.02 0.21
N ALA A 60 10.69 -12.11 0.89
CA ALA A 60 10.44 -10.67 0.77
C ALA A 60 11.61 -9.96 0.10
N THR A 61 11.29 -8.88 -0.62
CA THR A 61 12.29 -8.07 -1.32
C THR A 61 12.28 -6.63 -0.81
N THR A 62 13.35 -5.88 -1.10
CA THR A 62 13.47 -4.48 -0.67
C THR A 62 12.55 -3.56 -1.51
N LYS A 63 11.41 -3.23 -0.92
CA LYS A 63 10.42 -2.35 -1.57
C LYS A 63 9.99 -1.22 -0.65
N ARG A 64 9.76 -0.05 -1.24
CA ARG A 64 9.33 1.14 -0.48
C ARG A 64 7.81 1.26 -0.41
N VAL A 65 7.11 0.26 -0.97
CA VAL A 65 5.64 0.25 -0.99
C VAL A 65 5.12 -0.81 -0.01
N LEU A 66 4.20 -0.39 0.87
CA LEU A 66 3.62 -1.29 1.89
C LEU A 66 2.10 -1.33 1.76
N TYR A 67 1.50 -2.43 2.23
CA TYR A 67 0.05 -2.62 2.22
C TYR A 67 -0.55 -2.12 3.53
N VAL A 68 -1.66 -1.39 3.43
CA VAL A 68 -2.36 -0.90 4.61
C VAL A 68 -3.87 -1.14 4.46
N GLY A 69 -4.40 -1.99 5.33
CA GLY A 69 -5.82 -2.33 5.29
C GLY A 69 -6.47 -2.21 6.63
N GLY A 70 -7.72 -1.73 6.62
CA GLY A 70 -8.49 -1.55 7.84
C GLY A 70 -8.78 -0.10 8.14
N LEU A 71 -8.79 0.73 7.08
CA LEU A 71 -9.06 2.16 7.21
C LEU A 71 -10.54 2.44 6.94
N ALA A 72 -10.98 3.64 7.34
CA ALA A 72 -12.36 4.08 7.15
C ALA A 72 -12.60 4.55 5.71
N GLU A 73 -13.85 4.43 5.23
CA GLU A 73 -14.22 4.84 3.88
C GLU A 73 -14.06 6.36 3.68
N GLU A 74 -14.24 7.10 4.78
CA GLU A 74 -14.16 8.56 4.77
C GLU A 74 -12.70 9.07 4.92
N VAL A 75 -11.71 8.18 4.75
CA VAL A 75 -10.29 8.58 4.86
C VAL A 75 -9.74 9.07 3.52
N ASP A 76 -9.05 10.21 3.56
CA ASP A 76 -8.46 10.81 2.37
C ASP A 76 -6.95 10.54 2.32
N ASP A 77 -6.30 10.92 1.20
CA ASP A 77 -4.85 10.74 1.02
C ASP A 77 -4.06 11.47 2.11
N LYS A 78 -4.64 12.57 2.60
CA LYS A 78 -4.04 13.41 3.65
C LYS A 78 -4.02 12.65 4.98
N VAL A 79 -5.11 11.91 5.21
CA VAL A 79 -5.30 11.10 6.42
C VAL A 79 -4.24 10.00 6.50
N LEU A 80 -4.05 9.26 5.40
CA LEU A 80 -3.08 8.16 5.34
C LEU A 80 -1.64 8.70 5.41
N HIS A 81 -1.42 9.86 4.75
CA HIS A 81 -0.11 10.52 4.72
C HIS A 81 0.29 11.07 6.09
N ALA A 82 -0.64 11.80 6.73
CA ALA A 82 -0.41 12.41 8.05
C ALA A 82 -0.35 11.37 9.19
N ALA A 83 -0.92 10.17 8.94
CA ALA A 83 -0.95 9.10 9.94
C ALA A 83 0.34 8.29 9.93
N PHE A 84 0.92 8.18 8.74
CA PHE A 84 2.14 7.44 8.53
C PHE A 84 3.37 8.35 8.38
N ILE A 85 3.15 9.68 8.51
CA ILE A 85 4.24 10.66 8.41
C ILE A 85 5.21 10.63 9.64
N PRO A 86 4.76 10.30 10.90
CA PRO A 86 5.68 10.26 12.08
C PRO A 86 6.84 9.28 11.93
N PHE A 87 6.67 8.25 11.07
CA PHE A 87 7.72 7.23 10.85
C PHE A 87 8.84 7.73 9.93
N GLY A 88 8.48 8.62 8.98
CA GLY A 88 9.45 9.14 8.03
C GLY A 88 8.79 9.91 6.90
N ASP A 89 9.52 10.05 5.79
CA ASP A 89 9.03 10.77 4.60
C ASP A 89 8.19 9.85 3.70
N ILE A 90 7.10 10.39 3.16
CA ILE A 90 6.20 9.64 2.27
C ILE A 90 6.19 10.28 0.88
N THR A 91 6.16 9.43 -0.15
CA THR A 91 6.15 9.89 -1.53
C THR A 91 4.74 9.99 -2.10
N ASP A 92 4.01 8.86 -2.18
CA ASP A 92 2.65 8.85 -2.74
C ASP A 92 1.73 7.85 -2.02
N ILE A 93 0.43 8.15 -2.05
CA ILE A 93 -0.62 7.30 -1.47
C ILE A 93 -1.60 6.92 -2.57
N GLN A 94 -1.91 5.62 -2.69
CA GLN A 94 -2.84 5.13 -3.71
C GLN A 94 -4.04 4.41 -3.09
N ILE A 95 -5.23 4.70 -3.63
CA ILE A 95 -6.48 4.10 -3.15
C ILE A 95 -7.24 3.48 -4.33
N PRO A 96 -7.18 2.10 -4.51
CA PRO A 96 -7.88 1.42 -5.61
C PRO A 96 -9.39 1.58 -5.55
N LEU A 97 -9.99 2.01 -6.66
CA LEU A 97 -11.43 2.22 -6.75
C LEU A 97 -12.01 1.48 -7.96
N ASP A 98 -13.12 0.78 -7.75
CA ASP A 98 -13.81 0.04 -8.82
C ASP A 98 -14.80 0.95 -9.53
N TYR A 99 -14.85 0.83 -10.87
CA TYR A 99 -15.77 1.64 -11.70
C TYR A 99 -17.24 1.32 -11.42
N GLU A 100 -17.51 0.04 -11.10
CA GLU A 100 -18.86 -0.45 -10.82
C GLU A 100 -19.46 0.12 -9.52
N THR A 101 -18.67 0.16 -8.44
CA THR A 101 -19.14 0.64 -7.14
C THR A 101 -18.65 2.06 -6.83
N GLU A 102 -17.47 2.44 -7.36
CA GLU A 102 -16.86 3.77 -7.13
C GLU A 102 -16.76 4.07 -5.61
N LYS A 103 -16.56 3.00 -4.82
CA LYS A 103 -16.47 3.10 -3.36
C LYS A 103 -15.16 2.51 -2.85
N HIS A 104 -14.72 3.00 -1.68
CA HIS A 104 -13.49 2.52 -1.03
C HIS A 104 -13.86 1.43 -0.01
N ARG A 105 -13.10 0.33 -0.03
CA ARG A 105 -13.35 -0.80 0.86
C ARG A 105 -12.54 -0.76 2.16
N GLY A 106 -11.79 0.34 2.39
CA GLY A 106 -11.01 0.45 3.62
C GLY A 106 -9.59 -0.09 3.52
N PHE A 107 -9.01 -0.10 2.30
CA PHE A 107 -7.62 -0.55 2.11
C PHE A 107 -6.92 0.27 1.03
N ALA A 108 -5.60 0.44 1.21
CA ALA A 108 -4.74 1.21 0.30
C ALA A 108 -3.28 0.79 0.46
N PHE A 109 -2.39 1.36 -0.38
CA PHE A 109 -0.96 1.10 -0.30
C PHE A 109 -0.21 2.40 -0.01
N VAL A 110 0.93 2.29 0.67
CA VAL A 110 1.73 3.47 1.02
C VAL A 110 3.14 3.37 0.44
N GLU A 111 3.60 4.47 -0.15
CA GLU A 111 4.92 4.56 -0.76
C GLU A 111 5.82 5.50 0.04
N PHE A 112 7.05 5.05 0.33
CA PHE A 112 8.01 5.85 1.09
C PHE A 112 9.24 6.18 0.25
N GLU A 113 9.86 7.33 0.55
CA GLU A 113 11.07 7.80 -0.15
C GLU A 113 12.28 6.90 0.16
N LEU A 114 12.38 6.49 1.44
CA LEU A 114 13.47 5.63 1.90
C LEU A 114 12.96 4.24 2.25
N ALA A 115 13.76 3.22 1.90
CA ALA A 115 13.44 1.82 2.21
C ALA A 115 13.55 1.55 3.72
N GLU A 116 14.32 2.42 4.39
CA GLU A 116 14.57 2.36 5.83
C GLU A 116 13.25 2.53 6.62
N ASP A 117 12.43 3.49 6.19
CA ASP A 117 11.12 3.76 6.82
C ASP A 117 10.13 2.63 6.53
N ALA A 118 10.26 2.00 5.35
CA ALA A 118 9.39 0.89 4.94
C ALA A 118 9.45 -0.26 5.95
N ALA A 119 10.68 -0.62 6.35
CA ALA A 119 10.91 -1.68 7.35
C ALA A 119 10.52 -1.17 8.74
N ALA A 120 10.64 0.15 8.93
CA ALA A 120 10.30 0.81 10.20
C ALA A 120 8.79 0.86 10.43
N ALA A 121 8.04 1.20 9.36
CA ALA A 121 6.57 1.29 9.42
C ALA A 121 5.91 -0.08 9.67
N ILE A 122 6.46 -1.15 9.06
CA ILE A 122 5.91 -2.51 9.22
C ILE A 122 6.17 -3.08 10.63
N ASP A 123 7.39 -2.87 11.14
CA ASP A 123 7.78 -3.37 12.47
C ASP A 123 7.11 -2.61 13.62
N ASN A 124 6.86 -1.30 13.42
CA ASN A 124 6.24 -0.45 14.45
C ASN A 124 4.73 -0.60 14.59
N MET A 125 3.98 -0.54 13.46
CA MET A 125 2.52 -0.63 13.52
C MET A 125 1.96 -1.57 12.44
N ASN A 126 2.33 -2.85 12.53
CA ASN A 126 1.84 -3.88 11.59
C ASN A 126 0.34 -4.16 11.80
N GLU A 127 -0.08 -4.10 13.07
CA GLU A 127 -1.48 -4.32 13.47
C GLU A 127 -1.85 -3.36 14.62
N SER A 128 -2.10 -2.11 14.23
CA SER A 128 -2.46 -1.06 15.19
C SER A 128 -3.83 -0.46 14.89
N GLU A 129 -4.42 0.22 15.88
CA GLU A 129 -5.74 0.84 15.72
C GLU A 129 -5.60 2.28 15.21
N LEU A 130 -6.14 2.52 14.02
CA LEU A 130 -6.11 3.83 13.38
C LEU A 130 -7.52 4.23 12.94
N PHE A 131 -7.94 5.45 13.28
CA PHE A 131 -9.29 5.99 12.93
C PHE A 131 -10.42 5.20 13.62
N GLY A 132 -10.06 4.39 14.62
CA GLY A 132 -11.03 3.58 15.34
C GLY A 132 -11.16 2.16 14.80
N ARG A 133 -10.30 1.82 13.83
CA ARG A 133 -10.29 0.49 13.21
C ARG A 133 -8.89 -0.12 13.24
N THR A 134 -8.82 -1.46 13.16
CA THR A 134 -7.53 -2.18 13.16
C THR A 134 -6.96 -2.19 11.75
N ILE A 135 -5.66 -1.90 11.64
CA ILE A 135 -4.98 -1.87 10.34
C ILE A 135 -3.85 -2.89 10.25
N ARG A 136 -3.59 -3.34 9.01
CA ARG A 136 -2.52 -4.32 8.76
C ARG A 136 -1.54 -3.74 7.75
N VAL A 137 -0.24 -3.87 8.02
CA VAL A 137 0.77 -3.36 7.10
C VAL A 137 1.83 -4.44 6.79
N ASN A 138 2.14 -4.58 5.50
CA ASN A 138 3.12 -5.56 5.00
C ASN A 138 3.77 -5.03 3.71
N LEU A 139 4.80 -5.75 3.23
CA LEU A 139 5.50 -5.37 1.99
C LEU A 139 4.64 -5.64 0.76
N ALA A 140 4.53 -4.63 -0.12
CA ALA A 140 3.74 -4.72 -1.34
C ALA A 140 4.64 -5.01 -2.55
N SER A 1 37.49 -10.76 -12.37
CA SER A 1 36.23 -11.38 -11.88
C SER A 1 35.01 -10.56 -12.28
N MET A 2 35.13 -9.23 -12.16
CA MET A 2 34.04 -8.31 -12.50
C MET A 2 34.25 -7.70 -13.88
N MET A 3 33.22 -7.79 -14.73
CA MET A 3 33.27 -7.25 -16.09
C MET A 3 32.03 -6.41 -16.38
N GLN A 4 30.85 -7.00 -16.15
CA GLN A 4 29.58 -6.31 -16.38
C GLN A 4 28.62 -6.57 -15.23
N CYS A 5 28.21 -5.49 -14.54
CA CYS A 5 27.30 -5.59 -13.40
C CYS A 5 26.28 -4.45 -13.41
N GLY A 6 25.00 -4.80 -13.30
CA GLY A 6 23.92 -3.81 -13.28
C GLY A 6 23.42 -3.42 -14.66
N LYS A 7 22.42 -2.54 -14.68
CA LYS A 7 21.83 -2.05 -15.93
C LYS A 7 21.80 -0.53 -15.95
N CYS A 8 21.84 0.04 -17.16
CA CYS A 8 21.82 1.49 -17.33
C CYS A 8 20.40 2.00 -17.57
N ASP A 9 19.94 2.89 -16.68
CA ASP A 9 18.59 3.47 -16.76
C ASP A 9 18.62 4.97 -16.50
N ARG A 10 17.58 5.66 -16.97
CA ARG A 10 17.46 7.12 -16.80
C ARG A 10 16.18 7.46 -16.04
N TRP A 11 16.23 8.54 -15.25
CA TRP A 11 15.09 8.98 -14.46
C TRP A 11 14.45 10.24 -15.06
N VAL A 12 13.12 10.25 -15.11
CA VAL A 12 12.36 11.38 -15.65
C VAL A 12 11.36 11.87 -14.60
N HIS A 13 11.24 13.20 -14.48
CA HIS A 13 10.33 13.85 -13.52
C HIS A 13 8.85 13.48 -13.78
N SER A 14 8.46 13.42 -15.05
CA SER A 14 7.08 13.10 -15.46
C SER A 14 6.67 11.67 -15.03
N LYS A 15 7.60 10.71 -15.15
CA LYS A 15 7.36 9.31 -14.79
C LYS A 15 7.13 9.12 -13.28
N CYS A 16 7.86 9.89 -12.47
CA CYS A 16 7.75 9.83 -11.00
C CYS A 16 6.49 10.54 -10.47
N GLU A 17 6.09 11.62 -11.16
CA GLU A 17 4.91 12.42 -10.77
C GLU A 17 3.60 11.65 -10.90
N ASN A 18 3.52 10.73 -11.88
CA ASN A 18 2.30 9.94 -12.10
C ASN A 18 2.30 8.66 -11.26
N LEU A 19 3.13 7.67 -11.63
CA LEU A 19 3.22 6.39 -10.90
C LEU A 19 4.62 5.80 -11.00
N SER A 20 5.01 5.05 -9.96
CA SER A 20 6.31 4.39 -9.92
C SER A 20 6.24 3.01 -10.57
N ASP A 21 7.40 2.48 -10.99
CA ASP A 21 7.48 1.16 -11.64
C ASP A 21 6.93 0.03 -10.77
N GLU A 22 7.21 0.11 -9.45
CA GLU A 22 6.76 -0.90 -8.48
C GLU A 22 5.23 -0.87 -8.31
N MET A 23 4.65 0.35 -8.28
CA MET A 23 3.20 0.54 -8.13
C MET A 23 2.41 0.05 -9.35
N TYR A 24 2.96 0.28 -10.55
CA TYR A 24 2.30 -0.11 -11.80
C TYR A 24 2.18 -1.63 -11.95
N GLU A 25 3.26 -2.38 -11.65
CA GLU A 25 3.27 -3.84 -11.76
C GLU A 25 2.43 -4.54 -10.67
N ILE A 26 2.59 -4.10 -9.41
CA ILE A 26 1.87 -4.71 -8.27
C ILE A 26 0.35 -4.45 -8.35
N LEU A 27 -0.03 -3.20 -8.63
CA LEU A 27 -1.45 -2.81 -8.74
C LEU A 27 -2.14 -3.43 -9.97
N SER A 28 -1.38 -3.61 -11.06
CA SER A 28 -1.92 -4.20 -12.30
C SER A 28 -2.29 -5.68 -12.12
N ASN A 29 -1.49 -6.41 -11.33
CA ASN A 29 -1.74 -7.83 -11.07
C ASN A 29 -1.84 -8.10 -9.56
N LEU A 30 -3.08 -8.16 -9.07
CA LEU A 30 -3.35 -8.42 -7.66
C LEU A 30 -4.22 -9.67 -7.48
N PRO A 31 -3.78 -10.68 -6.65
CA PRO A 31 -4.59 -11.90 -6.41
C PRO A 31 -5.82 -11.60 -5.54
N GLU A 32 -7.01 -11.88 -6.12
CA GLU A 32 -8.32 -11.61 -5.48
C GLU A 32 -8.40 -12.06 -4.02
N SER A 33 -7.75 -13.18 -3.70
CA SER A 33 -7.75 -13.71 -2.33
C SER A 33 -6.70 -13.05 -1.45
N VAL A 34 -5.48 -12.85 -1.98
CA VAL A 34 -4.36 -12.27 -1.21
C VAL A 34 -4.64 -10.81 -0.83
N ALA A 35 -5.28 -10.08 -1.75
CA ALA A 35 -5.63 -8.68 -1.54
C ALA A 35 -6.75 -8.50 -0.51
N TYR A 36 -7.64 -9.51 -0.38
CA TYR A 36 -8.78 -9.43 0.56
C TYR A 36 -9.48 -10.79 0.71
N THR A 37 -10.22 -10.95 1.80
CA THR A 37 -10.96 -12.19 2.08
C THR A 37 -12.44 -12.03 1.75
N CYS A 38 -13.12 -13.17 1.58
CA CYS A 38 -14.56 -13.18 1.25
C CYS A 38 -15.34 -14.00 2.28
N VAL A 39 -16.65 -13.68 2.40
CA VAL A 39 -17.58 -14.36 3.35
C VAL A 39 -17.15 -14.15 4.82
N ASN A 40 -18.08 -14.34 5.74
CA ASN A 40 -17.81 -14.17 7.18
C ASN A 40 -17.47 -15.51 7.84
N CYS A 41 -16.32 -15.54 8.51
CA CYS A 41 -15.85 -16.75 9.20
C CYS A 41 -15.35 -16.42 10.61
N THR A 42 -15.40 -17.42 11.50
CA THR A 42 -14.95 -17.25 12.89
C THR A 42 -13.43 -17.15 13.02
N GLU A 43 -12.72 -17.69 12.01
CA GLU A 43 -11.25 -17.68 11.96
C GLU A 43 -10.68 -16.26 11.76
N ARG A 44 -11.44 -15.42 11.03
CA ARG A 44 -11.04 -14.04 10.73
C ARG A 44 -10.91 -13.17 12.00
N HIS A 45 -11.76 -13.46 13.01
CA HIS A 45 -11.76 -12.73 14.28
C HIS A 45 -10.54 -13.08 15.15
N VAL A 46 -9.92 -14.23 14.88
CA VAL A 46 -8.74 -14.68 15.63
C VAL A 46 -7.48 -14.53 14.76
N ASP A 47 -6.42 -13.99 15.37
CA ASP A 47 -5.14 -13.76 14.68
C ASP A 47 -4.32 -15.04 14.59
N GLY A 48 -3.62 -15.21 13.45
CA GLY A 48 -2.79 -16.38 13.22
C GLY A 48 -3.51 -17.47 12.44
N GLY A 49 -2.75 -18.51 12.05
CA GLY A 49 -3.32 -19.63 11.30
C GLY A 49 -3.40 -19.35 9.80
N SER A 50 -2.33 -18.75 9.25
CA SER A 50 -2.27 -18.43 7.82
C SER A 50 -1.13 -19.18 7.14
N GLY A 51 -1.33 -19.52 5.86
CA GLY A 51 -0.32 -20.24 5.09
C GLY A 51 0.65 -19.31 4.37
N GLY A 52 1.55 -19.90 3.58
CA GLY A 52 2.53 -19.13 2.84
C GLY A 52 3.41 -20.00 1.96
N SER A 53 4.46 -19.39 1.38
CA SER A 53 5.40 -20.10 0.50
C SER A 53 6.26 -21.12 1.27
N GLY A 54 6.46 -20.87 2.56
CA GLY A 54 7.25 -21.78 3.39
C GLY A 54 7.48 -21.23 4.79
N GLY A 55 7.37 -22.12 5.79
CA GLY A 55 7.57 -21.73 7.18
C GLY A 55 9.02 -21.78 7.62
N SER A 56 9.67 -22.91 7.33
CA SER A 56 11.09 -23.13 7.68
C SER A 56 12.03 -22.19 6.93
N GLY A 57 11.68 -21.87 5.67
CA GLY A 57 12.50 -20.99 4.84
C GLY A 57 11.67 -19.96 4.08
N GLY A 58 12.37 -19.09 3.34
CA GLY A 58 11.72 -18.07 2.55
C GLY A 58 12.03 -16.66 3.05
N SER A 59 12.67 -15.87 2.18
CA SER A 59 13.05 -14.50 2.52
C SER A 59 12.43 -13.50 1.55
N ALA A 60 12.10 -12.32 2.06
CA ALA A 60 11.51 -11.25 1.24
C ALA A 60 12.49 -10.10 1.04
N THR A 61 12.34 -9.41 -0.08
CA THR A 61 13.21 -8.27 -0.43
C THR A 61 12.66 -6.96 0.16
N THR A 62 13.54 -5.96 0.29
CA THR A 62 13.16 -4.65 0.84
C THR A 62 12.51 -3.76 -0.22
N LYS A 63 11.30 -3.26 0.10
CA LYS A 63 10.55 -2.39 -0.80
C LYS A 63 10.03 -1.16 -0.06
N ARG A 64 10.03 -0.03 -0.76
CA ARG A 64 9.56 1.26 -0.20
C ARG A 64 8.03 1.36 -0.19
N VAL A 65 7.35 0.44 -0.89
CA VAL A 65 5.88 0.43 -0.95
C VAL A 65 5.34 -0.67 -0.04
N LEU A 66 4.39 -0.30 0.82
CA LEU A 66 3.78 -1.24 1.78
C LEU A 66 2.27 -1.31 1.62
N TYR A 67 1.70 -2.40 2.11
CA TYR A 67 0.24 -2.62 2.09
C TYR A 67 -0.35 -2.14 3.41
N VAL A 68 -1.42 -1.37 3.33
CA VAL A 68 -2.10 -0.88 4.53
C VAL A 68 -3.61 -1.10 4.39
N GLY A 69 -4.16 -1.95 5.25
CA GLY A 69 -5.57 -2.27 5.20
C GLY A 69 -6.27 -2.15 6.53
N GLY A 70 -7.58 -1.94 6.47
CA GLY A 70 -8.39 -1.82 7.67
C GLY A 70 -8.80 -0.38 7.94
N LEU A 71 -8.76 0.45 6.89
CA LEU A 71 -9.13 1.87 6.99
C LEU A 71 -10.62 2.05 6.73
N ALA A 72 -11.13 3.22 7.14
CA ALA A 72 -12.54 3.57 6.96
C ALA A 72 -12.76 4.27 5.62
N GLU A 73 -14.01 4.21 5.12
CA GLU A 73 -14.38 4.84 3.84
C GLU A 73 -14.23 6.37 3.89
N GLU A 74 -14.36 6.91 5.11
CA GLU A 74 -14.24 8.36 5.34
C GLU A 74 -12.77 8.80 5.33
N VAL A 75 -11.83 7.86 5.16
CA VAL A 75 -10.39 8.18 5.13
C VAL A 75 -9.94 8.56 3.71
N ASP A 76 -9.09 9.58 3.61
CA ASP A 76 -8.58 10.05 2.33
C ASP A 76 -7.04 9.95 2.28
N ASP A 77 -6.44 10.43 1.17
CA ASP A 77 -4.98 10.40 0.99
C ASP A 77 -4.25 11.24 2.05
N LYS A 78 -4.93 12.30 2.51
CA LYS A 78 -4.39 13.21 3.54
C LYS A 78 -4.28 12.51 4.89
N VAL A 79 -5.31 11.69 5.19
CA VAL A 79 -5.40 10.92 6.41
C VAL A 79 -4.30 9.85 6.48
N LEU A 80 -4.13 9.10 5.37
CA LEU A 80 -3.12 8.04 5.29
C LEU A 80 -1.69 8.62 5.32
N HIS A 81 -1.51 9.76 4.63
CA HIS A 81 -0.22 10.46 4.55
C HIS A 81 0.19 11.05 5.91
N ALA A 82 -0.75 11.75 6.56
CA ALA A 82 -0.52 12.39 7.85
C ALA A 82 -0.39 11.39 9.01
N ALA A 83 -0.91 10.16 8.81
CA ALA A 83 -0.87 9.11 9.84
C ALA A 83 0.46 8.38 9.85
N PHE A 84 1.02 8.21 8.65
CA PHE A 84 2.29 7.52 8.47
C PHE A 84 3.47 8.50 8.32
N ILE A 85 3.18 9.81 8.32
CA ILE A 85 4.22 10.85 8.17
C ILE A 85 5.20 10.96 9.39
N PRO A 86 4.77 10.69 10.68
CA PRO A 86 5.69 10.78 11.84
C PRO A 86 6.93 9.88 11.73
N PHE A 87 6.82 8.80 10.92
CA PHE A 87 7.93 7.87 10.70
C PHE A 87 8.95 8.40 9.69
N GLY A 88 8.46 9.20 8.74
CA GLY A 88 9.31 9.78 7.71
C GLY A 88 8.51 10.50 6.64
N ASP A 89 9.19 10.88 5.55
CA ASP A 89 8.56 11.58 4.44
C ASP A 89 7.95 10.58 3.45
N ILE A 90 6.67 10.82 3.09
CA ILE A 90 5.94 9.96 2.16
C ILE A 90 5.82 10.64 0.79
N THR A 91 5.95 9.85 -0.27
CA THR A 91 5.88 10.35 -1.64
C THR A 91 4.45 10.37 -2.19
N ASP A 92 3.80 9.19 -2.26
CA ASP A 92 2.42 9.10 -2.81
C ASP A 92 1.58 8.02 -2.12
N ILE A 93 0.26 8.24 -2.15
CA ILE A 93 -0.72 7.29 -1.60
C ILE A 93 -1.66 6.86 -2.72
N GLN A 94 -1.74 5.57 -2.99
CA GLN A 94 -2.59 5.05 -4.07
C GLN A 94 -3.63 4.07 -3.54
N ILE A 95 -4.90 4.36 -3.85
CA ILE A 95 -6.02 3.51 -3.43
C ILE A 95 -6.89 3.14 -4.66
N PRO A 96 -7.02 1.83 -5.02
CA PRO A 96 -7.83 1.41 -6.19
C PRO A 96 -9.33 1.62 -5.96
N LEU A 97 -9.94 2.41 -6.85
CA LEU A 97 -11.37 2.73 -6.76
C LEU A 97 -12.11 2.34 -8.04
N ASP A 98 -13.28 1.72 -7.86
CA ASP A 98 -14.12 1.28 -9.00
C ASP A 98 -15.02 2.43 -9.47
N TYR A 99 -15.17 2.56 -10.79
CA TYR A 99 -16.01 3.60 -11.41
C TYR A 99 -17.51 3.44 -11.08
N GLU A 100 -17.93 2.18 -10.97
CA GLU A 100 -19.33 1.82 -10.70
C GLU A 100 -19.82 2.24 -9.29
N THR A 101 -18.99 2.05 -8.27
CA THR A 101 -19.35 2.39 -6.89
C THR A 101 -18.59 3.60 -6.35
N GLU A 102 -17.38 3.85 -6.89
CA GLU A 102 -16.53 4.99 -6.45
C GLU A 102 -16.21 4.91 -4.94
N LYS A 103 -16.28 3.69 -4.40
CA LYS A 103 -16.02 3.44 -2.97
C LYS A 103 -14.91 2.40 -2.81
N HIS A 104 -14.23 2.44 -1.66
CA HIS A 104 -13.15 1.49 -1.38
C HIS A 104 -13.50 0.60 -0.19
N ARG A 105 -13.02 -0.64 -0.21
CA ARG A 105 -13.26 -1.62 0.86
C ARG A 105 -12.51 -1.28 2.15
N GLY A 106 -11.53 -0.37 2.05
CA GLY A 106 -10.75 0.03 3.21
C GLY A 106 -9.31 -0.45 3.20
N PHE A 107 -8.67 -0.41 2.01
CA PHE A 107 -7.26 -0.80 1.88
C PHE A 107 -6.54 0.07 0.85
N ALA A 108 -5.24 0.28 1.07
CA ALA A 108 -4.40 1.11 0.19
C ALA A 108 -2.93 0.73 0.32
N PHE A 109 -2.09 1.29 -0.57
CA PHE A 109 -0.65 1.05 -0.53
C PHE A 109 0.06 2.39 -0.29
N VAL A 110 1.18 2.35 0.44
CA VAL A 110 1.93 3.58 0.75
C VAL A 110 3.34 3.53 0.18
N GLU A 111 3.77 4.66 -0.38
CA GLU A 111 5.08 4.81 -0.99
C GLU A 111 6.00 5.68 -0.10
N PHE A 112 7.18 5.17 0.20
CA PHE A 112 8.15 5.90 1.02
C PHE A 112 9.42 6.23 0.23
N GLU A 113 10.02 7.38 0.54
CA GLU A 113 11.26 7.84 -0.12
C GLU A 113 12.46 6.98 0.32
N LEU A 114 12.46 6.59 1.60
CA LEU A 114 13.53 5.76 2.17
C LEU A 114 13.03 4.35 2.43
N ALA A 115 13.92 3.37 2.21
CA ALA A 115 13.62 1.96 2.45
C ALA A 115 13.62 1.65 3.96
N GLU A 116 14.39 2.45 4.71
CA GLU A 116 14.53 2.32 6.17
C GLU A 116 13.25 2.73 6.92
N ASP A 117 12.70 3.89 6.54
CA ASP A 117 11.47 4.41 7.17
C ASP A 117 10.24 3.54 6.85
N ALA A 118 10.25 2.93 5.64
CA ALA A 118 9.17 2.04 5.19
C ALA A 118 9.09 0.78 6.04
N ALA A 119 10.26 0.17 6.30
CA ALA A 119 10.36 -1.04 7.11
C ALA A 119 9.95 -0.74 8.56
N ALA A 120 10.18 0.52 8.96
CA ALA A 120 9.83 1.01 10.30
C ALA A 120 8.31 1.12 10.45
N ALA A 121 7.64 1.46 9.35
CA ALA A 121 6.18 1.60 9.32
C ALA A 121 5.48 0.24 9.46
N ILE A 122 6.07 -0.81 8.85
CA ILE A 122 5.51 -2.17 8.91
C ILE A 122 5.56 -2.75 10.33
N ASP A 123 6.71 -2.65 11.00
CA ASP A 123 6.89 -3.20 12.35
C ASP A 123 6.06 -2.48 13.42
N ASN A 124 5.87 -1.16 13.27
CA ASN A 124 5.14 -0.36 14.26
C ASN A 124 3.62 -0.29 14.02
N MET A 125 3.19 -0.28 12.75
CA MET A 125 1.75 -0.16 12.44
C MET A 125 1.13 -1.43 11.84
N ASN A 126 1.82 -2.58 11.93
CA ASN A 126 1.30 -3.85 11.40
C ASN A 126 -0.06 -4.23 12.02
N GLU A 127 -0.22 -3.92 13.31
CA GLU A 127 -1.46 -4.17 14.05
C GLU A 127 -1.72 -3.03 15.05
N SER A 128 -2.21 -1.92 14.49
CA SER A 128 -2.51 -0.73 15.27
C SER A 128 -3.94 -0.25 15.03
N GLU A 129 -4.48 0.50 16.00
CA GLU A 129 -5.84 1.04 15.90
C GLU A 129 -5.83 2.45 15.31
N LEU A 130 -6.49 2.59 14.16
CA LEU A 130 -6.59 3.87 13.46
C LEU A 130 -8.04 4.16 13.10
N PHE A 131 -8.52 5.37 13.42
CA PHE A 131 -9.91 5.82 13.15
C PHE A 131 -10.96 4.97 13.89
N GLY A 132 -10.50 4.20 14.89
CA GLY A 132 -11.39 3.35 15.67
C GLY A 132 -11.42 1.90 15.18
N ARG A 133 -10.59 1.59 14.18
CA ARG A 133 -10.52 0.25 13.60
C ARG A 133 -9.08 -0.27 13.61
N THR A 134 -8.94 -1.60 13.63
CA THR A 134 -7.62 -2.25 13.62
C THR A 134 -7.11 -2.37 12.17
N ILE A 135 -5.85 -1.98 11.95
CA ILE A 135 -5.26 -2.03 10.61
C ILE A 135 -4.10 -3.02 10.52
N ARG A 136 -3.90 -3.54 9.31
CA ARG A 136 -2.83 -4.50 9.03
C ARG A 136 -1.95 -3.97 7.89
N VAL A 137 -0.63 -3.95 8.13
CA VAL A 137 0.31 -3.48 7.10
C VAL A 137 1.45 -4.49 6.92
N ASN A 138 1.82 -4.70 5.65
CA ASN A 138 2.90 -5.61 5.28
C ASN A 138 3.67 -5.07 4.07
N LEU A 139 4.76 -5.74 3.70
CA LEU A 139 5.59 -5.35 2.57
C LEU A 139 4.85 -5.59 1.24
N ALA A 140 4.72 -4.53 0.44
CA ALA A 140 4.03 -4.58 -0.85
C ALA A 140 5.02 -4.84 -1.99
#